data_1W0J
#
_entry.id   1W0J
#
_cell.length_a   283.520
_cell.length_b   107.374
_cell.length_c   137.936
_cell.angle_alpha   90.00
_cell.angle_beta   90.00
_cell.angle_gamma   90.00
#
_symmetry.space_group_name_H-M   'P 21 21 21'
#
loop_
_entity.id
_entity.type
_entity.pdbx_description
1 polymer 'ATP SYNTHASE ALPHA CHAIN HEART ISOFORM, MITOCHONDRIAL PRECURSOR'
2 polymer 'ATP SYNTHASE BETA CHAIN, MITOCHONDRIAL PRECURSOR'
3 polymer 'ATP SYNTHASE GAMMA CHAIN, MITOCHONDRIAL PRECURSOR'
4 non-polymer "ADENOSINE-5'-DIPHOSPHATE"
5 non-polymer 'MAGNESIUM ION'
6 non-polymer GLYCEROL
7 non-polymer 'BERYLLIUM TRIFLUORIDE ION'
8 non-polymer 'PHOSPHATE ION'
9 water water
#
loop_
_entity_poly.entity_id
_entity_poly.type
_entity_poly.pdbx_seq_one_letter_code
_entity_poly.pdbx_strand_id
1 'polypeptide(L)'
;QKTGTAEVSSILEERILGADTSVDLEETGRVLSIGDGIARVHGLRNVQAEEMVEFSSGLKGMSLNLEPDNVGVVVFGNDK
LIKEGDIVKRTGAIVDVPVGEELLGRVVDALGNAIDGKGPIGSKARRRVGLKAPGIIPRISVREPMQTGIKAVDSLVPIG
RGQRELIIGDRQTGKTSIAIDTIINQKRFNDGTDEKKKLYCIYVAIGQKRSTVAQLVKRLTDADAMKYTIVVSATASDAA
PLQYLAPYSGCSMGEYFRDNGKHALIIYDDLSKQAVAYRQMSLLLRRPPGREAYPGDVFYLHSRLLERAAKMNDAFGGGS
LTALPVIETQAGDVSAYIPTNVISITDGQIFLETELFYKGIRPAINVGLSVSRVGSAAQTRAMKQVAGTMKLELAQYREV
AAFAQFGSDLDAATQQLLSRGVRLTELLKQGQYSPMAIEEQVAVIYAGVRGYLDKLEPSKITKFENAFLSHVISQHQALL
GKIRTDGKISEESDAKLKEIVTNFLAGFEA
;
A,B,C
2 'polypeptide(L)'
;AAQASPSPKAGATTGRIVAVIGAVVDVQFDEGLPPILNALEVQGRETRLVLEVAQHLGESTVRTIAMDGTEGLVRGQKVL
DSGAPIRIPVGPETLGRIMNVIGEPIDERGPIKTKQFAAIHAEAPEFVEMSVEQEILVTGIKVVDLLAPYAKGGKIGLFG
GAGVGKTVLIMELINNVAKAHGGYSVFAGVGERTREGNDLYHEMIESGVINLKDATSKVALVYGQMNEPPGARARVALTG
LTVAEYFRDQEGQDVLLFIDNIFRFTQAGSEVSALLGRIPSAVGYQPTLATDMGTMQERITTTKKGSITSVQAIYVPADD
LTDPAPATTFAHLDATTVLSRAIAELGIYPAVDPLDSTSRIMDPNIVGSEHYDVARGVQKILQDYKSLQDIIAILGMDEL
SEEDKLTVSRARKIQRFLSQPFQVAEVFTGHLGKLVPLKETIKGFQQILAGEYDHLPEQAFYMVGPIEEAVAKADKLAEE
HS
;
D,E,F
3 'polypeptide(L)'
;ATLKDITRRLKSIKNIQKITKSMKMVAAAKYARAERELKPARVYGVGSLALYEKADIKTPEDKKKHLIIGVSSDRGLCGA
IHSSVAKQMKSEAANLAAAGKEVKIIGVGDKIRSILHRTHSDQFLVTFKEVGRRPPTFGDASVIALELLNSGYEFDEGSI
IFNRFRSVISYKTEEKPIFSLDTISSAESMSIYDDIDADVLRNYQEYSLANIIYYSLKESTTSEQSARMTAMDNASKNAS
EMIDKLTLTFNRTRQAVITKELIEIISGAAAL
;
G
#
# COMPACT_ATOMS: atom_id res chain seq x y z
N ASP A 24 -29.18 38.90 -26.76
CA ASP A 24 -29.90 38.52 -25.48
C ASP A 24 -29.10 37.49 -24.69
N LEU A 25 -28.38 37.97 -23.67
CA LEU A 25 -27.52 37.10 -22.84
C LEU A 25 -28.27 36.42 -21.71
N GLU A 26 -29.58 36.32 -21.83
CA GLU A 26 -30.38 35.55 -20.87
C GLU A 26 -30.83 34.21 -21.45
N GLU A 27 -31.09 34.20 -22.75
CA GLU A 27 -31.58 33.01 -23.41
C GLU A 27 -30.48 32.43 -24.29
N THR A 28 -29.46 33.25 -24.52
CA THR A 28 -28.30 32.83 -25.29
C THR A 28 -26.98 33.15 -24.58
N GLY A 29 -25.92 32.48 -25.02
CA GLY A 29 -24.58 32.77 -24.56
C GLY A 29 -23.59 32.74 -25.71
N ARG A 30 -22.34 33.07 -25.39
CA ARG A 30 -21.21 32.96 -26.31
C ARG A 30 -20.11 32.12 -25.68
N VAL A 31 -19.44 31.32 -26.51
CA VAL A 31 -18.33 30.48 -26.05
C VAL A 31 -17.08 31.32 -25.69
N LEU A 32 -16.62 31.17 -24.44
CA LEU A 32 -15.39 31.84 -23.99
C LEU A 32 -14.15 31.00 -24.32
N SER A 33 -14.27 29.70 -24.09
CA SER A 33 -13.17 28.76 -24.28
C SER A 33 -13.80 27.41 -24.52
N ILE A 34 -13.10 26.59 -25.29
CA ILE A 34 -13.55 25.24 -25.60
C ILE A 34 -12.34 24.30 -25.64
N GLY A 35 -12.48 23.16 -24.97
CA GLY A 35 -11.51 22.08 -25.09
C GLY A 35 -11.92 20.90 -24.24
N ASP A 36 -11.56 19.70 -24.69
CA ASP A 36 -11.78 18.45 -23.95
C ASP A 36 -13.24 18.25 -23.54
N GLY A 37 -14.14 18.54 -24.46
CA GLY A 37 -15.56 18.35 -24.22
C GLY A 37 -16.22 19.33 -23.27
N ILE A 38 -15.47 20.33 -22.81
CA ILE A 38 -16.04 21.34 -21.88
C ILE A 38 -16.05 22.71 -22.54
N ALA A 39 -17.23 23.27 -22.70
CA ALA A 39 -17.32 24.63 -23.21
C ALA A 39 -17.65 25.55 -22.05
N ARG A 40 -16.92 26.65 -21.97
CA ARG A 40 -17.23 27.73 -21.02
C ARG A 40 -17.98 28.80 -21.79
N VAL A 41 -19.16 29.16 -21.29
CA VAL A 41 -20.08 30.04 -22.03
C VAL A 41 -20.43 31.28 -21.19
N HIS A 42 -20.10 32.44 -21.74
CA HIS A 42 -20.54 33.72 -21.19
C HIS A 42 -22.03 33.88 -21.49
N GLY A 43 -22.84 34.14 -20.46
CA GLY A 43 -24.24 34.45 -20.67
C GLY A 43 -25.17 33.35 -20.22
N LEU A 44 -26.18 33.08 -21.06
CA LEU A 44 -27.23 32.12 -20.75
C LEU A 44 -27.70 32.33 -19.32
N ARG A 45 -27.92 33.59 -18.93
CA ARG A 45 -28.20 33.91 -17.53
C ARG A 45 -29.38 33.13 -16.96
N ASN A 46 -30.31 32.74 -17.83
CA ASN A 46 -31.50 31.98 -17.42
C ASN A 46 -31.46 30.44 -17.55
N VAL A 47 -30.30 29.84 -17.89
CA VAL A 47 -30.24 28.35 -17.97
C VAL A 47 -30.44 27.74 -16.62
N GLN A 48 -31.16 26.61 -16.61
CA GLN A 48 -31.29 25.83 -15.41
C GLN A 48 -30.13 24.82 -15.31
N ALA A 49 -29.83 24.41 -14.08
CA ALA A 49 -28.84 23.40 -13.83
C ALA A 49 -29.26 22.11 -14.52
N GLU A 50 -28.39 21.58 -15.37
CA GLU A 50 -28.55 20.31 -16.11
C GLU A 50 -29.44 20.43 -17.37
N GLU A 51 -29.61 21.64 -17.88
CA GLU A 51 -30.43 21.88 -19.06
C GLU A 51 -29.60 21.65 -20.32
N MET A 52 -30.24 21.09 -21.34
CA MET A 52 -29.62 20.85 -22.64
C MET A 52 -29.70 22.09 -23.51
N VAL A 53 -28.54 22.58 -23.91
CA VAL A 53 -28.40 23.75 -24.76
C VAL A 53 -27.95 23.32 -26.15
N GLU A 54 -27.78 24.27 -27.05
CA GLU A 54 -27.45 23.97 -28.44
C GLU A 54 -26.44 24.96 -29.00
N PHE A 55 -25.40 24.42 -29.62
CA PHE A 55 -24.35 25.23 -30.20
C PHE A 55 -24.68 25.63 -31.64
N SER A 56 -23.99 26.63 -32.17
CA SER A 56 -24.26 27.14 -33.52
C SER A 56 -24.16 26.07 -34.62
N SER A 57 -23.29 25.10 -34.40
CA SER A 57 -23.02 24.05 -35.38
C SER A 57 -24.13 23.00 -35.40
N GLY A 58 -24.95 22.98 -34.37
CA GLY A 58 -25.96 21.94 -34.23
C GLY A 58 -25.73 21.00 -33.05
N LEU A 59 -24.51 20.97 -32.51
CA LEU A 59 -24.24 20.11 -31.36
C LEU A 59 -25.06 20.50 -30.12
N LYS A 60 -25.43 19.48 -29.37
CA LYS A 60 -26.04 19.62 -28.05
C LYS A 60 -24.98 19.62 -26.93
N GLY A 61 -25.37 20.17 -25.78
CA GLY A 61 -24.51 20.25 -24.64
C GLY A 61 -25.39 20.36 -23.42
N MET A 62 -24.86 20.00 -22.25
CA MET A 62 -25.63 20.00 -21.01
C MET A 62 -24.95 20.83 -19.94
N SER A 63 -25.72 21.71 -19.28
CA SER A 63 -25.21 22.75 -18.38
C SER A 63 -25.01 22.23 -16.97
N LEU A 64 -23.83 21.70 -16.69
CA LEU A 64 -23.60 21.03 -15.42
C LEU A 64 -23.07 21.95 -14.30
N ASN A 65 -22.34 22.99 -14.70
CA ASN A 65 -21.75 23.95 -13.78
C ASN A 65 -22.33 25.32 -14.10
N LEU A 66 -23.11 25.87 -13.17
CA LEU A 66 -23.54 27.27 -13.29
C LEU A 66 -22.67 28.09 -12.35
N GLU A 67 -21.86 28.96 -12.93
CA GLU A 67 -20.89 29.71 -12.17
C GLU A 67 -21.19 31.21 -12.35
N PRO A 68 -20.80 32.05 -11.37
CA PRO A 68 -21.01 33.50 -11.44
C PRO A 68 -20.85 34.13 -12.83
N ASP A 69 -19.77 33.79 -13.52
CA ASP A 69 -19.35 34.42 -14.78
C ASP A 69 -19.29 33.48 -16.00
N ASN A 70 -19.77 32.24 -15.85
CA ASN A 70 -19.72 31.26 -16.95
C ASN A 70 -20.61 30.06 -16.69
N VAL A 71 -21.06 29.44 -17.77
CA VAL A 71 -21.71 28.13 -17.67
C VAL A 71 -20.72 27.07 -18.19
N GLY A 72 -20.52 26.00 -17.43
CA GLY A 72 -19.61 24.91 -17.84
C GLY A 72 -20.44 23.91 -18.58
N VAL A 73 -20.28 23.84 -19.89
CA VAL A 73 -21.14 22.98 -20.71
C VAL A 73 -20.39 21.75 -21.19
N VAL A 74 -21.02 20.62 -20.96
CA VAL A 74 -20.55 19.31 -21.31
C VAL A 74 -21.06 18.96 -22.74
N VAL A 75 -20.12 18.71 -23.66
CA VAL A 75 -20.39 18.64 -25.10
C VAL A 75 -20.73 17.24 -25.56
N PHE A 76 -21.87 17.10 -26.24
CA PHE A 76 -22.34 15.83 -26.75
C PHE A 76 -21.86 15.67 -28.19
N GLY A 77 -20.56 15.44 -28.36
CA GLY A 77 -19.96 15.26 -29.67
C GLY A 77 -18.52 15.73 -29.71
N ASN A 78 -18.03 15.95 -30.92
CA ASN A 78 -16.64 16.33 -31.18
C ASN A 78 -16.55 17.84 -31.13
N ASP A 79 -15.62 18.36 -30.34
CA ASP A 79 -15.56 19.79 -30.18
C ASP A 79 -14.81 20.58 -31.29
N LYS A 80 -14.41 19.90 -32.35
CA LYS A 80 -13.79 20.60 -33.48
C LYS A 80 -14.82 21.53 -34.13
N LEU A 81 -16.09 21.30 -33.81
CA LEU A 81 -17.21 22.03 -34.39
C LEU A 81 -17.57 23.29 -33.61
N ILE A 82 -16.92 23.48 -32.47
CA ILE A 82 -17.15 24.63 -31.60
C ILE A 82 -15.89 25.45 -31.44
N LYS A 83 -16.02 26.74 -31.77
CA LYS A 83 -14.96 27.73 -31.58
C LYS A 83 -15.32 28.77 -30.51
N GLU A 84 -14.32 29.43 -29.94
CA GLU A 84 -14.50 30.66 -29.16
C GLU A 84 -15.39 31.64 -29.96
N GLY A 85 -16.38 32.24 -29.31
CA GLY A 85 -17.28 33.17 -29.98
C GLY A 85 -18.60 32.56 -30.46
N ASP A 86 -18.66 31.23 -30.51
CA ASP A 86 -19.84 30.51 -30.93
C ASP A 86 -21.07 30.84 -30.12
N ILE A 87 -22.20 31.00 -30.80
CA ILE A 87 -23.46 31.27 -30.12
C ILE A 87 -24.06 29.96 -29.62
N VAL A 88 -24.50 29.99 -28.35
CA VAL A 88 -25.13 28.88 -27.67
C VAL A 88 -26.51 29.37 -27.22
N LYS A 89 -27.54 28.53 -27.40
CA LYS A 89 -28.92 28.89 -27.11
C LYS A 89 -29.60 27.88 -26.22
N ARG A 90 -30.36 28.40 -25.25
CA ARG A 90 -31.47 27.64 -24.67
C ARG A 90 -32.47 27.41 -25.81
N THR A 91 -33.14 26.27 -25.82
CA THR A 91 -34.08 25.96 -26.91
C THR A 91 -35.48 25.53 -26.42
N GLY A 92 -35.62 25.30 -25.11
CA GLY A 92 -36.84 24.73 -24.55
C GLY A 92 -36.72 23.23 -24.42
N ALA A 93 -35.52 22.71 -24.72
CA ALA A 93 -35.20 21.29 -24.66
C ALA A 93 -35.38 20.62 -23.29
N ILE A 94 -35.77 19.36 -23.36
CA ILE A 94 -35.89 18.47 -22.22
C ILE A 94 -35.13 17.17 -22.53
N VAL A 95 -34.30 16.72 -21.58
CA VAL A 95 -33.56 15.47 -21.76
C VAL A 95 -34.50 14.32 -21.49
N ASP A 96 -35.03 13.77 -22.59
CA ASP A 96 -35.99 12.67 -22.53
C ASP A 96 -35.76 11.67 -23.66
N VAL A 97 -36.37 10.50 -23.54
CA VAL A 97 -36.19 9.45 -24.53
C VAL A 97 -37.54 8.92 -25.02
N PRO A 98 -37.57 8.34 -26.22
CA PRO A 98 -38.73 7.56 -26.65
C PRO A 98 -38.91 6.41 -25.71
N VAL A 99 -40.15 5.99 -25.51
CA VAL A 99 -40.51 4.98 -24.54
C VAL A 99 -41.70 4.16 -25.10
N GLY A 100 -41.82 2.90 -24.68
CA GLY A 100 -42.88 2.04 -25.17
C GLY A 100 -42.39 0.80 -25.90
N GLU A 101 -43.33 0.00 -26.39
CA GLU A 101 -43.04 -1.29 -27.01
C GLU A 101 -42.52 -1.21 -28.45
N GLU A 102 -42.54 -0.01 -29.03
CA GLU A 102 -41.95 0.20 -30.35
C GLU A 102 -40.39 0.20 -30.32
N LEU A 103 -39.82 0.13 -29.12
CA LEU A 103 -38.38 0.07 -28.93
C LEU A 103 -37.90 -1.36 -28.98
N LEU A 104 -38.80 -2.29 -28.68
CA LEU A 104 -38.48 -3.72 -28.68
C LEU A 104 -37.92 -4.17 -30.02
N GLY A 105 -36.84 -4.95 -29.96
CA GLY A 105 -36.17 -5.42 -31.17
C GLY A 105 -35.33 -4.33 -31.79
N ARG A 106 -35.33 -3.14 -31.18
CA ARG A 106 -34.52 -2.05 -31.73
C ARG A 106 -33.15 -1.85 -31.01
N VAL A 107 -32.17 -1.35 -31.77
CA VAL A 107 -30.90 -1.00 -31.18
C VAL A 107 -30.79 0.50 -31.31
N VAL A 108 -30.66 1.18 -30.17
CA VAL A 108 -30.65 2.64 -30.10
C VAL A 108 -29.44 3.17 -29.34
N ASP A 109 -29.10 4.42 -29.58
CA ASP A 109 -28.03 5.10 -28.88
C ASP A 109 -28.50 5.59 -27.50
N ALA A 110 -27.72 6.45 -26.85
CA ALA A 110 -28.06 6.85 -25.48
C ALA A 110 -29.29 7.78 -25.38
N LEU A 111 -29.65 8.42 -26.49
CA LEU A 111 -30.78 9.36 -26.53
C LEU A 111 -32.01 8.77 -27.23
N GLY A 112 -31.93 7.47 -27.57
CA GLY A 112 -33.05 6.77 -28.17
C GLY A 112 -33.11 6.78 -29.69
N ASN A 113 -32.17 7.44 -30.36
CA ASN A 113 -32.09 7.38 -31.81
C ASN A 113 -31.76 5.95 -32.24
N ALA A 114 -32.42 5.48 -33.29
CA ALA A 114 -32.14 4.16 -33.86
C ALA A 114 -30.75 4.16 -34.48
N ILE A 115 -29.98 3.11 -34.21
CA ILE A 115 -28.65 3.01 -34.83
C ILE A 115 -28.46 1.71 -35.61
N ASP A 116 -29.52 0.88 -35.60
CA ASP A 116 -29.58 -0.39 -36.33
C ASP A 116 -29.95 -0.24 -37.80
N GLY A 117 -30.30 0.98 -38.21
CA GLY A 117 -30.60 1.26 -39.62
C GLY A 117 -32.00 0.88 -40.10
N LYS A 118 -32.88 0.50 -39.18
CA LYS A 118 -34.21 0.00 -39.55
C LYS A 118 -35.33 1.04 -39.52
N GLY A 119 -34.99 2.30 -39.79
CA GLY A 119 -35.97 3.39 -39.79
C GLY A 119 -36.22 3.96 -38.41
N PRO A 120 -37.10 4.97 -38.31
CA PRO A 120 -37.35 5.63 -37.03
C PRO A 120 -38.11 4.71 -36.08
N ILE A 121 -38.04 5.04 -34.79
CA ILE A 121 -38.81 4.37 -33.76
C ILE A 121 -40.24 4.90 -33.85
N GLY A 122 -41.21 4.00 -33.86
CA GLY A 122 -42.60 4.46 -33.98
C GLY A 122 -43.20 4.95 -32.68
N SER A 123 -42.40 5.68 -31.90
CA SER A 123 -42.78 5.94 -30.51
C SER A 123 -43.86 6.99 -30.34
N LYS A 124 -44.82 6.66 -29.48
CA LYS A 124 -45.93 7.55 -29.21
C LYS A 124 -45.66 8.36 -27.96
N ALA A 125 -45.09 7.69 -26.95
CA ALA A 125 -44.76 8.32 -25.68
C ALA A 125 -43.28 8.69 -25.55
N ARG A 126 -43.02 9.56 -24.59
CA ARG A 126 -41.67 9.91 -24.16
C ARG A 126 -41.60 10.00 -22.64
N ARG A 127 -40.37 9.98 -22.11
CA ARG A 127 -40.14 10.00 -20.68
C ARG A 127 -38.79 10.69 -20.40
N ARG A 128 -38.75 11.50 -19.34
CA ARG A 128 -37.51 12.15 -18.89
C ARG A 128 -36.55 11.11 -18.36
N VAL A 129 -35.25 11.31 -18.63
CA VAL A 129 -34.24 10.35 -18.13
C VAL A 129 -33.92 10.55 -16.63
N GLY A 130 -34.03 11.80 -16.15
CA GLY A 130 -33.80 12.09 -14.73
C GLY A 130 -35.10 12.21 -13.97
N LEU A 131 -35.42 11.18 -13.20
CA LEU A 131 -36.65 11.15 -12.41
C LEU A 131 -36.38 10.44 -11.09
N LYS A 132 -37.11 10.84 -10.05
CA LYS A 132 -37.02 10.19 -8.72
C LYS A 132 -37.54 8.75 -8.76
N ALA A 133 -36.91 7.87 -7.97
CA ALA A 133 -37.39 6.52 -7.77
C ALA A 133 -38.73 6.57 -7.03
N PRO A 134 -39.62 5.60 -7.27
CA PRO A 134 -40.79 5.43 -6.40
C PRO A 134 -40.33 5.41 -4.96
N GLY A 135 -41.04 6.16 -4.10
CA GLY A 135 -40.69 6.25 -2.70
C GLY A 135 -40.96 4.98 -1.94
N ILE A 136 -41.01 5.07 -0.62
CA ILE A 136 -41.14 3.91 0.24
C ILE A 136 -42.53 3.23 0.16
N ILE A 137 -43.58 4.01 -0.07
CA ILE A 137 -44.98 3.54 0.08
C ILE A 137 -45.59 2.74 -1.09
N PRO A 138 -45.35 3.16 -2.34
CA PRO A 138 -45.92 2.50 -3.52
C PRO A 138 -45.39 1.10 -3.85
N ARG A 139 -44.53 0.56 -2.99
CA ARG A 139 -43.88 -0.73 -3.26
C ARG A 139 -44.44 -1.84 -2.39
N ILE A 140 -44.32 -3.08 -2.86
CA ILE A 140 -44.54 -4.25 -2.02
C ILE A 140 -43.28 -5.13 -2.09
N SER A 141 -43.08 -5.93 -1.04
CA SER A 141 -42.03 -6.94 -0.98
C SER A 141 -41.74 -7.64 -2.32
N VAL A 142 -40.51 -8.09 -2.49
CA VAL A 142 -40.13 -8.77 -3.73
C VAL A 142 -40.43 -10.26 -3.57
N ARG A 143 -41.31 -10.77 -4.43
CA ARG A 143 -41.88 -12.11 -4.25
C ARG A 143 -41.92 -12.97 -5.52
N GLU A 144 -41.96 -12.34 -6.69
CA GLU A 144 -42.06 -13.06 -7.95
C GLU A 144 -40.66 -13.42 -8.47
N PRO A 145 -40.44 -14.70 -8.82
CA PRO A 145 -39.15 -15.09 -9.36
C PRO A 145 -38.80 -14.34 -10.64
N MET A 146 -37.53 -14.00 -10.74
CA MET A 146 -36.96 -13.53 -11.99
C MET A 146 -36.01 -14.68 -12.32
N GLN A 147 -36.44 -15.55 -13.22
CA GLN A 147 -35.72 -16.78 -13.50
C GLN A 147 -34.60 -16.45 -14.47
N THR A 148 -33.37 -16.81 -14.14
CA THR A 148 -32.27 -16.65 -15.10
C THR A 148 -32.12 -17.89 -15.98
N GLY A 149 -32.46 -19.06 -15.44
CA GLY A 149 -32.22 -20.32 -16.14
C GLY A 149 -30.88 -20.93 -15.82
N ILE A 150 -30.09 -20.23 -14.99
CA ILE A 150 -28.77 -20.69 -14.58
C ILE A 150 -28.94 -21.35 -13.24
N LYS A 151 -28.51 -22.61 -13.17
CA LYS A 151 -28.74 -23.43 -12.00
C LYS A 151 -28.13 -22.80 -10.72
N ALA A 152 -26.87 -22.35 -10.82
CA ALA A 152 -26.16 -21.79 -9.68
C ALA A 152 -26.89 -20.56 -9.14
N VAL A 153 -27.41 -19.73 -10.02
CA VAL A 153 -28.11 -18.51 -9.62
C VAL A 153 -29.52 -18.83 -9.14
N ASP A 154 -30.32 -19.46 -9.99
CA ASP A 154 -31.73 -19.76 -9.67
C ASP A 154 -31.90 -20.51 -8.37
N SER A 155 -30.92 -21.31 -7.97
CA SER A 155 -31.01 -22.09 -6.74
C SER A 155 -30.33 -21.44 -5.54
N LEU A 156 -29.15 -20.86 -5.76
CA LEU A 156 -28.28 -20.48 -4.67
C LEU A 156 -28.20 -18.99 -4.51
N VAL A 157 -28.48 -18.25 -5.57
CA VAL A 157 -28.50 -16.79 -5.50
C VAL A 157 -29.76 -16.24 -6.16
N PRO A 158 -30.95 -16.68 -5.72
CA PRO A 158 -32.21 -16.39 -6.43
C PRO A 158 -32.53 -14.92 -6.50
N ILE A 159 -32.96 -14.49 -7.68
CA ILE A 159 -33.30 -13.11 -7.96
C ILE A 159 -34.82 -12.97 -8.12
N GLY A 160 -35.38 -11.88 -7.57
CA GLY A 160 -36.82 -11.62 -7.60
C GLY A 160 -37.16 -10.43 -8.45
N ARG A 161 -38.43 -10.29 -8.81
CA ARG A 161 -38.83 -9.14 -9.63
C ARG A 161 -38.84 -7.84 -8.83
N GLY A 162 -37.95 -6.92 -9.22
CA GLY A 162 -37.76 -5.63 -8.55
C GLY A 162 -36.48 -5.54 -7.72
N GLN A 163 -35.74 -6.65 -7.67
CA GLN A 163 -34.43 -6.71 -7.01
C GLN A 163 -33.34 -6.00 -7.85
N ARG A 164 -32.28 -5.57 -7.16
CA ARG A 164 -31.04 -5.15 -7.81
C ARG A 164 -29.98 -6.15 -7.38
N GLU A 165 -29.49 -6.91 -8.35
CA GLU A 165 -28.50 -7.95 -8.05
C GLU A 165 -27.25 -7.69 -8.87
N LEU A 166 -26.12 -7.52 -8.20
CA LEU A 166 -24.88 -7.14 -8.89
C LEU A 166 -24.23 -8.38 -9.50
N ILE A 167 -23.80 -8.27 -10.77
CA ILE A 167 -22.85 -9.23 -11.34
C ILE A 167 -21.48 -8.57 -11.30
N ILE A 168 -20.55 -9.20 -10.59
CA ILE A 168 -19.28 -8.57 -10.31
C ILE A 168 -18.13 -9.56 -10.46
N GLY A 169 -17.05 -9.10 -11.08
CA GLY A 169 -15.84 -9.88 -11.19
C GLY A 169 -14.85 -9.25 -12.12
N ASP A 170 -13.65 -9.84 -12.19
CA ASP A 170 -12.60 -9.32 -13.05
C ASP A 170 -13.00 -9.47 -14.51
N ARG A 171 -12.24 -8.85 -15.40
CA ARG A 171 -12.49 -9.00 -16.83
C ARG A 171 -12.57 -10.48 -17.20
N GLN A 172 -13.39 -10.78 -18.21
CA GLN A 172 -13.40 -12.12 -18.85
C GLN A 172 -13.70 -13.25 -17.89
N THR A 173 -14.51 -12.98 -16.86
CA THR A 173 -14.90 -14.04 -15.91
C THR A 173 -16.28 -14.61 -16.24
N GLY A 174 -16.99 -13.98 -17.18
CA GLY A 174 -18.33 -14.39 -17.57
C GLY A 174 -19.52 -13.51 -17.15
N LYS A 175 -19.32 -12.21 -16.99
CA LYS A 175 -20.35 -11.34 -16.43
C LYS A 175 -21.48 -11.12 -17.43
N THR A 176 -21.11 -10.70 -18.63
CA THR A 176 -22.02 -10.49 -19.74
C THR A 176 -22.81 -11.75 -20.11
N SER A 177 -22.15 -12.90 -19.98
CA SER A 177 -22.75 -14.21 -20.27
C SER A 177 -23.92 -14.54 -19.33
N ILE A 178 -23.76 -14.26 -18.04
CA ILE A 178 -24.87 -14.37 -17.10
C ILE A 178 -26.06 -13.54 -17.61
N ALA A 179 -25.79 -12.31 -18.00
CA ALA A 179 -26.83 -11.40 -18.45
C ALA A 179 -27.51 -11.90 -19.73
N ILE A 180 -26.73 -12.26 -20.75
CA ILE A 180 -27.27 -12.75 -22.02
C ILE A 180 -28.13 -14.03 -21.82
N ASP A 181 -27.61 -14.98 -21.05
CA ASP A 181 -28.35 -16.20 -20.76
C ASP A 181 -29.67 -15.87 -20.10
N THR A 182 -29.62 -14.94 -19.14
CA THR A 182 -30.81 -14.44 -18.46
C THR A 182 -31.82 -13.93 -19.46
N ILE A 183 -31.35 -13.16 -20.45
CA ILE A 183 -32.26 -12.53 -21.41
C ILE A 183 -32.87 -13.60 -22.30
N ILE A 184 -32.03 -14.56 -22.70
CA ILE A 184 -32.43 -15.61 -23.59
C ILE A 184 -33.54 -16.43 -22.92
N ASN A 185 -33.36 -16.73 -21.63
CA ASN A 185 -34.32 -17.54 -20.85
C ASN A 185 -35.76 -17.06 -20.90
N GLN A 186 -35.93 -15.76 -21.09
CA GLN A 186 -37.26 -15.17 -20.98
C GLN A 186 -38.20 -15.54 -22.13
N LYS A 187 -37.65 -16.11 -23.20
CA LYS A 187 -38.43 -16.52 -24.36
C LYS A 187 -39.53 -17.48 -23.95
N ARG A 188 -39.19 -18.42 -23.07
CA ARG A 188 -40.12 -19.45 -22.62
C ARG A 188 -41.34 -18.86 -21.91
N PHE A 189 -41.22 -17.63 -21.44
CA PHE A 189 -42.34 -16.94 -20.79
C PHE A 189 -43.00 -16.01 -21.77
N ASN A 190 -42.19 -15.36 -22.60
CA ASN A 190 -42.71 -14.33 -23.49
C ASN A 190 -43.46 -14.90 -24.70
N ASP A 191 -43.20 -16.17 -24.98
CA ASP A 191 -43.92 -16.93 -25.99
C ASP A 191 -45.23 -17.52 -25.47
N GLY A 192 -45.29 -17.81 -24.17
CA GLY A 192 -46.48 -18.37 -23.51
C GLY A 192 -47.69 -17.46 -23.49
N THR A 193 -48.66 -17.82 -22.63
CA THR A 193 -49.97 -17.16 -22.60
C THR A 193 -50.21 -16.41 -21.29
N ASP A 194 -49.53 -16.83 -20.23
CA ASP A 194 -49.60 -16.19 -18.91
C ASP A 194 -48.87 -14.84 -18.88
N GLU A 195 -49.64 -13.75 -18.98
CA GLU A 195 -49.10 -12.40 -19.10
C GLU A 195 -48.23 -11.94 -17.91
N LYS A 196 -48.56 -12.46 -16.74
CA LYS A 196 -47.87 -12.17 -15.48
C LYS A 196 -46.39 -12.54 -15.53
N LYS A 197 -46.08 -13.68 -16.15
CA LYS A 197 -44.72 -14.23 -16.15
C LYS A 197 -43.82 -13.57 -17.20
N LYS A 198 -44.40 -12.74 -18.05
CA LYS A 198 -43.65 -12.14 -19.12
C LYS A 198 -42.65 -11.07 -18.63
N LEU A 199 -41.56 -10.92 -19.37
CA LEU A 199 -40.46 -10.04 -18.96
C LEU A 199 -39.76 -9.43 -20.16
N TYR A 200 -39.79 -8.10 -20.21
CA TYR A 200 -39.17 -7.35 -21.27
C TYR A 200 -37.75 -6.97 -20.84
N CYS A 201 -36.82 -7.01 -21.79
CA CYS A 201 -35.41 -6.95 -21.48
C CYS A 201 -34.75 -5.70 -22.03
N ILE A 202 -33.86 -5.10 -21.22
CA ILE A 202 -33.09 -3.92 -21.63
C ILE A 202 -31.62 -4.14 -21.36
N TYR A 203 -30.84 -4.10 -22.44
CA TYR A 203 -29.43 -4.27 -22.31
C TYR A 203 -28.80 -2.92 -22.58
N VAL A 204 -28.08 -2.40 -21.58
CA VAL A 204 -27.40 -1.10 -21.74
C VAL A 204 -25.91 -1.39 -21.84
N ALA A 205 -25.35 -1.09 -23.01
CA ALA A 205 -23.96 -1.33 -23.27
C ALA A 205 -23.28 0.02 -23.09
N ILE A 206 -22.36 0.10 -22.12
CA ILE A 206 -21.67 1.37 -21.89
C ILE A 206 -20.16 1.22 -22.08
N GLY A 207 -19.60 2.02 -22.98
CA GLY A 207 -18.16 2.09 -23.19
C GLY A 207 -17.58 0.85 -23.85
N GLN A 208 -18.45 0.04 -24.44
CA GLN A 208 -18.04 -1.16 -25.18
C GLN A 208 -17.64 -0.81 -26.61
N LYS A 209 -16.96 -1.72 -27.31
CA LYS A 209 -16.70 -1.47 -28.73
C LYS A 209 -17.90 -1.92 -29.58
N ARG A 210 -18.16 -1.18 -30.67
CA ARG A 210 -19.29 -1.49 -31.55
C ARG A 210 -19.40 -2.95 -31.99
N SER A 211 -18.29 -3.56 -32.43
CA SER A 211 -18.33 -4.95 -32.95
C SER A 211 -18.72 -5.94 -31.87
N THR A 212 -18.36 -5.62 -30.62
CA THR A 212 -18.80 -6.40 -29.46
C THR A 212 -20.31 -6.31 -29.32
N VAL A 213 -20.86 -5.12 -29.54
CA VAL A 213 -22.29 -4.96 -29.38
C VAL A 213 -23.01 -5.68 -30.53
N ALA A 214 -22.43 -5.59 -31.74
CA ALA A 214 -22.91 -6.34 -32.90
C ALA A 214 -22.98 -7.85 -32.62
N GLN A 215 -21.88 -8.45 -32.16
CA GLN A 215 -21.88 -9.88 -31.79
C GLN A 215 -22.98 -10.23 -30.82
N LEU A 216 -23.26 -9.28 -29.93
CA LEU A 216 -24.22 -9.43 -28.89
C LEU A 216 -25.63 -9.50 -29.48
N VAL A 217 -26.03 -8.48 -30.25
CA VAL A 217 -27.35 -8.51 -30.85
C VAL A 217 -27.52 -9.70 -31.83
N LYS A 218 -26.43 -10.07 -32.51
CA LYS A 218 -26.41 -11.26 -33.35
C LYS A 218 -26.85 -12.49 -32.56
N ARG A 219 -26.26 -12.64 -31.39
CA ARG A 219 -26.54 -13.74 -30.50
C ARG A 219 -27.98 -13.71 -30.01
N LEU A 220 -28.53 -12.51 -29.83
CA LEU A 220 -29.89 -12.37 -29.30
C LEU A 220 -30.89 -12.62 -30.42
N THR A 221 -30.50 -12.28 -31.64
CA THR A 221 -31.28 -12.52 -32.85
C THR A 221 -31.40 -14.01 -33.16
N ASP A 222 -30.28 -14.69 -33.31
CA ASP A 222 -30.28 -16.15 -33.51
C ASP A 222 -31.01 -16.93 -32.43
N ALA A 223 -31.13 -16.34 -31.24
CA ALA A 223 -31.84 -16.98 -30.13
C ALA A 223 -33.30 -16.50 -30.09
N ASP A 224 -33.66 -15.62 -31.02
CA ASP A 224 -35.01 -15.04 -31.10
C ASP A 224 -35.41 -14.27 -29.82
N ALA A 225 -34.41 -13.71 -29.14
CA ALA A 225 -34.60 -12.92 -27.92
C ALA A 225 -34.71 -11.44 -28.20
N MET A 226 -34.26 -11.00 -29.38
CA MET A 226 -34.30 -9.58 -29.76
C MET A 226 -35.70 -8.98 -29.80
N LYS A 227 -36.72 -9.82 -29.99
CA LYS A 227 -38.07 -9.29 -30.21
C LYS A 227 -38.67 -8.67 -28.93
N TYR A 228 -38.13 -9.06 -27.79
CA TYR A 228 -38.56 -8.52 -26.49
C TYR A 228 -37.40 -7.84 -25.76
N THR A 229 -36.41 -7.36 -26.51
CA THR A 229 -35.22 -6.72 -25.96
C THR A 229 -34.99 -5.35 -26.59
N ILE A 230 -34.77 -4.35 -25.75
CA ILE A 230 -34.23 -3.08 -26.22
C ILE A 230 -32.72 -3.10 -25.99
N VAL A 231 -31.94 -2.63 -26.97
CA VAL A 231 -30.50 -2.49 -26.78
C VAL A 231 -30.15 -1.02 -26.79
N VAL A 232 -29.67 -0.50 -25.65
CA VAL A 232 -29.18 0.89 -25.58
C VAL A 232 -27.66 0.87 -25.54
N SER A 233 -27.04 1.62 -26.43
CA SER A 233 -25.63 1.46 -26.66
C SER A 233 -24.90 2.78 -26.69
N ALA A 234 -24.04 2.99 -25.70
CA ALA A 234 -23.19 4.18 -25.66
C ALA A 234 -21.76 3.69 -25.65
N THR A 235 -21.20 3.56 -26.84
CA THR A 235 -19.94 2.85 -27.03
C THR A 235 -18.72 3.72 -26.82
N ALA A 236 -17.55 3.11 -26.97
CA ALA A 236 -16.26 3.69 -26.55
C ALA A 236 -15.90 5.01 -27.21
N SER A 237 -16.36 5.22 -28.45
CA SER A 237 -16.13 6.48 -29.17
C SER A 237 -17.29 7.48 -29.06
N ASP A 238 -18.36 7.13 -28.33
CA ASP A 238 -19.39 8.14 -27.98
C ASP A 238 -18.88 9.07 -26.85
N ALA A 239 -19.27 10.34 -26.91
CA ALA A 239 -18.80 11.32 -25.91
C ALA A 239 -19.14 10.94 -24.46
N ALA A 240 -18.28 11.35 -23.53
CA ALA A 240 -18.48 11.04 -22.10
C ALA A 240 -19.93 11.28 -21.60
N PRO A 241 -20.52 12.42 -21.95
CA PRO A 241 -21.91 12.71 -21.52
C PRO A 241 -22.93 11.66 -21.98
N LEU A 242 -22.74 11.11 -23.16
CA LEU A 242 -23.63 10.06 -23.66
C LEU A 242 -23.54 8.75 -22.87
N GLN A 243 -22.33 8.36 -22.50
CA GLN A 243 -22.11 7.17 -21.68
C GLN A 243 -22.66 7.33 -20.27
N TYR A 244 -22.57 8.55 -19.76
CA TYR A 244 -23.17 8.91 -18.47
C TYR A 244 -24.70 8.79 -18.49
N LEU A 245 -25.30 9.34 -19.55
CA LEU A 245 -26.76 9.31 -19.69
C LEU A 245 -27.33 7.92 -19.95
N ALA A 246 -26.62 7.14 -20.76
CA ALA A 246 -27.18 5.91 -21.33
C ALA A 246 -27.94 5.03 -20.34
N PRO A 247 -27.37 4.76 -19.18
CA PRO A 247 -28.06 3.95 -18.18
C PRO A 247 -29.36 4.59 -17.63
N TYR A 248 -29.43 5.92 -17.63
CA TYR A 248 -30.66 6.61 -17.18
C TYR A 248 -31.75 6.49 -18.24
N SER A 249 -31.36 6.71 -19.50
CA SER A 249 -32.24 6.49 -20.65
C SER A 249 -32.86 5.10 -20.66
N GLY A 250 -32.00 4.09 -20.60
CA GLY A 250 -32.45 2.71 -20.53
C GLY A 250 -33.35 2.43 -19.34
N CYS A 251 -33.07 3.10 -18.22
CA CYS A 251 -33.87 2.95 -17.00
C CYS A 251 -35.29 3.47 -17.24
N SER A 252 -35.37 4.61 -17.91
CA SER A 252 -36.65 5.23 -18.23
C SER A 252 -37.51 4.33 -19.13
N MET A 253 -36.86 3.73 -20.13
CA MET A 253 -37.53 2.74 -20.95
C MET A 253 -38.10 1.57 -20.16
N GLY A 254 -37.37 1.13 -19.15
CA GLY A 254 -37.81 0.04 -18.29
C GLY A 254 -38.98 0.46 -17.41
N GLU A 255 -39.03 1.74 -17.07
CA GLU A 255 -40.06 2.33 -16.22
C GLU A 255 -41.39 2.47 -16.96
N TYR A 256 -41.34 2.61 -18.28
CA TYR A 256 -42.55 2.45 -19.08
C TYR A 256 -43.25 1.16 -18.75
N PHE A 257 -42.48 0.09 -18.53
CA PHE A 257 -43.03 -1.20 -18.22
C PHE A 257 -43.41 -1.29 -16.76
N ARG A 258 -42.54 -0.82 -15.87
CA ARG A 258 -42.79 -0.90 -14.44
C ARG A 258 -44.13 -0.21 -14.05
N ASP A 259 -44.44 0.89 -14.75
CA ASP A 259 -45.58 1.75 -14.40
C ASP A 259 -46.89 1.44 -15.17
N ASN A 260 -46.84 0.43 -16.05
CA ASN A 260 -48.00 0.01 -16.80
C ASN A 260 -48.37 -1.44 -16.59
N GLY A 261 -48.12 -1.94 -15.38
CA GLY A 261 -48.52 -3.29 -15.00
C GLY A 261 -47.63 -4.38 -15.56
N LYS A 262 -46.59 -3.97 -16.28
CA LYS A 262 -45.66 -4.90 -16.91
C LYS A 262 -44.33 -5.03 -16.15
N HIS A 263 -43.50 -5.96 -16.60
CA HIS A 263 -42.24 -6.27 -15.93
C HIS A 263 -41.07 -6.15 -16.89
N ALA A 264 -40.05 -5.42 -16.45
CA ALA A 264 -38.85 -5.27 -17.25
C ALA A 264 -37.58 -5.72 -16.49
N LEU A 265 -36.55 -6.04 -17.27
CA LEU A 265 -35.25 -6.39 -16.73
C LEU A 265 -34.24 -5.53 -17.45
N ILE A 266 -33.43 -4.83 -16.64
CA ILE A 266 -32.38 -3.97 -17.20
C ILE A 266 -31.01 -4.44 -16.75
N ILE A 267 -30.07 -4.45 -17.69
CA ILE A 267 -28.70 -4.81 -17.44
C ILE A 267 -27.89 -3.59 -17.76
N TYR A 268 -27.03 -3.20 -16.84
CA TYR A 268 -26.14 -2.06 -17.07
C TYR A 268 -24.72 -2.61 -17.21
N ASP A 269 -24.23 -2.67 -18.46
CA ASP A 269 -22.97 -3.37 -18.77
C ASP A 269 -21.96 -2.39 -19.42
N ASP A 270 -21.11 -1.75 -18.61
CA ASP A 270 -21.09 -1.92 -17.17
C ASP A 270 -21.12 -0.56 -16.46
N LEU A 271 -21.36 -0.56 -15.16
CA LEU A 271 -21.40 0.72 -14.40
C LEU A 271 -19.99 1.30 -14.12
N SER A 272 -18.98 0.42 -14.11
CA SER A 272 -17.57 0.81 -14.05
C SER A 272 -17.20 1.86 -15.08
N LYS A 273 -17.54 1.59 -16.34
CA LYS A 273 -17.27 2.51 -17.43
C LYS A 273 -18.14 3.77 -17.39
N GLN A 274 -19.34 3.66 -16.87
CA GLN A 274 -20.19 4.86 -16.75
C GLN A 274 -19.53 5.81 -15.77
N ALA A 275 -19.08 5.27 -14.63
CA ALA A 275 -18.40 6.07 -13.60
C ALA A 275 -17.15 6.72 -14.12
N VAL A 276 -16.38 6.00 -14.95
CA VAL A 276 -15.18 6.60 -15.58
C VAL A 276 -15.53 7.83 -16.43
N ALA A 277 -16.57 7.70 -17.23
CA ALA A 277 -17.07 8.78 -18.09
C ALA A 277 -17.54 9.97 -17.26
N TYR A 278 -18.18 9.71 -16.12
CA TYR A 278 -18.58 10.76 -15.19
C TYR A 278 -17.37 11.51 -14.62
N ARG A 279 -16.36 10.73 -14.17
CA ARG A 279 -15.11 11.26 -13.65
C ARG A 279 -14.37 12.15 -14.65
N GLN A 280 -14.37 11.76 -15.92
CA GLN A 280 -13.80 12.59 -16.96
C GLN A 280 -14.45 13.97 -16.91
N MET A 281 -15.78 14.01 -16.88
CA MET A 281 -16.54 15.26 -16.88
C MET A 281 -16.27 16.10 -15.63
N SER A 282 -16.25 15.45 -14.46
CA SER A 282 -16.07 16.12 -13.20
C SER A 282 -14.72 16.79 -13.14
N LEU A 283 -13.70 15.97 -13.40
CA LEU A 283 -12.33 16.46 -13.42
C LEU A 283 -12.16 17.60 -14.39
N LEU A 284 -12.75 17.51 -15.58
CA LEU A 284 -12.58 18.60 -16.56
C LEU A 284 -13.41 19.86 -16.26
N LEU A 285 -14.44 19.73 -15.42
CA LEU A 285 -15.22 20.87 -14.90
C LEU A 285 -14.56 21.38 -13.62
N ARG A 286 -13.41 20.77 -13.31
CA ARG A 286 -12.58 21.07 -12.15
C ARG A 286 -13.27 20.93 -10.82
N ARG A 287 -14.17 19.97 -10.72
CA ARG A 287 -14.73 19.64 -9.43
C ARG A 287 -13.63 18.90 -8.68
N PRO A 288 -13.67 18.90 -7.34
CA PRO A 288 -12.61 18.33 -6.54
C PRO A 288 -12.52 16.80 -6.61
N PRO A 289 -11.31 16.29 -6.81
CA PRO A 289 -11.09 14.83 -6.86
C PRO A 289 -11.01 14.16 -5.48
N GLY A 290 -11.64 13.00 -5.34
CA GLY A 290 -11.50 12.16 -4.15
C GLY A 290 -10.78 10.86 -4.47
N ARG A 291 -11.15 9.78 -3.79
CA ARG A 291 -10.54 8.47 -3.97
C ARG A 291 -10.55 8.04 -5.44
N GLU A 292 -9.39 7.56 -5.91
CA GLU A 292 -9.24 7.14 -7.30
C GLU A 292 -9.64 8.25 -8.27
N ALA A 293 -9.60 9.51 -7.79
CA ALA A 293 -9.94 10.73 -8.60
C ALA A 293 -11.45 10.89 -8.90
N TYR A 294 -12.28 10.07 -8.25
CA TYR A 294 -13.72 10.19 -8.36
C TYR A 294 -14.29 11.35 -7.54
N PRO A 295 -15.33 12.02 -8.07
CA PRO A 295 -15.99 13.11 -7.33
C PRO A 295 -16.82 12.53 -6.21
N GLY A 296 -17.17 13.37 -5.23
CA GLY A 296 -17.90 12.92 -4.04
C GLY A 296 -19.36 12.56 -4.30
N ASP A 297 -19.91 12.94 -5.45
CA ASP A 297 -21.26 12.52 -5.82
C ASP A 297 -21.35 11.24 -6.70
N VAL A 298 -20.24 10.51 -6.89
CA VAL A 298 -20.29 9.30 -7.70
C VAL A 298 -21.12 8.17 -7.02
N PHE A 299 -21.12 8.11 -5.69
CA PHE A 299 -22.04 7.20 -5.02
C PHE A 299 -23.48 7.55 -5.45
N TYR A 300 -23.82 8.82 -5.27
CA TYR A 300 -25.10 9.41 -5.67
C TYR A 300 -25.51 9.08 -7.11
N LEU A 301 -24.56 9.18 -8.05
CA LEU A 301 -24.79 8.75 -9.45
C LEU A 301 -25.42 7.35 -9.58
N HIS A 302 -24.94 6.41 -8.79
CA HIS A 302 -25.41 5.05 -8.91
C HIS A 302 -26.57 4.71 -8.02
N SER A 303 -26.64 5.34 -6.84
CA SER A 303 -27.72 5.03 -5.91
C SER A 303 -29.00 5.51 -6.54
N ARG A 304 -28.99 6.65 -7.21
CA ARG A 304 -30.24 7.19 -7.76
C ARG A 304 -30.69 6.43 -9.00
N LEU A 305 -29.73 5.89 -9.75
CA LEU A 305 -30.01 4.94 -10.81
C LEU A 305 -30.68 3.66 -10.30
N LEU A 306 -30.03 3.00 -9.36
CA LEU A 306 -30.48 1.67 -8.91
C LEU A 306 -31.69 1.63 -7.96
N GLU A 307 -32.06 2.76 -7.35
CA GLU A 307 -33.29 2.78 -6.53
C GLU A 307 -34.51 2.80 -7.45
N ARG A 308 -34.31 3.29 -8.68
CA ARG A 308 -35.38 3.29 -9.70
C ARG A 308 -35.94 1.90 -10.04
N ALA A 309 -35.18 0.87 -9.70
CA ALA A 309 -35.66 -0.50 -9.80
C ALA A 309 -36.52 -0.81 -8.60
N ALA A 310 -37.71 -1.36 -8.84
CA ALA A 310 -38.71 -1.52 -7.78
C ALA A 310 -39.77 -2.56 -8.14
N LYS A 311 -40.41 -3.08 -7.10
CA LYS A 311 -41.67 -3.82 -7.23
C LYS A 311 -42.86 -2.93 -6.77
N MET A 312 -43.65 -2.46 -7.73
CA MET A 312 -44.88 -1.68 -7.47
C MET A 312 -46.02 -2.51 -6.85
N ASN A 313 -46.78 -1.91 -5.94
CA ASN A 313 -47.96 -2.59 -5.35
C ASN A 313 -49.17 -2.53 -6.30
N ASP A 314 -50.22 -3.31 -5.98
CA ASP A 314 -51.38 -3.44 -6.87
C ASP A 314 -52.07 -2.12 -7.22
N ALA A 315 -52.15 -1.23 -6.24
CA ALA A 315 -52.71 0.10 -6.43
C ALA A 315 -51.95 0.85 -7.53
N PHE A 316 -50.66 0.54 -7.64
CA PHE A 316 -49.77 1.21 -8.60
C PHE A 316 -49.56 0.44 -9.91
N GLY A 317 -50.09 -0.78 -9.94
CA GLY A 317 -50.22 -1.54 -11.18
C GLY A 317 -49.62 -2.93 -11.11
N GLY A 318 -48.97 -3.24 -9.98
CA GLY A 318 -48.27 -4.53 -9.81
C GLY A 318 -46.98 -4.76 -10.60
N GLY A 319 -46.61 -3.80 -11.45
CA GLY A 319 -45.39 -3.89 -12.30
C GLY A 319 -44.04 -3.86 -11.61
N SER A 320 -42.99 -4.13 -12.38
CA SER A 320 -41.61 -4.16 -11.85
C SER A 320 -40.50 -3.78 -12.83
N LEU A 321 -39.36 -3.39 -12.26
CA LEU A 321 -38.11 -3.19 -12.97
C LEU A 321 -37.07 -3.86 -12.11
N THR A 322 -36.48 -4.94 -12.62
CA THR A 322 -35.36 -5.62 -11.98
C THR A 322 -34.07 -5.06 -12.59
N ALA A 323 -33.04 -4.85 -11.76
CA ALA A 323 -31.77 -4.37 -12.31
C ALA A 323 -30.63 -5.36 -12.09
N LEU A 324 -29.84 -5.54 -13.14
CA LEU A 324 -28.62 -6.35 -13.03
C LEU A 324 -27.43 -5.53 -13.51
N PRO A 325 -26.91 -4.69 -12.60
CA PRO A 325 -25.73 -3.87 -12.91
C PRO A 325 -24.49 -4.75 -12.96
N VAL A 326 -23.53 -4.32 -13.76
CA VAL A 326 -22.32 -5.08 -13.90
C VAL A 326 -21.19 -4.16 -13.48
N ILE A 327 -20.30 -4.70 -12.66
CA ILE A 327 -19.10 -3.99 -12.26
C ILE A 327 -17.88 -4.86 -12.58
N GLU A 328 -16.87 -4.27 -13.19
CA GLU A 328 -15.61 -4.98 -13.41
C GLU A 328 -14.65 -4.66 -12.26
N THR A 329 -14.18 -5.68 -11.56
CA THR A 329 -13.10 -5.46 -10.61
C THR A 329 -11.73 -5.56 -11.24
N GLN A 330 -10.71 -5.13 -10.50
CA GLN A 330 -9.34 -5.15 -10.96
C GLN A 330 -8.63 -6.02 -9.96
N ALA A 331 -8.06 -7.14 -10.44
CA ALA A 331 -7.44 -8.17 -9.58
C ALA A 331 -8.24 -8.57 -8.37
N GLY A 332 -9.55 -8.75 -8.49
CA GLY A 332 -10.32 -9.30 -7.37
C GLY A 332 -10.64 -8.27 -6.28
N ASP A 333 -10.26 -7.01 -6.48
CA ASP A 333 -10.39 -6.02 -5.38
C ASP A 333 -11.84 -5.50 -5.25
N VAL A 334 -12.64 -6.19 -4.46
CA VAL A 334 -14.07 -5.86 -4.34
C VAL A 334 -14.24 -4.69 -3.34
N SER A 335 -13.13 -4.26 -2.73
CA SER A 335 -13.13 -3.17 -1.78
C SER A 335 -12.65 -1.89 -2.44
N ALA A 336 -12.53 -1.91 -3.77
CA ALA A 336 -12.18 -0.70 -4.50
C ALA A 336 -13.37 0.24 -4.47
N TYR A 337 -13.20 1.48 -4.92
CA TYR A 337 -14.17 2.50 -4.58
C TYR A 337 -15.55 2.25 -5.18
N ILE A 338 -15.59 2.15 -6.49
CA ILE A 338 -16.84 1.90 -7.21
C ILE A 338 -17.50 0.55 -6.96
N PRO A 339 -16.76 -0.55 -6.94
CA PRO A 339 -17.30 -1.83 -6.44
C PRO A 339 -17.93 -1.74 -5.04
N THR A 340 -17.20 -1.15 -4.09
CA THR A 340 -17.76 -0.83 -2.77
C THR A 340 -19.13 -0.11 -2.86
N ASN A 341 -19.20 0.95 -3.66
CA ASN A 341 -20.43 1.67 -3.79
C ASN A 341 -21.56 0.77 -4.24
N VAL A 342 -21.36 0.09 -5.38
CA VAL A 342 -22.45 -0.67 -5.99
C VAL A 342 -22.79 -1.89 -5.19
N ILE A 343 -21.80 -2.49 -4.50
CA ILE A 343 -22.09 -3.57 -3.59
C ILE A 343 -23.06 -3.12 -2.47
N SER A 344 -22.89 -1.94 -1.88
CA SER A 344 -23.74 -1.57 -0.73
C SER A 344 -25.12 -1.15 -1.21
N ILE A 345 -25.20 -0.57 -2.40
CA ILE A 345 -26.48 -0.13 -3.00
C ILE A 345 -27.42 -1.30 -3.34
N THR A 346 -26.86 -2.42 -3.83
CA THR A 346 -27.68 -3.54 -4.33
C THR A 346 -28.16 -4.49 -3.24
N ASP A 347 -29.12 -5.33 -3.60
CA ASP A 347 -29.71 -6.32 -2.69
C ASP A 347 -28.90 -7.59 -2.63
N GLY A 348 -27.94 -7.73 -3.52
CA GLY A 348 -27.12 -8.94 -3.51
C GLY A 348 -26.11 -8.92 -4.60
N GLN A 349 -25.18 -9.87 -4.53
CA GLN A 349 -24.08 -9.91 -5.49
C GLN A 349 -23.78 -11.34 -5.93
N ILE A 350 -23.57 -11.47 -7.23
CA ILE A 350 -23.02 -12.66 -7.85
C ILE A 350 -21.53 -12.39 -8.13
N PHE A 351 -20.66 -13.08 -7.39
CA PHE A 351 -19.22 -12.91 -7.50
C PHE A 351 -18.62 -13.95 -8.46
N LEU A 352 -17.99 -13.48 -9.52
CA LEU A 352 -17.29 -14.41 -10.42
C LEU A 352 -15.79 -14.38 -10.13
N GLU A 353 -15.13 -15.53 -10.32
CA GLU A 353 -13.68 -15.63 -10.10
C GLU A 353 -12.93 -16.35 -11.22
N THR A 354 -11.80 -15.76 -11.62
CA THR A 354 -10.88 -16.36 -12.60
C THR A 354 -10.49 -17.79 -12.27
N GLU A 355 -10.21 -18.05 -11.00
CA GLU A 355 -9.65 -19.34 -10.58
C GLU A 355 -10.68 -20.44 -10.70
N LEU A 356 -11.92 -20.14 -10.32
CA LEU A 356 -13.05 -21.05 -10.54
C LEU A 356 -13.18 -21.32 -12.04
N PHE A 357 -13.13 -20.28 -12.84
CA PHE A 357 -13.26 -20.38 -14.30
C PHE A 357 -12.31 -21.43 -14.91
N TYR A 358 -11.02 -21.39 -14.57
CA TYR A 358 -10.04 -22.29 -15.19
C TYR A 358 -10.02 -23.70 -14.60
N LYS A 359 -10.51 -23.82 -13.35
CA LYS A 359 -10.70 -25.12 -12.71
C LYS A 359 -11.84 -25.90 -13.36
N GLY A 360 -12.59 -25.25 -14.22
CA GLY A 360 -13.75 -25.87 -14.83
C GLY A 360 -15.09 -25.47 -14.23
N ILE A 361 -15.09 -24.69 -13.14
CA ILE A 361 -16.33 -24.16 -12.57
C ILE A 361 -16.82 -23.03 -13.46
N ARG A 362 -17.56 -23.39 -14.51
CA ARG A 362 -18.19 -22.42 -15.41
C ARG A 362 -19.69 -22.76 -15.45
N PRO A 363 -20.57 -21.80 -15.12
CA PRO A 363 -20.20 -20.41 -14.78
C PRO A 363 -19.40 -20.28 -13.46
N ALA A 364 -18.48 -19.32 -13.43
CA ALA A 364 -17.47 -19.21 -12.37
C ALA A 364 -17.96 -18.51 -11.10
N ILE A 365 -19.12 -18.93 -10.57
CA ILE A 365 -19.79 -18.25 -9.46
C ILE A 365 -19.23 -18.74 -8.14
N ASN A 366 -18.78 -17.81 -7.30
CA ASN A 366 -18.34 -18.17 -5.95
C ASN A 366 -19.60 -18.27 -5.13
N VAL A 367 -19.95 -19.50 -4.82
CA VAL A 367 -21.25 -19.79 -4.26
C VAL A 367 -21.23 -19.58 -2.75
N GLY A 368 -20.03 -19.60 -2.18
CA GLY A 368 -19.82 -19.26 -0.77
C GLY A 368 -19.96 -17.78 -0.47
N LEU A 369 -19.60 -16.91 -1.42
CA LEU A 369 -19.61 -15.45 -1.23
C LEU A 369 -20.85 -14.80 -1.80
N SER A 370 -21.36 -15.31 -2.92
CA SER A 370 -22.52 -14.73 -3.56
C SER A 370 -23.71 -14.72 -2.62
N VAL A 371 -24.51 -13.67 -2.70
CA VAL A 371 -25.65 -13.58 -1.82
C VAL A 371 -26.81 -12.88 -2.51
N SER A 372 -28.02 -13.29 -2.15
CA SER A 372 -29.24 -12.59 -2.52
C SER A 372 -30.04 -12.37 -1.24
N ARG A 373 -30.32 -11.10 -0.91
CA ARG A 373 -31.00 -10.78 0.34
C ARG A 373 -32.48 -11.09 0.25
N VAL A 374 -33.01 -11.09 -0.97
CA VAL A 374 -34.35 -11.60 -1.18
C VAL A 374 -34.41 -13.11 -0.91
N GLY A 375 -33.45 -13.87 -1.43
CA GLY A 375 -33.35 -15.31 -1.17
C GLY A 375 -34.62 -16.07 -1.53
N SER A 376 -35.00 -16.99 -0.63
CA SER A 376 -36.21 -17.83 -0.73
C SER A 376 -37.49 -17.16 -1.20
N ALA A 377 -37.70 -15.91 -0.79
CA ALA A 377 -38.93 -15.21 -1.15
C ALA A 377 -39.12 -15.14 -2.67
N ALA A 378 -38.04 -15.38 -3.40
CA ALA A 378 -38.04 -15.27 -4.86
C ALA A 378 -37.85 -16.62 -5.57
N GLN A 379 -38.06 -17.71 -4.84
CA GLN A 379 -37.92 -19.08 -5.33
C GLN A 379 -39.28 -19.78 -5.28
N THR A 380 -39.56 -20.63 -6.26
CA THR A 380 -40.77 -21.46 -6.23
C THR A 380 -40.57 -22.54 -5.18
N ARG A 381 -41.67 -23.15 -4.72
CA ARG A 381 -41.63 -24.18 -3.69
C ARG A 381 -40.74 -25.37 -4.04
N ALA A 382 -40.78 -25.79 -5.31
CA ALA A 382 -40.01 -26.96 -5.74
C ALA A 382 -38.50 -26.67 -5.71
N MET A 383 -38.09 -25.51 -6.21
CA MET A 383 -36.69 -25.13 -6.16
C MET A 383 -36.25 -24.98 -4.71
N LYS A 384 -37.03 -24.22 -3.95
CA LYS A 384 -36.79 -23.96 -2.54
C LYS A 384 -36.44 -25.26 -1.79
N GLN A 385 -37.19 -26.32 -2.08
CA GLN A 385 -36.99 -27.59 -1.42
C GLN A 385 -35.55 -28.05 -1.62
N VAL A 386 -35.20 -28.42 -2.86
CA VAL A 386 -33.87 -28.99 -3.18
C VAL A 386 -32.70 -28.02 -3.01
N ALA A 387 -32.91 -26.73 -3.31
CA ALA A 387 -31.86 -25.71 -3.15
C ALA A 387 -31.39 -25.59 -1.69
N GLY A 388 -32.33 -25.69 -0.76
CA GLY A 388 -32.06 -25.68 0.67
C GLY A 388 -31.13 -26.80 1.07
N THR A 389 -31.38 -27.99 0.54
CA THR A 389 -30.48 -29.12 0.83
C THR A 389 -29.11 -28.94 0.19
N MET A 390 -29.09 -28.47 -1.06
CA MET A 390 -27.85 -28.23 -1.77
C MET A 390 -26.94 -27.23 -1.03
N LYS A 391 -27.52 -26.09 -0.66
CA LYS A 391 -26.82 -25.06 0.10
C LYS A 391 -26.08 -25.62 1.32
N LEU A 392 -26.82 -26.26 2.22
CA LEU A 392 -26.25 -26.89 3.41
C LEU A 392 -25.13 -27.87 3.07
N GLU A 393 -25.39 -28.78 2.14
CA GLU A 393 -24.40 -29.80 1.76
C GLU A 393 -23.15 -29.21 1.12
N LEU A 394 -23.31 -28.11 0.36
CA LEU A 394 -22.17 -27.38 -0.19
C LEU A 394 -21.40 -26.59 0.88
N ALA A 395 -22.10 -25.96 1.81
CA ALA A 395 -21.43 -25.29 2.93
C ALA A 395 -20.55 -26.28 3.72
N GLN A 396 -21.13 -27.43 4.03
CA GLN A 396 -20.43 -28.46 4.80
C GLN A 396 -19.29 -29.05 4.00
N TYR A 397 -19.45 -29.04 2.67
CA TYR A 397 -18.36 -29.44 1.79
C TYR A 397 -17.19 -28.47 1.89
N ARG A 398 -17.47 -27.18 1.72
CA ARG A 398 -16.46 -26.11 1.78
C ARG A 398 -15.55 -26.16 3.01
N GLU A 399 -16.12 -26.53 4.15
CA GLU A 399 -15.34 -26.69 5.38
C GLU A 399 -14.18 -27.66 5.22
N VAL A 400 -14.38 -28.66 4.37
CA VAL A 400 -13.52 -29.83 4.30
C VAL A 400 -12.71 -29.90 2.99
N ALA A 401 -13.05 -29.06 2.01
CA ALA A 401 -12.55 -29.18 0.63
C ALA A 401 -11.03 -29.23 0.44
N ALA A 402 -10.26 -28.89 1.48
CA ALA A 402 -8.79 -28.94 1.42
C ALA A 402 -8.19 -30.26 1.95
N PHE A 403 -9.06 -31.13 2.48
CA PHE A 403 -8.67 -32.49 2.86
C PHE A 403 -8.89 -33.43 1.66
N ALA A 404 -9.21 -32.85 0.50
CA ALA A 404 -9.52 -33.62 -0.70
C ALA A 404 -8.31 -34.36 -1.25
N GLN A 405 -7.26 -33.61 -1.59
CA GLN A 405 -6.03 -34.21 -2.13
C GLN A 405 -5.01 -34.54 -1.03
N PHE A 406 -5.46 -34.42 0.23
CA PHE A 406 -4.62 -34.73 1.38
C PHE A 406 -5.41 -35.55 2.39
N GLY A 407 -6.26 -36.43 1.88
CA GLY A 407 -7.12 -37.26 2.72
C GLY A 407 -7.14 -38.72 2.37
N SER A 408 -6.38 -39.52 3.11
CA SER A 408 -6.33 -40.97 2.95
C SER A 408 -7.20 -41.65 4.01
N ASP A 409 -7.01 -41.22 5.27
CA ASP A 409 -7.66 -41.83 6.43
C ASP A 409 -8.66 -40.89 7.10
N LEU A 410 -9.52 -40.28 6.28
CA LEU A 410 -10.63 -39.48 6.82
C LEU A 410 -11.74 -40.43 7.22
N ASP A 411 -12.54 -40.05 8.21
CA ASP A 411 -13.69 -40.86 8.59
C ASP A 411 -14.73 -40.88 7.47
N ALA A 412 -15.43 -42.00 7.36
CA ALA A 412 -16.41 -42.22 6.29
C ALA A 412 -17.45 -41.11 6.17
N ALA A 413 -17.76 -40.47 7.30
CA ALA A 413 -18.70 -39.35 7.35
C ALA A 413 -18.22 -38.16 6.53
N THR A 414 -16.91 -37.92 6.53
CA THR A 414 -16.32 -36.77 5.81
C THR A 414 -15.88 -37.10 4.38
N GLN A 415 -15.64 -38.39 4.10
CA GLN A 415 -15.51 -38.84 2.71
C GLN A 415 -16.84 -38.67 2.00
N GLN A 416 -17.92 -38.75 2.77
CA GLN A 416 -19.28 -38.55 2.26
C GLN A 416 -19.53 -37.08 1.93
N LEU A 417 -19.04 -36.18 2.78
CA LEU A 417 -19.14 -34.73 2.54
C LEU A 417 -18.35 -34.33 1.29
N LEU A 418 -17.12 -34.80 1.22
CA LEU A 418 -16.28 -34.61 0.05
C LEU A 418 -16.95 -35.10 -1.21
N SER A 419 -17.52 -36.32 -1.16
CA SER A 419 -18.14 -36.90 -2.34
C SER A 419 -19.44 -36.22 -2.76
N ARG A 420 -20.36 -36.05 -1.82
CA ARG A 420 -21.57 -35.31 -2.15
C ARG A 420 -21.20 -33.93 -2.70
N GLY A 421 -20.17 -33.32 -2.10
CA GLY A 421 -19.72 -31.98 -2.48
C GLY A 421 -19.16 -31.82 -3.87
N VAL A 422 -18.28 -32.73 -4.30
CA VAL A 422 -17.70 -32.60 -5.64
C VAL A 422 -18.77 -32.83 -6.70
N ARG A 423 -19.77 -33.64 -6.35
CA ARG A 423 -20.85 -34.02 -7.25
C ARG A 423 -21.85 -32.89 -7.42
N LEU A 424 -22.28 -32.31 -6.30
CA LEU A 424 -23.15 -31.13 -6.37
C LEU A 424 -22.50 -29.98 -7.17
N THR A 425 -21.18 -29.84 -6.98
CA THR A 425 -20.39 -28.87 -7.68
C THR A 425 -20.46 -29.08 -9.19
N GLU A 426 -20.33 -30.33 -9.63
CA GLU A 426 -20.46 -30.67 -11.05
C GLU A 426 -21.84 -30.34 -11.63
N LEU A 427 -22.89 -30.48 -10.81
CA LEU A 427 -24.27 -30.20 -11.25
C LEU A 427 -24.51 -28.73 -11.49
N LEU A 428 -23.68 -27.90 -10.88
CA LEU A 428 -23.82 -26.45 -11.02
C LEU A 428 -23.12 -25.93 -12.26
N LYS A 429 -22.22 -26.75 -12.82
CA LYS A 429 -21.60 -26.46 -14.11
C LYS A 429 -22.68 -26.36 -15.17
N GLN A 430 -22.55 -25.43 -16.09
CA GLN A 430 -23.57 -25.23 -17.07
C GLN A 430 -22.97 -24.58 -18.30
N GLY A 431 -23.31 -25.14 -19.46
CA GLY A 431 -22.89 -24.61 -20.77
C GLY A 431 -23.48 -23.24 -21.00
N GLN A 432 -22.93 -22.55 -21.98
CA GLN A 432 -23.35 -21.19 -22.27
C GLN A 432 -24.52 -21.26 -23.26
N TYR A 433 -25.38 -20.25 -23.24
CA TYR A 433 -26.45 -20.10 -24.24
C TYR A 433 -27.59 -21.11 -24.15
N SER A 434 -27.65 -21.86 -23.05
CA SER A 434 -28.74 -22.81 -22.83
C SER A 434 -29.35 -22.71 -21.42
N PRO A 435 -30.10 -21.64 -21.16
CA PRO A 435 -30.90 -21.54 -19.93
C PRO A 435 -31.97 -22.63 -19.80
N MET A 436 -32.16 -23.12 -18.58
CA MET A 436 -33.09 -24.20 -18.28
C MET A 436 -34.35 -23.74 -17.57
N ALA A 437 -35.44 -24.46 -17.83
CA ALA A 437 -36.69 -24.20 -17.15
C ALA A 437 -36.50 -24.65 -15.72
N ILE A 438 -37.25 -24.04 -14.80
CA ILE A 438 -37.04 -24.33 -13.40
C ILE A 438 -37.19 -25.82 -13.05
N GLU A 439 -38.21 -26.47 -13.61
CA GLU A 439 -38.52 -27.87 -13.28
C GLU A 439 -37.45 -28.84 -13.84
N GLU A 440 -36.82 -28.47 -14.97
CA GLU A 440 -35.59 -29.13 -15.41
C GLU A 440 -34.45 -29.01 -14.38
N GLN A 441 -34.29 -27.81 -13.83
CA GLN A 441 -33.21 -27.56 -12.85
C GLN A 441 -33.41 -28.38 -11.60
N VAL A 442 -34.64 -28.44 -11.11
CA VAL A 442 -34.90 -29.24 -9.89
C VAL A 442 -34.74 -30.74 -10.13
N ALA A 443 -35.13 -31.22 -11.31
CA ALA A 443 -34.90 -32.65 -11.67
C ALA A 443 -33.41 -33.01 -11.58
N VAL A 444 -32.57 -32.16 -12.17
CA VAL A 444 -31.12 -32.30 -12.12
C VAL A 444 -30.53 -32.22 -10.70
N ILE A 445 -30.96 -31.21 -9.94
CA ILE A 445 -30.46 -31.02 -8.57
C ILE A 445 -30.93 -32.16 -7.66
N TYR A 446 -32.21 -32.51 -7.78
CA TYR A 446 -32.81 -33.69 -7.11
C TYR A 446 -31.90 -34.90 -7.22
N ALA A 447 -31.44 -35.19 -8.45
CA ALA A 447 -30.61 -36.37 -8.69
C ALA A 447 -29.36 -36.41 -7.80
N GLY A 448 -28.69 -35.27 -7.70
CA GLY A 448 -27.54 -35.11 -6.79
C GLY A 448 -27.84 -35.07 -5.30
N VAL A 449 -28.81 -34.25 -4.89
CA VAL A 449 -29.14 -34.13 -3.46
C VAL A 449 -29.86 -35.33 -2.88
N ARG A 450 -30.27 -36.27 -3.73
CA ARG A 450 -30.89 -37.50 -3.24
C ARG A 450 -29.91 -38.66 -3.22
N GLY A 451 -28.72 -38.41 -3.74
CA GLY A 451 -27.61 -39.32 -3.54
C GLY A 451 -27.35 -40.22 -4.71
N TYR A 452 -28.11 -40.04 -5.78
CA TYR A 452 -28.07 -40.97 -6.92
C TYR A 452 -26.75 -40.96 -7.67
N LEU A 453 -25.99 -39.88 -7.54
CA LEU A 453 -24.77 -39.71 -8.33
C LEU A 453 -23.51 -39.98 -7.51
N ASP A 454 -23.70 -40.43 -6.27
CA ASP A 454 -22.60 -40.57 -5.29
C ASP A 454 -21.53 -41.62 -5.64
N LYS A 455 -21.87 -42.56 -6.53
CA LYS A 455 -20.94 -43.59 -6.97
C LYS A 455 -20.51 -43.39 -8.43
N LEU A 456 -21.11 -42.41 -9.09
CA LEU A 456 -20.71 -41.99 -10.42
C LEU A 456 -19.43 -41.14 -10.34
N GLU A 457 -18.38 -41.54 -11.06
CA GLU A 457 -17.14 -40.79 -11.09
C GLU A 457 -17.37 -39.33 -11.54
N PRO A 458 -16.81 -38.37 -10.80
CA PRO A 458 -17.14 -36.94 -10.95
C PRO A 458 -17.00 -36.37 -12.36
N SER A 459 -16.09 -36.90 -13.15
CA SER A 459 -15.89 -36.44 -14.53
C SER A 459 -16.99 -36.92 -15.50
N LYS A 460 -17.76 -37.92 -15.09
CA LYS A 460 -18.88 -38.40 -15.91
C LYS A 460 -20.17 -37.61 -15.69
N ILE A 461 -20.23 -36.82 -14.62
CA ILE A 461 -21.47 -36.12 -14.19
C ILE A 461 -22.10 -35.23 -15.26
N THR A 462 -21.31 -34.42 -15.95
CA THR A 462 -21.86 -33.48 -16.94
C THR A 462 -22.34 -34.20 -18.22
N LYS A 463 -21.70 -35.32 -18.54
CA LYS A 463 -22.18 -36.21 -19.59
C LYS A 463 -23.50 -36.82 -19.13
N PHE A 464 -23.53 -37.33 -17.89
CA PHE A 464 -24.75 -37.84 -17.28
C PHE A 464 -25.90 -36.86 -17.38
N GLU A 465 -25.66 -35.62 -16.97
CA GLU A 465 -26.70 -34.63 -16.82
C GLU A 465 -27.27 -34.24 -18.17
N ASN A 466 -26.38 -33.99 -19.12
CA ASN A 466 -26.79 -33.67 -20.47
C ASN A 466 -27.73 -34.76 -21.00
N ALA A 467 -27.31 -36.02 -20.80
CA ALA A 467 -28.07 -37.18 -21.25
C ALA A 467 -29.36 -37.39 -20.48
N PHE A 468 -29.30 -37.24 -19.16
CA PHE A 468 -30.47 -37.45 -18.28
C PHE A 468 -31.57 -36.45 -18.59
N LEU A 469 -31.16 -35.23 -18.88
CA LEU A 469 -32.10 -34.16 -19.09
C LEU A 469 -32.77 -34.24 -20.45
N SER A 470 -32.01 -34.65 -21.48
CA SER A 470 -32.59 -34.91 -22.80
C SER A 470 -33.69 -35.95 -22.68
N HIS A 471 -33.37 -36.99 -21.91
CA HIS A 471 -34.27 -38.10 -21.67
C HIS A 471 -35.57 -37.63 -21.05
N VAL A 472 -35.51 -36.99 -19.87
CA VAL A 472 -36.75 -36.51 -19.22
C VAL A 472 -37.50 -35.47 -20.04
N ILE A 473 -36.78 -34.60 -20.75
CA ILE A 473 -37.42 -33.64 -21.65
C ILE A 473 -38.11 -34.37 -22.80
N SER A 474 -37.51 -35.46 -23.25
CA SER A 474 -38.09 -36.29 -24.30
C SER A 474 -39.29 -37.08 -23.84
N GLN A 475 -39.09 -37.98 -22.89
CA GLN A 475 -40.07 -39.00 -22.54
C GLN A 475 -40.91 -38.69 -21.28
N HIS A 476 -40.61 -37.60 -20.59
CA HIS A 476 -41.30 -37.33 -19.32
C HIS A 476 -41.75 -35.87 -19.17
N GLN A 477 -42.26 -35.33 -20.26
CA GLN A 477 -42.78 -33.98 -20.30
C GLN A 477 -43.90 -33.82 -19.28
N ALA A 478 -44.54 -34.94 -18.95
CA ALA A 478 -45.66 -34.99 -18.01
C ALA A 478 -45.21 -34.91 -16.56
N LEU A 479 -44.11 -35.59 -16.22
CA LEU A 479 -43.48 -35.44 -14.90
C LEU A 479 -43.02 -34.00 -14.66
N LEU A 480 -42.46 -33.39 -15.70
CA LEU A 480 -41.98 -32.04 -15.67
C LEU A 480 -43.15 -31.07 -15.61
N GLY A 481 -44.17 -31.30 -16.43
CA GLY A 481 -45.41 -30.50 -16.42
C GLY A 481 -46.05 -30.46 -15.03
N LYS A 482 -45.79 -31.49 -14.23
CA LYS A 482 -46.40 -31.64 -12.93
C LYS A 482 -45.54 -31.11 -11.78
N ILE A 483 -44.23 -31.28 -11.88
CA ILE A 483 -43.30 -30.72 -10.87
C ILE A 483 -43.54 -29.22 -10.84
N ARG A 484 -43.80 -28.66 -12.01
CA ARG A 484 -44.16 -27.27 -12.17
C ARG A 484 -45.51 -26.95 -11.51
N THR A 485 -46.55 -27.66 -11.97
CA THR A 485 -47.95 -27.46 -11.55
C THR A 485 -48.20 -27.62 -10.05
N ASP A 486 -47.65 -28.67 -9.44
CA ASP A 486 -47.87 -28.94 -8.03
C ASP A 486 -47.11 -27.94 -7.16
N GLY A 487 -46.43 -26.99 -7.82
CA GLY A 487 -45.61 -26.02 -7.13
C GLY A 487 -44.33 -26.66 -6.62
N LYS A 488 -44.47 -27.87 -6.07
CA LYS A 488 -43.34 -28.67 -5.58
C LYS A 488 -43.19 -30.10 -6.18
N ILE A 489 -42.54 -30.98 -5.42
CA ILE A 489 -42.36 -32.38 -5.78
C ILE A 489 -43.23 -33.25 -4.88
N SER A 490 -44.34 -33.74 -5.44
CA SER A 490 -45.25 -34.62 -4.70
C SER A 490 -44.63 -35.99 -4.43
N GLU A 491 -45.24 -36.75 -3.51
CA GLU A 491 -44.83 -38.13 -3.26
C GLU A 491 -44.81 -38.96 -4.55
N GLU A 492 -45.76 -38.67 -5.43
CA GLU A 492 -45.89 -39.35 -6.71
C GLU A 492 -44.71 -39.03 -7.66
N SER A 493 -44.36 -37.74 -7.74
CA SER A 493 -43.20 -37.27 -8.50
C SER A 493 -41.90 -37.86 -7.96
N ASP A 494 -41.82 -37.98 -6.64
CA ASP A 494 -40.70 -38.56 -5.95
C ASP A 494 -40.44 -40.01 -6.38
N ALA A 495 -41.51 -40.83 -6.41
CA ALA A 495 -41.43 -42.24 -6.82
C ALA A 495 -41.04 -42.36 -8.28
N LYS A 496 -41.69 -41.54 -9.10
CA LYS A 496 -41.47 -41.50 -10.54
C LYS A 496 -40.02 -41.09 -10.87
N LEU A 497 -39.46 -40.17 -10.09
CA LEU A 497 -38.09 -39.69 -10.28
C LEU A 497 -37.10 -40.74 -9.84
N LYS A 498 -37.41 -41.39 -8.73
CA LYS A 498 -36.58 -42.46 -8.20
C LYS A 498 -36.34 -43.56 -9.25
N GLU A 499 -37.40 -43.93 -9.98
CA GLU A 499 -37.29 -45.01 -10.94
C GLU A 499 -36.65 -44.53 -12.23
N ILE A 500 -36.97 -43.31 -12.66
CA ILE A 500 -36.28 -42.75 -13.82
C ILE A 500 -34.76 -42.75 -13.58
N VAL A 501 -34.36 -42.35 -12.37
CA VAL A 501 -32.95 -42.10 -12.08
C VAL A 501 -32.18 -43.38 -11.87
N THR A 502 -32.70 -44.27 -11.02
CA THR A 502 -32.00 -45.54 -10.77
C THR A 502 -31.75 -46.31 -12.08
N ASN A 503 -32.80 -46.42 -12.90
CA ASN A 503 -32.77 -47.25 -14.10
C ASN A 503 -31.89 -46.65 -15.16
N PHE A 504 -32.00 -45.33 -15.33
CA PHE A 504 -31.13 -44.60 -16.24
C PHE A 504 -29.66 -44.73 -15.84
N LEU A 505 -29.37 -44.43 -14.59
CA LEU A 505 -28.02 -44.56 -14.05
C LEU A 505 -27.42 -45.95 -14.33
N ALA A 506 -28.18 -47.00 -13.98
CA ALA A 506 -27.79 -48.39 -14.27
C ALA A 506 -27.45 -48.58 -15.76
N GLY A 507 -28.31 -48.03 -16.63
CA GLY A 507 -28.08 -48.03 -18.06
C GLY A 507 -26.85 -47.25 -18.47
N PHE A 508 -26.65 -46.10 -17.84
CA PHE A 508 -25.52 -45.21 -18.11
C PHE A 508 -24.19 -45.87 -17.84
N GLU A 509 -24.11 -46.60 -16.73
CA GLU A 509 -22.87 -47.25 -16.29
C GLU A 509 -22.72 -48.72 -16.78
N ALA A 510 -23.40 -49.07 -17.86
CA ALA A 510 -23.41 -50.46 -18.32
C ALA A 510 -22.24 -50.72 -19.25
N VAL B 23 -14.09 51.07 12.77
CA VAL B 23 -13.48 52.41 12.50
C VAL B 23 -11.97 52.45 12.78
N ASP B 24 -11.51 51.60 13.72
CA ASP B 24 -10.09 51.51 14.07
C ASP B 24 -9.52 50.17 13.62
N LEU B 25 -8.83 50.16 12.48
CA LEU B 25 -8.34 48.92 11.89
C LEU B 25 -6.91 48.55 12.30
N GLU B 26 -6.49 49.01 13.47
CA GLU B 26 -5.16 48.71 13.98
C GLU B 26 -5.22 47.82 15.21
N GLU B 27 -6.32 47.91 15.95
CA GLU B 27 -6.53 47.10 17.15
C GLU B 27 -7.81 46.27 16.98
N THR B 28 -8.38 46.37 15.78
CA THR B 28 -9.68 45.80 15.49
C THR B 28 -9.67 45.32 14.06
N GLY B 29 -10.48 44.30 13.79
CA GLY B 29 -10.76 43.90 12.41
C GLY B 29 -12.16 43.37 12.25
N ARG B 30 -12.50 43.04 11.02
CA ARG B 30 -13.78 42.42 10.73
C ARG B 30 -13.53 41.19 9.85
N VAL B 31 -14.33 40.15 10.06
CA VAL B 31 -14.15 38.90 9.32
C VAL B 31 -14.46 39.04 7.83
N LEU B 32 -13.50 38.68 6.97
CA LEU B 32 -13.72 38.58 5.53
C LEU B 32 -14.41 37.27 5.14
N SER B 33 -13.95 36.16 5.73
CA SER B 33 -14.43 34.81 5.40
C SER B 33 -14.19 33.86 6.56
N ILE B 34 -15.01 32.83 6.64
CA ILE B 34 -14.87 31.80 7.66
C ILE B 34 -15.53 30.55 7.11
N GLY B 35 -14.98 29.38 7.42
CA GLY B 35 -15.57 28.16 6.91
C GLY B 35 -14.73 26.90 6.84
N ASP B 36 -13.41 27.05 6.75
CA ASP B 36 -12.51 25.90 6.93
C ASP B 36 -11.84 25.85 8.33
N GLY B 37 -12.53 26.33 9.36
CA GLY B 37 -11.96 26.43 10.72
C GLY B 37 -10.97 27.58 10.95
N ILE B 38 -10.64 28.27 9.85
CA ILE B 38 -9.79 29.45 9.84
C ILE B 38 -10.56 30.68 9.35
N ALA B 39 -10.69 31.66 10.24
CA ALA B 39 -11.32 32.94 9.91
C ALA B 39 -10.27 33.83 9.28
N ARG B 40 -10.62 34.42 8.16
CA ARG B 40 -9.77 35.42 7.54
C ARG B 40 -10.29 36.80 7.95
N VAL B 41 -9.39 37.73 8.27
CA VAL B 41 -9.75 38.98 8.95
C VAL B 41 -9.06 40.17 8.31
N HIS B 42 -9.88 41.14 7.90
CA HIS B 42 -9.41 42.44 7.48
C HIS B 42 -9.02 43.25 8.72
N GLY B 43 -7.84 43.88 8.67
CA GLY B 43 -7.39 44.76 9.74
C GLY B 43 -6.46 44.16 10.76
N LEU B 44 -6.72 44.46 12.03
CA LEU B 44 -5.82 44.09 13.13
C LEU B 44 -4.37 44.40 12.77
N ARG B 45 -4.16 45.55 12.14
CA ARG B 45 -2.86 45.91 11.59
C ARG B 45 -1.71 45.84 12.61
N ASN B 46 -2.07 45.87 13.89
CA ASN B 46 -1.09 45.83 14.97
C ASN B 46 -0.97 44.47 15.70
N VAL B 47 -1.75 43.45 15.32
CA VAL B 47 -1.63 42.14 15.99
C VAL B 47 -0.25 41.60 15.84
N GLN B 48 0.13 40.84 16.85
CA GLN B 48 1.35 40.08 16.85
C GLN B 48 1.07 38.68 16.34
N ALA B 49 2.11 38.04 15.81
CA ALA B 49 2.09 36.60 15.52
C ALA B 49 1.81 35.85 16.83
N GLU B 50 0.75 35.04 16.84
CA GLU B 50 0.39 34.17 17.96
C GLU B 50 -0.31 34.88 19.15
N GLU B 51 -0.84 36.06 18.88
CA GLU B 51 -1.61 36.80 19.85
C GLU B 51 -3.03 36.26 19.88
N MET B 52 -3.56 36.07 21.07
CA MET B 52 -4.96 35.81 21.28
C MET B 52 -5.77 37.02 20.80
N VAL B 53 -6.74 36.80 19.93
CA VAL B 53 -7.72 37.80 19.53
C VAL B 53 -9.09 37.37 20.04
N GLU B 54 -10.07 38.27 20.00
CA GLU B 54 -11.37 37.96 20.59
C GLU B 54 -12.49 38.25 19.60
N PHE B 55 -13.47 37.36 19.55
CA PHE B 55 -14.57 37.52 18.61
C PHE B 55 -15.77 38.15 19.28
N SER B 56 -16.48 38.94 18.46
CA SER B 56 -17.78 39.50 18.75
C SER B 56 -18.62 38.57 19.63
N SER B 57 -18.63 37.29 19.29
CA SER B 57 -19.46 36.28 19.94
C SER B 57 -18.87 35.64 21.20
N GLY B 58 -17.78 36.22 21.72
CA GLY B 58 -17.09 35.70 22.93
C GLY B 58 -16.01 34.65 22.69
N LEU B 59 -15.93 34.14 21.45
CA LEU B 59 -14.89 33.18 21.06
C LEU B 59 -13.53 33.79 21.04
N LYS B 60 -12.56 33.03 21.54
CA LYS B 60 -11.16 33.37 21.39
C LYS B 60 -10.58 32.68 20.15
N GLY B 61 -9.54 33.27 19.59
CA GLY B 61 -8.80 32.69 18.50
C GLY B 61 -7.37 33.16 18.54
N MET B 62 -6.52 32.50 17.74
CA MET B 62 -5.10 32.82 17.69
C MET B 62 -4.72 33.30 16.32
N SER B 63 -3.96 34.40 16.28
CA SER B 63 -3.47 34.94 15.03
C SER B 63 -2.37 34.03 14.54
N LEU B 64 -2.62 33.31 13.45
CA LEU B 64 -1.66 32.32 12.98
C LEU B 64 -0.84 32.88 11.84
N ASN B 65 -1.55 33.41 10.86
CA ASN B 65 -1.03 33.90 9.60
C ASN B 65 -1.11 35.41 9.46
N LEU B 66 -0.01 36.12 9.57
CA LEU B 66 -0.05 37.53 9.25
C LEU B 66 0.33 37.73 7.79
N GLU B 67 -0.64 38.18 7.01
CA GLU B 67 -0.43 38.46 5.60
C GLU B 67 -0.70 39.95 5.30
N PRO B 68 -0.19 40.41 4.14
CA PRO B 68 -0.42 41.80 3.69
C PRO B 68 -1.87 42.30 3.78
N ASP B 69 -2.84 41.48 3.42
CA ASP B 69 -4.23 41.91 3.37
C ASP B 69 -5.16 41.22 4.36
N ASN B 70 -4.63 40.26 5.14
CA ASN B 70 -5.43 39.62 6.17
C ASN B 70 -4.61 38.97 7.27
N VAL B 71 -5.30 38.56 8.32
CA VAL B 71 -4.77 37.73 9.38
C VAL B 71 -5.61 36.46 9.36
N GLY B 72 -4.96 35.30 9.35
CA GLY B 72 -5.65 34.04 9.49
C GLY B 72 -5.73 33.70 10.94
N VAL B 73 -6.93 33.45 11.42
CA VAL B 73 -7.14 33.18 12.84
C VAL B 73 -7.68 31.76 13.06
N VAL B 74 -6.97 30.99 13.89
CA VAL B 74 -7.40 29.69 14.36
C VAL B 74 -8.39 29.88 15.50
N VAL B 75 -9.58 29.32 15.37
CA VAL B 75 -10.67 29.58 16.30
C VAL B 75 -10.78 28.51 17.37
N PHE B 76 -10.49 28.88 18.61
CA PHE B 76 -10.57 27.98 19.75
C PHE B 76 -12.02 27.78 20.23
N GLY B 77 -12.88 27.38 19.30
CA GLY B 77 -14.25 27.01 19.60
C GLY B 77 -14.97 26.68 18.33
N ASN B 78 -16.30 26.72 18.40
CA ASN B 78 -17.15 26.44 17.24
C ASN B 78 -17.23 27.63 16.30
N ASP B 79 -16.73 27.47 15.07
CA ASP B 79 -16.76 28.56 14.10
C ASP B 79 -18.11 28.81 13.41
N LYS B 80 -19.08 27.95 13.68
CA LYS B 80 -20.47 28.25 13.34
C LYS B 80 -20.92 29.58 13.96
N LEU B 81 -20.30 29.95 15.07
CA LEU B 81 -20.68 31.14 15.83
C LEU B 81 -20.09 32.43 15.27
N ILE B 82 -19.32 32.33 14.20
CA ILE B 82 -18.66 33.48 13.58
C ILE B 82 -19.24 33.71 12.19
N LYS B 83 -19.41 34.97 11.80
CA LYS B 83 -19.98 35.30 10.50
C LYS B 83 -19.13 36.35 9.83
N GLU B 84 -19.23 36.44 8.49
CA GLU B 84 -18.56 37.53 7.79
C GLU B 84 -19.08 38.86 8.35
N GLY B 85 -18.16 39.80 8.55
CA GLY B 85 -18.51 41.11 9.07
C GLY B 85 -18.27 41.26 10.56
N ASP B 86 -18.28 40.16 11.31
CA ASP B 86 -18.11 40.19 12.77
C ASP B 86 -16.84 40.93 13.18
N ILE B 87 -16.94 41.70 14.25
CA ILE B 87 -15.81 42.43 14.80
C ILE B 87 -14.89 41.49 15.60
N VAL B 88 -13.60 41.67 15.41
CA VAL B 88 -12.57 40.90 16.11
C VAL B 88 -11.64 41.88 16.81
N LYS B 89 -11.32 41.60 18.06
CA LYS B 89 -10.46 42.50 18.84
C LYS B 89 -9.14 41.88 19.29
N ARG B 90 -8.05 42.65 19.13
CA ARG B 90 -6.78 42.35 19.78
C ARG B 90 -6.96 42.17 21.28
N THR B 91 -6.12 41.34 21.89
CA THR B 91 -6.03 41.28 23.36
C THR B 91 -4.65 41.71 23.85
N GLY B 92 -3.73 41.97 22.91
CA GLY B 92 -2.33 42.30 23.22
C GLY B 92 -1.47 41.19 23.83
N ALA B 93 -2.07 40.02 24.11
CA ALA B 93 -1.36 38.92 24.76
C ALA B 93 -1.11 37.73 23.82
N ILE B 94 0.12 37.23 23.82
CA ILE B 94 0.47 35.98 23.12
C ILE B 94 -0.32 34.89 23.86
N VAL B 95 -0.85 33.88 23.15
CA VAL B 95 -1.73 32.89 23.77
C VAL B 95 -1.19 32.40 25.11
N ASP B 96 -1.99 32.50 26.17
CA ASP B 96 -1.52 32.09 27.49
C ASP B 96 -2.66 31.57 28.33
N VAL B 97 -2.34 30.94 29.44
CA VAL B 97 -3.34 30.34 30.30
C VAL B 97 -3.09 30.71 31.75
N PRO B 98 -4.14 30.67 32.58
CA PRO B 98 -3.99 30.75 34.03
C PRO B 98 -3.17 29.59 34.54
N VAL B 99 -2.49 29.84 35.66
CA VAL B 99 -1.40 29.01 36.16
C VAL B 99 -1.36 29.23 37.69
N GLY B 100 -1.00 28.21 38.45
CA GLY B 100 -0.84 28.34 39.89
C GLY B 100 -1.58 27.26 40.64
N GLU B 101 -1.47 27.28 41.97
CA GLU B 101 -2.05 26.26 42.84
C GLU B 101 -3.58 26.37 42.98
N GLU B 102 -4.17 27.40 42.41
CA GLU B 102 -5.62 27.58 42.46
C GLU B 102 -6.36 26.65 41.49
N LEU B 103 -5.60 26.04 40.56
CA LEU B 103 -6.19 25.13 39.56
C LEU B 103 -6.38 23.74 40.12
N LEU B 104 -5.66 23.44 41.19
CA LEU B 104 -5.74 22.16 41.85
C LEU B 104 -7.19 21.83 42.29
N GLY B 105 -7.64 20.61 42.05
CA GLY B 105 -9.01 20.23 42.35
C GLY B 105 -10.05 20.73 41.37
N ARG B 106 -9.62 21.57 40.41
CA ARG B 106 -10.50 22.11 39.35
C ARG B 106 -10.47 21.33 38.02
N VAL B 107 -11.58 21.41 37.28
CA VAL B 107 -11.65 20.93 35.90
C VAL B 107 -11.82 22.12 34.97
N VAL B 108 -10.84 22.32 34.09
CA VAL B 108 -10.86 23.41 33.09
C VAL B 108 -10.85 22.90 31.63
N ASP B 109 -11.33 23.73 30.72
CA ASP B 109 -11.18 23.49 29.30
C ASP B 109 -9.76 23.92 28.88
N ALA B 110 -9.50 23.91 27.58
CA ALA B 110 -8.17 24.15 27.03
C ALA B 110 -7.64 25.56 27.25
N LEU B 111 -8.55 26.50 27.50
CA LEU B 111 -8.17 27.92 27.70
C LEU B 111 -7.99 28.28 29.16
N GLY B 112 -8.39 27.40 30.07
CA GLY B 112 -8.33 27.69 31.49
C GLY B 112 -9.65 28.04 32.19
N ASN B 113 -10.73 28.24 31.43
CA ASN B 113 -12.06 28.45 31.98
C ASN B 113 -12.54 27.23 32.72
N ALA B 114 -13.17 27.43 33.88
CA ALA B 114 -13.66 26.32 34.68
C ALA B 114 -14.85 25.69 33.99
N ILE B 115 -15.01 24.37 34.12
CA ILE B 115 -16.15 23.70 33.49
C ILE B 115 -16.85 22.77 34.47
N ASP B 116 -16.36 22.77 35.72
CA ASP B 116 -16.91 21.97 36.80
C ASP B 116 -18.01 22.69 37.60
N GLY B 117 -18.41 23.88 37.13
CA GLY B 117 -19.47 24.69 37.75
C GLY B 117 -19.18 25.23 39.15
N LYS B 118 -17.90 25.34 39.52
CA LYS B 118 -17.51 25.75 40.88
C LYS B 118 -17.02 27.21 40.94
N GLY B 119 -17.40 27.97 39.93
CA GLY B 119 -17.06 29.38 39.86
C GLY B 119 -15.66 29.59 39.32
N PRO B 120 -15.21 30.84 39.31
CA PRO B 120 -13.98 31.23 38.61
C PRO B 120 -12.72 30.65 39.22
N ILE B 121 -11.64 30.66 38.45
CA ILE B 121 -10.35 30.25 39.00
C ILE B 121 -9.75 31.47 39.72
N GLY B 122 -9.33 31.26 40.95
CA GLY B 122 -8.76 32.37 41.72
C GLY B 122 -7.33 32.62 41.30
N SER B 123 -7.10 32.67 39.99
CA SER B 123 -5.74 32.62 39.45
C SER B 123 -5.10 33.99 39.43
N LYS B 124 -3.86 34.05 39.91
CA LYS B 124 -3.13 35.32 39.96
C LYS B 124 -2.15 35.46 38.81
N ALA B 125 -1.42 34.39 38.50
CA ALA B 125 -0.43 34.41 37.42
C ALA B 125 -0.95 33.85 36.08
N ARG B 126 -0.25 34.17 35.01
CA ARG B 126 -0.52 33.58 33.70
C ARG B 126 0.80 33.08 33.10
N ARG B 127 0.70 32.26 32.05
CA ARG B 127 1.87 31.71 31.39
C ARG B 127 1.59 31.41 29.93
N ARG B 128 2.50 31.79 29.03
CA ARG B 128 2.37 31.46 27.61
C ARG B 128 2.29 29.92 27.40
N VAL B 129 1.49 29.49 26.42
CA VAL B 129 1.37 28.04 26.13
C VAL B 129 2.53 27.56 25.30
N GLY B 130 3.19 28.50 24.62
CA GLY B 130 4.22 28.19 23.65
C GLY B 130 5.66 28.38 24.06
N LEU B 131 5.90 28.55 25.36
CA LEU B 131 7.26 28.75 25.85
C LEU B 131 8.17 27.60 25.49
N LYS B 132 9.39 27.95 25.08
CA LYS B 132 10.42 27.00 24.73
C LYS B 132 10.91 26.27 25.99
N ALA B 133 11.27 25.00 25.81
CA ALA B 133 11.76 24.18 26.90
C ALA B 133 13.09 24.69 27.40
N PRO B 134 13.37 24.47 28.69
CA PRO B 134 14.68 24.78 29.26
C PRO B 134 15.82 24.17 28.42
N GLY B 135 16.93 24.91 28.30
CA GLY B 135 18.08 24.48 27.54
C GLY B 135 18.85 23.46 28.34
N ILE B 136 20.13 23.36 28.02
CA ILE B 136 21.04 22.40 28.60
C ILE B 136 21.44 22.70 30.06
N ILE B 137 21.84 23.94 30.35
CA ILE B 137 22.44 24.28 31.65
C ILE B 137 21.52 24.14 32.89
N PRO B 138 20.25 24.52 32.80
CA PRO B 138 19.36 24.42 33.97
C PRO B 138 19.02 22.99 34.44
N ARG B 139 19.42 21.98 33.66
CA ARG B 139 18.96 20.60 33.92
C ARG B 139 19.94 19.75 34.72
N ILE B 140 19.44 18.68 35.31
CA ILE B 140 20.28 17.61 35.78
C ILE B 140 19.59 16.27 35.52
N SER B 141 20.36 15.19 35.50
CA SER B 141 19.76 13.86 35.25
C SER B 141 18.77 13.48 36.35
N VAL B 142 17.72 12.77 35.98
CA VAL B 142 16.68 12.43 36.93
C VAL B 142 17.26 11.51 38.01
N ARG B 143 16.75 11.67 39.24
CA ARG B 143 17.39 11.06 40.40
C ARG B 143 16.44 10.92 41.59
N GLU B 144 15.20 11.37 41.44
CA GLU B 144 14.17 11.14 42.49
C GLU B 144 13.08 10.27 41.86
N PRO B 145 12.62 9.27 42.60
CA PRO B 145 11.58 8.39 42.10
C PRO B 145 10.26 9.13 41.86
N MET B 146 9.61 8.77 40.76
CA MET B 146 8.24 9.16 40.51
C MET B 146 7.49 7.85 40.61
N GLN B 147 6.97 7.54 41.81
CA GLN B 147 6.39 6.24 42.09
C GLN B 147 4.96 6.12 41.58
N THR B 148 4.72 5.09 40.76
CA THR B 148 3.41 4.84 40.20
C THR B 148 2.53 4.06 41.19
N GLY B 149 3.17 3.19 41.97
CA GLY B 149 2.44 2.31 42.89
C GLY B 149 2.21 0.95 42.26
N ILE B 150 2.73 0.78 41.03
CA ILE B 150 2.54 -0.43 40.22
C ILE B 150 3.83 -1.24 40.20
N LYS B 151 3.75 -2.46 40.71
CA LYS B 151 4.94 -3.29 40.92
C LYS B 151 5.76 -3.48 39.64
N ALA B 152 5.09 -3.81 38.53
CA ALA B 152 5.76 -4.05 37.26
C ALA B 152 6.50 -2.80 36.79
N VAL B 153 5.91 -1.63 37.01
CA VAL B 153 6.54 -0.36 36.61
C VAL B 153 7.65 0.09 37.57
N ASP B 154 7.34 0.14 38.87
CA ASP B 154 8.32 0.62 39.86
C ASP B 154 9.51 -0.31 39.99
N SER B 155 9.35 -1.58 39.62
CA SER B 155 10.49 -2.51 39.66
C SER B 155 11.21 -2.70 38.32
N LEU B 156 10.46 -2.72 37.23
CA LEU B 156 11.02 -3.13 35.95
C LEU B 156 11.21 -1.97 34.98
N VAL B 157 10.32 -0.99 35.06
CA VAL B 157 10.41 0.18 34.21
C VAL B 157 10.44 1.46 35.09
N PRO B 158 11.42 1.59 36.00
CA PRO B 158 11.39 2.68 36.99
C PRO B 158 11.40 4.07 36.32
N ILE B 159 10.55 4.99 36.81
CA ILE B 159 10.46 6.37 36.31
C ILE B 159 11.04 7.38 37.33
N GLY B 160 11.78 8.36 36.83
CA GLY B 160 12.33 9.44 37.65
C GLY B 160 11.58 10.73 37.38
N ARG B 161 11.63 11.63 38.36
CA ARG B 161 10.98 12.91 38.27
C ARG B 161 11.73 13.78 37.27
N GLY B 162 10.99 14.28 36.29
CA GLY B 162 11.54 15.05 35.19
C GLY B 162 11.68 14.27 33.90
N GLN B 163 11.38 12.98 33.94
CA GLN B 163 11.54 12.09 32.77
C GLN B 163 10.27 12.10 31.91
N ARG B 164 10.39 11.65 30.65
CA ARG B 164 9.22 11.40 29.77
C ARG B 164 9.15 9.90 29.52
N GLU B 165 8.04 9.27 29.90
CA GLU B 165 7.88 7.85 29.66
C GLU B 165 6.57 7.66 28.88
N LEU B 166 6.68 7.11 27.68
CA LEU B 166 5.52 6.88 26.82
C LEU B 166 4.75 5.74 27.41
N ILE B 167 3.42 5.87 27.45
CA ILE B 167 2.55 4.71 27.71
C ILE B 167 1.93 4.36 26.37
N ILE B 168 2.19 3.13 25.88
CA ILE B 168 1.80 2.80 24.50
C ILE B 168 1.13 1.44 24.34
N GLY B 169 0.03 1.39 23.57
CA GLY B 169 -0.66 0.12 23.30
C GLY B 169 -1.98 0.31 22.56
N ASP B 170 -2.58 -0.80 22.12
CA ASP B 170 -3.89 -0.73 21.44
C ASP B 170 -4.96 -0.20 22.39
N ARG B 171 -6.11 0.15 21.84
CA ARG B 171 -7.22 0.55 22.69
C ARG B 171 -7.56 -0.56 23.69
N GLN B 172 -8.00 -0.14 24.88
CA GLN B 172 -8.45 -1.05 25.92
C GLN B 172 -7.41 -2.03 26.37
N THR B 173 -6.15 -1.60 26.41
CA THR B 173 -5.09 -2.42 26.99
C THR B 173 -4.71 -2.00 28.41
N GLY B 174 -5.33 -0.93 28.93
CA GLY B 174 -5.08 -0.47 30.30
C GLY B 174 -4.18 0.76 30.46
N LYS B 175 -4.19 1.62 29.46
CA LYS B 175 -3.24 2.71 29.40
C LYS B 175 -3.62 3.82 30.37
N THR B 176 -4.85 4.31 30.24
CA THR B 176 -5.38 5.27 31.17
C THR B 176 -5.25 4.77 32.60
N SER B 177 -5.62 3.52 32.83
CA SER B 177 -5.55 2.93 34.17
C SER B 177 -4.19 3.05 34.86
N ILE B 178 -3.10 2.88 34.11
CA ILE B 178 -1.74 3.03 34.64
C ILE B 178 -1.57 4.45 35.18
N ALA B 179 -2.00 5.42 34.38
CA ALA B 179 -1.90 6.84 34.75
C ALA B 179 -2.79 7.24 35.93
N ILE B 180 -3.96 6.62 36.05
CA ILE B 180 -4.90 6.94 37.09
C ILE B 180 -4.43 6.35 38.41
N ASP B 181 -3.90 5.13 38.38
CA ASP B 181 -3.32 4.54 39.57
C ASP B 181 -2.08 5.28 40.04
N THR B 182 -1.40 5.97 39.12
CA THR B 182 -0.21 6.74 39.44
C THR B 182 -0.61 8.02 40.17
N ILE B 183 -1.61 8.71 39.59
CA ILE B 183 -2.18 9.91 40.20
C ILE B 183 -2.67 9.60 41.63
N ILE B 184 -3.46 8.54 41.78
CA ILE B 184 -3.99 8.15 43.08
C ILE B 184 -2.87 7.85 44.09
N ASN B 185 -1.82 7.16 43.62
CA ASN B 185 -0.68 6.80 44.46
C ASN B 185 -0.07 7.97 45.23
N GLN B 186 -0.16 9.18 44.66
CA GLN B 186 0.57 10.32 45.24
C GLN B 186 0.03 10.76 46.59
N LYS B 187 -1.24 10.48 46.86
CA LYS B 187 -1.87 10.78 48.12
C LYS B 187 -0.91 10.55 49.29
N ARG B 188 -0.22 9.41 49.30
CA ARG B 188 0.66 9.09 50.42
C ARG B 188 1.74 10.13 50.74
N PHE B 189 2.24 10.84 49.71
CA PHE B 189 3.29 11.86 49.89
C PHE B 189 2.69 13.25 50.07
N ASN B 190 1.60 13.51 49.35
CA ASN B 190 0.92 14.80 49.36
C ASN B 190 0.17 15.08 50.68
N ASP B 191 -0.07 14.04 51.46
CA ASP B 191 -0.66 14.13 52.79
C ASP B 191 0.40 14.38 53.86
N GLY B 192 1.66 14.47 53.44
CA GLY B 192 2.74 14.92 54.31
C GLY B 192 2.88 16.44 54.29
N THR B 193 4.04 16.93 54.70
CA THR B 193 4.35 18.38 54.74
C THR B 193 5.73 18.68 54.17
N ASP B 194 6.32 17.67 53.52
CA ASP B 194 7.64 17.74 52.87
C ASP B 194 7.48 18.09 51.39
N GLU B 195 7.39 19.39 51.10
CA GLU B 195 7.12 19.88 49.73
C GLU B 195 7.99 19.26 48.63
N LYS B 196 9.13 18.70 49.03
CA LYS B 196 10.09 18.09 48.09
C LYS B 196 9.66 16.69 47.65
N LYS B 197 8.95 15.98 48.52
CA LYS B 197 8.44 14.64 48.21
C LYS B 197 7.06 14.64 47.55
N LYS B 198 6.36 15.77 47.58
CA LYS B 198 5.00 15.85 47.02
C LYS B 198 5.05 15.79 45.50
N LEU B 199 3.92 15.39 44.89
CA LEU B 199 3.78 15.38 43.43
C LEU B 199 2.42 15.88 42.96
N TYR B 200 2.41 16.99 42.27
CA TYR B 200 1.15 17.54 41.77
C TYR B 200 0.83 17.02 40.37
N CYS B 201 -0.42 16.61 40.15
CA CYS B 201 -0.79 15.90 38.94
C CYS B 201 -1.66 16.72 38.02
N ILE B 202 -1.43 16.57 36.73
CA ILE B 202 -2.26 17.15 35.69
C ILE B 202 -2.67 16.05 34.70
N TYR B 203 -3.97 15.95 34.46
CA TYR B 203 -4.48 15.01 33.48
C TYR B 203 -5.06 15.81 32.33
N VAL B 204 -4.42 15.75 31.16
CA VAL B 204 -4.97 16.38 29.98
C VAL B 204 -5.73 15.34 29.14
N ALA B 205 -7.03 15.55 29.00
CA ALA B 205 -7.93 14.66 28.28
C ALA B 205 -8.10 15.23 26.88
N ILE B 206 -7.65 14.47 25.86
CA ILE B 206 -7.71 14.91 24.45
C ILE B 206 -8.56 13.96 23.59
N GLY B 207 -9.75 14.41 23.23
CA GLY B 207 -10.58 13.69 22.28
C GLY B 207 -11.44 12.56 22.85
N GLN B 208 -11.30 12.25 24.13
CA GLN B 208 -12.10 11.19 24.79
C GLN B 208 -13.55 11.59 24.91
N LYS B 209 -14.39 10.67 25.36
CA LYS B 209 -15.77 11.02 25.71
C LYS B 209 -15.79 11.82 27.00
N ARG B 210 -16.60 12.88 27.03
CA ARG B 210 -16.80 13.73 28.21
C ARG B 210 -17.29 12.93 29.42
N SER B 211 -18.20 12.00 29.17
CA SER B 211 -18.70 11.11 30.22
C SER B 211 -17.56 10.32 30.88
N THR B 212 -16.54 10.00 30.08
CA THR B 212 -15.36 9.28 30.58
C THR B 212 -14.52 10.15 31.52
N VAL B 213 -14.35 11.42 31.13
CA VAL B 213 -13.64 12.40 31.91
C VAL B 213 -14.39 12.65 33.24
N ALA B 214 -15.64 13.09 33.12
CA ALA B 214 -16.58 13.15 34.25
C ALA B 214 -16.51 11.96 35.23
N GLN B 215 -16.44 10.74 34.69
CA GLN B 215 -16.34 9.56 35.56
C GLN B 215 -14.97 9.46 36.22
N LEU B 216 -13.95 9.97 35.53
CA LEU B 216 -12.60 9.92 36.03
C LEU B 216 -12.42 10.90 37.21
N VAL B 217 -12.94 12.12 37.08
CA VAL B 217 -12.77 13.08 38.16
C VAL B 217 -13.56 12.64 39.41
N LYS B 218 -14.66 11.91 39.19
CA LYS B 218 -15.43 11.29 40.27
C LYS B 218 -14.60 10.26 41.03
N ARG B 219 -13.86 9.47 40.27
CA ARG B 219 -13.02 8.42 40.81
C ARG B 219 -11.85 9.04 41.56
N LEU B 220 -11.34 10.18 41.05
CA LEU B 220 -10.25 10.85 41.74
C LEU B 220 -10.76 11.52 43.01
N THR B 221 -11.98 12.04 42.93
CA THR B 221 -12.69 12.63 44.06
C THR B 221 -12.95 11.62 45.18
N ASP B 222 -13.48 10.45 44.84
CA ASP B 222 -13.63 9.36 45.79
C ASP B 222 -12.30 8.90 46.38
N ALA B 223 -11.24 8.84 45.57
CA ALA B 223 -9.93 8.40 46.08
C ALA B 223 -9.21 9.52 46.82
N ASP B 224 -9.86 10.69 46.85
CA ASP B 224 -9.33 11.95 47.41
C ASP B 224 -8.00 12.34 46.79
N ALA B 225 -7.87 12.12 45.50
CA ALA B 225 -6.69 12.51 44.73
C ALA B 225 -6.96 13.80 43.98
N MET B 226 -8.22 14.15 43.85
CA MET B 226 -8.59 15.33 43.06
C MET B 226 -8.02 16.63 43.62
N LYS B 227 -7.82 16.70 44.95
CA LYS B 227 -7.34 17.95 45.58
C LYS B 227 -5.96 18.40 45.10
N TYR B 228 -5.16 17.44 44.65
CA TYR B 228 -3.86 17.74 44.08
C TYR B 228 -3.72 17.51 42.55
N THR B 229 -4.85 17.52 41.85
CA THR B 229 -4.88 17.26 40.42
C THR B 229 -5.59 18.39 39.67
N ILE B 230 -5.04 18.79 38.52
CA ILE B 230 -5.77 19.60 37.57
C ILE B 230 -6.18 18.70 36.40
N VAL B 231 -7.41 18.88 35.94
CA VAL B 231 -7.91 18.19 34.74
C VAL B 231 -8.16 19.24 33.67
N VAL B 232 -7.44 19.11 32.56
CA VAL B 232 -7.61 19.99 31.39
C VAL B 232 -8.32 19.11 30.35
N SER B 233 -9.44 19.59 29.82
CA SER B 233 -10.35 18.73 29.09
C SER B 233 -10.72 19.31 27.77
N ALA B 234 -10.41 18.58 26.69
CA ALA B 234 -10.93 18.90 25.36
C ALA B 234 -11.29 17.59 24.74
N THR B 235 -12.57 17.28 24.77
CA THR B 235 -13.09 15.96 24.43
C THR B 235 -13.61 15.90 23.00
N ALA B 236 -14.12 14.73 22.61
CA ALA B 236 -14.49 14.40 21.21
C ALA B 236 -15.32 15.43 20.47
N SER B 237 -16.14 16.19 21.20
CA SER B 237 -17.00 17.18 20.58
C SER B 237 -16.43 18.60 20.56
N ASP B 238 -15.31 18.81 21.25
CA ASP B 238 -14.61 20.11 21.15
C ASP B 238 -13.93 20.30 19.80
N ALA B 239 -13.87 21.54 19.35
CA ALA B 239 -13.25 21.83 18.08
C ALA B 239 -11.78 21.37 18.07
N ALA B 240 -11.31 20.89 16.91
CA ALA B 240 -9.92 20.42 16.77
C ALA B 240 -8.88 21.35 17.41
N PRO B 241 -8.93 22.67 17.18
CA PRO B 241 -7.94 23.58 17.79
C PRO B 241 -7.85 23.54 19.34
N LEU B 242 -8.95 23.25 20.02
CA LEU B 242 -8.94 23.15 21.47
C LEU B 242 -8.27 21.84 21.90
N GLN B 243 -8.53 20.80 21.11
CA GLN B 243 -7.84 19.50 21.29
C GLN B 243 -6.33 19.67 21.08
N TYR B 244 -5.94 20.38 20.04
CA TYR B 244 -4.54 20.66 19.77
C TYR B 244 -3.88 21.45 20.91
N LEU B 245 -4.61 22.44 21.44
CA LEU B 245 -4.06 23.41 22.38
C LEU B 245 -3.89 22.81 23.76
N ALA B 246 -4.82 21.92 24.11
CA ALA B 246 -4.91 21.39 25.48
C ALA B 246 -3.60 20.92 26.12
N PRO B 247 -2.76 20.14 25.41
CA PRO B 247 -1.52 19.66 26.02
C PRO B 247 -0.59 20.79 26.45
N TYR B 248 -0.49 21.82 25.61
CA TYR B 248 0.38 22.96 25.87
C TYR B 248 -0.14 23.76 27.07
N SER B 249 -1.45 23.94 27.10
CA SER B 249 -2.11 24.53 28.25
C SER B 249 -1.82 23.76 29.52
N GLY B 250 -1.99 22.44 29.51
CA GLY B 250 -1.71 21.63 30.69
C GLY B 250 -0.24 21.72 31.05
N CYS B 251 0.61 21.64 30.02
CA CYS B 251 2.06 21.72 30.23
C CYS B 251 2.45 23.02 30.98
N SER B 252 2.08 24.18 30.46
CA SER B 252 2.22 25.49 31.13
C SER B 252 1.87 25.46 32.64
N MET B 253 0.70 24.94 32.95
CA MET B 253 0.33 24.71 34.34
C MET B 253 1.31 23.84 35.10
N GLY B 254 1.97 22.91 34.41
CA GLY B 254 2.94 22.02 35.09
C GLY B 254 4.26 22.72 35.33
N GLU B 255 4.63 23.57 34.37
CA GLU B 255 5.84 24.37 34.43
C GLU B 255 5.85 25.38 35.61
N TYR B 256 4.67 25.87 36.00
CA TYR B 256 4.54 26.64 37.24
C TYR B 256 5.19 25.88 38.41
N PHE B 257 4.82 24.63 38.60
CA PHE B 257 5.42 23.82 39.66
C PHE B 257 6.90 23.57 39.42
N ARG B 258 7.24 23.13 38.21
CA ARG B 258 8.63 22.84 37.83
C ARG B 258 9.55 24.01 38.11
N ASP B 259 9.04 25.22 37.90
CA ASP B 259 9.85 26.42 37.97
C ASP B 259 9.92 27.04 39.38
N ASN B 260 9.17 26.48 40.31
CA ASN B 260 9.14 27.00 41.68
C ASN B 260 9.54 25.96 42.71
N GLY B 261 10.51 25.12 42.36
CA GLY B 261 11.00 24.08 43.23
C GLY B 261 10.00 23.00 43.61
N LYS B 262 8.92 22.89 42.83
CA LYS B 262 7.93 21.84 43.05
C LYS B 262 7.96 20.79 41.94
N HIS B 263 7.31 19.65 42.20
CA HIS B 263 7.27 18.52 41.29
C HIS B 263 5.85 18.25 40.81
N ALA B 264 5.68 18.36 39.50
CA ALA B 264 4.42 17.98 38.85
C ALA B 264 4.57 16.76 37.92
N LEU B 265 3.44 16.18 37.57
CA LEU B 265 3.35 15.02 36.71
C LEU B 265 2.24 15.37 35.75
N ILE B 266 2.50 15.25 34.46
CA ILE B 266 1.45 15.49 33.47
C ILE B 266 1.20 14.27 32.59
N ILE B 267 -0.08 14.02 32.32
CA ILE B 267 -0.50 12.93 31.48
C ILE B 267 -1.24 13.52 30.32
N TYR B 268 -0.80 13.17 29.11
CA TYR B 268 -1.45 13.57 27.88
C TYR B 268 -2.15 12.35 27.37
N ASP B 269 -3.46 12.35 27.58
CA ASP B 269 -4.31 11.23 27.24
C ASP B 269 -5.38 11.63 26.22
N ASP B 270 -5.10 11.53 24.90
CA ASP B 270 -3.84 10.97 24.39
C ASP B 270 -3.27 11.77 23.23
N LEU B 271 -1.98 11.57 22.97
CA LEU B 271 -1.29 12.36 21.93
C LEU B 271 -1.62 11.92 20.48
N SER B 272 -2.16 10.70 20.30
CA SER B 272 -2.66 10.24 19.01
C SER B 272 -3.83 11.09 18.59
N LYS B 273 -4.71 11.37 19.54
CA LYS B 273 -5.92 12.11 19.24
C LYS B 273 -5.61 13.56 18.97
N GLN B 274 -4.60 14.08 19.67
CA GLN B 274 -4.07 15.42 19.43
C GLN B 274 -3.49 15.53 18.01
N ALA B 275 -2.69 14.54 17.63
CA ALA B 275 -2.12 14.53 16.28
C ALA B 275 -3.24 14.52 15.21
N VAL B 276 -4.28 13.71 15.43
CA VAL B 276 -5.43 13.67 14.51
C VAL B 276 -6.08 15.07 14.42
N ALA B 277 -6.21 15.74 15.56
CA ALA B 277 -6.70 17.13 15.63
C ALA B 277 -5.87 18.08 14.79
N TYR B 278 -4.56 17.95 14.94
CA TYR B 278 -3.62 18.77 14.20
C TYR B 278 -3.62 18.53 12.69
N ARG B 279 -3.71 17.24 12.30
CA ARG B 279 -3.84 16.85 10.89
C ARG B 279 -5.13 17.42 10.37
N GLN B 280 -6.21 17.33 11.15
CA GLN B 280 -7.46 17.97 10.69
C GLN B 280 -7.18 19.43 10.33
N MET B 281 -6.58 20.18 11.27
CA MET B 281 -6.31 21.61 11.07
C MET B 281 -5.37 21.87 9.91
N SER B 282 -4.31 21.04 9.80
CA SER B 282 -3.30 21.23 8.74
C SER B 282 -3.85 20.98 7.34
N LEU B 283 -4.75 19.99 7.21
CA LEU B 283 -5.34 19.67 5.90
C LEU B 283 -6.34 20.74 5.50
N LEU B 284 -7.12 21.24 6.48
CA LEU B 284 -7.98 22.38 6.20
C LEU B 284 -7.16 23.61 5.80
N LEU B 285 -5.96 23.76 6.35
CA LEU B 285 -5.05 24.79 5.84
C LEU B 285 -4.39 24.47 4.51
N ARG B 286 -4.70 23.32 3.90
CA ARG B 286 -4.05 22.86 2.64
C ARG B 286 -2.52 22.75 2.73
N ARG B 287 -2.03 22.34 3.90
CA ARG B 287 -0.61 22.01 4.06
C ARG B 287 -0.40 20.62 3.43
N PRO B 288 0.77 20.37 2.82
CA PRO B 288 1.03 19.09 2.13
C PRO B 288 1.00 17.87 3.06
N PRO B 289 0.13 16.91 2.78
CA PRO B 289 0.07 15.67 3.54
C PRO B 289 1.28 14.76 3.23
N GLY B 290 1.78 14.10 4.26
CA GLY B 290 2.92 13.22 4.10
C GLY B 290 2.48 11.83 4.53
N ARG B 291 3.29 11.21 5.35
CA ARG B 291 3.03 9.87 5.77
C ARG B 291 1.71 9.88 6.54
N GLU B 292 0.78 9.00 6.12
CA GLU B 292 -0.55 8.84 6.73
C GLU B 292 -1.34 10.14 6.69
N ALA B 293 -1.02 10.96 5.69
CA ALA B 293 -1.66 12.25 5.48
C ALA B 293 -1.35 13.32 6.57
N TYR B 294 -0.44 13.01 7.49
CA TYR B 294 0.12 13.95 8.49
C TYR B 294 1.05 15.00 7.86
N PRO B 295 0.96 16.23 8.39
CA PRO B 295 1.82 17.32 7.95
C PRO B 295 3.26 17.06 8.37
N GLY B 296 4.23 17.70 7.71
CA GLY B 296 5.65 17.51 8.03
C GLY B 296 6.04 17.88 9.45
N ASP B 297 5.19 18.67 10.12
CA ASP B 297 5.53 19.20 11.45
C ASP B 297 4.80 18.49 12.58
N VAL B 298 4.25 17.32 12.28
CA VAL B 298 3.61 16.56 13.31
C VAL B 298 4.66 16.06 14.34
N PHE B 299 5.91 15.89 13.91
CA PHE B 299 6.94 15.46 14.88
C PHE B 299 7.26 16.59 15.89
N TYR B 300 7.42 17.81 15.37
CA TYR B 300 7.70 19.01 16.15
C TYR B 300 6.58 19.31 17.14
N LEU B 301 5.34 19.05 16.76
CA LEU B 301 4.15 19.20 17.61
C LEU B 301 4.34 18.55 18.97
N HIS B 302 4.85 17.33 18.94
CA HIS B 302 5.04 16.52 20.13
C HIS B 302 6.41 16.78 20.73
N SER B 303 7.42 17.05 19.89
CA SER B 303 8.77 17.25 20.43
C SER B 303 8.86 18.52 21.31
N ARG B 304 8.31 19.64 20.81
CA ARG B 304 8.40 20.88 21.60
C ARG B 304 7.60 20.78 22.91
N LEU B 305 6.51 20.03 22.89
CA LEU B 305 5.71 19.79 24.07
C LEU B 305 6.44 18.95 25.13
N LEU B 306 6.98 17.81 24.72
CA LEU B 306 7.58 16.86 25.65
C LEU B 306 8.97 17.25 26.14
N GLU B 307 9.68 18.07 25.36
CA GLU B 307 10.94 18.70 25.84
C GLU B 307 10.74 19.51 27.14
N ARG B 308 9.55 20.04 27.37
CA ARG B 308 9.24 20.89 28.53
C ARG B 308 9.18 20.10 29.83
N ALA B 309 9.01 18.78 29.73
CA ALA B 309 9.16 17.95 30.89
C ALA B 309 10.67 17.87 31.13
N ALA B 310 11.10 18.32 32.31
CA ALA B 310 12.52 18.42 32.65
C ALA B 310 12.75 18.24 34.15
N LYS B 311 13.98 17.87 34.50
CA LYS B 311 14.47 17.89 35.87
C LYS B 311 15.42 19.08 36.00
N MET B 312 15.08 20.03 36.85
CA MET B 312 15.86 21.26 37.05
C MET B 312 16.90 21.02 38.11
N ASN B 313 18.10 21.57 37.93
CA ASN B 313 19.09 21.47 39.00
C ASN B 313 18.77 22.40 40.21
N ASP B 314 19.49 22.21 41.31
CA ASP B 314 19.34 23.06 42.49
C ASP B 314 19.44 24.55 42.21
N ALA B 315 20.39 24.97 41.36
CA ALA B 315 20.46 26.37 40.93
C ALA B 315 19.19 26.95 40.32
N PHE B 316 18.32 26.10 39.78
CA PHE B 316 17.05 26.60 39.24
C PHE B 316 15.83 26.11 40.03
N GLY B 317 16.08 25.66 41.26
CA GLY B 317 15.03 25.32 42.24
C GLY B 317 14.87 23.85 42.57
N GLY B 318 15.44 22.98 41.74
CA GLY B 318 15.35 21.53 41.95
C GLY B 318 14.02 20.91 41.58
N GLY B 319 13.12 21.70 41.03
CA GLY B 319 11.80 21.18 40.65
C GLY B 319 11.86 20.30 39.40
N SER B 320 10.71 19.72 39.04
CA SER B 320 10.59 18.88 37.86
C SER B 320 9.14 18.76 37.33
N LEU B 321 9.04 18.56 36.01
CA LEU B 321 7.79 18.10 35.34
C LEU B 321 8.07 16.75 34.67
N THR B 322 7.28 15.75 35.06
CA THR B 322 7.32 14.40 34.51
C THR B 322 6.12 14.20 33.60
N ALA B 323 6.36 13.70 32.38
CA ALA B 323 5.28 13.54 31.39
C ALA B 323 5.04 12.07 31.04
N LEU B 324 3.77 11.69 31.04
CA LEU B 324 3.37 10.37 30.60
C LEU B 324 2.39 10.51 29.45
N PRO B 325 2.90 10.72 28.23
CA PRO B 325 2.06 10.79 27.08
C PRO B 325 1.53 9.39 26.77
N VAL B 326 0.35 9.34 26.19
CA VAL B 326 -0.28 8.08 25.85
C VAL B 326 -0.36 8.10 24.33
N ILE B 327 -0.04 6.96 23.73
CA ILE B 327 -0.17 6.76 22.28
C ILE B 327 -0.98 5.49 22.07
N GLU B 328 -1.98 5.56 21.20
CA GLU B 328 -2.75 4.37 20.87
C GLU B 328 -2.23 3.77 19.55
N THR B 329 -1.68 2.57 19.60
CA THR B 329 -1.30 1.83 18.38
C THR B 329 -2.53 1.18 17.76
N GLN B 330 -2.45 0.88 16.47
CA GLN B 330 -3.44 0.08 15.75
C GLN B 330 -2.86 -1.31 15.60
N ALA B 331 -3.48 -2.28 16.27
CA ALA B 331 -3.12 -3.70 16.20
C ALA B 331 -1.64 -4.00 16.51
N GLY B 332 -1.11 -3.34 17.55
CA GLY B 332 0.24 -3.63 18.04
C GLY B 332 1.35 -3.02 17.18
N ASP B 333 0.99 -2.28 16.13
CA ASP B 333 1.98 -1.70 15.22
C ASP B 333 2.74 -0.49 15.82
N VAL B 334 3.85 -0.79 16.50
CA VAL B 334 4.65 0.24 17.15
C VAL B 334 5.60 0.97 16.18
N SER B 335 5.71 0.42 14.96
CA SER B 335 6.58 0.96 13.92
C SER B 335 5.92 2.05 13.13
N ALA B 336 4.64 2.30 13.38
CA ALA B 336 3.92 3.32 12.60
C ALA B 336 4.51 4.71 12.83
N TYR B 337 4.03 5.70 12.09
CA TYR B 337 4.66 7.00 12.04
C TYR B 337 4.58 7.80 13.36
N ILE B 338 3.38 7.94 13.90
CA ILE B 338 3.21 8.68 15.16
C ILE B 338 3.85 7.95 16.34
N PRO B 339 3.54 6.67 16.58
CA PRO B 339 4.31 5.92 17.58
C PRO B 339 5.83 6.10 17.49
N THR B 340 6.44 5.93 16.31
CA THR B 340 7.88 6.06 16.24
C THR B 340 8.37 7.48 16.58
N ASN B 341 7.68 8.49 16.03
CA ASN B 341 7.87 9.90 16.41
C ASN B 341 8.00 10.09 17.92
N VAL B 342 7.04 9.58 18.68
CA VAL B 342 7.03 9.78 20.14
C VAL B 342 8.07 8.92 20.85
N ILE B 343 8.33 7.71 20.35
CA ILE B 343 9.38 6.88 20.93
C ILE B 343 10.71 7.62 20.82
N SER B 344 10.93 8.25 19.65
CA SER B 344 12.12 9.05 19.39
C SER B 344 12.17 10.39 20.15
N ILE B 345 11.13 10.68 20.91
CA ILE B 345 11.10 11.85 21.78
C ILE B 345 11.29 11.45 23.23
N THR B 346 10.53 10.45 23.69
CA THR B 346 10.52 10.17 25.11
C THR B 346 11.78 9.39 25.58
N ASP B 347 11.84 9.12 26.89
CA ASP B 347 13.00 8.47 27.48
C ASP B 347 12.69 7.00 27.81
N GLY B 348 12.06 6.31 26.87
CA GLY B 348 11.59 4.93 27.08
C GLY B 348 10.07 4.83 26.93
N GLN B 349 9.54 3.63 27.11
CA GLN B 349 8.14 3.33 26.85
C GLN B 349 7.67 2.19 27.75
N ILE B 350 6.39 2.23 28.10
CA ILE B 350 5.73 1.10 28.70
C ILE B 350 4.76 0.66 27.63
N PHE B 351 4.99 -0.56 27.16
CA PHE B 351 4.22 -1.16 26.09
C PHE B 351 3.21 -2.17 26.60
N LEU B 352 1.94 -1.85 26.39
CA LEU B 352 0.87 -2.72 26.80
C LEU B 352 0.32 -3.52 25.62
N GLU B 353 0.02 -4.79 25.86
CA GLU B 353 -0.31 -5.74 24.80
C GLU B 353 -1.67 -6.38 25.00
N THR B 354 -2.47 -6.40 23.92
CA THR B 354 -3.79 -7.02 23.93
C THR B 354 -3.73 -8.49 24.34
N GLU B 355 -2.76 -9.23 23.79
CA GLU B 355 -2.65 -10.66 24.09
C GLU B 355 -2.45 -10.94 25.57
N LEU B 356 -1.61 -10.12 26.22
CA LEU B 356 -1.34 -10.26 27.65
C LEU B 356 -2.59 -9.92 28.43
N PHE B 357 -3.26 -8.86 28.02
CA PHE B 357 -4.51 -8.44 28.63
C PHE B 357 -5.58 -9.53 28.53
N TYR B 358 -5.73 -10.11 27.35
CA TYR B 358 -6.69 -11.18 27.11
C TYR B 358 -6.45 -12.35 28.07
N LYS B 359 -5.21 -12.85 28.10
CA LYS B 359 -4.76 -13.85 29.04
C LYS B 359 -4.97 -13.53 30.54
N GLY B 360 -5.42 -12.31 30.85
CA GLY B 360 -5.49 -11.85 32.25
C GLY B 360 -4.16 -11.54 32.94
N ILE B 361 -3.09 -11.37 32.15
CA ILE B 361 -1.85 -10.79 32.68
C ILE B 361 -2.05 -9.27 32.71
N ARG B 362 -2.29 -8.76 33.92
CA ARG B 362 -2.81 -7.42 34.11
C ARG B 362 -2.20 -6.78 35.37
N PRO B 363 -1.47 -5.66 35.22
CA PRO B 363 -1.39 -4.86 33.97
C PRO B 363 -0.69 -5.57 32.79
N ALA B 364 -1.17 -5.32 31.57
CA ALA B 364 -0.70 -6.00 30.37
C ALA B 364 0.64 -5.51 29.83
N ILE B 365 1.64 -5.39 30.71
CA ILE B 365 2.94 -4.83 30.33
C ILE B 365 3.87 -5.87 29.68
N ASN B 366 4.26 -5.65 28.43
CA ASN B 366 5.31 -6.45 27.84
C ASN B 366 6.66 -6.00 28.37
N VAL B 367 7.19 -6.77 29.31
CA VAL B 367 8.43 -6.40 29.99
C VAL B 367 9.62 -6.27 29.04
N GLY B 368 9.73 -7.16 28.07
CA GLY B 368 10.87 -7.16 27.15
C GLY B 368 10.90 -6.01 26.16
N LEU B 369 9.74 -5.51 25.77
CA LEU B 369 9.65 -4.38 24.83
C LEU B 369 9.54 -3.00 25.53
N SER B 370 9.38 -3.03 26.84
CA SER B 370 9.31 -1.83 27.65
C SER B 370 10.70 -1.43 28.14
N VAL B 371 10.90 -0.13 28.34
CA VAL B 371 12.19 0.38 28.77
C VAL B 371 12.02 1.70 29.49
N SER B 372 12.87 1.93 30.49
CA SER B 372 13.15 3.29 30.97
C SER B 372 14.61 3.64 30.68
N ARG B 373 14.83 4.64 29.83
CA ARG B 373 16.20 4.98 29.45
C ARG B 373 16.97 5.66 30.60
N VAL B 374 16.27 6.36 31.48
CA VAL B 374 16.92 7.19 32.49
C VAL B 374 16.45 6.91 33.93
N GLY B 375 15.48 6.02 34.09
CA GLY B 375 14.84 5.84 35.39
C GLY B 375 15.60 5.04 36.44
N SER B 376 16.54 4.20 36.01
CA SER B 376 17.29 3.35 36.93
C SER B 376 18.07 4.12 38.01
N ALA B 377 18.67 5.24 37.65
CA ALA B 377 19.33 6.10 38.63
C ALA B 377 18.36 6.68 39.66
N ALA B 378 17.07 6.63 39.36
CA ALA B 378 16.07 7.22 40.25
C ALA B 378 15.32 6.21 41.12
N GLN B 379 15.58 4.92 40.93
CA GLN B 379 14.94 3.85 41.71
C GLN B 379 15.56 3.78 43.10
N THR B 380 14.75 3.51 44.13
CA THR B 380 15.26 3.33 45.50
C THR B 380 16.14 2.09 45.59
N ARG B 381 17.15 2.16 46.47
CA ARG B 381 18.09 1.07 46.65
C ARG B 381 17.35 -0.18 47.17
N ALA B 382 16.37 0.05 48.05
CA ALA B 382 15.47 -1.01 48.53
C ALA B 382 14.86 -1.82 47.38
N MET B 383 14.38 -1.13 46.35
CA MET B 383 13.83 -1.79 45.16
C MET B 383 14.92 -2.42 44.27
N LYS B 384 16.02 -1.69 44.07
CA LYS B 384 17.17 -2.23 43.32
C LYS B 384 17.71 -3.52 43.91
N GLN B 385 17.63 -3.66 45.23
CA GLN B 385 18.11 -4.85 45.93
C GLN B 385 17.32 -6.13 45.62
N VAL B 386 16.04 -5.98 45.28
CA VAL B 386 15.19 -7.11 44.87
C VAL B 386 14.86 -7.14 43.36
N ALA B 387 14.80 -5.95 42.74
CA ALA B 387 14.36 -5.81 41.35
C ALA B 387 15.38 -6.27 40.30
N GLY B 388 16.66 -6.00 40.54
CA GLY B 388 17.74 -6.42 39.65
C GLY B 388 17.73 -7.91 39.32
N THR B 389 17.62 -8.74 40.36
CA THR B 389 17.58 -10.21 40.22
C THR B 389 16.25 -10.74 39.63
N MET B 390 15.14 -10.06 39.95
CA MET B 390 13.85 -10.36 39.30
C MET B 390 13.89 -10.08 37.80
N LYS B 391 14.48 -8.96 37.44
CA LYS B 391 14.70 -8.62 36.05
C LYS B 391 15.48 -9.75 35.41
N LEU B 392 16.60 -10.12 36.05
CA LEU B 392 17.42 -11.21 35.54
C LEU B 392 16.64 -12.53 35.41
N GLU B 393 15.93 -12.92 36.47
CA GLU B 393 15.19 -14.18 36.48
C GLU B 393 14.03 -14.25 35.50
N LEU B 394 13.35 -13.12 35.29
CA LEU B 394 12.34 -13.02 34.23
C LEU B 394 12.97 -13.07 32.85
N ALA B 395 14.16 -12.47 32.72
CA ALA B 395 14.92 -12.52 31.46
C ALA B 395 15.32 -13.95 31.05
N GLN B 396 15.81 -14.72 32.03
CA GLN B 396 16.17 -16.14 31.86
C GLN B 396 14.95 -16.98 31.48
N TYR B 397 13.84 -16.69 32.15
CA TYR B 397 12.55 -17.38 31.96
C TYR B 397 11.91 -17.10 30.58
N ARG B 398 12.13 -15.91 30.05
CA ARG B 398 11.65 -15.57 28.72
C ARG B 398 12.29 -16.43 27.63
N GLU B 399 13.58 -16.75 27.81
CA GLU B 399 14.32 -17.58 26.85
C GLU B 399 13.73 -18.97 26.65
N VAL B 400 12.96 -19.45 27.63
CA VAL B 400 12.49 -20.84 27.63
C VAL B 400 10.97 -21.03 27.87
N ALA B 401 10.16 -20.05 27.48
CA ALA B 401 8.71 -20.09 27.75
C ALA B 401 7.97 -21.15 26.92
N LEU B 410 13.67 -32.35 29.79
CA LEU B 410 13.25 -31.36 30.78
C LEU B 410 14.17 -31.41 32.00
N ASP B 411 15.38 -30.86 31.87
CA ASP B 411 16.37 -30.91 32.95
C ASP B 411 16.08 -29.92 34.08
N ALA B 412 16.42 -30.33 35.31
CA ALA B 412 16.10 -29.58 36.53
C ALA B 412 16.73 -28.18 36.61
N ALA B 413 17.82 -27.98 35.88
CA ALA B 413 18.51 -26.68 35.85
C ALA B 413 17.63 -25.57 35.24
N THR B 414 16.97 -25.89 34.12
CA THR B 414 16.11 -24.94 33.40
C THR B 414 14.64 -25.08 33.82
N GLN B 415 14.33 -26.16 34.52
CA GLN B 415 12.99 -26.38 35.07
C GLN B 415 12.76 -25.40 36.21
N GLN B 416 13.84 -25.09 36.93
CA GLN B 416 13.86 -24.05 37.96
C GLN B 416 13.61 -22.67 37.37
N LEU B 417 14.19 -22.40 36.20
CA LEU B 417 14.03 -21.12 35.51
C LEU B 417 12.58 -20.81 35.14
N LEU B 418 11.85 -21.83 34.72
CA LEU B 418 10.44 -21.67 34.34
C LEU B 418 9.53 -21.51 35.55
N SER B 419 9.81 -22.29 36.60
CA SER B 419 9.01 -22.25 37.83
C SER B 419 9.09 -20.89 38.51
N ARG B 420 10.30 -20.38 38.69
CA ARG B 420 10.51 -19.06 39.26
C ARG B 420 9.80 -17.99 38.43
N GLY B 421 9.96 -18.10 37.10
CA GLY B 421 9.39 -17.16 36.13
C GLY B 421 7.87 -17.06 36.14
N VAL B 422 7.18 -18.21 36.18
CA VAL B 422 5.72 -18.21 36.25
C VAL B 422 5.25 -17.58 37.56
N ARG B 423 6.05 -17.73 38.59
CA ARG B 423 5.72 -17.21 39.92
C ARG B 423 5.94 -15.71 40.01
N LEU B 424 7.10 -15.24 39.53
CA LEU B 424 7.36 -13.79 39.45
C LEU B 424 6.32 -13.09 38.58
N THR B 425 5.92 -13.74 37.50
CA THR B 425 4.87 -13.22 36.63
C THR B 425 3.61 -12.96 37.42
N GLU B 426 3.25 -13.89 38.31
CA GLU B 426 2.05 -13.77 39.14
C GLU B 426 2.14 -12.61 40.12
N LEU B 427 3.33 -12.45 40.71
CA LEU B 427 3.64 -11.33 41.61
C LEU B 427 3.44 -9.97 40.96
N LEU B 428 3.61 -9.90 39.64
CA LEU B 428 3.48 -8.65 38.88
C LEU B 428 2.04 -8.31 38.46
N LYS B 429 1.12 -9.25 38.69
CA LYS B 429 -0.30 -8.98 38.44
C LYS B 429 -0.78 -8.06 39.53
N GLN B 430 -1.73 -7.20 39.21
CA GLN B 430 -2.17 -6.18 40.14
C GLN B 430 -3.51 -5.62 39.71
N GLY B 431 -4.43 -5.55 40.67
CA GLY B 431 -5.74 -4.98 40.41
C GLY B 431 -5.68 -3.47 40.31
N GLN B 432 -6.83 -2.86 40.06
CA GLN B 432 -6.90 -1.45 39.88
C GLN B 432 -7.25 -0.76 41.20
N TYR B 433 -6.78 0.48 41.33
CA TYR B 433 -7.19 1.43 42.39
C TYR B 433 -6.55 1.21 43.75
N SER B 434 -5.60 0.28 43.84
CA SER B 434 -4.81 0.12 45.05
C SER B 434 -3.31 0.13 44.77
N PRO B 435 -2.75 1.29 44.38
CA PRO B 435 -1.31 1.39 44.22
C PRO B 435 -0.61 1.11 45.56
N MET B 436 0.50 0.38 45.52
CA MET B 436 1.19 -0.06 46.70
C MET B 436 2.36 0.85 47.07
N ALA B 437 2.57 1.01 48.38
CA ALA B 437 3.70 1.76 48.88
C ALA B 437 4.94 1.01 48.48
N ILE B 438 6.04 1.73 48.28
CA ILE B 438 7.25 1.13 47.73
C ILE B 438 7.79 -0.02 48.60
N GLU B 439 7.74 0.18 49.91
CA GLU B 439 8.23 -0.82 50.86
C GLU B 439 7.35 -2.07 50.85
N GLU B 440 6.05 -1.90 50.62
CA GLU B 440 5.15 -3.04 50.44
C GLU B 440 5.56 -3.83 49.21
N GLN B 441 5.83 -3.11 48.11
CA GLN B 441 6.30 -3.71 46.85
C GLN B 441 7.57 -4.54 47.02
N VAL B 442 8.60 -3.98 47.67
CA VAL B 442 9.81 -4.77 47.88
C VAL B 442 9.63 -6.02 48.77
N ALA B 443 8.75 -5.95 49.79
CA ALA B 443 8.45 -7.14 50.62
C ALA B 443 7.87 -8.30 49.79
N VAL B 444 6.89 -7.96 48.95
CA VAL B 444 6.26 -8.90 48.03
C VAL B 444 7.28 -9.48 47.06
N ILE B 445 8.05 -8.63 46.40
CA ILE B 445 9.04 -9.08 45.41
C ILE B 445 10.14 -9.90 46.07
N TYR B 446 10.54 -9.49 47.26
CA TYR B 446 11.50 -10.24 48.08
C TYR B 446 11.11 -11.71 48.23
N ALA B 447 9.86 -11.95 48.62
CA ALA B 447 9.32 -13.29 48.79
C ALA B 447 9.45 -14.07 47.49
N GLY B 448 9.28 -13.38 46.37
CA GLY B 448 9.46 -13.98 45.04
C GLY B 448 10.90 -14.32 44.70
N VAL B 449 11.81 -13.37 44.87
CA VAL B 449 13.20 -13.53 44.41
C VAL B 449 14.10 -14.33 45.37
N ARG B 450 13.62 -14.57 46.59
CA ARG B 450 14.34 -15.40 47.55
C ARG B 450 13.72 -16.79 47.72
N GLY B 451 13.09 -17.28 46.64
CA GLY B 451 12.66 -18.68 46.57
C GLY B 451 11.34 -19.06 47.22
N TYR B 452 10.88 -18.24 48.17
CA TYR B 452 9.75 -18.58 49.05
C TYR B 452 8.42 -19.04 48.41
N LEU B 453 8.26 -18.84 47.11
CA LEU B 453 7.01 -19.22 46.45
C LEU B 453 7.18 -20.44 45.57
N ASP B 454 8.40 -20.98 45.53
CA ASP B 454 8.73 -22.07 44.62
C ASP B 454 8.00 -23.37 44.90
N LYS B 455 7.73 -23.65 46.18
CA LYS B 455 6.96 -24.84 46.55
C LYS B 455 5.45 -24.64 46.34
N LEU B 456 5.01 -23.39 46.24
CA LEU B 456 3.60 -23.07 46.05
C LEU B 456 3.16 -23.24 44.60
N GLU B 457 1.88 -23.53 44.42
CA GLU B 457 1.26 -23.57 43.10
C GLU B 457 1.04 -22.18 42.54
N PRO B 458 1.30 -22.02 41.23
CA PRO B 458 1.07 -20.76 40.52
C PRO B 458 -0.32 -20.17 40.74
N SER B 459 -1.34 -21.04 40.77
CA SER B 459 -2.72 -20.62 41.01
C SER B 459 -2.95 -20.05 42.41
N LYS B 460 -1.95 -20.14 43.28
CA LYS B 460 -2.08 -19.66 44.66
C LYS B 460 -1.19 -18.47 45.05
N ILE B 461 -0.39 -17.97 44.11
CA ILE B 461 0.55 -16.88 44.38
C ILE B 461 -0.19 -15.59 44.75
N THR B 462 -1.22 -15.25 43.98
CA THR B 462 -2.04 -14.08 44.28
C THR B 462 -2.67 -14.18 45.68
N LYS B 463 -3.27 -15.34 45.97
CA LYS B 463 -3.86 -15.60 47.29
C LYS B 463 -2.83 -15.37 48.39
N PHE B 464 -1.62 -15.90 48.17
CA PHE B 464 -0.53 -15.79 49.12
C PHE B 464 -0.09 -14.35 49.30
N GLU B 465 0.14 -13.67 48.19
CA GLU B 465 0.67 -12.32 48.18
C GLU B 465 -0.19 -11.38 49.00
N ASN B 466 -1.50 -11.46 48.82
CA ASN B 466 -2.45 -10.64 49.57
C ASN B 466 -2.43 -10.94 51.06
N ALA B 467 -2.62 -12.22 51.39
CA ALA B 467 -2.49 -12.69 52.77
C ALA B 467 -1.17 -12.24 53.39
N PHE B 468 -0.08 -12.39 52.65
CA PHE B 468 1.25 -12.03 53.12
C PHE B 468 1.40 -10.54 53.38
N LEU B 469 0.87 -9.74 52.46
CA LEU B 469 0.96 -8.29 52.55
C LEU B 469 0.07 -7.74 53.65
N SER B 470 -1.19 -8.18 53.70
CA SER B 470 -2.11 -7.77 54.76
C SER B 470 -1.65 -8.26 56.14
N HIS B 471 -0.69 -9.19 56.15
CA HIS B 471 -0.06 -9.65 57.39
C HIS B 471 1.09 -8.74 57.84
N VAL B 472 1.96 -8.35 56.90
CA VAL B 472 3.11 -7.49 57.22
C VAL B 472 2.72 -6.04 57.48
N ILE B 473 1.60 -5.61 56.91
CA ILE B 473 1.01 -4.32 57.27
C ILE B 473 0.38 -4.46 58.65
N SER B 474 -0.28 -5.59 58.88
CA SER B 474 -1.02 -5.85 60.11
C SER B 474 -0.12 -6.05 61.33
N GLN B 475 0.94 -6.83 61.17
CA GLN B 475 1.77 -7.21 62.31
C GLN B 475 3.12 -6.51 62.40
N HIS B 476 3.68 -6.11 61.26
CA HIS B 476 5.07 -5.66 61.20
C HIS B 476 5.24 -4.28 60.58
N GLN B 477 4.47 -3.29 61.05
CA GLN B 477 4.59 -1.91 60.57
C GLN B 477 5.98 -1.29 60.74
N ALA B 478 6.71 -1.76 61.75
CA ALA B 478 8.03 -1.21 62.09
C ALA B 478 9.09 -1.58 61.08
N LEU B 479 9.00 -2.77 60.50
CA LEU B 479 9.96 -3.19 59.49
C LEU B 479 9.76 -2.40 58.20
N LEU B 480 8.50 -2.25 57.79
CA LEU B 480 8.17 -1.48 56.59
C LEU B 480 8.62 -0.03 56.76
N GLY B 481 8.36 0.53 57.95
CA GLY B 481 8.85 1.86 58.30
C GLY B 481 10.36 1.94 58.20
N LYS B 482 11.04 0.92 58.72
CA LYS B 482 12.50 0.87 58.69
C LYS B 482 13.02 0.86 57.26
N ILE B 483 12.37 0.09 56.39
CA ILE B 483 12.74 0.04 54.98
C ILE B 483 12.43 1.36 54.29
N ARG B 484 11.22 1.88 54.50
CA ARG B 484 10.79 3.12 53.86
C ARG B 484 11.70 4.28 54.21
N THR B 485 11.96 4.45 55.51
CA THR B 485 12.81 5.55 56.01
C THR B 485 14.28 5.39 55.58
N ASP B 486 14.85 4.21 55.82
CA ASP B 486 16.20 3.92 55.34
C ASP B 486 16.33 4.00 53.82
N GLY B 487 15.29 3.60 53.09
CA GLY B 487 15.31 3.51 51.62
C GLY B 487 16.19 2.37 51.12
N LYS B 488 16.50 1.44 52.02
CA LYS B 488 17.48 0.38 51.80
C LYS B 488 17.01 -0.84 52.57
N ILE B 489 17.51 -2.02 52.19
CA ILE B 489 17.36 -3.22 53.03
C ILE B 489 18.69 -3.50 53.73
N SER B 490 18.74 -3.20 55.03
CA SER B 490 19.93 -3.47 55.83
C SER B 490 19.96 -4.94 56.22
N GLU B 491 21.13 -5.41 56.65
CA GLU B 491 21.32 -6.79 57.07
C GLU B 491 20.37 -7.15 58.20
N GLU B 492 20.14 -6.19 59.09
CA GLU B 492 19.13 -6.28 60.14
C GLU B 492 17.72 -6.47 59.56
N SER B 493 17.42 -5.70 58.52
CA SER B 493 16.11 -5.75 57.85
C SER B 493 15.92 -7.00 57.01
N ASP B 494 16.98 -7.42 56.31
CA ASP B 494 16.92 -8.61 55.48
C ASP B 494 16.66 -9.87 56.30
N ALA B 495 17.37 -9.99 57.43
CA ALA B 495 17.23 -11.11 58.34
C ALA B 495 15.86 -11.11 59.02
N LYS B 496 15.38 -9.92 59.39
CA LYS B 496 14.06 -9.80 59.98
C LYS B 496 13.02 -10.25 58.96
N LEU B 497 13.12 -9.71 57.75
CA LEU B 497 12.26 -10.07 56.62
C LEU B 497 12.25 -11.58 56.37
N LYS B 498 13.43 -12.19 56.46
CA LYS B 498 13.62 -13.64 56.32
C LYS B 498 12.84 -14.48 57.35
N GLU B 499 12.92 -14.09 58.63
CA GLU B 499 12.09 -14.68 59.68
C GLU B 499 10.61 -14.65 59.31
N ILE B 500 10.12 -13.44 59.03
CA ILE B 500 8.69 -13.20 58.80
C ILE B 500 8.07 -14.04 57.67
N VAL B 501 8.76 -14.11 56.53
CA VAL B 501 8.24 -14.83 55.37
C VAL B 501 8.32 -16.33 55.63
N THR B 502 9.46 -16.79 56.16
CA THR B 502 9.66 -18.19 56.51
C THR B 502 8.56 -18.68 57.46
N ASN B 503 8.25 -17.85 58.44
CA ASN B 503 7.21 -18.17 59.42
C ASN B 503 5.81 -18.12 58.82
N PHE B 504 5.53 -17.07 58.06
CA PHE B 504 4.24 -16.97 57.37
C PHE B 504 4.02 -18.11 56.37
N LEU B 505 5.05 -18.42 55.58
CA LEU B 505 4.96 -19.50 54.60
C LEU B 505 4.58 -20.82 55.27
N ALA B 506 5.33 -21.18 56.30
CA ALA B 506 5.08 -22.39 57.10
C ALA B 506 3.61 -22.50 57.54
N GLY B 507 3.03 -21.36 57.95
CA GLY B 507 1.65 -21.28 58.39
C GLY B 507 0.59 -21.08 57.31
N PHE B 508 1.02 -20.76 56.09
CA PHE B 508 0.08 -20.52 55.00
C PHE B 508 -0.58 -21.81 54.50
N GLU B 509 -1.89 -21.75 54.33
CA GLU B 509 -2.64 -22.88 53.80
C GLU B 509 -3.26 -22.60 52.42
N ALA B 510 -3.40 -23.67 51.63
CA ALA B 510 -4.01 -23.65 50.28
C ALA B 510 -4.96 -22.48 50.00
N GLU C 13 23.79 76.04 -28.11
CA GLU C 13 23.06 75.16 -29.09
C GLU C 13 23.04 73.69 -28.63
N GLU C 14 22.96 73.49 -27.32
CA GLU C 14 22.76 72.17 -26.66
C GLU C 14 23.80 71.09 -27.03
N ARG C 15 23.47 69.83 -26.69
CA ARG C 15 24.27 68.68 -27.08
C ARG C 15 23.35 67.52 -27.50
N ILE C 16 22.39 67.20 -26.63
CA ILE C 16 21.61 65.92 -26.63
C ILE C 16 22.49 64.67 -26.83
N LEU C 17 22.82 64.02 -25.71
CA LEU C 17 23.51 62.73 -25.72
C LEU C 17 22.62 61.64 -26.33
N GLY C 18 23.23 60.74 -27.08
CA GLY C 18 22.55 59.53 -27.52
C GLY C 18 22.34 58.59 -26.34
N ALA C 19 21.11 58.12 -26.18
CA ALA C 19 20.74 57.17 -25.12
C ALA C 19 21.57 55.89 -25.14
N ASP C 20 21.66 55.25 -23.98
CA ASP C 20 22.25 53.94 -23.83
C ASP C 20 21.22 52.91 -24.34
N THR C 21 21.53 52.23 -25.44
CA THR C 21 20.61 51.21 -25.98
C THR C 21 21.06 49.80 -25.64
N SER C 22 22.04 49.67 -24.74
CA SER C 22 22.66 48.35 -24.51
C SER C 22 21.75 47.36 -23.74
N VAL C 23 20.68 47.87 -23.15
CA VAL C 23 19.76 47.07 -22.37
C VAL C 23 18.31 47.18 -22.85
N ASP C 24 18.12 47.12 -24.17
CA ASP C 24 16.77 47.02 -24.76
C ASP C 24 16.21 45.67 -24.32
N LEU C 25 14.89 45.56 -24.21
CA LEU C 25 14.32 44.36 -23.61
C LEU C 25 14.09 43.22 -24.62
N GLU C 26 14.83 43.25 -25.71
CA GLU C 26 14.80 42.18 -26.70
C GLU C 26 15.95 41.21 -26.55
N GLU C 27 17.12 41.75 -26.21
CA GLU C 27 18.34 40.99 -26.18
C GLU C 27 18.81 40.74 -24.75
N THR C 28 18.11 41.36 -23.82
CA THR C 28 18.47 41.33 -22.41
C THR C 28 17.20 41.35 -21.61
N GLY C 29 17.28 40.98 -20.34
CA GLY C 29 16.13 41.07 -19.45
C GLY C 29 16.54 41.51 -18.07
N ARG C 30 15.57 41.57 -17.20
CA ARG C 30 15.82 41.90 -15.81
C ARG C 30 15.09 40.89 -14.94
N VAL C 31 15.80 40.41 -13.91
CA VAL C 31 15.27 39.41 -12.99
C VAL C 31 14.13 39.98 -12.18
N LEU C 32 12.96 39.33 -12.25
CA LEU C 32 11.79 39.70 -11.44
C LEU C 32 11.82 39.03 -10.04
N SER C 33 12.20 37.75 -10.03
CA SER C 33 12.31 36.95 -8.81
C SER C 33 13.33 35.87 -9.07
N ILE C 34 13.92 35.42 -7.97
CA ILE C 34 14.91 34.38 -7.98
C ILE C 34 14.72 33.62 -6.67
N GLY C 35 14.64 32.30 -6.80
CA GLY C 35 14.50 31.39 -5.67
C GLY C 35 14.74 29.97 -6.15
N ASP C 36 15.47 29.20 -5.34
CA ASP C 36 15.67 27.78 -5.56
C ASP C 36 16.18 27.46 -6.97
N GLY C 37 17.04 28.33 -7.51
CA GLY C 37 17.61 28.13 -8.86
C GLY C 37 16.73 28.46 -10.06
N ILE C 38 15.56 29.06 -9.78
CA ILE C 38 14.66 29.57 -10.81
C ILE C 38 14.66 31.11 -10.86
N ALA C 39 15.14 31.67 -11.97
CA ALA C 39 14.94 33.10 -12.23
C ALA C 39 13.76 33.29 -13.17
N ARG C 40 12.83 34.14 -12.74
CA ARG C 40 11.76 34.63 -13.60
C ARG C 40 12.29 35.94 -14.15
N VAL C 41 12.41 36.02 -15.47
CA VAL C 41 13.04 37.17 -16.13
C VAL C 41 12.05 37.99 -16.97
N HIS C 42 12.07 39.30 -16.74
CA HIS C 42 11.35 40.28 -17.56
C HIS C 42 12.17 40.59 -18.82
N GLY C 43 11.51 40.81 -19.94
CA GLY C 43 12.21 41.11 -21.19
C GLY C 43 12.62 39.87 -21.95
N LEU C 44 13.84 39.90 -22.49
CA LEU C 44 14.37 38.86 -23.37
C LEU C 44 13.33 38.44 -24.42
N ARG C 45 12.66 39.41 -25.03
CA ARG C 45 11.59 39.14 -25.99
C ARG C 45 12.04 38.27 -27.16
N ASN C 46 13.34 38.29 -27.44
CA ASN C 46 13.92 37.51 -28.51
C ASN C 46 14.58 36.19 -28.11
N VAL C 47 14.56 35.79 -26.82
CA VAL C 47 15.09 34.46 -26.48
C VAL C 47 14.33 33.32 -27.17
N GLN C 48 15.10 32.30 -27.51
CA GLN C 48 14.61 31.04 -28.03
C GLN C 48 14.42 30.10 -26.84
N ALA C 49 13.45 29.21 -26.98
CA ALA C 49 13.28 28.12 -26.02
C ALA C 49 14.56 27.30 -26.02
N GLU C 50 15.10 27.05 -24.82
CA GLU C 50 16.34 26.22 -24.63
C GLU C 50 17.64 26.95 -24.98
N GLU C 51 17.57 28.28 -25.01
CA GLU C 51 18.74 29.12 -25.22
C GLU C 51 19.53 29.35 -23.91
N MET C 52 20.86 29.28 -23.99
CA MET C 52 21.73 29.67 -22.89
C MET C 52 21.68 31.19 -22.69
N VAL C 53 21.44 31.62 -21.46
CA VAL C 53 21.48 33.04 -21.10
C VAL C 53 22.60 33.27 -20.09
N GLU C 54 23.01 34.53 -19.90
CA GLU C 54 24.13 34.89 -19.01
C GLU C 54 23.70 35.89 -17.96
N PHE C 55 24.16 35.68 -16.74
CA PHE C 55 23.88 36.59 -15.63
C PHE C 55 25.09 37.47 -15.35
N SER C 56 24.83 38.68 -14.83
CA SER C 56 25.90 39.64 -14.46
C SER C 56 27.09 38.96 -13.77
N SER C 57 26.80 38.14 -12.76
CA SER C 57 27.80 37.41 -11.98
C SER C 57 28.65 36.40 -12.77
N GLY C 58 28.27 36.10 -14.00
CA GLY C 58 28.98 35.09 -14.78
C GLY C 58 28.29 33.73 -14.85
N LEU C 59 27.22 33.54 -14.06
CA LEU C 59 26.44 32.29 -14.16
C LEU C 59 25.67 32.20 -15.47
N LYS C 60 25.66 31.00 -16.01
CA LYS C 60 24.86 30.69 -17.17
C LYS C 60 23.53 30.11 -16.69
N GLY C 61 22.52 30.22 -17.53
CA GLY C 61 21.20 29.70 -17.25
C GLY C 61 20.62 29.19 -18.55
N MET C 62 19.45 28.57 -18.46
CA MET C 62 18.79 28.05 -19.65
C MET C 62 17.31 28.44 -19.61
N SER C 63 16.85 29.04 -20.72
CA SER C 63 15.45 29.42 -20.91
C SER C 63 14.62 28.19 -21.15
N LEU C 64 13.73 27.85 -20.22
CA LEU C 64 12.86 26.67 -20.41
C LEU C 64 11.39 27.00 -20.60
N ASN C 65 10.89 27.99 -19.86
CA ASN C 65 9.50 28.47 -19.98
C ASN C 65 9.52 29.83 -20.64
N LEU C 66 8.95 29.94 -21.83
CA LEU C 66 8.67 31.23 -22.42
C LEU C 66 7.22 31.51 -22.14
N GLU C 67 6.96 32.47 -21.27
CA GLU C 67 5.61 32.83 -20.91
C GLU C 67 5.33 34.25 -21.44
N PRO C 68 4.06 34.65 -21.49
CA PRO C 68 3.72 35.96 -22.06
C PRO C 68 4.42 37.12 -21.33
N ASP C 69 4.52 37.02 -20.01
CA ASP C 69 5.07 38.11 -19.20
C ASP C 69 6.42 37.80 -18.54
N ASN C 70 7.00 36.63 -18.82
CA ASN C 70 8.30 36.26 -18.24
C ASN C 70 8.95 35.06 -18.90
N VAL C 71 10.22 34.86 -18.59
CA VAL C 71 10.97 33.69 -19.04
C VAL C 71 11.45 33.00 -17.80
N GLY C 72 11.15 31.70 -17.69
CA GLY C 72 11.56 30.89 -16.56
C GLY C 72 12.94 30.37 -16.93
N VAL C 73 13.92 30.81 -16.16
CA VAL C 73 15.28 30.42 -16.43
C VAL C 73 15.81 29.54 -15.30
N VAL C 74 16.52 28.51 -15.71
CA VAL C 74 17.02 27.51 -14.82
C VAL C 74 18.53 27.76 -14.63
N VAL C 75 18.99 27.89 -13.38
CA VAL C 75 20.37 28.33 -13.16
C VAL C 75 21.38 27.20 -13.11
N PHE C 76 22.45 27.30 -13.91
CA PHE C 76 23.53 26.32 -13.90
C PHE C 76 24.61 26.60 -12.83
N GLY C 77 24.22 26.76 -11.57
CA GLY C 77 25.19 26.97 -10.51
C GLY C 77 24.50 27.51 -9.29
N ASN C 78 25.28 28.09 -8.37
CA ASN C 78 24.71 28.68 -7.16
C ASN C 78 23.94 29.94 -7.49
N ASP C 79 22.67 29.96 -7.12
CA ASP C 79 21.79 31.09 -7.42
C ASP C 79 21.88 32.24 -6.41
N LYS C 80 22.67 32.08 -5.35
CA LYS C 80 22.80 33.13 -4.31
C LYS C 80 23.37 34.45 -4.84
N LEU C 81 24.02 34.38 -6.00
CA LEU C 81 24.67 35.54 -6.61
C LEU C 81 23.67 36.43 -7.36
N ILE C 82 22.50 35.86 -7.69
CA ILE C 82 21.47 36.54 -8.47
C ILE C 82 20.49 37.29 -7.58
N LYS C 83 20.14 38.52 -7.97
CA LYS C 83 19.21 39.35 -7.21
C LYS C 83 18.11 39.89 -8.10
N GLU C 84 16.99 40.27 -7.51
CA GLU C 84 15.96 40.99 -8.24
C GLU C 84 16.59 42.20 -8.94
N GLY C 85 16.26 42.38 -10.21
CA GLY C 85 16.78 43.51 -10.97
C GLY C 85 18.03 43.21 -11.76
N ASP C 86 18.74 42.12 -11.44
CA ASP C 86 19.95 41.78 -12.19
C ASP C 86 19.69 41.67 -13.69
N ILE C 87 20.73 41.92 -14.49
CA ILE C 87 20.65 41.90 -15.94
C ILE C 87 21.00 40.54 -16.54
N VAL C 88 20.10 40.06 -17.39
CA VAL C 88 20.28 38.79 -18.08
C VAL C 88 20.45 39.06 -19.55
N LYS C 89 21.42 38.40 -20.17
CA LYS C 89 21.72 38.58 -21.58
C LYS C 89 21.53 37.31 -22.37
N ARG C 90 20.89 37.44 -23.54
CA ARG C 90 20.87 36.39 -24.53
C ARG C 90 22.28 36.02 -24.91
N THR C 91 22.45 34.79 -25.37
CA THR C 91 23.72 34.24 -25.84
C THR C 91 23.58 33.93 -27.33
N GLY C 92 22.33 33.69 -27.76
CA GLY C 92 22.01 33.41 -29.14
C GLY C 92 22.08 31.93 -29.45
N ALA C 93 22.68 31.15 -28.57
CA ALA C 93 22.92 29.74 -28.83
C ALA C 93 22.11 28.81 -27.92
N ILE C 94 21.46 27.84 -28.56
CA ILE C 94 20.94 26.68 -27.86
C ILE C 94 22.11 26.00 -27.11
N VAL C 95 21.85 25.62 -25.87
CA VAL C 95 22.86 25.01 -24.99
C VAL C 95 23.73 23.96 -25.70
N ASP C 96 25.05 24.13 -25.60
CA ASP C 96 26.03 23.18 -26.14
C ASP C 96 27.23 22.92 -25.24
N VAL C 97 28.13 22.05 -25.67
CA VAL C 97 29.31 21.72 -24.87
C VAL C 97 30.49 21.49 -25.79
N PRO C 98 31.69 21.75 -25.29
CA PRO C 98 32.89 21.46 -26.05
C PRO C 98 32.95 19.96 -26.26
N VAL C 99 33.59 19.54 -27.35
CA VAL C 99 33.53 18.18 -27.80
C VAL C 99 34.86 17.85 -28.51
N GLY C 100 35.23 16.57 -28.57
CA GLY C 100 36.45 16.18 -29.29
C GLY C 100 37.42 15.38 -28.46
N GLU C 101 38.52 14.96 -29.08
CA GLU C 101 39.54 14.14 -28.42
C GLU C 101 40.33 14.86 -27.33
N GLU C 102 40.27 16.17 -27.29
CA GLU C 102 41.03 16.89 -26.28
C GLU C 102 40.48 16.63 -24.88
N LEU C 103 39.32 15.97 -24.84
CA LEU C 103 38.60 15.73 -23.60
C LEU C 103 39.09 14.45 -22.91
N LEU C 104 39.76 13.58 -23.67
CA LEU C 104 40.18 12.28 -23.14
C LEU C 104 41.24 12.48 -22.08
N GLY C 105 41.16 11.72 -20.99
CA GLY C 105 42.06 11.92 -19.86
C GLY C 105 41.69 13.08 -18.97
N ARG C 106 40.63 13.82 -19.32
CA ARG C 106 40.17 14.98 -18.51
C ARG C 106 38.92 14.70 -17.66
N VAL C 107 38.84 15.38 -16.51
CA VAL C 107 37.63 15.41 -15.72
C VAL C 107 37.00 16.80 -15.87
N VAL C 108 35.76 16.81 -16.38
CA VAL C 108 34.99 18.07 -16.55
C VAL C 108 33.67 18.07 -15.78
N ASP C 109 33.05 19.24 -15.68
CA ASP C 109 31.74 19.36 -15.09
C ASP C 109 30.72 19.32 -16.23
N ALA C 110 29.45 19.55 -15.95
CA ALA C 110 28.41 19.26 -16.95
C ALA C 110 28.37 20.22 -18.13
N LEU C 111 29.04 21.36 -17.99
CA LEU C 111 29.17 22.31 -19.10
C LEU C 111 30.49 22.13 -19.84
N GLY C 112 31.32 21.20 -19.38
CA GLY C 112 32.54 20.85 -20.09
C GLY C 112 33.79 21.60 -19.62
N ASN C 113 33.68 22.35 -18.51
CA ASN C 113 34.83 23.02 -17.89
C ASN C 113 35.67 22.03 -17.11
N ALA C 114 36.99 22.13 -17.27
CA ALA C 114 37.93 21.31 -16.51
C ALA C 114 37.80 21.51 -15.01
N ILE C 115 37.75 20.39 -14.28
CA ILE C 115 37.76 20.45 -12.82
C ILE C 115 38.89 19.60 -12.23
N ASP C 116 39.80 19.13 -13.08
CA ASP C 116 40.93 18.40 -12.57
C ASP C 116 42.14 19.29 -12.30
N GLY C 117 41.99 20.61 -12.45
CA GLY C 117 43.12 21.53 -12.22
C GLY C 117 44.29 21.41 -13.20
N LYS C 118 44.09 20.70 -14.31
CA LYS C 118 45.10 20.54 -15.37
C LYS C 118 44.98 21.53 -16.54
N GLY C 119 44.24 22.61 -16.36
CA GLY C 119 44.16 23.68 -17.34
C GLY C 119 43.03 23.57 -18.35
N PRO C 120 43.00 24.48 -19.32
CA PRO C 120 41.97 24.50 -20.35
C PRO C 120 41.90 23.21 -21.18
N ILE C 121 40.68 22.81 -21.53
CA ILE C 121 40.49 21.80 -22.55
C ILE C 121 40.78 22.58 -23.83
N GLY C 122 41.53 22.01 -24.75
CA GLY C 122 41.80 22.76 -25.97
C GLY C 122 40.81 22.41 -27.07
N SER C 123 39.52 22.29 -26.72
CA SER C 123 38.56 21.75 -27.69
C SER C 123 38.40 22.71 -28.87
N LYS C 124 38.31 22.12 -30.06
CA LYS C 124 38.15 22.88 -31.28
C LYS C 124 36.75 22.79 -31.89
N ALA C 125 35.83 22.15 -31.17
CA ALA C 125 34.43 22.00 -31.63
C ALA C 125 33.43 21.87 -30.49
N ARG C 126 32.15 22.05 -30.85
CA ARG C 126 31.03 22.10 -29.91
C ARG C 126 29.81 21.42 -30.51
N ARG C 127 28.88 21.03 -29.64
CA ARG C 127 27.77 20.22 -30.06
C ARG C 127 26.63 20.50 -29.10
N ARG C 128 25.44 20.70 -29.65
CA ARG C 128 24.25 20.89 -28.83
C ARG C 128 24.01 19.65 -27.99
N VAL C 129 23.54 19.86 -26.76
CA VAL C 129 23.30 18.73 -25.86
C VAL C 129 21.94 18.07 -26.17
N GLY C 130 21.08 18.75 -26.91
CA GLY C 130 19.75 18.27 -27.16
C GLY C 130 19.47 17.74 -28.54
N LEU C 131 20.50 17.36 -29.28
CA LEU C 131 20.32 16.83 -30.62
C LEU C 131 19.52 15.53 -30.68
N LYS C 132 18.59 15.46 -31.63
CA LYS C 132 17.73 14.30 -31.84
C LYS C 132 18.58 13.10 -32.27
N ALA C 133 18.22 11.92 -31.77
CA ALA C 133 18.90 10.68 -32.13
C ALA C 133 18.73 10.39 -33.63
N PRO C 134 19.73 9.77 -34.25
CA PRO C 134 19.64 9.37 -35.66
C PRO C 134 18.41 8.51 -35.93
N GLY C 135 17.76 8.75 -37.06
CA GLY C 135 16.56 8.01 -37.40
C GLY C 135 16.88 6.63 -37.93
N ILE C 136 15.95 6.08 -38.68
CA ILE C 136 16.05 4.71 -39.21
C ILE C 136 17.16 4.51 -40.25
N ILE C 137 17.27 5.45 -41.19
CA ILE C 137 18.20 5.26 -42.32
C ILE C 137 19.69 5.27 -41.96
N PRO C 138 20.17 6.19 -41.13
CA PRO C 138 21.61 6.25 -40.82
C PRO C 138 22.20 5.07 -40.06
N ARG C 139 21.36 4.12 -39.65
CA ARG C 139 21.82 3.04 -38.80
C ARG C 139 22.08 1.73 -39.53
N ILE C 140 22.75 0.81 -38.85
CA ILE C 140 22.73 -0.58 -39.26
C ILE C 140 22.67 -1.44 -38.01
N SER C 141 22.14 -2.66 -38.14
CA SER C 141 22.05 -3.61 -37.01
C SER C 141 23.35 -3.70 -36.21
N VAL C 142 23.23 -3.77 -34.88
CA VAL C 142 24.35 -4.02 -33.97
C VAL C 142 24.94 -5.42 -34.26
N ARG C 143 26.24 -5.50 -34.57
CA ARG C 143 26.90 -6.79 -34.93
C ARG C 143 28.32 -6.96 -34.41
N GLU C 144 28.94 -5.91 -33.90
CA GLU C 144 30.30 -5.99 -33.37
C GLU C 144 30.26 -6.09 -31.82
N PRO C 145 30.97 -7.07 -31.26
CA PRO C 145 31.05 -7.21 -29.79
C PRO C 145 31.58 -5.96 -29.09
N MET C 146 30.96 -5.62 -27.95
CA MET C 146 31.54 -4.73 -26.96
C MET C 146 31.83 -5.58 -25.74
N GLN C 147 33.11 -5.94 -25.56
CA GLN C 147 33.52 -6.97 -24.62
C GLN C 147 33.74 -6.33 -23.26
N THR C 148 33.05 -6.85 -22.24
CA THR C 148 33.18 -6.27 -20.91
C THR C 148 34.35 -6.95 -20.22
N GLY C 149 34.65 -8.18 -20.65
CA GLY C 149 35.64 -9.02 -19.95
C GLY C 149 35.06 -9.75 -18.76
N ILE C 150 33.73 -9.71 -18.63
CA ILE C 150 32.97 -10.39 -17.55
C ILE C 150 32.25 -11.58 -18.17
N LYS C 151 32.63 -12.77 -17.75
CA LYS C 151 32.08 -14.01 -18.35
C LYS C 151 30.55 -14.04 -18.36
N ALA C 152 29.95 -13.77 -17.19
CA ALA C 152 28.49 -13.75 -17.07
C ALA C 152 27.83 -12.81 -18.08
N VAL C 153 28.42 -11.64 -18.29
CA VAL C 153 27.83 -10.65 -19.20
C VAL C 153 28.05 -11.06 -20.65
N ASP C 154 29.31 -11.36 -20.97
CA ASP C 154 29.74 -11.65 -22.36
C ASP C 154 29.16 -12.94 -22.93
N SER C 155 28.82 -13.87 -22.07
CA SER C 155 28.18 -15.11 -22.49
C SER C 155 26.65 -15.06 -22.45
N LEU C 156 26.08 -14.56 -21.36
CA LEU C 156 24.63 -14.63 -21.10
C LEU C 156 23.83 -13.45 -21.58
N VAL C 157 24.38 -12.25 -21.36
CA VAL C 157 23.68 -11.05 -21.76
C VAL C 157 24.58 -10.15 -22.64
N PRO C 158 25.04 -10.67 -23.79
CA PRO C 158 26.09 -9.96 -24.59
C PRO C 158 25.68 -8.59 -25.08
N ILE C 159 26.68 -7.71 -25.16
CA ILE C 159 26.52 -6.33 -25.58
C ILE C 159 27.32 -6.12 -26.87
N GLY C 160 26.73 -5.38 -27.80
CA GLY C 160 27.39 -5.01 -29.04
C GLY C 160 27.55 -3.50 -29.14
N ARG C 161 28.43 -3.09 -30.04
CA ARG C 161 28.69 -1.68 -30.28
C ARG C 161 27.46 -0.98 -30.85
N GLY C 162 26.99 0.04 -30.15
CA GLY C 162 25.75 0.74 -30.49
C GLY C 162 24.51 0.34 -29.67
N GLN C 163 24.65 -0.70 -28.86
CA GLN C 163 23.59 -1.18 -28.00
C GLN C 163 23.46 -0.33 -26.73
N ARG C 164 22.29 -0.44 -26.08
CA ARG C 164 22.07 0.08 -24.73
C ARG C 164 21.75 -1.08 -23.79
N GLU C 165 22.50 -1.19 -22.71
CA GLU C 165 22.25 -2.25 -21.77
C GLU C 165 22.27 -1.65 -20.38
N LEU C 166 21.16 -1.81 -19.67
CA LEU C 166 21.00 -1.21 -18.36
C LEU C 166 21.72 -2.05 -17.31
N ILE C 167 22.36 -1.38 -16.35
CA ILE C 167 22.85 -2.03 -15.12
C ILE C 167 21.93 -1.60 -13.97
N ILE C 168 21.26 -2.57 -13.32
CA ILE C 168 20.22 -2.25 -12.38
C ILE C 168 20.28 -3.17 -11.16
N GLY C 169 20.04 -2.57 -9.98
CA GLY C 169 20.01 -3.31 -8.73
C GLY C 169 20.03 -2.35 -7.55
N ASP C 170 19.87 -2.91 -6.34
CA ASP C 170 19.92 -2.13 -5.10
C ASP C 170 21.31 -1.51 -4.89
N ARG C 171 21.42 -0.57 -3.96
CA ARG C 171 22.73 -0.03 -3.62
C ARG C 171 23.71 -1.14 -3.26
N GLN C 172 24.97 -0.95 -3.66
CA GLN C 172 26.05 -1.83 -3.24
C GLN C 172 25.87 -3.29 -3.71
N THR C 173 25.30 -3.49 -4.89
CA THR C 173 25.20 -4.82 -5.47
C THR C 173 26.31 -5.06 -6.49
N GLY C 174 26.99 -3.98 -6.90
CA GLY C 174 28.16 -4.10 -7.79
C GLY C 174 27.94 -3.45 -9.13
N LYS C 175 27.07 -2.44 -9.18
CA LYS C 175 26.72 -1.81 -10.47
C LYS C 175 27.88 -1.04 -11.09
N THR C 176 28.43 -0.09 -10.33
CA THR C 176 29.56 0.67 -10.77
C THR C 176 30.71 -0.27 -11.20
N SER C 177 30.84 -1.40 -10.50
CA SER C 177 31.93 -2.34 -10.73
C SER C 177 31.87 -2.92 -12.13
N ILE C 178 30.68 -3.36 -12.57
CA ILE C 178 30.47 -3.80 -13.96
C ILE C 178 30.99 -2.73 -14.94
N ALA C 179 30.66 -1.48 -14.66
CA ALA C 179 30.99 -0.38 -15.56
C ALA C 179 32.49 -0.19 -15.60
N ILE C 180 33.09 -0.14 -14.41
CA ILE C 180 34.53 0.06 -14.26
C ILE C 180 35.34 -1.08 -14.94
N ASP C 181 34.95 -2.32 -14.72
CA ASP C 181 35.65 -3.44 -15.32
C ASP C 181 35.61 -3.35 -16.85
N THR C 182 34.44 -2.98 -17.38
CA THR C 182 34.25 -2.78 -18.83
C THR C 182 35.22 -1.74 -19.43
N ILE C 183 35.39 -0.61 -18.74
CA ILE C 183 36.32 0.47 -19.15
C ILE C 183 37.77 0.00 -19.12
N ILE C 184 38.14 -0.67 -18.04
CA ILE C 184 39.48 -1.25 -17.90
C ILE C 184 39.77 -2.31 -18.95
N ASN C 185 38.75 -3.07 -19.34
CA ASN C 185 38.93 -4.13 -20.34
C ASN C 185 39.35 -3.62 -21.72
N GLN C 186 39.03 -2.37 -21.99
CA GLN C 186 39.19 -1.82 -23.33
C GLN C 186 40.66 -1.50 -23.66
N LYS C 187 41.51 -1.58 -22.63
CA LYS C 187 42.92 -1.23 -22.77
C LYS C 187 43.64 -2.18 -23.72
N ARG C 188 43.25 -3.44 -23.75
CA ARG C 188 43.90 -4.36 -24.68
C ARG C 188 43.62 -4.05 -26.17
N PHE C 189 42.53 -3.31 -26.47
CA PHE C 189 42.27 -2.88 -27.85
C PHE C 189 42.80 -1.49 -28.11
N ASN C 190 42.81 -0.67 -27.07
CA ASN C 190 43.26 0.71 -27.23
C ASN C 190 44.79 0.83 -27.23
N ASP C 191 45.45 -0.18 -26.68
CA ASP C 191 46.91 -0.32 -26.73
C ASP C 191 47.35 -1.06 -28.00
N GLY C 192 46.41 -1.70 -28.67
CA GLY C 192 46.70 -2.46 -29.87
C GLY C 192 46.89 -1.59 -31.10
N THR C 193 46.81 -2.22 -32.26
CA THR C 193 47.10 -1.56 -33.55
C THR C 193 45.85 -1.39 -34.44
N ASP C 194 44.92 -2.33 -34.35
CA ASP C 194 43.64 -2.24 -35.07
C ASP C 194 42.78 -1.08 -34.55
N GLU C 195 42.56 -0.08 -35.39
CA GLU C 195 41.97 1.20 -34.96
C GLU C 195 40.44 1.17 -34.89
N LYS C 196 39.85 0.19 -35.57
CA LYS C 196 38.40 0.01 -35.65
C LYS C 196 37.90 -0.76 -34.42
N LYS C 197 38.84 -1.35 -33.69
CA LYS C 197 38.56 -2.15 -32.50
C LYS C 197 38.65 -1.34 -31.20
N LYS C 198 39.22 -0.14 -31.27
CA LYS C 198 39.37 0.75 -30.12
C LYS C 198 38.01 1.24 -29.56
N LEU C 199 37.97 1.51 -28.25
CA LEU C 199 36.75 2.03 -27.65
C LEU C 199 37.03 3.13 -26.64
N TYR C 200 36.57 4.33 -26.94
CA TYR C 200 36.71 5.48 -26.05
C TYR C 200 35.54 5.55 -25.07
N CYS C 201 35.89 5.84 -23.83
CA CYS C 201 34.97 5.70 -22.71
C CYS C 201 34.59 7.04 -22.13
N ILE C 202 33.33 7.15 -21.72
CA ILE C 202 32.81 8.32 -21.04
C ILE C 202 32.04 7.83 -19.83
N TYR C 203 32.41 8.34 -18.67
CA TYR C 203 31.78 8.01 -17.41
C TYR C 203 31.11 9.28 -16.92
N VAL C 204 29.77 9.28 -16.90
CA VAL C 204 29.04 10.41 -16.35
C VAL C 204 28.66 10.04 -14.93
N ALA C 205 29.13 10.85 -13.96
CA ALA C 205 28.75 10.73 -12.56
C ALA C 205 27.68 11.78 -12.28
N ILE C 206 26.50 11.32 -11.82
CA ILE C 206 25.39 12.21 -11.47
C ILE C 206 24.98 11.97 -10.03
N GLY C 207 25.10 13.01 -9.20
CA GLY C 207 24.58 12.98 -7.84
C GLY C 207 25.43 12.31 -6.80
N GLN C 208 26.59 11.80 -7.20
CA GLN C 208 27.53 11.14 -6.27
C GLN C 208 28.31 12.13 -5.45
N LYS C 209 28.88 11.66 -4.34
CA LYS C 209 29.81 12.51 -3.62
C LYS C 209 31.16 12.64 -4.37
N ARG C 210 31.70 13.85 -4.35
CA ARG C 210 32.95 14.18 -5.03
C ARG C 210 34.07 13.21 -4.64
N SER C 211 34.12 12.78 -3.38
CA SER C 211 35.21 11.87 -2.99
C SER C 211 35.11 10.46 -3.63
N THR C 212 33.90 10.00 -3.93
CA THR C 212 33.72 8.72 -4.61
C THR C 212 34.24 8.83 -6.03
N VAL C 213 33.95 9.97 -6.68
CA VAL C 213 34.42 10.20 -8.04
C VAL C 213 35.95 10.27 -8.08
N ALA C 214 36.55 10.99 -7.13
CA ALA C 214 38.01 11.01 -7.02
C ALA C 214 38.63 9.61 -6.93
N GLN C 215 38.12 8.76 -6.04
CA GLN C 215 38.58 7.35 -5.93
C GLN C 215 38.39 6.55 -7.20
N LEU C 216 37.41 6.97 -8.00
CA LEU C 216 37.09 6.32 -9.24
C LEU C 216 38.13 6.71 -10.31
N VAL C 217 38.48 7.99 -10.39
CA VAL C 217 39.49 8.39 -11.37
C VAL C 217 40.88 7.89 -11.00
N LYS C 218 41.20 7.86 -9.69
CA LYS C 218 42.41 7.22 -9.19
C LYS C 218 42.54 5.79 -9.67
N ARG C 219 41.46 5.03 -9.56
CA ARG C 219 41.41 3.64 -10.01
C ARG C 219 41.62 3.55 -11.53
N LEU C 220 40.98 4.45 -12.26
CA LEU C 220 41.13 4.50 -13.72
C LEU C 220 42.55 4.89 -14.12
N THR C 221 43.16 5.76 -13.34
CA THR C 221 44.51 6.21 -13.58
C THR C 221 45.53 5.10 -13.33
N ASP C 222 45.42 4.44 -12.18
CA ASP C 222 46.30 3.35 -11.80
C ASP C 222 46.24 2.22 -12.81
N ALA C 223 45.07 2.01 -13.38
CA ALA C 223 44.85 0.95 -14.34
C ALA C 223 45.26 1.43 -15.73
N ASP C 224 45.73 2.67 -15.82
CA ASP C 224 46.15 3.29 -17.09
C ASP C 224 44.99 3.29 -18.12
N ALA C 225 43.78 3.60 -17.63
CA ALA C 225 42.59 3.68 -18.48
C ALA C 225 42.03 5.11 -18.62
N MET C 226 42.49 6.05 -17.80
CA MET C 226 42.08 7.46 -17.95
C MET C 226 42.48 8.07 -19.30
N LYS C 227 43.58 7.62 -19.88
CA LYS C 227 44.05 8.21 -21.14
C LYS C 227 43.05 8.08 -22.29
N TYR C 228 42.12 7.12 -22.20
CA TYR C 228 41.06 6.97 -23.22
C TYR C 228 39.64 7.18 -22.66
N THR C 229 39.57 7.94 -21.57
CA THR C 229 38.32 8.11 -20.83
C THR C 229 38.07 9.59 -20.58
N ILE C 230 36.83 10.04 -20.83
CA ILE C 230 36.33 11.33 -20.36
C ILE C 230 35.48 11.12 -19.10
N VAL C 231 35.73 11.89 -18.04
CA VAL C 231 34.86 11.83 -16.86
C VAL C 231 34.04 13.11 -16.77
N VAL C 232 32.71 12.97 -16.87
CA VAL C 232 31.82 14.12 -16.73
C VAL C 232 31.22 14.00 -15.36
N SER C 233 31.29 15.07 -14.58
CA SER C 233 30.95 14.97 -13.18
C SER C 233 30.02 16.06 -12.75
N ALA C 234 28.78 15.68 -12.41
CA ALA C 234 27.86 16.57 -11.75
C ALA C 234 27.40 15.90 -10.45
N THR C 235 28.09 16.24 -9.37
CA THR C 235 27.97 15.56 -8.08
C THR C 235 26.91 16.19 -7.19
N ALA C 236 26.84 15.73 -5.94
CA ALA C 236 25.68 15.99 -5.07
C ALA C 236 25.46 17.45 -4.71
N SER C 237 26.54 18.25 -4.75
CA SER C 237 26.43 19.70 -4.44
C SER C 237 26.32 20.60 -5.68
N ASP C 238 26.42 20.03 -6.88
CA ASP C 238 26.08 20.76 -8.11
C ASP C 238 24.57 20.96 -8.21
N ALA C 239 24.15 22.12 -8.73
CA ALA C 239 22.73 22.47 -8.79
C ALA C 239 21.96 21.44 -9.61
N ALA C 240 20.67 21.29 -9.34
CA ALA C 240 19.87 20.30 -10.04
C ALA C 240 19.99 20.39 -11.57
N PRO C 241 19.89 21.59 -12.17
CA PRO C 241 20.09 21.75 -13.62
C PRO C 241 21.35 21.15 -14.15
N LEU C 242 22.45 21.23 -13.41
CA LEU C 242 23.71 20.59 -13.86
C LEU C 242 23.67 19.08 -13.82
N GLN C 243 23.07 18.52 -12.79
CA GLN C 243 22.92 17.07 -12.68
C GLN C 243 22.01 16.55 -13.80
N TYR C 244 20.96 17.32 -14.08
CA TYR C 244 20.04 17.03 -15.17
C TYR C 244 20.69 17.07 -16.57
N LEU C 245 21.56 18.04 -16.80
CA LEU C 245 22.20 18.19 -18.10
C LEU C 245 23.29 17.18 -18.32
N ALA C 246 23.96 16.77 -17.26
CA ALA C 246 25.24 16.03 -17.39
C ALA C 246 25.20 14.87 -18.37
N PRO C 247 24.19 13.99 -18.30
CA PRO C 247 24.11 12.84 -19.23
C PRO C 247 24.03 13.26 -20.68
N TYR C 248 23.28 14.32 -20.96
CA TYR C 248 23.14 14.79 -22.33
C TYR C 248 24.47 15.38 -22.81
N SER C 249 25.15 16.12 -21.93
CA SER C 249 26.52 16.59 -22.15
C SER C 249 27.50 15.44 -22.47
N GLY C 250 27.51 14.38 -21.66
CA GLY C 250 28.41 13.26 -21.91
C GLY C 250 28.05 12.63 -23.25
N CYS C 251 26.75 12.52 -23.49
CA CYS C 251 26.24 11.96 -24.72
C CYS C 251 26.80 12.70 -25.93
N SER C 252 26.73 14.03 -25.95
CA SER C 252 27.28 14.82 -27.06
C SER C 252 28.76 14.54 -27.32
N MET C 253 29.52 14.38 -26.25
CA MET C 253 30.93 14.06 -26.30
C MET C 253 31.17 12.69 -26.93
N GLY C 254 30.23 11.78 -26.71
CA GLY C 254 30.28 10.44 -27.24
C GLY C 254 29.87 10.42 -28.69
N GLU C 255 28.87 11.23 -28.99
CA GLU C 255 28.35 11.35 -30.33
C GLU C 255 29.43 11.81 -31.32
N TYR C 256 30.35 12.64 -30.83
CA TYR C 256 31.50 13.09 -31.62
C TYR C 256 32.31 11.90 -32.16
N PHE C 257 32.54 10.90 -31.31
CA PHE C 257 33.16 9.66 -31.73
C PHE C 257 32.25 8.91 -32.70
N ARG C 258 30.96 8.85 -32.36
CA ARG C 258 29.95 8.10 -33.11
C ARG C 258 29.87 8.56 -34.56
N ASP C 259 29.92 9.88 -34.76
CA ASP C 259 29.73 10.46 -36.09
C ASP C 259 31.04 10.63 -36.83
N ASN C 260 32.14 10.12 -36.30
CA ASN C 260 33.43 10.25 -36.97
C ASN C 260 34.13 8.91 -37.08
N GLY C 261 33.36 7.87 -37.37
CA GLY C 261 33.89 6.55 -37.63
C GLY C 261 34.59 5.90 -36.46
N LYS C 262 34.36 6.43 -35.26
CA LYS C 262 34.96 5.87 -34.06
C LYS C 262 33.90 5.23 -33.14
N HIS C 263 34.36 4.48 -32.15
CA HIS C 263 33.49 3.83 -31.21
C HIS C 263 33.69 4.34 -29.78
N ALA C 264 32.57 4.72 -29.15
CA ALA C 264 32.51 5.22 -27.75
C ALA C 264 31.58 4.39 -26.86
N LEU C 265 31.96 4.31 -25.60
CA LEU C 265 31.14 3.70 -24.57
C LEU C 265 30.79 4.78 -23.56
N ILE C 266 29.49 4.91 -23.25
CA ILE C 266 29.05 5.83 -22.19
C ILE C 266 28.31 5.12 -21.03
N ILE C 267 28.66 5.50 -19.81
CA ILE C 267 28.07 5.00 -18.60
C ILE C 267 27.39 6.19 -17.93
N TYR C 268 26.10 6.06 -17.64
CA TYR C 268 25.39 7.12 -16.93
C TYR C 268 25.12 6.65 -15.51
N ASP C 269 25.91 7.16 -14.57
CA ASP C 269 25.97 6.61 -13.22
C ASP C 269 25.62 7.68 -12.18
N ASP C 270 24.32 7.83 -11.85
CA ASP C 270 23.24 6.98 -12.38
C ASP C 270 22.04 7.79 -12.78
N LEU C 271 21.15 7.18 -13.54
CA LEU C 271 19.99 7.90 -14.05
C LEU C 271 18.85 8.02 -13.05
N SER C 272 18.97 7.33 -11.91
CA SER C 272 18.01 7.46 -10.82
C SER C 272 18.14 8.85 -10.21
N LYS C 273 19.39 9.21 -9.90
CA LYS C 273 19.76 10.55 -9.41
C LYS C 273 19.52 11.66 -10.46
N GLN C 274 19.71 11.38 -11.75
CA GLN C 274 19.29 12.36 -12.76
C GLN C 274 17.78 12.69 -12.72
N ALA C 275 16.95 11.67 -12.66
CA ALA C 275 15.48 11.81 -12.60
C ALA C 275 15.03 12.62 -11.38
N VAL C 276 15.68 12.39 -10.25
CA VAL C 276 15.42 13.16 -9.03
C VAL C 276 15.74 14.63 -9.26
N ALA C 277 16.84 14.92 -9.98
CA ALA C 277 17.24 16.30 -10.27
C ALA C 277 16.25 16.93 -11.23
N TYR C 278 15.82 16.16 -12.23
CA TYR C 278 14.83 16.62 -13.19
C TYR C 278 13.54 16.95 -12.46
N ARG C 279 13.13 16.05 -11.58
CA ARG C 279 11.96 16.27 -10.75
C ARG C 279 12.04 17.58 -9.94
N GLN C 280 13.13 17.80 -9.24
CA GLN C 280 13.31 19.09 -8.52
C GLN C 280 13.09 20.31 -9.44
N MET C 281 13.80 20.32 -10.56
CA MET C 281 13.77 21.42 -11.50
C MET C 281 12.34 21.63 -12.01
N SER C 282 11.73 20.55 -12.46
CA SER C 282 10.37 20.58 -12.97
C SER C 282 9.34 21.13 -11.97
N LEU C 283 9.37 20.66 -10.72
CA LEU C 283 8.50 21.16 -9.66
C LEU C 283 8.74 22.66 -9.33
N LEU C 284 10.00 23.07 -9.31
CA LEU C 284 10.34 24.48 -9.05
C LEU C 284 9.89 25.38 -10.20
N LEU C 285 9.94 24.87 -11.42
CA LEU C 285 9.33 25.54 -12.57
C LEU C 285 7.81 25.56 -12.47
N ARG C 286 7.26 24.89 -11.45
CA ARG C 286 5.81 24.78 -11.20
C ARG C 286 5.05 23.91 -12.23
N ARG C 287 5.76 23.05 -12.94
CA ARG C 287 5.08 22.02 -13.75
C ARG C 287 4.51 20.96 -12.82
N PRO C 288 3.19 20.76 -12.90
CA PRO C 288 2.49 19.88 -11.96
C PRO C 288 3.06 18.46 -12.04
N PRO C 289 3.25 17.82 -10.88
CA PRO C 289 3.90 16.50 -10.80
C PRO C 289 3.00 15.39 -11.35
N GLY C 290 3.59 14.27 -11.75
CA GLY C 290 2.81 13.16 -12.23
C GLY C 290 2.94 12.03 -11.25
N ARG C 291 3.02 10.83 -11.83
CA ARG C 291 3.20 9.60 -11.06
C ARG C 291 4.45 9.66 -10.19
N GLU C 292 4.29 9.28 -8.92
CA GLU C 292 5.38 9.25 -7.92
C GLU C 292 6.11 10.56 -7.69
N ALA C 293 5.40 11.65 -7.99
CA ALA C 293 5.87 13.03 -7.90
C ALA C 293 6.81 13.43 -9.04
N TYR C 294 7.25 12.48 -9.86
CA TYR C 294 8.08 12.81 -11.03
C TYR C 294 7.19 13.47 -12.06
N PRO C 295 7.77 14.23 -12.99
CA PRO C 295 6.98 14.76 -14.11
C PRO C 295 6.38 13.65 -14.98
N GLY C 296 5.32 13.99 -15.71
CA GLY C 296 4.64 13.08 -16.61
C GLY C 296 5.53 12.47 -17.67
N ASP C 297 6.63 13.17 -17.98
CA ASP C 297 7.46 12.81 -19.10
C ASP C 297 8.86 12.31 -18.68
N VAL C 298 8.92 11.65 -17.52
CA VAL C 298 10.16 11.04 -17.02
C VAL C 298 10.68 9.88 -17.95
N PHE C 299 9.78 9.16 -18.63
CA PHE C 299 10.18 8.17 -19.63
C PHE C 299 10.96 8.87 -20.73
N TYR C 300 10.37 9.97 -21.22
CA TYR C 300 10.95 10.69 -22.34
C TYR C 300 12.30 11.33 -21.99
N LEU C 301 12.50 11.66 -20.72
CA LEU C 301 13.80 12.19 -20.26
C LEU C 301 14.92 11.24 -20.64
N HIS C 302 14.70 9.96 -20.35
CA HIS C 302 15.69 8.94 -20.60
C HIS C 302 15.65 8.34 -22.01
N SER C 303 14.46 8.29 -22.61
CA SER C 303 14.30 7.69 -23.92
C SER C 303 15.03 8.53 -25.00
N ARG C 304 14.91 9.86 -24.95
CA ARG C 304 15.62 10.70 -25.94
C ARG C 304 17.13 10.68 -25.72
N LEU C 305 17.55 10.53 -24.46
CA LEU C 305 18.95 10.33 -24.11
C LEU C 305 19.53 9.03 -24.70
N LEU C 306 18.83 7.92 -24.47
CA LEU C 306 19.39 6.61 -24.74
C LEU C 306 19.25 6.18 -26.20
N GLU C 307 18.30 6.78 -26.91
CA GLU C 307 18.12 6.60 -28.34
C GLU C 307 19.36 7.03 -29.14
N ARG C 308 20.18 7.88 -28.52
CA ARG C 308 21.33 8.50 -29.18
C ARG C 308 22.52 7.58 -29.19
N ALA C 309 22.51 6.61 -28.29
CA ALA C 309 23.40 5.46 -28.42
C ALA C 309 22.90 4.66 -29.62
N ALA C 310 23.78 4.47 -30.60
CA ALA C 310 23.39 3.95 -31.91
C ALA C 310 24.60 3.42 -32.66
N LYS C 311 24.33 2.50 -33.58
CA LYS C 311 25.36 2.02 -34.53
C LYS C 311 25.07 2.63 -35.91
N MET C 312 26.06 3.32 -36.46
CA MET C 312 25.90 4.03 -37.73
C MET C 312 26.27 3.14 -38.91
N ASN C 313 25.59 3.31 -40.04
CA ASN C 313 25.98 2.55 -41.23
C ASN C 313 27.25 3.15 -41.85
N ASP C 314 27.86 2.43 -42.79
CA ASP C 314 29.11 2.83 -43.43
C ASP C 314 29.05 4.17 -44.15
N ALA C 315 27.90 4.48 -44.73
CA ALA C 315 27.70 5.78 -45.37
C ALA C 315 27.80 6.94 -44.38
N PHE C 316 27.55 6.65 -43.10
CA PHE C 316 27.62 7.66 -42.04
C PHE C 316 28.88 7.51 -41.23
N GLY C 317 29.72 6.57 -41.67
CA GLY C 317 31.09 6.44 -41.17
C GLY C 317 31.36 5.21 -40.34
N GLY C 318 30.33 4.41 -40.09
CA GLY C 318 30.53 3.14 -39.37
C GLY C 318 30.78 3.20 -37.86
N GLY C 319 30.76 4.40 -37.26
CA GLY C 319 30.98 4.56 -35.84
C GLY C 319 29.82 4.08 -34.96
N SER C 320 29.99 4.20 -33.65
CA SER C 320 28.95 3.78 -32.71
C SER C 320 29.09 4.49 -31.38
N LEU C 321 27.98 4.60 -30.65
CA LEU C 321 27.92 4.95 -29.21
C LEU C 321 27.13 3.86 -28.47
N THR C 322 27.77 3.20 -27.50
CA THR C 322 27.18 2.13 -26.71
C THR C 322 26.91 2.74 -25.33
N ALA C 323 25.75 2.44 -24.72
CA ALA C 323 25.38 2.99 -23.39
C ALA C 323 25.08 1.95 -22.35
N LEU C 324 25.62 2.19 -21.16
CA LEU C 324 25.31 1.43 -19.98
C LEU C 324 24.78 2.46 -18.95
N PRO C 325 23.47 2.73 -18.96
CA PRO C 325 22.89 3.56 -17.92
C PRO C 325 22.81 2.73 -16.64
N VAL C 326 22.78 3.41 -15.49
CA VAL C 326 22.66 2.72 -14.21
C VAL C 326 21.37 3.19 -13.52
N ILE C 327 20.57 2.23 -13.05
CA ILE C 327 19.39 2.55 -12.20
C ILE C 327 19.48 1.87 -10.85
N GLU C 328 19.21 2.62 -9.78
CA GLU C 328 19.18 2.05 -8.42
C GLU C 328 17.76 1.65 -8.00
N THR C 329 17.56 0.39 -7.65
CA THR C 329 16.24 -0.07 -7.19
C THR C 329 16.17 0.05 -5.67
N GLN C 330 14.97 -0.15 -5.10
CA GLN C 330 14.78 -0.14 -3.66
C GLN C 330 14.21 -1.49 -3.31
N ALA C 331 14.87 -2.19 -2.39
CA ALA C 331 14.35 -3.47 -1.91
C ALA C 331 14.17 -4.52 -3.01
N GLY C 332 15.04 -4.49 -4.02
CA GLY C 332 15.07 -5.48 -5.09
C GLY C 332 13.95 -5.41 -6.11
N ASP C 333 13.18 -4.31 -6.09
CA ASP C 333 11.97 -4.25 -6.93
C ASP C 333 12.22 -3.73 -8.33
N VAL C 334 12.58 -4.64 -9.24
CA VAL C 334 12.82 -4.29 -10.66
C VAL C 334 11.56 -3.98 -11.38
N SER C 335 10.46 -4.45 -10.82
CA SER C 335 9.13 -4.28 -11.38
C SER C 335 8.50 -2.88 -11.12
N ALA C 336 9.19 -2.00 -10.41
CA ALA C 336 8.65 -0.66 -10.15
C ALA C 336 8.57 0.21 -11.41
N TYR C 337 7.94 1.38 -11.25
CA TYR C 337 7.72 2.33 -12.33
C TYR C 337 9.00 2.89 -12.97
N ILE C 338 9.89 3.54 -12.22
CA ILE C 338 11.08 4.07 -12.87
C ILE C 338 12.00 2.97 -13.47
N PRO C 339 12.31 1.90 -12.72
CA PRO C 339 13.02 0.74 -13.31
C PRO C 339 12.42 0.20 -14.62
N THR C 340 11.11 -0.11 -14.66
CA THR C 340 10.52 -0.65 -15.88
C THR C 340 10.54 0.39 -16.97
N ASN C 341 10.36 1.67 -16.62
CA ASN C 341 10.54 2.73 -17.63
C ASN C 341 11.83 2.55 -18.40
N VAL C 342 12.93 2.36 -17.67
CA VAL C 342 14.25 2.32 -18.29
C VAL C 342 14.51 1.00 -19.03
N ILE C 343 14.02 -0.10 -18.45
CA ILE C 343 14.07 -1.41 -19.09
C ILE C 343 13.34 -1.32 -20.42
N SER C 344 12.25 -0.56 -20.46
CA SER C 344 11.48 -0.42 -21.69
C SER C 344 12.14 0.48 -22.72
N ILE C 345 13.31 1.02 -22.39
CA ILE C 345 14.09 1.81 -23.35
C ILE C 345 15.30 1.02 -23.92
N THR C 346 16.01 0.32 -23.05
CA THR C 346 17.29 -0.27 -23.43
C THR C 346 17.15 -1.59 -24.19
N ASP C 347 18.27 -2.05 -24.75
CA ASP C 347 18.36 -3.33 -25.43
C ASP C 347 18.83 -4.40 -24.44
N GLY C 348 18.27 -4.39 -23.25
CA GLY C 348 18.57 -5.39 -22.22
C GLY C 348 18.99 -4.77 -20.90
N GLN C 349 19.11 -5.61 -19.89
CA GLN C 349 19.49 -5.17 -18.58
C GLN C 349 20.20 -6.30 -17.89
N ILE C 350 21.09 -5.91 -16.98
CA ILE C 350 21.78 -6.79 -16.07
C ILE C 350 21.24 -6.48 -14.66
N PHE C 351 20.46 -7.38 -14.11
CA PHE C 351 19.85 -7.15 -12.81
C PHE C 351 20.73 -7.82 -11.74
N LEU C 352 21.21 -7.01 -10.79
CA LEU C 352 21.99 -7.52 -9.67
C LEU C 352 21.20 -7.56 -8.37
N GLU C 353 21.38 -8.62 -7.57
CA GLU C 353 20.60 -8.81 -6.31
C GLU C 353 21.50 -9.04 -5.11
N THR C 354 21.14 -8.47 -3.95
CA THR C 354 22.00 -8.62 -2.75
C THR C 354 22.03 -10.05 -2.28
N GLU C 355 20.91 -10.75 -2.39
CA GLU C 355 20.84 -12.13 -1.96
C GLU C 355 21.87 -12.99 -2.71
N LEU C 356 21.96 -12.80 -4.03
CA LEU C 356 22.99 -13.47 -4.85
C LEU C 356 24.39 -13.12 -4.41
N PHE C 357 24.63 -11.81 -4.29
CA PHE C 357 25.86 -11.24 -3.81
C PHE C 357 26.34 -11.90 -2.51
N TYR C 358 25.49 -11.91 -1.50
CA TYR C 358 25.93 -12.49 -0.22
C TYR C 358 26.12 -14.00 -0.23
N LYS C 359 25.35 -14.70 -1.07
CA LYS C 359 25.51 -16.14 -1.24
C LYS C 359 26.84 -16.47 -1.93
N GLY C 360 27.48 -15.48 -2.53
CA GLY C 360 28.78 -15.68 -3.17
C GLY C 360 28.68 -15.71 -4.69
N ILE C 361 27.51 -15.41 -5.24
CA ILE C 361 27.35 -15.21 -6.68
C ILE C 361 27.73 -13.79 -7.02
N ARG C 362 28.99 -13.60 -7.42
CA ARG C 362 29.51 -12.30 -7.78
C ARG C 362 30.30 -12.53 -9.06
N PRO C 363 30.01 -11.79 -10.13
CA PRO C 363 28.93 -10.78 -10.16
C PRO C 363 27.55 -11.35 -9.89
N ALA C 364 26.71 -10.56 -9.20
CA ALA C 364 25.47 -11.07 -8.60
C ALA C 364 24.35 -11.00 -9.61
N ILE C 365 24.56 -11.55 -10.79
CA ILE C 365 23.59 -11.38 -11.87
C ILE C 365 22.47 -12.40 -11.72
N ASN C 366 21.24 -11.90 -11.72
CA ASN C 366 20.07 -12.73 -11.85
C ASN C 366 19.83 -13.08 -13.32
N VAL C 367 19.90 -14.36 -13.64
CA VAL C 367 19.93 -14.80 -15.04
C VAL C 367 18.58 -14.69 -15.67
N GLY C 368 17.57 -15.26 -15.05
CA GLY C 368 16.21 -15.24 -15.64
C GLY C 368 15.69 -13.84 -15.88
N LEU C 369 16.06 -12.92 -14.99
CA LEU C 369 15.59 -11.52 -15.05
C LEU C 369 16.46 -10.58 -15.92
N SER C 370 17.73 -10.93 -16.12
CA SER C 370 18.59 -10.18 -17.05
C SER C 370 18.32 -10.65 -18.48
N VAL C 371 18.56 -9.78 -19.47
CA VAL C 371 18.42 -10.17 -20.87
C VAL C 371 19.29 -9.30 -21.72
N SER C 372 19.66 -9.82 -22.88
CA SER C 372 20.24 -9.01 -23.94
C SER C 372 19.29 -9.05 -25.11
N ARG C 373 19.03 -7.89 -25.70
CA ARG C 373 18.12 -7.85 -26.83
C ARG C 373 18.85 -7.91 -28.18
N VAL C 374 20.16 -8.10 -28.15
CA VAL C 374 20.90 -8.25 -29.40
C VAL C 374 21.29 -9.73 -29.53
N GLY C 375 21.47 -10.39 -28.38
CA GLY C 375 21.81 -11.81 -28.33
C GLY C 375 23.10 -12.14 -29.08
N SER C 376 23.16 -13.34 -29.66
CA SER C 376 24.40 -13.85 -30.24
C SER C 376 24.97 -12.98 -31.36
N ALA C 377 24.15 -12.10 -31.93
CA ALA C 377 24.66 -11.21 -32.98
C ALA C 377 25.81 -10.29 -32.50
N ALA C 378 25.94 -10.14 -31.17
CA ALA C 378 26.98 -9.29 -30.59
C ALA C 378 28.11 -10.13 -29.97
N GLN C 379 28.09 -11.43 -30.23
CA GLN C 379 29.14 -12.34 -29.80
C GLN C 379 30.02 -12.77 -31.00
N THR C 380 31.28 -13.08 -30.74
CA THR C 380 32.10 -13.77 -31.74
C THR C 380 31.50 -15.17 -31.86
N ARG C 381 31.71 -15.79 -33.01
CA ARG C 381 31.30 -17.18 -33.23
C ARG C 381 31.80 -18.13 -32.12
N ALA C 382 33.01 -17.92 -31.63
CA ALA C 382 33.56 -18.82 -30.62
C ALA C 382 32.72 -18.78 -29.36
N MET C 383 32.37 -17.57 -28.91
CA MET C 383 31.48 -17.40 -27.75
C MET C 383 30.07 -17.95 -28.05
N LYS C 384 29.59 -17.75 -29.28
CA LYS C 384 28.30 -18.36 -29.64
C LYS C 384 28.34 -19.88 -29.55
N GLN C 385 29.41 -20.49 -30.08
CA GLN C 385 29.57 -21.96 -30.04
C GLN C 385 29.52 -22.56 -28.64
N VAL C 386 30.03 -21.84 -27.64
CA VAL C 386 29.97 -22.36 -26.27
C VAL C 386 28.77 -21.83 -25.45
N ALA C 387 28.26 -20.65 -25.78
CA ALA C 387 27.25 -20.03 -24.90
C ALA C 387 25.84 -20.00 -25.46
N GLY C 388 25.67 -20.52 -26.68
CA GLY C 388 24.43 -20.31 -27.46
C GLY C 388 23.12 -20.65 -26.77
N THR C 389 23.10 -21.74 -26.00
CA THR C 389 21.87 -22.18 -25.31
C THR C 389 21.91 -22.08 -23.79
N MET C 390 23.01 -21.55 -23.25
CA MET C 390 23.27 -21.53 -21.81
C MET C 390 22.25 -20.71 -20.99
N LYS C 391 21.90 -19.52 -21.48
CA LYS C 391 20.97 -18.65 -20.74
C LYS C 391 19.63 -19.35 -20.43
N LEU C 392 18.99 -19.88 -21.46
CA LEU C 392 17.74 -20.62 -21.26
C LEU C 392 17.93 -21.85 -20.36
N GLU C 393 19.06 -22.52 -20.54
CA GLU C 393 19.43 -23.68 -19.76
C GLU C 393 19.50 -23.31 -18.28
N LEU C 394 20.16 -22.20 -17.99
CA LEU C 394 20.37 -21.78 -16.62
C LEU C 394 19.07 -21.29 -15.97
N ALA C 395 18.16 -20.73 -16.77
CA ALA C 395 16.82 -20.38 -16.26
C ALA C 395 16.03 -21.61 -15.85
N GLN C 396 16.06 -22.64 -16.69
CA GLN C 396 15.41 -23.92 -16.39
C GLN C 396 16.10 -24.61 -15.22
N TYR C 397 17.41 -24.47 -15.14
CA TYR C 397 18.13 -25.05 -14.02
C TYR C 397 17.60 -24.47 -12.69
N ARG C 398 17.48 -23.15 -12.59
CA ARG C 398 17.07 -22.54 -11.31
C ARG C 398 15.65 -22.93 -10.93
N GLU C 399 14.74 -23.02 -11.90
CA GLU C 399 13.38 -23.46 -11.63
C GLU C 399 13.37 -24.89 -11.08
N VAL C 400 14.05 -25.79 -11.78
CA VAL C 400 14.07 -27.20 -11.42
C VAL C 400 14.80 -27.43 -10.10
N ALA C 401 15.89 -26.68 -9.86
CA ALA C 401 16.56 -26.72 -8.55
C ALA C 401 15.57 -26.44 -7.42
N ALA C 402 14.73 -25.43 -7.61
CA ALA C 402 13.68 -25.07 -6.63
C ALA C 402 12.63 -26.17 -6.49
N PHE C 403 12.07 -26.64 -7.59
CA PHE C 403 11.09 -27.72 -7.53
C PHE C 403 11.64 -29.00 -6.89
N ALA C 404 12.92 -29.28 -7.16
CA ALA C 404 13.60 -30.44 -6.62
C ALA C 404 13.94 -30.27 -5.15
N GLN C 405 13.88 -29.03 -4.65
CA GLN C 405 14.49 -28.61 -3.37
C GLN C 405 14.67 -29.70 -2.30
N PHE C 406 13.60 -30.44 -2.05
CA PHE C 406 13.59 -31.63 -1.17
C PHE C 406 13.96 -32.90 -1.97
N GLY C 407 15.18 -33.41 -1.74
CA GLY C 407 15.75 -34.51 -2.53
C GLY C 407 14.93 -35.80 -2.61
N SER C 408 13.88 -35.77 -3.44
CA SER C 408 12.95 -36.90 -3.58
C SER C 408 13.01 -37.48 -4.99
N ASP C 409 13.24 -38.79 -5.06
CA ASP C 409 13.41 -39.57 -6.32
C ASP C 409 13.30 -38.79 -7.66
N LEU C 410 14.45 -38.33 -8.14
CA LEU C 410 14.56 -37.53 -9.36
C LEU C 410 15.15 -38.37 -10.47
N ASP C 411 14.62 -38.23 -11.68
CA ASP C 411 15.16 -38.96 -12.82
C ASP C 411 16.58 -38.52 -13.19
N ALA C 412 17.20 -39.25 -14.12
CA ALA C 412 18.58 -38.96 -14.51
C ALA C 412 18.69 -37.63 -15.26
N ALA C 413 17.64 -37.29 -15.99
CA ALA C 413 17.60 -36.06 -16.78
C ALA C 413 17.63 -34.79 -15.93
N THR C 414 16.92 -34.80 -14.80
CA THR C 414 16.87 -33.61 -13.96
C THR C 414 18.11 -33.55 -13.09
N GLN C 415 18.57 -34.73 -12.65
CA GLN C 415 19.82 -34.90 -11.94
C GLN C 415 20.99 -34.35 -12.74
N GLN C 416 20.98 -34.64 -14.05
CA GLN C 416 22.00 -34.14 -14.95
C GLN C 416 21.95 -32.61 -15.11
N LEU C 417 20.75 -32.07 -15.30
CA LEU C 417 20.54 -30.61 -15.39
C LEU C 417 21.02 -29.92 -14.13
N LEU C 418 20.73 -30.55 -12.98
CA LEU C 418 21.19 -30.02 -11.70
C LEU C 418 22.71 -30.00 -11.62
N SER C 419 23.34 -31.12 -11.97
CA SER C 419 24.81 -31.22 -12.01
C SER C 419 25.46 -30.23 -12.95
N ARG C 420 24.89 -30.08 -14.15
CA ARG C 420 25.40 -29.10 -15.08
C ARG C 420 25.20 -27.69 -14.51
N GLY C 421 23.99 -27.37 -14.06
CA GLY C 421 23.68 -26.04 -13.50
C GLY C 421 24.58 -25.52 -12.40
N VAL C 422 24.75 -26.29 -11.32
CA VAL C 422 25.63 -25.90 -10.22
C VAL C 422 27.08 -25.63 -10.63
N ARG C 423 27.56 -26.35 -11.64
CA ARG C 423 28.95 -26.23 -12.07
C ARG C 423 29.13 -24.99 -12.95
N LEU C 424 28.18 -24.75 -13.85
CA LEU C 424 28.16 -23.52 -14.66
C LEU C 424 28.08 -22.27 -13.78
N THR C 425 27.30 -22.35 -12.70
CA THR C 425 27.18 -21.24 -11.77
C THR C 425 28.53 -20.82 -11.22
N GLU C 426 29.34 -21.81 -10.81
CA GLU C 426 30.72 -21.58 -10.37
C GLU C 426 31.61 -20.96 -11.45
N LEU C 427 31.47 -21.41 -12.69
CA LEU C 427 32.27 -20.88 -13.80
C LEU C 427 31.99 -19.41 -14.11
N LEU C 428 30.80 -18.96 -13.74
CA LEU C 428 30.41 -17.57 -14.02
C LEU C 428 30.78 -16.58 -12.90
N LYS C 429 31.27 -17.10 -11.78
CA LYS C 429 31.80 -16.27 -10.70
C LYS C 429 33.10 -15.69 -11.18
N GLN C 430 33.46 -14.53 -10.66
CA GLN C 430 34.61 -13.77 -11.16
C GLN C 430 34.87 -12.61 -10.25
N GLY C 431 36.14 -12.39 -9.98
CA GLY C 431 36.55 -11.30 -9.11
C GLY C 431 36.61 -10.00 -9.86
N GLN C 432 37.03 -8.95 -9.16
CA GLN C 432 37.10 -7.63 -9.74
C GLN C 432 38.46 -7.32 -10.32
N TYR C 433 38.47 -6.39 -11.28
CA TYR C 433 39.69 -5.72 -11.78
C TYR C 433 40.62 -6.57 -12.67
N SER C 434 40.18 -7.76 -13.05
CA SER C 434 40.90 -8.59 -14.02
C SER C 434 39.97 -9.07 -15.13
N PRO C 435 39.42 -8.16 -15.91
CA PRO C 435 38.55 -8.56 -17.01
C PRO C 435 39.32 -9.47 -17.98
N MET C 436 38.63 -10.51 -18.48
CA MET C 436 39.23 -11.56 -19.28
C MET C 436 39.08 -11.35 -20.77
N ALA C 437 40.10 -11.77 -21.50
CA ALA C 437 40.06 -11.78 -22.97
C ALA C 437 39.09 -12.84 -23.37
N ILE C 438 38.38 -12.59 -24.46
CA ILE C 438 37.35 -13.49 -24.95
C ILE C 438 37.78 -14.97 -25.15
N GLU C 439 38.97 -15.19 -25.71
CA GLU C 439 39.49 -16.56 -25.92
C GLU C 439 39.62 -17.32 -24.60
N GLU C 440 40.10 -16.62 -23.56
CA GLU C 440 40.15 -17.21 -22.21
C GLU C 440 38.75 -17.52 -21.64
N GLN C 441 37.78 -16.64 -21.88
CA GLN C 441 36.38 -16.86 -21.42
C GLN C 441 35.79 -18.10 -22.09
N VAL C 442 35.99 -18.19 -23.40
CA VAL C 442 35.52 -19.34 -24.19
C VAL C 442 36.14 -20.68 -23.72
N ALA C 443 37.44 -20.67 -23.41
CA ALA C 443 38.14 -21.88 -23.01
C ALA C 443 37.58 -22.39 -21.69
N VAL C 444 37.32 -21.45 -20.78
CA VAL C 444 36.73 -21.75 -19.48
C VAL C 444 35.30 -22.24 -19.64
N ILE C 445 34.46 -21.48 -20.34
CA ILE C 445 33.06 -21.89 -20.53
C ILE C 445 33.03 -23.28 -21.20
N TYR C 446 33.80 -23.44 -22.28
CA TYR C 446 33.98 -24.75 -22.95
C TYR C 446 34.07 -25.93 -21.99
N ALA C 447 34.96 -25.86 -21.00
CA ALA C 447 35.19 -27.03 -20.14
C ALA C 447 33.88 -27.48 -19.49
N GLY C 448 33.08 -26.49 -19.04
CA GLY C 448 31.79 -26.76 -18.41
C GLY C 448 30.67 -27.22 -19.31
N VAL C 449 30.42 -26.51 -20.41
CA VAL C 449 29.24 -26.77 -21.26
C VAL C 449 29.35 -28.07 -22.10
N ARG C 450 30.59 -28.52 -22.33
CA ARG C 450 30.85 -29.81 -22.97
C ARG C 450 30.83 -30.95 -21.97
N GLY C 451 30.54 -30.67 -20.71
CA GLY C 451 30.34 -31.73 -19.74
C GLY C 451 31.59 -32.26 -19.06
N TYR C 452 32.74 -31.66 -19.35
CA TYR C 452 34.00 -32.24 -18.86
C TYR C 452 34.26 -32.09 -17.36
N LEU C 453 33.44 -31.29 -16.67
CA LEU C 453 33.62 -31.10 -15.23
C LEU C 453 32.46 -31.68 -14.47
N ASP C 454 31.55 -32.34 -15.21
CA ASP C 454 30.33 -32.88 -14.62
C ASP C 454 30.60 -33.73 -13.38
N LYS C 455 31.86 -34.12 -13.20
CA LYS C 455 32.23 -35.01 -12.10
C LYS C 455 33.17 -34.39 -11.09
N LEU C 456 33.67 -33.20 -11.41
CA LEU C 456 34.44 -32.42 -10.46
C LEU C 456 33.49 -31.89 -9.37
N GLU C 457 34.00 -31.89 -8.14
CA GLU C 457 33.28 -31.40 -6.96
C GLU C 457 33.07 -29.89 -7.18
N PRO C 458 31.82 -29.43 -7.07
CA PRO C 458 31.48 -28.04 -7.39
C PRO C 458 32.37 -27.03 -6.67
N SER C 459 32.69 -27.35 -5.42
CA SER C 459 33.51 -26.49 -4.56
C SER C 459 34.92 -26.28 -5.08
N LYS C 460 35.34 -27.11 -6.03
CA LYS C 460 36.69 -27.07 -6.57
C LYS C 460 36.75 -26.37 -7.91
N ILE C 461 35.58 -26.08 -8.51
CA ILE C 461 35.53 -25.53 -9.88
C ILE C 461 36.38 -24.27 -10.03
N THR C 462 36.28 -23.37 -9.06
CA THR C 462 36.98 -22.10 -9.12
C THR C 462 38.51 -22.28 -9.07
N LYS C 463 38.97 -23.17 -8.18
CA LYS C 463 40.40 -23.48 -8.12
C LYS C 463 40.84 -24.13 -9.44
N PHE C 464 39.98 -24.97 -10.02
CA PHE C 464 40.26 -25.56 -11.30
C PHE C 464 40.44 -24.51 -12.41
N GLU C 465 39.45 -23.61 -12.56
CA GLU C 465 39.51 -22.57 -13.58
C GLU C 465 40.81 -21.80 -13.50
N ASN C 466 41.23 -21.41 -12.31
CA ASN C 466 42.49 -20.66 -12.20
C ASN C 466 43.72 -21.48 -12.61
N ALA C 467 43.77 -22.72 -12.14
CA ALA C 467 44.84 -23.66 -12.50
C ALA C 467 44.85 -23.83 -14.01
N PHE C 468 43.70 -24.21 -14.54
CA PHE C 468 43.53 -24.46 -15.96
C PHE C 468 43.96 -23.28 -16.83
N LEU C 469 43.60 -22.08 -16.39
CA LEU C 469 43.81 -20.89 -17.18
C LEU C 469 45.27 -20.53 -17.25
N SER C 470 45.99 -20.67 -16.14
CA SER C 470 47.43 -20.38 -16.16
C SER C 470 48.19 -21.44 -16.96
N HIS C 471 47.67 -22.66 -16.98
CA HIS C 471 48.21 -23.70 -17.83
C HIS C 471 48.07 -23.34 -19.32
N VAL C 472 46.86 -22.96 -19.75
CA VAL C 472 46.63 -22.69 -21.18
C VAL C 472 47.29 -21.40 -21.63
N ILE C 473 47.43 -20.43 -20.73
CA ILE C 473 48.05 -19.15 -21.08
C ILE C 473 49.56 -19.31 -21.33
N SER C 474 50.24 -20.02 -20.43
CA SER C 474 51.68 -20.26 -20.56
C SER C 474 51.99 -21.32 -21.62
N GLN C 475 51.30 -22.46 -21.53
CA GLN C 475 51.65 -23.63 -22.31
C GLN C 475 50.95 -23.74 -23.68
N HIS C 476 49.81 -23.08 -23.85
CA HIS C 476 49.01 -23.27 -25.07
C HIS C 476 48.55 -21.96 -25.72
N GLN C 477 49.46 -20.99 -25.72
CA GLN C 477 49.24 -19.67 -26.27
C GLN C 477 48.87 -19.68 -27.75
N ALA C 478 49.08 -20.81 -28.42
CA ALA C 478 48.82 -20.93 -29.86
C ALA C 478 47.39 -21.36 -30.17
N LEU C 479 46.82 -22.21 -29.32
CA LEU C 479 45.39 -22.47 -29.34
C LEU C 479 44.64 -21.17 -29.09
N LEU C 480 44.92 -20.52 -27.96
CA LEU C 480 44.29 -19.24 -27.58
C LEU C 480 44.43 -18.20 -28.69
N GLY C 481 45.61 -18.15 -29.30
CA GLY C 481 45.90 -17.25 -30.41
C GLY C 481 45.00 -17.58 -31.57
N LYS C 482 44.78 -18.86 -31.79
CA LYS C 482 44.00 -19.27 -32.96
C LYS C 482 42.52 -18.94 -32.78
N ILE C 483 41.97 -19.31 -31.61
CA ILE C 483 40.59 -18.95 -31.27
C ILE C 483 40.37 -17.44 -31.35
N ARG C 484 41.32 -16.65 -30.83
CA ARG C 484 41.22 -15.19 -30.88
C ARG C 484 41.24 -14.62 -32.31
N THR C 485 42.06 -15.20 -33.19
CA THR C 485 42.27 -14.63 -34.53
C THR C 485 41.20 -15.12 -35.51
N ASP C 486 40.87 -16.41 -35.45
CA ASP C 486 39.76 -16.97 -36.20
C ASP C 486 38.40 -16.43 -35.71
N GLY C 487 38.33 -16.05 -34.44
CA GLY C 487 37.06 -15.70 -33.78
C GLY C 487 36.10 -16.87 -33.66
N LYS C 488 36.62 -18.09 -33.82
CA LYS C 488 35.78 -19.28 -33.74
C LYS C 488 36.59 -20.46 -33.22
N ILE C 489 35.88 -21.56 -32.98
CA ILE C 489 36.50 -22.81 -32.59
C ILE C 489 36.36 -23.81 -33.73
N SER C 490 37.45 -24.00 -34.47
CA SER C 490 37.48 -24.95 -35.61
C SER C 490 37.47 -26.37 -35.08
N GLU C 491 37.32 -27.35 -35.98
CA GLU C 491 37.37 -28.75 -35.57
C GLU C 491 38.73 -29.12 -34.97
N GLU C 492 39.80 -28.48 -35.46
CA GLU C 492 41.13 -28.70 -34.89
C GLU C 492 41.22 -28.19 -33.45
N SER C 493 40.95 -26.90 -33.28
CA SER C 493 40.87 -26.24 -31.96
C SER C 493 40.02 -27.01 -30.97
N ASP C 494 38.83 -27.44 -31.41
CA ASP C 494 37.97 -28.23 -30.56
C ASP C 494 38.72 -29.48 -30.07
N ALA C 495 39.35 -30.22 -30.99
CA ALA C 495 40.12 -31.43 -30.64
C ALA C 495 41.26 -31.13 -29.68
N LYS C 496 41.97 -30.03 -29.89
CA LYS C 496 43.01 -29.62 -28.94
C LYS C 496 42.48 -29.24 -27.55
N LEU C 497 41.37 -28.51 -27.50
CA LEU C 497 40.79 -28.10 -26.23
C LEU C 497 40.38 -29.30 -25.39
N LYS C 498 39.61 -30.20 -25.97
CA LYS C 498 39.12 -31.40 -25.28
C LYS C 498 40.27 -32.22 -24.68
N GLU C 499 41.34 -32.34 -25.47
CA GLU C 499 42.50 -33.14 -25.10
C GLU C 499 43.17 -32.53 -23.88
N ILE C 500 43.43 -31.22 -23.97
CA ILE C 500 43.99 -30.46 -22.84
C ILE C 500 43.15 -30.59 -21.56
N VAL C 501 41.84 -30.31 -21.64
CA VAL C 501 41.04 -30.25 -20.40
C VAL C 501 40.81 -31.61 -19.76
N THR C 502 40.61 -32.66 -20.55
CA THR C 502 40.34 -33.99 -19.96
C THR C 502 41.56 -34.50 -19.19
N ASN C 503 42.74 -34.30 -19.77
CA ASN C 503 44.00 -34.75 -19.18
C ASN C 503 44.44 -33.85 -18.05
N PHE C 504 44.27 -32.54 -18.24
CA PHE C 504 44.53 -31.59 -17.17
C PHE C 504 43.65 -31.88 -15.96
N LEU C 505 42.36 -32.09 -16.20
CA LEU C 505 41.41 -32.29 -15.12
C LEU C 505 41.84 -33.49 -14.30
N ALA C 506 42.11 -34.60 -15.01
CA ALA C 506 42.54 -35.85 -14.36
C ALA C 506 43.80 -35.69 -13.52
N GLY C 507 44.77 -34.95 -14.04
CA GLY C 507 45.95 -34.64 -13.27
C GLY C 507 45.57 -33.88 -12.02
N PHE C 508 44.72 -32.88 -12.22
CA PHE C 508 44.28 -31.97 -11.17
C PHE C 508 43.50 -32.72 -10.09
N GLU C 509 42.73 -33.74 -10.49
CA GLU C 509 41.91 -34.50 -9.55
C GLU C 509 42.65 -35.65 -8.84
N ALA C 510 43.96 -35.78 -9.07
CA ALA C 510 44.74 -36.85 -8.44
C ALA C 510 45.04 -36.59 -6.95
N THR D 13 -4.97 32.74 -42.32
CA THR D 13 -4.74 33.57 -41.09
C THR D 13 -3.32 33.38 -40.57
N THR D 14 -2.73 34.47 -40.08
CA THR D 14 -1.42 34.42 -39.42
C THR D 14 -1.51 34.67 -37.90
N GLY D 15 -0.91 33.76 -37.13
CA GLY D 15 -0.82 33.89 -35.68
C GLY D 15 0.59 34.09 -35.17
N ARG D 16 0.70 34.40 -33.88
CA ARG D 16 1.98 34.62 -33.23
C ARG D 16 2.12 33.75 -31.98
N ILE D 17 3.30 33.17 -31.81
CA ILE D 17 3.58 32.37 -30.61
C ILE D 17 3.63 33.30 -29.40
N VAL D 18 2.82 32.99 -28.39
CA VAL D 18 2.85 33.76 -27.13
C VAL D 18 3.48 32.99 -25.93
N ALA D 19 3.43 31.67 -25.92
CA ALA D 19 4.00 30.88 -24.83
C ALA D 19 4.57 29.59 -25.40
N VAL D 20 5.72 29.15 -24.88
CA VAL D 20 6.28 27.84 -25.15
C VAL D 20 6.70 27.20 -23.82
N ILE D 21 6.07 26.07 -23.49
CA ILE D 21 6.46 25.22 -22.35
C ILE D 21 6.55 23.75 -22.81
N GLY D 22 7.76 23.31 -23.11
CA GLY D 22 7.97 21.99 -23.67
C GLY D 22 7.27 21.85 -25.01
N ALA D 23 6.43 20.82 -25.11
CA ALA D 23 5.70 20.45 -26.33
C ALA D 23 4.43 21.25 -26.55
N VAL D 24 4.10 22.11 -25.60
CA VAL D 24 2.87 22.86 -25.62
C VAL D 24 3.14 24.34 -25.92
N VAL D 25 2.61 24.78 -27.06
CA VAL D 25 2.80 26.10 -27.61
C VAL D 25 1.43 26.79 -27.65
N ASP D 26 1.33 27.99 -27.06
CA ASP D 26 0.15 28.87 -27.20
C ASP D 26 0.33 29.87 -28.34
N VAL D 27 -0.70 30.05 -29.16
CA VAL D 27 -0.63 30.91 -30.36
C VAL D 27 -1.83 31.86 -30.39
N GLN D 28 -1.55 33.16 -30.53
CA GLN D 28 -2.59 34.16 -30.68
C GLN D 28 -2.87 34.48 -32.15
N PHE D 29 -4.16 34.55 -32.49
CA PHE D 29 -4.61 34.89 -33.84
C PHE D 29 -5.43 36.19 -33.85
N ASP D 30 -5.03 37.11 -34.72
CA ASP D 30 -5.70 38.42 -34.84
C ASP D 30 -7.09 38.30 -35.46
N GLU D 31 -7.19 37.48 -36.50
CA GLU D 31 -8.42 37.37 -37.28
C GLU D 31 -9.21 36.12 -36.87
N GLY D 32 -9.37 35.19 -37.81
CA GLY D 32 -10.11 33.96 -37.58
C GLY D 32 -9.31 32.93 -36.80
N LEU D 33 -10.00 32.23 -35.91
CA LEU D 33 -9.38 31.20 -35.09
C LEU D 33 -9.49 29.85 -35.79
N PRO D 34 -8.35 29.17 -36.00
CA PRO D 34 -8.36 27.78 -36.48
C PRO D 34 -9.12 26.86 -35.52
N PRO D 35 -10.04 26.05 -36.02
CA PRO D 35 -10.72 25.08 -35.19
C PRO D 35 -9.77 24.04 -34.56
N ILE D 36 -10.23 23.46 -33.46
CA ILE D 36 -9.53 22.36 -32.81
C ILE D 36 -9.26 21.24 -33.82
N LEU D 37 -8.05 20.71 -33.77
CA LEU D 37 -7.49 19.61 -34.60
C LEU D 37 -6.82 20.11 -35.85
N ASN D 38 -6.92 21.42 -36.09
CA ASN D 38 -6.21 22.02 -37.21
C ASN D 38 -4.68 21.94 -37.09
N ALA D 39 -4.01 21.71 -38.22
CA ALA D 39 -2.58 21.75 -38.28
C ALA D 39 -2.13 23.18 -38.56
N LEU D 40 -1.25 23.70 -37.70
CA LEU D 40 -0.61 25.00 -37.92
C LEU D 40 0.83 24.80 -38.36
N GLU D 41 1.31 25.67 -39.24
CA GLU D 41 2.71 25.59 -39.66
C GLU D 41 3.50 26.78 -39.09
N VAL D 42 4.57 26.49 -38.35
CA VAL D 42 5.43 27.53 -37.80
C VAL D 42 6.38 28.02 -38.90
N GLN D 43 6.45 29.34 -39.07
CA GLN D 43 7.38 29.94 -40.03
C GLN D 43 8.74 30.18 -39.39
N GLY D 44 9.77 30.35 -40.23
CA GLY D 44 11.12 30.62 -39.78
C GLY D 44 11.83 29.39 -39.20
N ARG D 45 11.49 28.21 -39.70
CA ARG D 45 12.07 26.93 -39.24
C ARG D 45 12.76 26.22 -40.40
N GLU D 46 13.80 25.45 -40.10
CA GLU D 46 14.56 24.73 -41.13
C GLU D 46 13.85 23.48 -41.63
N THR D 47 13.14 22.79 -40.73
CA THR D 47 12.29 21.66 -41.11
C THR D 47 10.86 21.93 -40.66
N ARG D 48 9.90 21.36 -41.39
CA ARG D 48 8.49 21.56 -41.12
C ARG D 48 8.13 21.32 -39.64
N LEU D 49 7.66 22.36 -38.97
CA LEU D 49 7.15 22.25 -37.60
C LEU D 49 5.64 22.49 -37.55
N VAL D 50 4.90 21.40 -37.36
CA VAL D 50 3.44 21.43 -37.27
C VAL D 50 3.01 21.48 -35.81
N LEU D 51 2.06 22.36 -35.53
CA LEU D 51 1.41 22.43 -34.24
C LEU D 51 -0.02 21.99 -34.45
N GLU D 52 -0.50 21.07 -33.64
CA GLU D 52 -1.91 20.68 -33.71
C GLU D 52 -2.71 21.44 -32.66
N VAL D 53 -3.79 22.10 -33.08
CA VAL D 53 -4.67 22.80 -32.17
C VAL D 53 -5.41 21.85 -31.24
N ALA D 54 -5.30 22.10 -29.93
CA ALA D 54 -5.91 21.25 -28.95
C ALA D 54 -7.04 21.95 -28.21
N GLN D 55 -6.86 23.24 -27.94
CA GLN D 55 -7.82 23.99 -27.14
C GLN D 55 -7.95 25.43 -27.63
N HIS D 56 -9.15 26.00 -27.51
CA HIS D 56 -9.30 27.46 -27.56
C HIS D 56 -9.30 28.00 -26.13
N LEU D 57 -8.29 28.79 -25.81
CA LEU D 57 -8.11 29.28 -24.45
C LEU D 57 -8.99 30.46 -24.11
N GLY D 58 -9.42 31.21 -25.13
CA GLY D 58 -10.10 32.48 -24.95
C GLY D 58 -9.17 33.57 -25.42
N GLU D 59 -9.68 34.79 -25.49
CA GLU D 59 -8.86 35.94 -25.88
C GLU D 59 -8.06 35.65 -27.14
N SER D 60 -8.69 34.99 -28.09
CA SER D 60 -8.12 34.75 -29.43
C SER D 60 -6.81 33.95 -29.41
N THR D 61 -6.64 33.15 -28.36
CA THR D 61 -5.46 32.31 -28.18
C THR D 61 -5.85 30.83 -28.25
N VAL D 62 -5.09 30.07 -29.04
CA VAL D 62 -5.23 28.63 -29.03
C VAL D 62 -4.05 27.94 -28.33
N ARG D 63 -4.34 26.81 -27.69
CA ARG D 63 -3.29 25.93 -27.16
C ARG D 63 -3.04 24.76 -28.12
N THR D 64 -1.79 24.56 -28.46
CA THR D 64 -1.42 23.51 -29.40
C THR D 64 -0.36 22.55 -28.83
N ILE D 65 -0.30 21.34 -29.39
CA ILE D 65 0.78 20.41 -29.12
C ILE D 65 1.64 20.35 -30.36
N ALA D 66 2.96 20.41 -30.19
CA ALA D 66 3.90 20.40 -31.30
C ALA D 66 4.18 18.98 -31.77
N MET D 67 4.50 18.83 -33.06
CA MET D 67 4.77 17.51 -33.67
C MET D 67 6.26 17.21 -33.81
N ASP D 68 7.08 18.17 -33.40
CA ASP D 68 8.54 18.05 -33.38
C ASP D 68 9.08 18.94 -32.25
N GLY D 69 10.39 19.04 -32.11
CA GLY D 69 10.99 19.84 -31.02
C GLY D 69 10.65 21.32 -31.11
N THR D 70 10.46 21.95 -29.94
CA THR D 70 10.21 23.38 -29.83
C THR D 70 11.44 24.21 -29.46
N GLU D 71 12.62 23.59 -29.45
CA GLU D 71 13.82 24.37 -29.22
C GLU D 71 14.00 25.38 -30.35
N GLY D 72 14.41 26.61 -30.00
CA GLY D 72 14.60 27.65 -31.01
C GLY D 72 13.39 28.51 -31.26
N LEU D 73 12.22 28.09 -30.77
CA LEU D 73 11.03 28.90 -30.92
C LEU D 73 11.17 30.17 -30.10
N VAL D 74 10.68 31.27 -30.65
CA VAL D 74 10.74 32.58 -30.05
C VAL D 74 9.30 33.11 -29.93
N ARG D 75 8.97 33.71 -28.79
CA ARG D 75 7.68 34.45 -28.68
C ARG D 75 7.59 35.50 -29.79
N GLY D 76 6.44 35.57 -30.46
CA GLY D 76 6.26 36.44 -31.61
C GLY D 76 6.46 35.77 -32.96
N GLN D 77 7.12 34.61 -32.98
CA GLN D 77 7.29 33.85 -34.23
C GLN D 77 5.94 33.57 -34.92
N LYS D 78 5.95 33.60 -36.25
CA LYS D 78 4.71 33.52 -37.04
C LYS D 78 4.28 32.09 -37.28
N VAL D 79 2.97 31.88 -37.17
CA VAL D 79 2.35 30.59 -37.35
C VAL D 79 1.19 30.73 -38.33
N LEU D 80 1.17 29.88 -39.35
CA LEU D 80 0.09 29.87 -40.35
C LEU D 80 -0.91 28.73 -40.14
N ASP D 81 -2.19 29.05 -40.22
CA ASP D 81 -3.26 28.04 -40.21
C ASP D 81 -3.35 27.39 -41.60
N SER D 82 -3.22 26.06 -41.65
CA SER D 82 -3.26 25.32 -42.92
C SER D 82 -4.68 25.09 -43.45
N GLY D 83 -5.70 25.37 -42.64
CA GLY D 83 -7.07 25.13 -43.05
C GLY D 83 -7.65 23.76 -42.72
N ALA D 84 -6.79 22.80 -42.41
CA ALA D 84 -7.24 21.42 -42.14
C ALA D 84 -6.36 20.72 -41.08
N PRO D 85 -6.83 19.58 -40.54
CA PRO D 85 -5.98 18.75 -39.70
C PRO D 85 -4.74 18.27 -40.47
N ILE D 86 -3.83 17.57 -39.79
CA ILE D 86 -2.69 16.94 -40.46
C ILE D 86 -3.23 16.01 -41.56
N ARG D 87 -2.80 16.25 -42.78
CA ARG D 87 -3.23 15.42 -43.91
C ARG D 87 -2.06 14.64 -44.45
N ILE D 88 -2.23 13.34 -44.64
CA ILE D 88 -1.12 12.49 -45.03
C ILE D 88 -1.35 11.77 -46.39
N PRO D 89 -0.28 11.45 -47.12
CA PRO D 89 -0.41 10.61 -48.32
C PRO D 89 -0.98 9.23 -47.99
N VAL D 90 -1.99 8.80 -48.75
CA VAL D 90 -2.52 7.44 -48.64
C VAL D 90 -2.52 6.79 -50.03
N GLY D 91 -2.82 5.51 -50.13
CA GLY D 91 -2.84 4.87 -51.45
C GLY D 91 -1.66 3.96 -51.70
N PRO D 92 -1.63 3.29 -52.85
CA PRO D 92 -0.57 2.31 -53.13
C PRO D 92 0.87 2.85 -53.08
N GLU D 93 1.07 4.13 -53.29
CA GLU D 93 2.43 4.71 -53.29
C GLU D 93 3.07 4.84 -51.88
N THR D 94 2.32 4.51 -50.84
CA THR D 94 2.87 4.44 -49.50
C THR D 94 3.56 3.09 -49.30
N LEU D 95 3.24 2.11 -50.15
CA LEU D 95 3.81 0.80 -50.01
C LEU D 95 5.31 0.78 -50.28
N GLY D 96 6.06 0.13 -49.38
CA GLY D 96 7.51 0.11 -49.45
C GLY D 96 8.16 1.38 -48.92
N ARG D 97 7.35 2.38 -48.59
CA ARG D 97 7.88 3.67 -48.07
C ARG D 97 7.79 3.78 -46.53
N ILE D 98 8.65 4.65 -45.97
CA ILE D 98 8.54 5.03 -44.56
C ILE D 98 8.13 6.47 -44.41
N MET D 99 7.03 6.69 -43.69
CA MET D 99 6.51 8.01 -43.32
C MET D 99 6.67 8.31 -41.81
N ASN D 100 6.78 9.60 -41.45
CA ASN D 100 6.64 10.05 -40.06
C ASN D 100 5.18 10.45 -39.77
N VAL D 101 4.93 11.15 -38.66
CA VAL D 101 3.58 11.54 -38.19
C VAL D 101 2.80 12.40 -39.18
N ILE D 102 3.52 13.28 -39.88
CA ILE D 102 2.90 14.26 -40.76
C ILE D 102 3.07 13.84 -42.24
N GLY D 103 3.37 12.57 -42.45
CA GLY D 103 3.40 12.01 -43.78
C GLY D 103 4.58 12.34 -44.68
N GLU D 104 5.64 12.91 -44.12
CA GLU D 104 6.87 13.11 -44.86
C GLU D 104 7.61 11.77 -45.00
N PRO D 105 8.29 11.57 -46.13
CA PRO D 105 9.18 10.40 -46.28
C PRO D 105 10.40 10.50 -45.38
N ILE D 106 10.75 9.41 -44.69
CA ILE D 106 11.95 9.39 -43.90
C ILE D 106 12.88 8.24 -44.29
N ASP D 107 12.66 7.70 -45.50
CA ASP D 107 13.50 6.64 -46.02
C ASP D 107 14.50 7.15 -47.05
N GLU D 108 14.57 8.46 -47.21
CA GLU D 108 15.51 9.11 -48.14
C GLU D 108 15.33 8.72 -49.62
N ARG D 109 14.12 8.33 -50.00
CA ARG D 109 13.81 7.97 -51.38
C ARG D 109 12.90 8.99 -52.10
N GLY D 110 12.98 10.26 -51.73
CA GLY D 110 12.21 11.32 -52.40
C GLY D 110 10.73 11.38 -52.04
N PRO D 111 9.95 12.17 -52.77
CA PRO D 111 8.50 12.33 -52.55
C PRO D 111 7.62 11.07 -52.62
N ILE D 112 6.56 11.08 -51.83
CA ILE D 112 5.51 10.07 -51.95
C ILE D 112 4.46 10.70 -52.87
N LYS D 113 4.50 10.33 -54.14
CA LYS D 113 3.64 10.97 -55.14
C LYS D 113 2.31 10.22 -55.26
N THR D 114 1.40 10.45 -54.32
CA THR D 114 0.06 9.89 -54.41
C THR D 114 -0.87 10.92 -55.00
N LYS D 115 -2.05 10.46 -55.40
CA LYS D 115 -3.07 11.35 -55.89
C LYS D 115 -3.80 11.95 -54.69
N GLN D 116 -4.08 11.11 -53.69
CA GLN D 116 -4.91 11.53 -52.56
C GLN D 116 -4.18 11.67 -51.22
N PHE D 117 -4.70 12.59 -50.42
CA PHE D 117 -4.29 12.75 -49.04
C PHE D 117 -5.49 12.48 -48.13
N ALA D 118 -5.22 12.09 -46.88
CA ALA D 118 -6.28 11.89 -45.90
C ALA D 118 -5.94 12.50 -44.55
N ALA D 119 -6.95 13.07 -43.90
CA ALA D 119 -6.81 13.60 -42.57
C ALA D 119 -6.61 12.42 -41.61
N ILE D 120 -5.77 12.62 -40.60
CA ILE D 120 -5.47 11.55 -39.64
C ILE D 120 -6.54 11.46 -38.57
N HIS D 121 -7.38 12.47 -38.48
CA HIS D 121 -8.54 12.42 -37.60
C HIS D 121 -9.76 12.13 -38.43
N ALA D 122 -10.59 11.19 -37.98
CA ALA D 122 -11.80 10.86 -38.73
C ALA D 122 -12.74 10.17 -37.79
N GLU D 123 -14.02 10.15 -38.17
CA GLU D 123 -15.02 9.44 -37.42
C GLU D 123 -14.83 7.91 -37.52
N ALA D 124 -15.16 7.22 -36.43
CA ALA D 124 -15.15 5.77 -36.40
C ALA D 124 -16.38 5.22 -37.16
N PRO D 125 -16.19 4.10 -37.85
CA PRO D 125 -17.29 3.41 -38.53
C PRO D 125 -18.53 3.26 -37.65
N GLU D 126 -19.70 3.49 -38.24
CA GLU D 126 -20.99 3.35 -37.56
C GLU D 126 -21.31 1.91 -37.16
N PHE D 127 -22.26 1.75 -36.24
CA PHE D 127 -22.73 0.43 -35.83
C PHE D 127 -23.22 -0.44 -37.00
N VAL D 128 -23.99 0.13 -37.92
CA VAL D 128 -24.49 -0.61 -39.10
C VAL D 128 -23.38 -1.15 -40.03
N GLU D 129 -22.16 -0.62 -39.91
CA GLU D 129 -21.03 -1.04 -40.75
C GLU D 129 -20.27 -2.23 -40.19
N MET D 130 -20.68 -2.68 -39.00
CA MET D 130 -20.01 -3.78 -38.30
C MET D 130 -20.24 -5.14 -38.98
N SER D 131 -19.24 -5.99 -38.91
CA SER D 131 -19.31 -7.38 -39.36
C SER D 131 -19.18 -8.31 -38.16
N VAL D 132 -19.85 -9.45 -38.18
CA VAL D 132 -19.77 -10.41 -37.08
C VAL D 132 -19.04 -11.68 -37.48
N GLU D 133 -18.52 -11.70 -38.70
CA GLU D 133 -17.86 -12.88 -39.26
C GLU D 133 -16.59 -13.14 -38.51
N GLN D 134 -16.33 -14.39 -38.15
CA GLN D 134 -15.09 -14.75 -37.46
C GLN D 134 -14.60 -16.18 -37.70
N GLU D 135 -13.42 -16.29 -38.28
CA GLU D 135 -12.83 -17.58 -38.53
C GLU D 135 -11.38 -17.50 -38.08
N ILE D 136 -10.87 -18.62 -37.60
CA ILE D 136 -9.54 -18.76 -37.02
C ILE D 136 -8.42 -18.36 -37.99
N LEU D 137 -7.42 -17.65 -37.45
CA LEU D 137 -6.20 -17.29 -38.13
C LEU D 137 -5.11 -18.07 -37.42
N VAL D 138 -4.71 -19.18 -38.02
CA VAL D 138 -3.67 -20.03 -37.47
C VAL D 138 -2.31 -19.35 -37.63
N THR D 139 -1.51 -19.38 -36.58
CA THR D 139 -0.25 -18.65 -36.50
C THR D 139 0.95 -19.56 -36.51
N GLY D 140 0.78 -20.81 -36.08
CA GLY D 140 1.90 -21.74 -35.93
C GLY D 140 2.51 -21.69 -34.55
N ILE D 141 1.93 -20.89 -33.67
CA ILE D 141 2.45 -20.75 -32.31
C ILE D 141 1.54 -21.57 -31.41
N LYS D 142 2.12 -22.57 -30.78
CA LYS D 142 1.32 -23.57 -30.07
C LYS D 142 0.37 -23.00 -29.01
N VAL D 143 0.91 -22.15 -28.13
CA VAL D 143 0.10 -21.59 -27.02
C VAL D 143 -1.04 -20.72 -27.55
N VAL D 144 -0.76 -19.91 -28.56
CA VAL D 144 -1.79 -19.02 -29.09
C VAL D 144 -2.90 -19.83 -29.76
N ASP D 145 -2.53 -20.62 -30.76
CA ASP D 145 -3.44 -21.46 -31.53
C ASP D 145 -4.28 -22.36 -30.65
N LEU D 146 -3.65 -22.96 -29.65
CA LEU D 146 -4.40 -23.82 -28.76
C LEU D 146 -5.36 -23.09 -27.83
N LEU D 147 -4.85 -22.09 -27.10
CA LEU D 147 -5.61 -21.59 -25.93
C LEU D 147 -6.36 -20.31 -26.19
N ALA D 148 -5.84 -19.47 -27.07
CA ALA D 148 -6.50 -18.22 -27.37
C ALA D 148 -6.20 -17.76 -28.80
N PRO D 149 -6.80 -18.45 -29.78
CA PRO D 149 -6.50 -18.23 -31.21
C PRO D 149 -7.03 -16.93 -31.76
N TYR D 150 -6.29 -16.38 -32.71
CA TYR D 150 -6.66 -15.17 -33.36
C TYR D 150 -7.74 -15.41 -34.42
N ALA D 151 -8.46 -14.36 -34.80
CA ALA D 151 -9.50 -14.45 -35.82
C ALA D 151 -9.09 -13.54 -36.96
N LYS D 152 -9.38 -13.95 -38.19
CA LYS D 152 -9.16 -13.08 -39.33
C LYS D 152 -10.10 -11.90 -39.21
N GLY D 153 -9.58 -10.71 -39.45
CA GLY D 153 -10.40 -9.51 -39.34
C GLY D 153 -10.66 -9.07 -37.90
N GLY D 154 -10.13 -9.83 -36.92
CA GLY D 154 -10.25 -9.50 -35.50
C GLY D 154 -9.19 -8.57 -34.90
N LYS D 155 -9.42 -8.13 -33.67
CA LYS D 155 -8.48 -7.25 -32.97
C LYS D 155 -7.71 -8.08 -31.95
N ILE D 156 -6.39 -8.12 -32.14
CA ILE D 156 -5.51 -8.91 -31.31
C ILE D 156 -4.64 -7.97 -30.47
N GLY D 157 -4.52 -8.26 -29.17
CA GLY D 157 -3.67 -7.47 -28.30
C GLY D 157 -2.64 -8.33 -27.62
N LEU D 158 -1.39 -7.86 -27.62
CA LEU D 158 -0.28 -8.52 -26.93
C LEU D 158 0.20 -7.68 -25.73
N PHE D 159 -0.17 -8.13 -24.52
CA PHE D 159 0.09 -7.36 -23.31
C PHE D 159 1.37 -7.86 -22.70
N GLY D 160 2.21 -6.95 -22.19
CA GLY D 160 3.31 -7.38 -21.32
C GLY D 160 4.14 -6.26 -20.73
N GLY D 161 4.73 -6.52 -19.57
CA GLY D 161 5.68 -5.55 -19.00
C GLY D 161 6.90 -5.41 -19.89
N ALA D 162 7.80 -4.54 -19.49
CA ALA D 162 8.99 -4.19 -20.30
C ALA D 162 9.91 -5.40 -20.41
N GLY D 163 10.32 -5.73 -21.64
CA GLY D 163 11.25 -6.82 -21.87
C GLY D 163 10.78 -8.25 -21.69
N VAL D 164 9.48 -8.50 -21.78
CA VAL D 164 8.96 -9.86 -21.56
C VAL D 164 8.61 -10.59 -22.88
N GLY D 165 8.59 -9.89 -24.00
CA GLY D 165 8.44 -10.57 -25.31
C GLY D 165 7.43 -10.07 -26.32
N LYS D 166 6.88 -8.86 -26.13
CA LYS D 166 5.84 -8.37 -27.06
C LYS D 166 6.33 -8.27 -28.49
N THR D 167 7.47 -7.63 -28.66
CA THR D 167 8.02 -7.31 -29.97
C THR D 167 8.53 -8.57 -30.68
N VAL D 168 9.19 -9.46 -29.94
CA VAL D 168 9.60 -10.77 -30.51
C VAL D 168 8.40 -11.56 -31.04
N LEU D 169 7.35 -11.65 -30.22
CA LEU D 169 6.06 -12.22 -30.64
C LEU D 169 5.49 -11.53 -31.87
N ILE D 170 5.46 -10.21 -31.88
CA ILE D 170 4.88 -9.54 -33.02
C ILE D 170 5.76 -9.74 -34.26
N MET D 171 7.07 -9.95 -34.08
CA MET D 171 7.93 -10.20 -35.25
C MET D 171 7.71 -11.63 -35.80
N GLU D 172 7.45 -12.57 -34.90
CA GLU D 172 7.09 -13.92 -35.29
C GLU D 172 5.76 -13.93 -36.03
N LEU D 173 4.78 -13.14 -35.58
CA LEU D 173 3.51 -13.08 -36.28
C LEU D 173 3.71 -12.53 -37.68
N ILE D 174 4.47 -11.45 -37.80
CA ILE D 174 4.81 -10.84 -39.09
C ILE D 174 5.49 -11.86 -40.00
N ASN D 175 6.37 -12.66 -39.42
CA ASN D 175 7.10 -13.69 -40.13
C ASN D 175 6.16 -14.79 -40.62
N ASN D 176 5.34 -15.31 -39.70
CA ASN D 176 4.44 -16.44 -39.94
C ASN D 176 3.16 -16.14 -40.73
N VAL D 177 2.72 -14.88 -40.75
CA VAL D 177 1.40 -14.55 -41.28
C VAL D 177 1.45 -13.44 -42.32
N ALA D 178 2.39 -12.53 -42.20
CA ALA D 178 2.43 -11.37 -43.10
C ALA D 178 3.27 -11.63 -44.34
N LYS D 179 4.34 -12.41 -44.18
CA LYS D 179 5.28 -12.72 -45.25
C LYS D 179 4.62 -13.40 -46.47
N ALA D 180 3.54 -14.15 -46.22
CA ALA D 180 2.78 -14.78 -47.30
C ALA D 180 1.28 -14.50 -47.16
N HIS D 181 0.96 -13.23 -46.97
CA HIS D 181 -0.40 -12.72 -46.89
C HIS D 181 -0.74 -12.17 -48.26
N GLY D 182 -2.01 -12.34 -48.65
CA GLY D 182 -2.45 -11.93 -49.98
C GLY D 182 -2.46 -10.43 -50.25
N GLY D 183 -2.93 -9.65 -49.28
CA GLY D 183 -3.17 -8.22 -49.48
C GLY D 183 -2.04 -7.36 -48.95
N TYR D 184 -2.42 -6.28 -48.27
CA TYR D 184 -1.48 -5.28 -47.77
C TYR D 184 -1.27 -5.31 -46.26
N SER D 185 -0.10 -4.86 -45.82
CA SER D 185 0.18 -4.67 -44.41
C SER D 185 0.57 -3.23 -44.12
N VAL D 186 0.21 -2.77 -42.92
CA VAL D 186 0.74 -1.53 -42.36
C VAL D 186 1.43 -1.86 -41.02
N PHE D 187 2.69 -1.41 -40.88
CA PHE D 187 3.34 -1.44 -39.59
C PHE D 187 3.58 -0.02 -39.09
N ALA D 188 3.02 0.26 -37.90
CA ALA D 188 3.21 1.55 -37.21
C ALA D 188 4.10 1.36 -35.98
N GLY D 189 5.28 1.98 -36.01
CA GLY D 189 6.16 2.05 -34.86
C GLY D 189 5.79 3.28 -34.03
N VAL D 190 5.34 3.05 -32.80
CA VAL D 190 4.81 4.14 -31.97
C VAL D 190 5.57 4.10 -30.67
N GLY D 191 6.44 5.08 -30.48
CA GLY D 191 7.17 5.26 -29.23
C GLY D 191 8.05 4.11 -28.84
N GLU D 192 8.55 3.38 -29.84
CA GLU D 192 9.45 2.27 -29.56
C GLU D 192 10.87 2.56 -30.02
N ARG D 193 11.70 1.53 -30.21
CA ARG D 193 13.13 1.77 -30.47
C ARG D 193 13.40 2.02 -31.95
N THR D 194 14.18 3.05 -32.26
CA THR D 194 14.59 3.33 -33.65
C THR D 194 15.39 2.16 -34.22
N ARG D 195 16.31 1.61 -33.42
CA ARG D 195 17.05 0.40 -33.78
C ARG D 195 16.12 -0.68 -34.35
N GLU D 196 14.97 -0.89 -33.69
CA GLU D 196 14.00 -1.92 -34.11
C GLU D 196 13.37 -1.64 -35.48
N GLY D 197 13.02 -0.39 -35.71
CA GLY D 197 12.58 0.09 -37.01
C GLY D 197 13.59 -0.14 -38.15
N ASN D 198 14.88 0.07 -37.86
CA ASN D 198 15.93 -0.26 -38.81
C ASN D 198 16.07 -1.77 -39.02
N ASP D 199 16.03 -2.56 -37.94
CA ASP D 199 16.08 -4.01 -38.05
C ASP D 199 14.97 -4.44 -39.01
N LEU D 200 13.73 -4.04 -38.75
CA LEU D 200 12.55 -4.47 -39.49
C LEU D 200 12.55 -4.12 -40.99
N TYR D 201 12.88 -2.86 -41.28
CA TYR D 201 13.00 -2.35 -42.64
C TYR D 201 13.94 -3.15 -43.54
N HIS D 202 15.11 -3.50 -43.01
CA HIS D 202 16.07 -4.31 -43.74
C HIS D 202 15.68 -5.76 -43.80
N GLU D 203 14.98 -6.26 -42.80
CA GLU D 203 14.50 -7.65 -42.81
C GLU D 203 13.44 -7.83 -43.89
N MET D 204 12.63 -6.80 -44.10
CA MET D 204 11.58 -6.82 -45.10
C MET D 204 12.08 -6.51 -46.51
N ILE D 205 13.19 -5.80 -46.63
CA ILE D 205 13.84 -5.63 -47.92
C ILE D 205 14.46 -6.97 -48.32
N GLU D 206 15.16 -7.59 -47.38
CA GLU D 206 15.75 -8.90 -47.56
C GLU D 206 14.73 -10.00 -47.90
N SER D 207 13.53 -9.92 -47.35
CA SER D 207 12.53 -10.94 -47.61
C SER D 207 11.67 -10.64 -48.85
N GLY D 208 11.80 -9.45 -49.42
CA GLY D 208 11.06 -9.07 -50.61
C GLY D 208 9.68 -8.49 -50.37
N VAL D 209 9.25 -8.51 -49.10
CA VAL D 209 7.99 -7.85 -48.70
C VAL D 209 8.05 -6.34 -49.01
N ILE D 210 9.24 -5.77 -48.86
CA ILE D 210 9.52 -4.45 -49.41
C ILE D 210 10.46 -4.61 -50.60
N ASN D 211 10.19 -3.85 -51.65
CA ASN D 211 10.99 -3.90 -52.85
C ASN D 211 11.32 -2.50 -53.27
N LEU D 212 12.61 -2.18 -53.29
CA LEU D 212 13.06 -0.81 -53.58
C LEU D 212 13.15 -0.54 -55.08
N LYS D 213 12.90 -1.58 -55.87
CA LYS D 213 13.15 -1.57 -57.31
C LYS D 213 11.89 -1.53 -58.16
N ASP D 214 10.91 -2.35 -57.82
CA ASP D 214 9.65 -2.37 -58.57
C ASP D 214 8.51 -1.75 -57.78
N ALA D 215 7.30 -2.29 -57.98
CA ALA D 215 6.12 -1.81 -57.30
C ALA D 215 5.35 -2.93 -56.58
N THR D 216 5.99 -4.07 -56.38
CA THR D 216 5.38 -5.17 -55.60
C THR D 216 5.58 -5.09 -54.06
N SER D 217 5.83 -3.90 -53.52
CA SER D 217 5.90 -3.75 -52.03
C SER D 217 4.52 -3.98 -51.44
N LYS D 218 4.48 -4.80 -50.38
CA LYS D 218 3.22 -5.19 -49.73
C LYS D 218 2.97 -4.54 -48.35
N VAL D 219 3.97 -3.82 -47.84
CA VAL D 219 3.92 -3.19 -46.50
C VAL D 219 4.23 -1.72 -46.59
N ALA D 220 3.42 -0.93 -45.88
CA ALA D 220 3.69 0.49 -45.66
C ALA D 220 4.13 0.66 -44.20
N LEU D 221 5.12 1.52 -43.99
CA LEU D 221 5.76 1.73 -42.70
C LEU D 221 5.55 3.16 -42.23
N VAL D 222 5.01 3.31 -41.02
CA VAL D 222 4.90 4.62 -40.37
C VAL D 222 5.67 4.60 -39.04
N TYR D 223 6.59 5.55 -38.85
CA TYR D 223 7.41 5.61 -37.63
C TYR D 223 7.42 6.96 -36.86
N GLY D 224 7.17 6.85 -35.56
CA GLY D 224 7.33 7.95 -34.60
C GLY D 224 7.78 7.33 -33.28
N GLN D 225 9.10 7.19 -33.14
CA GLN D 225 9.69 6.37 -32.10
C GLN D 225 10.00 7.15 -30.83
N MET D 226 10.59 6.50 -29.83
CA MET D 226 10.88 7.14 -28.51
C MET D 226 11.95 8.25 -28.48
N ASN D 227 12.56 8.55 -29.63
CA ASN D 227 13.36 9.75 -29.71
C ASN D 227 12.50 10.98 -30.10
N GLU D 228 11.21 10.76 -30.37
CA GLU D 228 10.30 11.83 -30.80
C GLU D 228 9.61 12.44 -29.58
N PRO D 229 9.37 13.75 -29.62
CA PRO D 229 8.55 14.44 -28.62
C PRO D 229 7.12 13.91 -28.57
N PRO D 230 6.41 14.21 -27.46
CA PRO D 230 5.14 13.54 -27.17
C PRO D 230 4.04 13.84 -28.14
N GLY D 231 4.05 15.03 -28.75
CA GLY D 231 3.03 15.34 -29.74
C GLY D 231 3.12 14.40 -30.92
N ALA D 232 4.34 14.07 -31.33
CA ALA D 232 4.54 13.13 -32.41
C ALA D 232 4.07 11.73 -32.00
N ARG D 233 4.44 11.29 -30.81
CA ARG D 233 4.04 9.97 -30.32
C ARG D 233 2.54 9.84 -30.12
N ALA D 234 1.87 10.97 -29.88
CA ALA D 234 0.43 10.94 -29.61
C ALA D 234 -0.40 10.90 -30.89
N ARG D 235 0.23 11.20 -32.02
CA ARG D 235 -0.52 11.27 -33.26
C ARG D 235 -0.12 10.24 -34.27
N VAL D 236 1.07 9.67 -34.14
CA VAL D 236 1.61 8.78 -35.14
C VAL D 236 0.81 7.47 -35.29
N ALA D 237 0.18 7.00 -34.23
CA ALA D 237 -0.67 5.81 -34.37
C ALA D 237 -1.86 6.13 -35.29
N LEU D 238 -2.32 7.38 -35.30
CA LEU D 238 -3.42 7.81 -36.16
C LEU D 238 -2.97 7.86 -37.61
N THR D 239 -1.74 8.29 -37.82
CA THR D 239 -1.14 8.31 -39.15
C THR D 239 -1.17 6.91 -39.76
N GLY D 240 -0.70 5.92 -39.00
CA GLY D 240 -0.65 4.54 -39.52
C GLY D 240 -2.04 3.96 -39.76
N LEU D 241 -2.93 4.22 -38.83
CA LEU D 241 -4.28 3.74 -38.92
C LEU D 241 -5.04 4.34 -40.13
N THR D 242 -4.74 5.60 -40.43
CA THR D 242 -5.24 6.28 -41.63
C THR D 242 -4.78 5.62 -42.95
N VAL D 243 -3.52 5.21 -43.02
CA VAL D 243 -2.98 4.48 -44.17
C VAL D 243 -3.79 3.17 -44.32
N ALA D 244 -4.02 2.49 -43.21
CA ALA D 244 -4.74 1.21 -43.20
C ALA D 244 -6.24 1.34 -43.53
N GLU D 245 -6.87 2.40 -43.01
CA GLU D 245 -8.25 2.76 -43.37
C GLU D 245 -8.44 2.91 -44.87
N TYR D 246 -7.51 3.60 -45.54
CA TYR D 246 -7.59 3.75 -46.98
C TYR D 246 -7.60 2.40 -47.68
N PHE D 247 -6.65 1.55 -47.32
CA PHE D 247 -6.59 0.22 -47.90
C PHE D 247 -7.87 -0.58 -47.64
N ARG D 248 -8.39 -0.52 -46.40
CA ARG D 248 -9.64 -1.20 -46.03
C ARG D 248 -10.83 -0.71 -46.88
N ASP D 249 -10.89 0.59 -47.11
CA ASP D 249 -12.10 1.22 -47.65
C ASP D 249 -12.04 1.47 -49.15
N GLN D 250 -10.99 2.15 -49.59
CA GLN D 250 -10.85 2.62 -50.97
C GLN D 250 -10.24 1.57 -51.89
N GLU D 251 -10.00 0.38 -51.34
CA GLU D 251 -9.64 -0.79 -52.14
C GLU D 251 -10.38 -2.01 -51.64
N GLY D 252 -11.36 -1.77 -50.75
CA GLY D 252 -12.15 -2.80 -50.07
C GLY D 252 -11.33 -3.97 -49.53
N GLN D 253 -10.06 -3.72 -49.21
CA GLN D 253 -9.04 -4.77 -49.16
C GLN D 253 -8.89 -5.52 -47.84
N ASP D 254 -8.13 -6.63 -47.90
CA ASP D 254 -7.70 -7.37 -46.70
C ASP D 254 -6.38 -6.81 -46.19
N VAL D 255 -6.41 -6.26 -44.98
CA VAL D 255 -5.30 -5.50 -44.44
C VAL D 255 -4.79 -6.12 -43.14
N LEU D 256 -3.47 -6.13 -42.99
CA LEU D 256 -2.86 -6.46 -41.72
C LEU D 256 -2.34 -5.18 -41.09
N LEU D 257 -2.78 -4.89 -39.89
CA LEU D 257 -2.26 -3.70 -39.18
C LEU D 257 -1.47 -4.13 -37.93
N PHE D 258 -0.18 -3.78 -37.91
CA PHE D 258 0.65 -4.03 -36.74
C PHE D 258 1.01 -2.75 -36.04
N ILE D 259 0.77 -2.70 -34.73
CA ILE D 259 1.20 -1.54 -33.94
C ILE D 259 2.03 -2.01 -32.77
N ASP D 260 3.20 -1.39 -32.66
CA ASP D 260 4.14 -1.56 -31.55
C ASP D 260 4.66 -0.17 -31.24
N ASN D 261 4.23 0.46 -30.15
CA ASN D 261 3.37 -0.08 -29.10
C ASN D 261 2.20 0.88 -28.78
N ILE D 262 0.95 0.41 -28.77
CA ILE D 262 -0.17 1.37 -28.71
C ILE D 262 -0.29 2.14 -27.36
N PHE D 263 0.34 1.62 -26.30
CA PHE D 263 0.44 2.29 -25.03
C PHE D 263 1.04 3.68 -25.17
N ARG D 264 2.02 3.81 -26.06
CA ARG D 264 2.79 5.04 -26.23
C ARG D 264 1.97 6.24 -26.75
N PHE D 265 0.81 5.95 -27.37
CA PHE D 265 -0.22 6.97 -27.67
C PHE D 265 -0.88 7.52 -26.38
N THR D 266 -1.21 6.62 -25.45
CA THR D 266 -1.72 7.02 -24.14
C THR D 266 -0.67 7.70 -23.27
N GLN D 267 0.54 7.15 -23.25
CA GLN D 267 1.60 7.73 -22.43
C GLN D 267 1.94 9.14 -22.91
N ALA D 268 2.04 9.34 -24.22
CA ALA D 268 2.32 10.67 -24.79
C ALA D 268 1.23 11.67 -24.38
N GLY D 269 -0.02 11.21 -24.35
CA GLY D 269 -1.13 12.04 -23.89
C GLY D 269 -0.95 12.48 -22.45
N SER D 270 -0.48 11.57 -21.60
CA SER D 270 -0.24 11.85 -20.18
C SER D 270 0.93 12.82 -19.96
N GLU D 271 1.92 12.81 -20.87
CA GLU D 271 3.08 13.70 -20.78
C GLU D 271 2.71 15.18 -20.84
N VAL D 272 1.67 15.49 -21.62
CA VAL D 272 1.28 16.88 -21.89
C VAL D 272 0.00 17.30 -21.16
N SER D 273 -0.65 16.36 -20.49
CA SER D 273 -1.94 16.62 -19.86
C SER D 273 -1.95 17.80 -18.86
N ALA D 274 -1.00 17.81 -17.94
CA ALA D 274 -0.88 18.87 -16.96
C ALA D 274 -0.69 20.24 -17.62
N LEU D 275 0.12 20.27 -18.68
CA LEU D 275 0.38 21.50 -19.44
C LEU D 275 -0.83 21.94 -20.26
N LEU D 276 -1.83 21.06 -20.38
CA LEU D 276 -3.08 21.36 -21.06
C LEU D 276 -4.13 21.80 -20.03
N GLY D 277 -3.69 21.86 -18.77
CA GLY D 277 -4.50 22.39 -17.68
C GLY D 277 -5.45 21.40 -17.07
N ARG D 278 -5.22 20.10 -17.29
CA ARG D 278 -6.10 19.09 -16.72
C ARG D 278 -5.69 18.72 -15.29
N ILE D 279 -6.68 18.52 -14.42
CA ILE D 279 -6.46 17.84 -13.15
C ILE D 279 -6.15 16.35 -13.46
N PRO D 280 -5.18 15.73 -12.80
CA PRO D 280 -4.83 14.36 -13.15
C PRO D 280 -5.90 13.39 -12.62
N SER D 281 -6.14 12.31 -13.34
CA SER D 281 -7.00 11.23 -12.86
C SER D 281 -6.10 10.29 -12.05
N ALA D 282 -6.55 9.07 -11.75
CA ALA D 282 -5.75 8.15 -10.94
C ALA D 282 -4.45 7.74 -11.65
N VAL D 283 -3.41 7.43 -10.87
CA VAL D 283 -2.10 6.99 -11.39
C VAL D 283 -1.47 7.98 -12.40
N GLY D 284 -1.88 9.24 -12.34
CA GLY D 284 -1.19 10.27 -13.09
C GLY D 284 -1.66 10.43 -14.51
N TYR D 285 -2.77 9.78 -14.88
CA TYR D 285 -3.27 9.82 -16.25
C TYR D 285 -4.26 10.97 -16.50
N GLN D 286 -4.24 11.46 -17.74
CA GLN D 286 -5.27 12.30 -18.32
C GLN D 286 -6.67 11.76 -18.03
N PRO D 287 -7.58 12.65 -17.63
CA PRO D 287 -8.98 12.26 -17.29
C PRO D 287 -9.76 11.70 -18.47
N THR D 288 -9.31 12.02 -19.67
CA THR D 288 -9.89 11.59 -20.96
C THR D 288 -9.28 10.28 -21.50
N LEU D 289 -8.59 9.53 -20.65
CA LEU D 289 -7.87 8.32 -21.09
C LEU D 289 -8.74 7.38 -21.95
N ALA D 290 -9.94 7.06 -21.47
CA ALA D 290 -10.85 6.09 -22.10
C ALA D 290 -11.55 6.63 -23.36
N THR D 291 -11.90 7.91 -23.38
CA THR D 291 -12.51 8.45 -24.57
C THR D 291 -11.49 8.68 -25.62
N ASP D 292 -10.28 9.13 -25.23
CA ASP D 292 -9.16 9.25 -26.17
C ASP D 292 -8.89 7.91 -26.83
N MET D 293 -8.93 6.85 -26.04
CA MET D 293 -8.62 5.50 -26.52
C MET D 293 -9.75 5.01 -27.40
N GLY D 294 -10.99 5.34 -27.00
CA GLY D 294 -12.18 4.94 -27.73
C GLY D 294 -12.19 5.50 -29.14
N THR D 295 -11.99 6.80 -29.30
CA THR D 295 -12.12 7.42 -30.61
C THR D 295 -10.99 7.00 -31.57
N MET D 296 -9.88 6.53 -31.02
CA MET D 296 -8.77 5.99 -31.80
C MET D 296 -9.05 4.51 -32.11
N GLN D 297 -9.27 3.68 -31.09
CA GLN D 297 -9.45 2.24 -31.25
C GLN D 297 -10.65 1.88 -32.13
N GLU D 298 -11.72 2.66 -32.02
CA GLU D 298 -12.92 2.34 -32.75
C GLU D 298 -12.78 2.50 -34.27
N ARG D 299 -11.71 3.17 -34.70
CA ARG D 299 -11.35 3.22 -36.12
C ARG D 299 -10.57 1.97 -36.58
N ILE D 300 -9.93 1.31 -35.62
CA ILE D 300 -9.16 0.10 -35.90
C ILE D 300 -10.11 -1.08 -35.88
N THR D 301 -10.64 -1.41 -37.05
CA THR D 301 -11.75 -2.34 -37.09
C THR D 301 -12.03 -2.84 -38.49
N THR D 302 -12.54 -4.06 -38.56
CA THR D 302 -13.17 -4.58 -39.76
C THR D 302 -14.53 -3.87 -39.96
N THR D 303 -14.88 -3.60 -41.22
CA THR D 303 -16.23 -3.18 -41.57
C THR D 303 -16.77 -4.12 -42.64
N LYS D 304 -17.98 -3.82 -43.09
CA LYS D 304 -18.54 -4.49 -44.26
C LYS D 304 -17.77 -4.15 -45.54
N LYS D 305 -17.16 -2.97 -45.60
CA LYS D 305 -16.36 -2.57 -46.75
C LYS D 305 -15.04 -3.33 -46.88
N GLY D 306 -14.43 -3.68 -45.76
CA GLY D 306 -13.15 -4.36 -45.76
C GLY D 306 -12.72 -4.89 -44.40
N SER D 307 -11.73 -5.77 -44.43
CA SER D 307 -11.26 -6.45 -43.26
C SER D 307 -9.90 -5.88 -42.84
N ILE D 308 -9.71 -5.78 -41.53
CA ILE D 308 -8.41 -5.43 -40.93
C ILE D 308 -8.16 -6.43 -39.83
N THR D 309 -7.10 -7.21 -39.96
CA THR D 309 -6.59 -7.95 -38.84
C THR D 309 -5.55 -7.08 -38.15
N SER D 310 -5.87 -6.62 -36.93
CA SER D 310 -4.97 -5.73 -36.22
C SER D 310 -4.32 -6.46 -35.06
N VAL D 311 -3.03 -6.24 -34.90
CA VAL D 311 -2.23 -6.84 -33.83
C VAL D 311 -1.48 -5.68 -33.20
N GLN D 312 -1.72 -5.48 -31.91
CA GLN D 312 -1.24 -4.31 -31.19
C GLN D 312 -0.46 -4.77 -29.98
N ALA D 313 0.80 -4.36 -29.89
CA ALA D 313 1.57 -4.63 -28.70
C ALA D 313 1.15 -3.58 -27.64
N ILE D 314 0.94 -4.02 -26.42
CA ILE D 314 0.38 -3.17 -25.38
C ILE D 314 1.25 -3.26 -24.15
N TYR D 315 2.07 -2.22 -23.97
CA TYR D 315 2.94 -2.09 -22.79
C TYR D 315 2.15 -2.03 -21.49
N VAL D 316 2.68 -2.65 -20.43
CA VAL D 316 2.00 -2.72 -19.12
C VAL D 316 2.93 -2.07 -18.09
N PRO D 317 2.73 -0.81 -17.72
CA PRO D 317 3.64 -0.15 -16.74
C PRO D 317 3.76 -0.89 -15.42
N ALA D 318 4.99 -0.98 -14.90
CA ALA D 318 5.28 -1.60 -13.61
C ALA D 318 4.71 -2.99 -13.47
N ASP D 319 4.55 -3.71 -14.60
CA ASP D 319 4.01 -5.08 -14.64
C ASP D 319 2.61 -5.24 -14.06
N ASP D 320 1.89 -4.13 -13.95
CA ASP D 320 0.57 -4.14 -13.32
C ASP D 320 -0.54 -4.07 -14.38
N LEU D 321 -1.20 -5.21 -14.61
CA LEU D 321 -2.28 -5.28 -15.59
C LEU D 321 -3.49 -4.42 -15.23
N THR D 322 -3.62 -4.04 -13.96
CA THR D 322 -4.69 -3.13 -13.52
C THR D 322 -4.33 -1.66 -13.76
N ASP D 323 -3.12 -1.38 -14.22
CA ASP D 323 -2.80 -0.03 -14.65
C ASP D 323 -3.91 0.51 -15.59
N PRO D 324 -4.46 1.69 -15.31
CA PRO D 324 -5.51 2.26 -16.16
C PRO D 324 -5.33 2.07 -17.65
N ALA D 325 -4.11 2.22 -18.15
CA ALA D 325 -3.86 2.13 -19.57
C ALA D 325 -4.13 0.72 -20.14
N PRO D 326 -3.39 -0.33 -19.74
CA PRO D 326 -3.74 -1.67 -20.19
C PRO D 326 -5.17 -2.08 -19.83
N ALA D 327 -5.63 -1.74 -18.63
CA ALA D 327 -6.94 -2.16 -18.18
C ALA D 327 -8.05 -1.66 -19.11
N THR D 328 -7.90 -0.44 -19.61
CA THR D 328 -8.87 0.13 -20.51
C THR D 328 -8.76 -0.43 -21.93
N THR D 329 -7.62 -1.05 -22.25
CA THR D 329 -7.42 -1.59 -23.59
C THR D 329 -8.14 -2.94 -23.79
N PHE D 330 -8.13 -3.79 -22.79
CA PHE D 330 -8.80 -5.09 -22.89
C PHE D 330 -10.13 -5.08 -23.64
N ALA D 331 -11.02 -4.14 -23.36
CA ALA D 331 -12.36 -4.21 -23.93
C ALA D 331 -12.37 -3.85 -25.41
N HIS D 332 -11.26 -3.39 -25.93
CA HIS D 332 -11.20 -3.12 -27.35
C HIS D 332 -10.72 -4.35 -28.18
N LEU D 333 -10.61 -5.52 -27.56
CA LEU D 333 -9.94 -6.65 -28.24
C LEU D 333 -10.80 -7.89 -28.34
N ASP D 334 -10.59 -8.63 -29.43
CA ASP D 334 -11.26 -9.89 -29.68
C ASP D 334 -10.44 -11.07 -29.20
N ALA D 335 -9.11 -10.87 -29.13
CA ALA D 335 -8.21 -11.91 -28.60
C ALA D 335 -7.06 -11.25 -27.89
N THR D 336 -6.64 -11.82 -26.77
CA THR D 336 -5.53 -11.22 -26.01
C THR D 336 -4.44 -12.23 -25.68
N THR D 337 -3.19 -11.84 -25.86
CA THR D 337 -2.10 -12.66 -25.38
C THR D 337 -1.38 -11.91 -24.25
N VAL D 338 -1.44 -12.49 -23.07
CA VAL D 338 -0.80 -11.89 -21.92
C VAL D 338 0.52 -12.54 -21.60
N LEU D 339 1.59 -11.76 -21.71
CA LEU D 339 2.94 -12.19 -21.37
C LEU D 339 3.24 -11.91 -19.91
N SER D 340 4.05 -12.75 -19.28
CA SER D 340 4.35 -12.66 -17.86
C SER D 340 5.88 -12.78 -17.57
N ARG D 341 6.42 -11.85 -16.80
CA ARG D 341 7.83 -11.86 -16.42
C ARG D 341 8.18 -13.06 -15.56
N ALA D 342 7.26 -13.44 -14.67
CA ALA D 342 7.44 -14.67 -13.88
C ALA D 342 7.63 -15.92 -14.74
N ILE D 343 7.02 -15.94 -15.92
CA ILE D 343 7.16 -17.03 -16.87
C ILE D 343 8.45 -16.93 -17.70
N ALA D 344 8.70 -15.77 -18.31
CA ALA D 344 9.98 -15.47 -18.98
C ALA D 344 11.18 -15.83 -18.09
N GLU D 345 11.11 -15.43 -16.83
CA GLU D 345 12.15 -15.70 -15.86
C GLU D 345 12.52 -17.17 -15.83
N LEU D 346 11.57 -18.05 -16.13
CA LEU D 346 11.81 -19.49 -16.07
C LEU D 346 12.45 -20.05 -17.34
N GLY D 347 12.57 -19.22 -18.37
CA GLY D 347 13.00 -19.67 -19.68
C GLY D 347 11.83 -20.11 -20.54
N ILE D 348 10.61 -20.00 -20.04
CA ILE D 348 9.47 -20.36 -20.87
C ILE D 348 9.20 -19.19 -21.82
N TYR D 349 9.48 -19.41 -23.09
CA TYR D 349 9.25 -18.44 -24.15
C TYR D 349 8.52 -19.18 -25.26
N PRO D 350 7.49 -18.60 -25.89
CA PRO D 350 6.97 -17.24 -25.56
C PRO D 350 6.36 -17.23 -24.15
N ALA D 351 6.54 -16.13 -23.43
CA ALA D 351 6.20 -16.08 -22.00
C ALA D 351 4.72 -15.81 -21.73
N VAL D 352 3.86 -16.54 -22.43
CA VAL D 352 2.41 -16.36 -22.42
C VAL D 352 1.81 -17.00 -21.17
N ASP D 353 0.91 -16.27 -20.51
CA ASP D 353 0.19 -16.84 -19.36
C ASP D 353 -1.00 -17.65 -19.91
N PRO D 354 -0.97 -18.97 -19.75
CA PRO D 354 -2.04 -19.83 -20.31
C PRO D 354 -3.37 -19.62 -19.62
N LEU D 355 -3.31 -19.04 -18.41
CA LEU D 355 -4.47 -18.70 -17.60
C LEU D 355 -4.79 -17.20 -17.55
N ASP D 356 -4.46 -16.45 -18.60
CA ASP D 356 -4.86 -15.07 -18.67
C ASP D 356 -4.90 -14.59 -20.12
N SER D 357 -4.87 -15.53 -21.04
CA SER D 357 -5.01 -15.19 -22.44
C SER D 357 -6.36 -15.75 -22.89
N THR D 358 -7.11 -14.98 -23.67
CA THR D 358 -8.47 -15.37 -24.02
C THR D 358 -8.73 -15.01 -25.46
N SER D 359 -9.74 -15.65 -26.05
CA SER D 359 -10.17 -15.39 -27.39
C SER D 359 -11.67 -15.48 -27.52
N ARG D 360 -12.30 -14.49 -28.16
CA ARG D 360 -13.72 -14.53 -28.54
C ARG D 360 -14.12 -15.84 -29.28
N ILE D 361 -13.20 -16.43 -30.04
CA ILE D 361 -13.53 -17.62 -30.80
C ILE D 361 -13.19 -18.95 -30.09
N MET D 362 -12.85 -18.87 -28.80
CA MET D 362 -12.63 -20.09 -28.04
C MET D 362 -13.99 -20.63 -27.56
N ASP D 363 -14.66 -21.29 -28.49
CA ASP D 363 -16.04 -21.75 -28.37
C ASP D 363 -16.08 -23.08 -29.13
N PRO D 364 -16.75 -24.10 -28.59
CA PRO D 364 -16.80 -25.41 -29.28
C PRO D 364 -17.55 -25.36 -30.62
N ASN D 365 -18.46 -24.42 -30.79
CA ASN D 365 -19.19 -24.25 -32.05
C ASN D 365 -18.36 -23.58 -33.11
N ILE D 366 -17.26 -22.94 -32.70
CA ILE D 366 -16.38 -22.29 -33.68
C ILE D 366 -15.10 -23.09 -33.98
N VAL D 367 -14.38 -23.54 -32.95
CA VAL D 367 -13.11 -24.24 -33.19
C VAL D 367 -13.29 -25.76 -33.14
N GLY D 368 -14.49 -26.18 -32.73
CA GLY D 368 -14.80 -27.58 -32.62
C GLY D 368 -14.54 -28.03 -31.21
N SER D 369 -15.26 -29.08 -30.82
CA SER D 369 -15.29 -29.53 -29.44
C SER D 369 -13.99 -30.20 -29.05
N GLU D 370 -13.20 -30.59 -30.04
CA GLU D 370 -11.94 -31.27 -29.76
C GLU D 370 -10.82 -30.27 -29.41
N HIS D 371 -10.69 -29.22 -30.21
CA HIS D 371 -9.80 -28.12 -29.91
C HIS D 371 -10.21 -27.53 -28.54
N TYR D 372 -11.50 -27.31 -28.37
CA TYR D 372 -12.01 -26.64 -27.16
C TYR D 372 -11.78 -27.50 -25.91
N ASP D 373 -12.11 -28.80 -26.00
CA ASP D 373 -12.01 -29.67 -24.84
C ASP D 373 -10.57 -29.86 -24.42
N VAL D 374 -9.66 -29.89 -25.39
CA VAL D 374 -8.21 -29.96 -25.10
C VAL D 374 -7.71 -28.65 -24.45
N ALA D 375 -8.06 -27.53 -25.08
CA ALA D 375 -7.69 -26.22 -24.56
C ALA D 375 -8.12 -26.13 -23.09
N ARG D 376 -9.39 -26.43 -22.82
CA ARG D 376 -9.93 -26.35 -21.46
C ARG D 376 -9.30 -27.34 -20.52
N GLY D 377 -8.90 -28.49 -21.04
CA GLY D 377 -8.25 -29.51 -20.23
C GLY D 377 -6.85 -29.09 -19.82
N VAL D 378 -6.10 -28.52 -20.76
CA VAL D 378 -4.77 -27.98 -20.50
C VAL D 378 -4.83 -26.90 -19.41
N GLN D 379 -5.77 -25.96 -19.55
CA GLN D 379 -5.96 -24.89 -18.55
C GLN D 379 -6.36 -25.43 -17.18
N LYS D 380 -7.18 -26.48 -17.16
CA LYS D 380 -7.57 -27.11 -15.88
C LYS D 380 -6.36 -27.70 -15.16
N ILE D 381 -5.52 -28.43 -15.90
CA ILE D 381 -4.38 -29.08 -15.28
C ILE D 381 -3.35 -28.04 -14.82
N LEU D 382 -3.25 -26.93 -15.55
CA LEU D 382 -2.38 -25.83 -15.10
C LEU D 382 -2.96 -25.08 -13.88
N GLN D 383 -4.27 -24.85 -13.85
CA GLN D 383 -4.89 -24.22 -12.67
C GLN D 383 -4.74 -25.10 -11.45
N ASP D 384 -4.97 -26.40 -11.61
CA ASP D 384 -4.83 -27.33 -10.50
C ASP D 384 -3.40 -27.39 -9.95
N TYR D 385 -2.42 -27.46 -10.86
CA TYR D 385 -1.01 -27.34 -10.48
C TYR D 385 -0.73 -26.00 -9.77
N LYS D 386 -1.22 -24.91 -10.33
CA LYS D 386 -1.00 -23.58 -9.77
C LYS D 386 -1.49 -23.56 -8.33
N SER D 387 -2.61 -24.23 -8.08
CA SER D 387 -3.22 -24.24 -6.76
C SER D 387 -2.57 -25.25 -5.83
N LEU D 388 -1.78 -26.17 -6.37
CA LEU D 388 -0.98 -27.09 -5.57
C LEU D 388 0.41 -26.57 -5.24
N GLN D 389 1.03 -25.87 -6.19
CA GLN D 389 2.42 -25.40 -6.11
C GLN D 389 2.90 -25.05 -4.71
N ASP D 390 2.25 -24.07 -4.10
CA ASP D 390 2.72 -23.45 -2.86
C ASP D 390 2.53 -24.38 -1.66
N ILE D 391 1.55 -25.26 -1.75
CA ILE D 391 1.25 -26.21 -0.68
C ILE D 391 2.30 -27.30 -0.63
N ILE D 392 2.53 -27.97 -1.75
CA ILE D 392 3.55 -29.02 -1.80
C ILE D 392 4.97 -28.46 -1.64
N ALA D 393 5.15 -27.18 -1.95
CA ALA D 393 6.42 -26.48 -1.75
C ALA D 393 6.81 -26.39 -0.28
N ILE D 394 5.87 -26.79 0.59
CA ILE D 394 6.07 -26.74 2.03
C ILE D 394 5.83 -28.10 2.69
N LEU D 395 4.71 -28.73 2.35
CA LEU D 395 4.36 -30.04 2.91
C LEU D 395 5.05 -31.22 2.20
N GLY D 396 5.66 -30.94 1.04
CA GLY D 396 6.41 -31.95 0.28
C GLY D 396 5.62 -32.69 -0.80
N MET D 397 6.34 -33.22 -1.77
CA MET D 397 5.76 -33.98 -2.88
C MET D 397 5.19 -35.34 -2.46
N ASP D 398 5.69 -35.87 -1.34
CA ASP D 398 5.31 -37.20 -0.86
C ASP D 398 3.88 -37.29 -0.32
N GLU D 399 3.41 -36.20 0.29
CA GLU D 399 2.05 -36.14 0.84
C GLU D 399 0.92 -36.20 -0.20
N LEU D 400 1.28 -36.05 -1.47
CA LEU D 400 0.31 -36.12 -2.56
C LEU D 400 -0.08 -37.56 -2.87
N SER D 401 -1.33 -37.76 -3.26
CA SER D 401 -1.78 -39.05 -3.78
C SER D 401 -1.08 -39.31 -5.11
N GLU D 402 -1.12 -40.56 -5.56
CA GLU D 402 -0.45 -40.95 -6.81
C GLU D 402 -1.18 -40.42 -8.06
N GLU D 403 -2.19 -39.58 -7.85
CA GLU D 403 -2.94 -38.96 -8.93
C GLU D 403 -2.81 -37.44 -8.88
N ASP D 404 -2.59 -36.91 -7.68
CA ASP D 404 -2.27 -35.50 -7.49
C ASP D 404 -0.89 -35.19 -8.06
N LYS D 405 0.02 -36.17 -7.97
CA LYS D 405 1.39 -36.01 -8.45
C LYS D 405 1.54 -36.38 -9.92
N LEU D 406 0.49 -37.02 -10.44
CA LEU D 406 0.38 -37.35 -11.84
C LEU D 406 0.07 -36.08 -12.62
N THR D 407 -0.81 -35.26 -12.08
CA THR D 407 -1.13 -33.99 -12.70
C THR D 407 -0.01 -32.98 -12.48
N VAL D 408 0.81 -33.20 -11.46
CA VAL D 408 2.02 -32.40 -11.25
C VAL D 408 3.04 -32.68 -12.35
N SER D 409 3.36 -33.95 -12.60
CA SER D 409 4.28 -34.30 -13.68
C SER D 409 3.74 -33.87 -15.03
N ARG D 410 2.45 -34.10 -15.26
CA ARG D 410 1.81 -33.76 -16.55
C ARG D 410 1.74 -32.27 -16.82
N ALA D 411 1.40 -31.50 -15.78
CA ALA D 411 1.29 -30.05 -15.87
C ALA D 411 2.63 -29.41 -16.21
N ARG D 412 3.69 -29.92 -15.59
CA ARG D 412 5.07 -29.47 -15.82
C ARG D 412 5.57 -29.78 -17.23
N LYS D 413 5.13 -30.91 -17.80
CA LYS D 413 5.38 -31.25 -19.21
C LYS D 413 4.64 -30.29 -20.15
N ILE D 414 3.38 -30.03 -19.81
CA ILE D 414 2.52 -29.12 -20.58
C ILE D 414 3.02 -27.66 -20.54
N GLN D 415 3.45 -27.23 -19.38
CA GLN D 415 4.08 -25.93 -19.22
C GLN D 415 5.31 -25.83 -20.17
N ARG D 416 6.05 -26.92 -20.30
CA ARG D 416 7.21 -26.96 -21.17
C ARG D 416 6.82 -27.07 -22.64
N PHE D 417 5.81 -27.88 -22.95
CA PHE D 417 5.36 -28.01 -24.34
C PHE D 417 4.69 -26.73 -24.92
N LEU D 418 4.32 -25.78 -24.06
CA LEU D 418 3.80 -24.48 -24.54
C LEU D 418 4.92 -23.55 -25.00
N SER D 419 6.14 -23.79 -24.51
CA SER D 419 7.32 -23.10 -25.04
C SER D 419 7.59 -23.55 -26.48
N GLN D 420 8.37 -22.75 -27.20
CA GLN D 420 8.58 -22.99 -28.61
C GLN D 420 9.63 -22.02 -29.12
N PRO D 421 10.62 -22.53 -29.85
CA PRO D 421 11.65 -21.66 -30.43
C PRO D 421 11.08 -20.94 -31.65
N PHE D 422 11.25 -19.62 -31.68
CA PHE D 422 10.76 -18.77 -32.75
C PHE D 422 11.90 -18.59 -33.75
N GLN D 423 11.55 -18.55 -35.04
CA GLN D 423 12.51 -18.28 -36.10
C GLN D 423 13.22 -16.98 -35.80
N VAL D 424 12.43 -16.04 -35.30
CA VAL D 424 12.86 -14.67 -35.18
C VAL D 424 13.70 -14.50 -33.89
N ALA D 425 13.75 -15.56 -33.09
CA ALA D 425 14.40 -15.56 -31.77
C ALA D 425 15.67 -16.43 -31.70
N GLU D 426 16.15 -16.87 -32.86
CA GLU D 426 17.32 -17.75 -32.98
C GLU D 426 18.55 -17.11 -32.29
N VAL D 427 18.77 -15.81 -32.49
CA VAL D 427 19.84 -15.07 -31.77
C VAL D 427 19.76 -15.16 -30.25
N PHE D 428 18.62 -15.59 -29.71
CA PHE D 428 18.47 -15.69 -28.25
C PHE D 428 18.41 -17.12 -27.72
N THR D 429 17.77 -18.01 -28.47
CA THR D 429 17.60 -19.40 -28.00
C THR D 429 18.78 -20.29 -28.36
N GLY D 430 19.38 -20.03 -29.51
CA GLY D 430 20.36 -20.92 -30.07
C GLY D 430 19.72 -22.16 -30.67
N HIS D 431 18.40 -22.10 -30.86
CA HIS D 431 17.63 -23.18 -31.44
C HIS D 431 17.08 -22.68 -32.74
N LEU D 432 16.95 -23.58 -33.71
CA LEU D 432 16.24 -23.32 -34.94
C LEU D 432 14.73 -23.16 -34.72
N GLY D 433 14.13 -22.15 -35.37
CA GLY D 433 12.72 -21.84 -35.19
C GLY D 433 11.81 -22.92 -35.75
N LYS D 434 10.67 -23.07 -35.11
CA LYS D 434 9.66 -24.06 -35.46
C LYS D 434 8.30 -23.41 -35.68
N LEU D 435 7.58 -23.87 -36.70
CA LEU D 435 6.19 -23.51 -36.91
C LEU D 435 5.36 -24.79 -36.77
N VAL D 436 4.35 -24.77 -35.93
CA VAL D 436 3.58 -25.97 -35.62
C VAL D 436 2.12 -25.86 -36.06
N PRO D 437 1.68 -26.74 -36.97
CA PRO D 437 0.28 -26.75 -37.45
C PRO D 437 -0.74 -27.02 -36.34
N LEU D 438 -1.96 -26.49 -36.52
CA LEU D 438 -2.99 -26.56 -35.49
C LEU D 438 -3.28 -27.97 -35.01
N LYS D 439 -3.44 -28.88 -35.98
CA LYS D 439 -3.77 -30.27 -35.73
C LYS D 439 -2.72 -30.92 -34.87
N GLU D 440 -1.46 -30.55 -35.12
CA GLU D 440 -0.35 -31.14 -34.37
C GLU D 440 -0.27 -30.60 -32.95
N THR D 441 -0.47 -29.29 -32.82
CA THR D 441 -0.61 -28.65 -31.50
C THR D 441 -1.67 -29.39 -30.69
N ILE D 442 -2.90 -29.45 -31.20
CA ILE D 442 -4.00 -30.17 -30.54
C ILE D 442 -3.65 -31.61 -30.13
N LYS D 443 -3.23 -32.42 -31.12
CA LYS D 443 -2.77 -33.79 -30.88
C LYS D 443 -1.68 -33.91 -29.80
N GLY D 444 -0.62 -33.11 -29.93
CA GLY D 444 0.44 -33.09 -28.93
C GLY D 444 -0.09 -32.98 -27.51
N PHE D 445 -0.98 -32.01 -27.28
CA PHE D 445 -1.48 -31.73 -25.93
C PHE D 445 -2.52 -32.75 -25.50
N GLN D 446 -3.35 -33.17 -26.43
CA GLN D 446 -4.29 -34.31 -26.27
C GLN D 446 -3.54 -35.50 -25.66
N GLN D 447 -2.40 -35.82 -26.28
CA GLN D 447 -1.58 -36.97 -25.93
C GLN D 447 -0.96 -36.84 -24.56
N ILE D 448 -0.39 -35.69 -24.22
CA ILE D 448 0.17 -35.54 -22.86
C ILE D 448 -0.92 -35.62 -21.81
N LEU D 449 -2.06 -34.99 -22.09
CA LEU D 449 -3.21 -35.05 -21.20
C LEU D 449 -3.69 -36.50 -20.97
N ALA D 450 -3.61 -37.32 -22.02
CA ALA D 450 -4.09 -38.70 -21.94
C ALA D 450 -3.11 -39.68 -21.29
N GLY D 451 -1.92 -39.21 -20.94
CA GLY D 451 -0.93 -40.04 -20.24
C GLY D 451 0.11 -40.67 -21.14
N GLU D 452 -0.02 -40.43 -22.44
CA GLU D 452 0.81 -41.10 -23.44
C GLU D 452 2.33 -40.94 -23.27
N TYR D 453 2.76 -39.95 -22.47
CA TYR D 453 4.20 -39.68 -22.32
C TYR D 453 4.64 -39.51 -20.88
N ASP D 454 3.91 -40.13 -19.95
CA ASP D 454 4.30 -40.13 -18.54
C ASP D 454 5.71 -40.68 -18.29
N HIS D 455 6.25 -41.39 -19.28
CA HIS D 455 7.55 -42.08 -19.16
C HIS D 455 8.71 -41.23 -19.68
N LEU D 456 8.41 -40.22 -20.48
CA LEU D 456 9.40 -39.25 -20.91
C LEU D 456 9.74 -38.23 -19.79
N PRO D 457 10.98 -37.72 -19.77
CA PRO D 457 11.36 -36.69 -18.81
C PRO D 457 10.87 -35.29 -19.20
N GLU D 458 10.48 -34.51 -18.19
CA GLU D 458 10.10 -33.10 -18.27
C GLU D 458 10.87 -32.33 -19.34
N GLN D 459 12.20 -32.41 -19.30
CA GLN D 459 13.05 -31.56 -20.17
C GLN D 459 12.89 -31.84 -21.64
N ALA D 460 12.41 -33.03 -21.97
CA ALA D 460 12.26 -33.43 -23.37
C ALA D 460 11.19 -32.58 -24.05
N PHE D 461 10.35 -31.96 -23.22
CA PHE D 461 9.23 -31.18 -23.70
C PHE D 461 9.56 -29.71 -23.81
N TYR D 462 10.72 -29.34 -23.26
CA TYR D 462 11.17 -27.97 -23.27
C TYR D 462 11.76 -27.57 -24.63
N MET D 463 11.16 -26.55 -25.26
CA MET D 463 11.75 -25.78 -26.36
C MET D 463 11.85 -26.60 -27.66
N VAL D 464 10.72 -27.19 -28.05
CA VAL D 464 10.59 -27.95 -29.27
C VAL D 464 9.33 -27.52 -30.00
N GLY D 465 9.22 -27.95 -31.26
CA GLY D 465 8.02 -27.72 -32.06
C GLY D 465 6.99 -28.80 -31.77
N PRO D 466 6.77 -29.69 -32.75
CA PRO D 466 5.81 -30.79 -32.63
C PRO D 466 6.20 -31.86 -31.61
N ILE D 467 5.23 -32.69 -31.24
CA ILE D 467 5.39 -33.69 -30.19
C ILE D 467 6.46 -34.77 -30.50
N GLU D 468 6.67 -35.05 -31.79
CA GLU D 468 7.74 -35.97 -32.26
C GLU D 468 9.13 -35.47 -31.89
N GLU D 469 9.30 -34.15 -31.83
CA GLU D 469 10.59 -33.56 -31.45
C GLU D 469 10.90 -33.78 -29.99
N ALA D 470 9.88 -34.05 -29.20
CA ALA D 470 10.03 -34.29 -27.78
C ALA D 470 10.40 -35.74 -27.51
N VAL D 471 9.90 -36.64 -28.35
CA VAL D 471 10.29 -38.07 -28.30
C VAL D 471 11.75 -38.18 -28.77
N ALA D 472 12.06 -37.52 -29.89
CA ALA D 472 13.42 -37.40 -30.39
C ALA D 472 14.38 -36.93 -29.30
N LYS D 473 14.03 -35.80 -28.68
CA LYS D 473 14.83 -35.19 -27.61
C LYS D 473 15.02 -36.11 -26.40
N ALA D 474 14.00 -36.87 -26.04
CA ALA D 474 14.07 -37.82 -24.93
C ALA D 474 15.15 -38.89 -25.17
N ASP D 475 15.19 -39.43 -26.40
CA ASP D 475 16.23 -40.38 -26.81
C ASP D 475 17.61 -39.73 -26.76
N LYS D 476 17.72 -38.50 -27.30
CA LYS D 476 18.99 -37.77 -27.26
C LYS D 476 19.51 -37.55 -25.85
N LEU D 477 18.59 -37.34 -24.91
CA LEU D 477 18.93 -37.10 -23.50
C LEU D 477 19.42 -38.36 -22.78
N ALA D 478 18.82 -39.51 -23.11
CA ALA D 478 19.16 -40.80 -22.49
C ALA D 478 20.68 -41.01 -22.31
N GLU D 479 21.47 -40.48 -23.24
CA GLU D 479 22.91 -40.23 -23.05
C GLU D 479 23.57 -39.75 -24.34
N THR E 13 -34.82 37.09 5.72
CA THR E 13 -34.12 37.74 4.56
C THR E 13 -33.93 36.83 3.33
N THR E 14 -33.74 37.45 2.16
CA THR E 14 -33.77 36.78 0.86
C THR E 14 -32.48 36.89 0.03
N GLY E 15 -31.89 35.74 -0.29
CA GLY E 15 -30.71 35.67 -1.12
C GLY E 15 -30.97 35.16 -2.53
N ARG E 16 -29.96 35.32 -3.38
CA ARG E 16 -30.02 34.86 -4.77
C ARG E 16 -28.92 33.80 -5.02
N ILE E 17 -29.29 32.75 -5.74
CA ILE E 17 -28.33 31.73 -6.12
C ILE E 17 -27.33 32.36 -7.08
N VAL E 18 -26.03 32.21 -6.81
CA VAL E 18 -25.04 32.67 -7.79
C VAL E 18 -24.20 31.54 -8.41
N ALA E 19 -24.24 30.36 -7.81
CA ALA E 19 -23.53 29.20 -8.37
C ALA E 19 -24.24 27.90 -8.04
N VAL E 20 -24.36 27.04 -9.04
CA VAL E 20 -24.82 25.65 -8.85
C VAL E 20 -23.79 24.70 -9.49
N ILE E 21 -23.20 23.85 -8.65
CA ILE E 21 -22.24 22.81 -9.07
C ILE E 21 -22.61 21.52 -8.36
N GLY E 22 -23.50 20.73 -8.97
CA GLY E 22 -23.97 19.52 -8.34
C GLY E 22 -24.76 19.79 -7.06
N ALA E 23 -24.38 19.10 -5.98
CA ALA E 23 -25.04 19.20 -4.69
C ALA E 23 -24.57 20.42 -3.91
N VAL E 24 -23.80 21.29 -4.57
CA VAL E 24 -23.25 22.48 -3.93
C VAL E 24 -23.77 23.77 -4.58
N VAL E 25 -24.40 24.61 -3.75
CA VAL E 25 -25.06 25.83 -4.21
C VAL E 25 -24.50 27.04 -3.44
N ASP E 26 -24.03 28.03 -4.18
CA ASP E 26 -23.60 29.32 -3.59
C ASP E 26 -24.75 30.33 -3.65
N VAL E 27 -25.03 30.99 -2.53
CA VAL E 27 -26.13 31.95 -2.43
C VAL E 27 -25.62 33.29 -1.89
N GLN E 28 -25.91 34.35 -2.66
CA GLN E 28 -25.54 35.70 -2.27
C GLN E 28 -26.70 36.44 -1.57
N PHE E 29 -26.39 37.02 -0.41
CA PHE E 29 -27.36 37.84 0.35
C PHE E 29 -26.98 39.31 0.40
N ASP E 30 -27.95 40.17 0.10
CA ASP E 30 -27.74 41.62 0.07
C ASP E 30 -27.55 42.26 1.43
N GLU E 31 -28.18 41.71 2.47
CA GLU E 31 -28.03 42.25 3.82
C GLU E 31 -27.26 41.33 4.76
N GLY E 32 -27.91 40.91 5.85
CA GLY E 32 -27.29 40.03 6.84
C GLY E 32 -27.19 38.59 6.38
N LEU E 33 -26.03 37.98 6.62
CA LEU E 33 -25.76 36.60 6.22
C LEU E 33 -26.36 35.53 7.14
N PRO E 34 -26.88 34.46 6.55
CA PRO E 34 -27.27 33.28 7.32
C PRO E 34 -26.01 32.64 7.87
N PRO E 35 -25.92 32.48 9.18
CA PRO E 35 -24.75 31.85 9.79
C PRO E 35 -24.60 30.40 9.35
N ILE E 36 -23.38 29.87 9.47
CA ILE E 36 -23.12 28.48 9.15
C ILE E 36 -24.07 27.54 9.89
N LEU E 37 -24.59 26.57 9.13
CA LEU E 37 -25.52 25.54 9.60
C LEU E 37 -26.99 25.92 9.50
N ASN E 38 -27.26 27.14 9.04
CA ASN E 38 -28.64 27.57 8.84
C ASN E 38 -29.27 26.81 7.68
N ALA E 39 -30.57 26.56 7.81
CA ALA E 39 -31.37 26.00 6.72
C ALA E 39 -31.89 27.12 5.85
N LEU E 40 -31.69 26.97 4.53
CA LEU E 40 -32.18 27.90 3.53
C LEU E 40 -33.25 27.21 2.71
N GLU E 41 -34.31 27.94 2.37
CA GLU E 41 -35.45 27.39 1.60
C GLU E 41 -35.46 27.97 0.22
N VAL E 42 -35.29 27.10 -0.77
CA VAL E 42 -35.26 27.58 -2.16
C VAL E 42 -36.69 27.80 -2.64
N GLN E 43 -36.89 28.95 -3.27
CA GLN E 43 -38.20 29.40 -3.74
C GLN E 43 -38.40 28.96 -5.19
N GLY E 44 -39.66 28.83 -5.59
CA GLY E 44 -40.02 28.52 -6.97
C GLY E 44 -39.84 27.07 -7.35
N ARG E 45 -40.22 26.15 -6.45
CA ARG E 45 -40.01 24.73 -6.68
C ARG E 45 -41.17 23.84 -6.25
N GLU E 46 -41.37 22.73 -6.96
CA GLU E 46 -42.47 21.81 -6.70
C GLU E 46 -42.39 21.28 -5.28
N THR E 47 -41.26 20.68 -4.94
CA THR E 47 -41.04 20.09 -3.64
C THR E 47 -40.00 20.91 -2.92
N ARG E 48 -39.94 20.74 -1.60
CA ARG E 48 -39.09 21.57 -0.76
C ARG E 48 -37.62 21.22 -0.96
N LEU E 49 -36.88 22.21 -1.46
CA LEU E 49 -35.43 22.13 -1.54
C LEU E 49 -34.71 22.95 -0.45
N VAL E 50 -34.11 22.23 0.50
CA VAL E 50 -33.37 22.86 1.59
C VAL E 50 -31.83 22.82 1.36
N LEU E 51 -31.18 23.97 1.62
CA LEU E 51 -29.73 24.14 1.55
C LEU E 51 -29.18 24.45 2.93
N GLU E 52 -28.17 23.70 3.36
CA GLU E 52 -27.51 23.96 4.64
C GLU E 52 -26.24 24.78 4.42
N VAL E 53 -26.16 25.95 5.08
CA VAL E 53 -24.95 26.79 4.98
C VAL E 53 -23.70 26.07 5.54
N ALA E 54 -22.61 26.12 4.77
CA ALA E 54 -21.38 25.45 5.19
C ALA E 54 -20.23 26.43 5.40
N GLN E 55 -20.14 27.45 4.56
CA GLN E 55 -19.07 28.46 4.68
C GLN E 55 -19.53 29.86 4.25
N HIS E 56 -18.84 30.87 4.78
CA HIS E 56 -18.97 32.20 4.29
C HIS E 56 -17.72 32.42 3.47
N LEU E 57 -17.91 32.60 2.16
CA LEU E 57 -16.83 32.75 1.20
C LEU E 57 -16.28 34.18 1.13
N GLY E 58 -16.93 35.10 1.85
CA GLY E 58 -16.65 36.52 1.67
C GLY E 58 -17.54 37.10 0.60
N GLU E 59 -17.49 38.42 0.44
CA GLU E 59 -18.31 39.15 -0.55
C GLU E 59 -19.80 38.80 -0.47
N SER E 60 -20.29 38.59 0.75
CA SER E 60 -21.71 38.31 1.05
C SER E 60 -22.32 37.01 0.51
N THR E 61 -21.44 36.11 0.08
CA THR E 61 -21.85 34.83 -0.48
C THR E 61 -21.60 33.72 0.53
N VAL E 62 -22.50 32.75 0.57
CA VAL E 62 -22.31 31.56 1.36
C VAL E 62 -22.27 30.37 0.41
N ARG E 63 -21.58 29.32 0.83
CA ARG E 63 -21.58 28.05 0.11
C ARG E 63 -22.43 27.09 0.90
N THR E 64 -23.32 26.39 0.21
CA THR E 64 -24.29 25.52 0.85
C THR E 64 -24.27 24.10 0.25
N ILE E 65 -24.62 23.11 1.07
CA ILE E 65 -24.87 21.74 0.61
C ILE E 65 -26.39 21.49 0.52
N ALA E 66 -26.81 20.91 -0.61
CA ALA E 66 -28.20 20.62 -0.90
C ALA E 66 -28.72 19.33 -0.27
N MET E 67 -29.93 19.37 0.27
CA MET E 67 -30.61 18.15 0.77
C MET E 67 -31.42 17.36 -0.30
N ASP E 68 -31.42 17.83 -1.54
CA ASP E 68 -32.14 17.16 -2.62
C ASP E 68 -31.59 17.66 -3.95
N GLY E 69 -32.00 17.03 -5.06
CA GLY E 69 -31.48 17.40 -6.37
C GLY E 69 -31.54 18.88 -6.66
N THR E 70 -30.54 19.37 -7.37
CA THR E 70 -30.43 20.76 -7.71
C THR E 70 -30.72 21.02 -9.17
N GLU E 71 -31.17 19.99 -9.87
CA GLU E 71 -31.52 20.12 -11.28
C GLU E 71 -32.66 21.14 -11.36
N GLY E 72 -32.65 21.97 -12.39
CA GLY E 72 -33.68 23.01 -12.54
C GLY E 72 -33.36 24.37 -11.93
N LEU E 73 -32.49 24.41 -10.93
CA LEU E 73 -32.09 25.67 -10.29
C LEU E 73 -31.52 26.64 -11.30
N VAL E 74 -31.82 27.93 -11.10
CA VAL E 74 -31.39 29.00 -11.99
C VAL E 74 -30.59 30.01 -11.17
N ARG E 75 -29.58 30.60 -11.78
CA ARG E 75 -28.82 31.66 -11.13
C ARG E 75 -29.75 32.87 -11.00
N GLY E 76 -29.84 33.43 -9.80
CA GLY E 76 -30.78 34.52 -9.55
C GLY E 76 -32.06 34.04 -8.88
N GLN E 77 -32.30 32.73 -8.93
CA GLN E 77 -33.46 32.15 -8.27
C GLN E 77 -33.41 32.54 -6.80
N LYS E 78 -34.58 32.71 -6.18
CA LYS E 78 -34.65 33.29 -4.85
C LYS E 78 -34.51 32.22 -3.79
N VAL E 79 -33.80 32.58 -2.72
CA VAL E 79 -33.59 31.68 -1.59
C VAL E 79 -33.89 32.42 -0.29
N LEU E 80 -34.52 31.71 0.65
CA LEU E 80 -35.00 32.31 1.89
C LEU E 80 -34.24 31.76 3.09
N ASP E 81 -33.44 32.61 3.75
CA ASP E 81 -32.87 32.24 5.05
C ASP E 81 -33.99 32.01 6.06
N SER E 82 -34.09 30.78 6.57
CA SER E 82 -35.14 30.42 7.50
C SER E 82 -34.86 30.91 8.93
N GLY E 83 -33.66 31.45 9.14
CA GLY E 83 -33.26 32.00 10.43
C GLY E 83 -32.73 31.02 11.47
N ALA E 84 -32.85 29.72 11.19
CA ALA E 84 -32.34 28.68 12.09
C ALA E 84 -31.73 27.51 11.29
N PRO E 85 -31.00 26.61 11.97
CA PRO E 85 -30.69 25.29 11.41
C PRO E 85 -31.96 24.56 10.96
N ILE E 86 -31.79 23.34 10.47
CA ILE E 86 -32.91 22.47 10.15
C ILE E 86 -33.69 22.10 11.41
N ARG E 87 -34.98 22.44 11.38
CA ARG E 87 -35.87 22.18 12.49
C ARG E 87 -36.91 21.14 12.10
N ILE E 88 -37.10 20.17 12.98
CA ILE E 88 -37.97 19.04 12.70
C ILE E 88 -39.01 18.85 13.81
N PRO E 89 -40.18 18.30 13.45
CA PRO E 89 -41.16 17.88 14.44
C PRO E 89 -40.58 16.97 15.51
N VAL E 90 -40.87 17.27 16.78
CA VAL E 90 -40.49 16.36 17.88
C VAL E 90 -41.68 16.15 18.83
N GLY E 91 -41.69 15.02 19.53
CA GLY E 91 -42.74 14.71 20.50
C GLY E 91 -43.47 13.42 20.16
N PRO E 92 -44.34 12.96 21.05
CA PRO E 92 -45.07 11.68 20.88
C PRO E 92 -45.74 11.43 19.51
N GLU E 93 -45.98 12.50 18.75
CA GLU E 93 -46.62 12.37 17.43
C GLU E 93 -45.67 11.87 16.32
N THR E 94 -44.36 11.86 16.59
CA THR E 94 -43.39 11.36 15.62
C THR E 94 -43.43 9.85 15.64
N LEU E 95 -43.92 9.28 16.74
CA LEU E 95 -43.94 7.84 16.89
C LEU E 95 -44.84 7.15 15.83
N GLY E 96 -44.37 5.99 15.36
CA GLY E 96 -45.05 5.22 14.31
C GLY E 96 -45.13 5.92 12.97
N ARG E 97 -44.52 7.09 12.88
CA ARG E 97 -44.44 7.85 11.63
C ARG E 97 -43.03 7.76 10.98
N ILE E 98 -42.96 8.03 9.69
CA ILE E 98 -41.68 8.10 8.97
C ILE E 98 -41.48 9.50 8.45
N MET E 99 -40.37 10.11 8.84
CA MET E 99 -39.98 11.41 8.28
C MET E 99 -38.63 11.33 7.56
N ASN E 100 -38.37 12.30 6.71
CA ASN E 100 -37.08 12.40 6.08
C ASN E 100 -36.17 13.32 6.89
N VAL E 101 -35.08 13.75 6.27
CA VAL E 101 -34.00 14.48 6.95
C VAL E 101 -34.43 15.90 7.41
N ILE E 102 -35.23 16.60 6.58
CA ILE E 102 -35.78 17.93 6.92
C ILE E 102 -37.16 17.85 7.62
N GLY E 103 -37.50 16.69 8.19
CA GLY E 103 -38.68 16.53 9.03
C GLY E 103 -40.02 16.32 8.35
N GLU E 104 -40.07 16.45 7.02
CA GLU E 104 -41.24 16.10 6.21
C GLU E 104 -41.65 14.64 6.40
N PRO E 105 -42.95 14.35 6.47
CA PRO E 105 -43.43 12.96 6.57
C PRO E 105 -43.41 12.26 5.20
N ILE E 106 -43.05 10.97 5.19
CA ILE E 106 -42.89 10.27 3.90
C ILE E 106 -43.61 8.92 3.87
N ASP E 107 -44.38 8.65 4.93
CA ASP E 107 -45.27 7.51 5.02
C ASP E 107 -46.66 7.81 4.41
N GLU E 108 -46.85 9.05 3.98
CA GLU E 108 -48.08 9.48 3.28
C GLU E 108 -49.35 9.60 4.15
N ARG E 109 -49.17 9.53 5.48
CA ARG E 109 -50.26 9.63 6.44
C ARG E 109 -50.58 11.08 6.87
N GLY E 110 -50.39 12.03 5.97
CA GLY E 110 -50.62 13.46 6.27
C GLY E 110 -49.51 14.10 7.11
N PRO E 111 -49.77 15.31 7.62
CA PRO E 111 -48.78 16.06 8.41
C PRO E 111 -48.46 15.44 9.77
N ILE E 112 -47.36 15.90 10.37
CA ILE E 112 -46.99 15.51 11.75
C ILE E 112 -47.37 16.67 12.69
N LYS E 113 -48.25 16.36 13.63
CA LYS E 113 -48.92 17.38 14.44
C LYS E 113 -48.31 17.48 15.82
N THR E 114 -47.24 18.26 15.93
CA THR E 114 -46.59 18.53 17.20
C THR E 114 -46.60 20.02 17.48
N LYS E 115 -46.57 20.37 18.75
CA LYS E 115 -46.43 21.76 19.17
C LYS E 115 -44.99 22.23 19.00
N GLN E 116 -44.04 21.37 19.40
CA GLN E 116 -42.61 21.69 19.35
C GLN E 116 -41.94 21.24 18.04
N PHE E 117 -41.08 22.10 17.53
CA PHE E 117 -40.02 21.73 16.58
C PHE E 117 -38.67 21.79 17.31
N ALA E 118 -37.65 21.13 16.75
CA ALA E 118 -36.28 21.21 17.28
C ALA E 118 -35.24 21.33 16.15
N ALA E 119 -34.16 22.08 16.41
CA ALA E 119 -33.05 22.20 15.46
C ALA E 119 -32.23 20.93 15.51
N ILE E 120 -31.82 20.41 14.34
CA ILE E 120 -31.05 19.12 14.33
C ILE E 120 -29.60 19.24 14.82
N HIS E 121 -29.01 20.42 14.66
CA HIS E 121 -27.70 20.71 15.25
C HIS E 121 -27.87 21.27 16.65
N ALA E 122 -27.18 20.65 17.59
CA ALA E 122 -27.17 21.07 18.99
C ALA E 122 -25.87 20.54 19.58
N GLU E 123 -25.24 21.34 20.44
CA GLU E 123 -24.03 20.93 21.13
C GLU E 123 -24.32 19.84 22.13
N ALA E 124 -23.32 19.05 22.48
CA ALA E 124 -23.50 17.97 23.45
C ALA E 124 -23.76 18.53 24.87
N PRO E 125 -24.39 17.73 25.73
CA PRO E 125 -24.52 18.07 27.16
C PRO E 125 -23.19 18.47 27.80
N GLU E 126 -23.22 19.53 28.60
CA GLU E 126 -22.01 20.06 29.23
C GLU E 126 -21.49 19.11 30.30
N PHE E 127 -20.25 19.33 30.72
CA PHE E 127 -19.60 18.50 31.74
C PHE E 127 -20.41 18.38 33.04
N VAL E 128 -20.96 19.51 33.51
CA VAL E 128 -21.74 19.51 34.76
C VAL E 128 -23.07 18.73 34.66
N GLU E 129 -23.56 18.56 33.42
CA GLU E 129 -24.81 17.85 33.13
C GLU E 129 -24.60 16.34 33.03
N MET E 130 -23.35 15.92 33.18
CA MET E 130 -22.96 14.52 33.04
C MET E 130 -23.25 13.71 34.30
N SER E 131 -23.96 12.61 34.14
CA SER E 131 -23.99 11.60 35.17
C SER E 131 -22.57 11.07 35.35
N VAL E 132 -22.16 10.88 36.60
CA VAL E 132 -20.84 10.33 36.94
C VAL E 132 -20.96 8.84 37.24
N GLU E 133 -22.20 8.37 37.27
CA GLU E 133 -22.54 7.00 37.59
C GLU E 133 -22.79 6.20 36.31
N GLN E 134 -22.32 4.94 36.31
CA GLN E 134 -22.52 4.02 35.19
C GLN E 134 -23.55 2.92 35.53
N GLU E 135 -24.74 3.05 34.98
CA GLU E 135 -25.83 2.10 35.20
C GLU E 135 -25.97 1.12 34.04
N ILE E 136 -26.29 -0.14 34.37
CA ILE E 136 -26.70 -1.12 33.36
C ILE E 136 -28.04 -0.71 32.78
N LEU E 137 -28.22 -0.96 31.49
CA LEU E 137 -29.55 -0.84 30.91
C LEU E 137 -30.07 -2.24 30.65
N VAL E 138 -30.96 -2.69 31.53
CA VAL E 138 -31.51 -4.03 31.46
C VAL E 138 -32.38 -4.15 30.20
N THR E 139 -32.02 -5.10 29.34
CA THR E 139 -32.75 -5.36 28.12
C THR E 139 -33.77 -6.49 28.37
N GLY E 140 -33.43 -7.37 29.29
CA GLY E 140 -34.26 -8.55 29.52
C GLY E 140 -33.94 -9.68 28.56
N ILE E 141 -32.90 -9.50 27.74
CA ILE E 141 -32.35 -10.56 26.92
C ILE E 141 -31.14 -11.15 27.66
N LYS E 142 -31.27 -12.41 28.05
CA LYS E 142 -30.28 -13.07 28.92
C LYS E 142 -28.80 -12.94 28.48
N VAL E 143 -28.54 -13.17 27.20
CA VAL E 143 -27.18 -13.19 26.67
C VAL E 143 -26.50 -11.86 26.87
N VAL E 144 -27.20 -10.81 26.46
CA VAL E 144 -26.77 -9.43 26.56
C VAL E 144 -26.50 -9.05 28.03
N ASP E 145 -27.58 -9.07 28.83
CA ASP E 145 -27.55 -8.65 30.23
C ASP E 145 -26.53 -9.38 31.09
N LEU E 146 -26.40 -10.69 30.94
CA LEU E 146 -25.38 -11.41 31.71
C LEU E 146 -23.94 -11.16 31.22
N LEU E 147 -23.72 -11.22 29.91
CA LEU E 147 -22.36 -11.34 29.40
C LEU E 147 -21.78 -10.06 28.81
N ALA E 148 -22.59 -9.30 28.08
CA ALA E 148 -22.16 -8.01 27.52
C ALA E 148 -23.23 -6.93 27.74
N PRO E 149 -23.44 -6.56 29.01
CA PRO E 149 -24.52 -5.65 29.38
C PRO E 149 -24.40 -4.26 28.74
N TYR E 150 -25.53 -3.78 28.23
CA TYR E 150 -25.65 -2.43 27.70
C TYR E 150 -25.50 -1.45 28.87
N ALA E 151 -24.85 -0.33 28.63
CA ALA E 151 -24.66 0.72 29.64
C ALA E 151 -25.60 1.88 29.31
N LYS E 152 -26.26 2.39 30.34
CA LYS E 152 -27.24 3.46 30.20
C LYS E 152 -26.55 4.67 29.58
N GLY E 153 -27.04 5.09 28.43
CA GLY E 153 -26.43 6.21 27.71
C GLY E 153 -25.14 5.83 26.98
N GLY E 154 -24.87 4.52 26.85
CA GLY E 154 -23.70 4.05 26.10
C GLY E 154 -23.99 3.76 24.62
N LYS E 155 -22.93 3.45 23.87
CA LYS E 155 -23.08 3.05 22.47
C LYS E 155 -22.72 1.60 22.29
N ILE E 156 -23.53 0.90 21.49
CA ILE E 156 -23.37 -0.53 21.29
C ILE E 156 -23.17 -0.79 19.81
N GLY E 157 -22.10 -1.52 19.50
CA GLY E 157 -21.77 -1.84 18.12
C GLY E 157 -22.36 -3.19 17.76
N LEU E 158 -23.30 -3.18 16.82
CA LEU E 158 -23.98 -4.39 16.42
C LEU E 158 -23.33 -4.96 15.17
N PHE E 159 -22.77 -6.16 15.30
CA PHE E 159 -22.07 -6.79 14.20
C PHE E 159 -22.87 -7.98 13.74
N GLY E 160 -22.37 -8.62 12.69
CA GLY E 160 -23.08 -9.69 12.03
C GLY E 160 -23.50 -9.08 10.72
N GLY E 161 -24.73 -8.59 10.69
CA GLY E 161 -25.27 -7.90 9.52
C GLY E 161 -26.61 -8.47 9.11
N ALA E 162 -26.78 -8.65 7.81
CA ALA E 162 -28.04 -9.15 7.26
C ALA E 162 -28.10 -10.68 7.22
N GLY E 163 -29.19 -11.24 7.73
CA GLY E 163 -29.42 -12.69 7.74
C GLY E 163 -29.56 -13.32 9.13
N VAL E 164 -29.00 -12.67 10.14
CA VAL E 164 -28.85 -13.26 11.49
C VAL E 164 -29.80 -12.77 12.59
N GLY E 165 -30.84 -12.04 12.21
CA GLY E 165 -31.86 -11.63 13.17
C GLY E 165 -31.65 -10.27 13.82
N LYS E 166 -30.91 -9.41 13.13
CA LYS E 166 -30.73 -8.03 13.55
C LYS E 166 -32.07 -7.29 13.67
N THR E 167 -32.95 -7.48 12.70
CA THR E 167 -34.23 -6.75 12.66
C THR E 167 -35.17 -7.19 13.79
N VAL E 168 -35.17 -8.49 14.08
CA VAL E 168 -35.95 -9.07 15.18
C VAL E 168 -35.44 -8.56 16.53
N LEU E 169 -34.11 -8.59 16.71
CA LEU E 169 -33.42 -8.07 17.89
C LEU E 169 -33.66 -6.57 18.10
N ILE E 170 -33.57 -5.79 17.03
CA ILE E 170 -33.91 -4.38 17.08
C ILE E 170 -35.35 -4.18 17.60
N MET E 171 -36.30 -4.88 16.98
CA MET E 171 -37.71 -4.73 17.32
C MET E 171 -38.01 -5.19 18.74
N GLU E 172 -37.32 -6.24 19.17
CA GLU E 172 -37.40 -6.72 20.54
C GLU E 172 -36.87 -5.71 21.57
N LEU E 173 -35.87 -4.91 21.19
CA LEU E 173 -35.29 -3.91 22.08
C LEU E 173 -36.25 -2.76 22.26
N ILE E 174 -36.78 -2.25 21.15
CA ILE E 174 -37.88 -1.30 21.20
C ILE E 174 -38.97 -1.81 22.18
N ASN E 175 -39.34 -3.08 22.03
CA ASN E 175 -40.41 -3.69 22.81
C ASN E 175 -40.04 -3.73 24.29
N ASN E 176 -38.90 -4.33 24.62
CA ASN E 176 -38.46 -4.51 26.00
C ASN E 176 -38.06 -3.24 26.75
N VAL E 177 -37.79 -2.16 26.01
CA VAL E 177 -37.44 -0.87 26.61
C VAL E 177 -38.70 -0.03 26.85
N ALA E 178 -39.64 -0.05 25.91
CA ALA E 178 -40.93 0.62 26.11
C ALA E 178 -41.75 -0.13 27.16
N LYS E 179 -41.43 -1.41 27.36
CA LYS E 179 -42.11 -2.25 28.32
C LYS E 179 -41.53 -2.05 29.74
N ALA E 180 -40.29 -2.49 29.94
CA ALA E 180 -39.69 -2.56 31.27
C ALA E 180 -38.97 -1.30 31.78
N HIS E 181 -38.99 -0.23 30.99
CA HIS E 181 -38.35 1.05 31.33
C HIS E 181 -39.25 2.24 30.99
N GLY E 182 -40.35 1.98 30.28
CA GLY E 182 -41.18 3.05 29.75
C GLY E 182 -40.45 4.02 28.82
N GLY E 183 -39.43 3.53 28.12
CA GLY E 183 -38.69 4.34 27.15
C GLY E 183 -39.08 4.07 25.70
N TYR E 184 -39.20 5.13 24.90
CA TYR E 184 -39.46 5.01 23.47
C TYR E 184 -38.19 4.78 22.65
N SER E 185 -38.36 4.78 21.32
CA SER E 185 -37.29 4.49 20.38
C SER E 185 -37.30 5.33 19.11
N VAL E 186 -36.10 5.54 18.57
CA VAL E 186 -35.95 6.15 17.25
C VAL E 186 -35.11 5.23 16.37
N PHE E 187 -35.52 5.13 15.11
CA PHE E 187 -34.75 4.38 14.14
C PHE E 187 -34.31 5.32 13.05
N ALA E 188 -32.99 5.51 12.96
CA ALA E 188 -32.42 6.32 11.92
C ALA E 188 -31.72 5.44 10.88
N GLY E 189 -32.29 5.42 9.67
CA GLY E 189 -31.72 4.69 8.55
C GLY E 189 -30.89 5.64 7.72
N VAL E 190 -29.58 5.57 7.91
CA VAL E 190 -28.62 6.37 7.15
C VAL E 190 -28.26 5.56 5.91
N GLY E 191 -28.57 6.11 4.74
CA GLY E 191 -28.49 5.37 3.48
C GLY E 191 -29.33 4.11 3.53
N GLU E 192 -30.62 4.29 3.77
CA GLU E 192 -31.59 3.20 3.80
C GLU E 192 -31.95 2.82 2.36
N ARG E 193 -31.84 1.54 2.03
CA ARG E 193 -32.31 1.08 0.72
C ARG E 193 -33.83 1.17 0.76
N THR E 194 -34.39 1.93 -0.17
CA THR E 194 -35.83 2.12 -0.26
C THR E 194 -36.63 0.81 -0.05
N ARG E 195 -36.22 -0.26 -0.74
CA ARG E 195 -36.92 -1.54 -0.62
C ARG E 195 -36.88 -2.05 0.82
N GLU E 196 -35.72 -1.92 1.46
CA GLU E 196 -35.57 -2.35 2.85
C GLU E 196 -36.28 -1.47 3.88
N GLY E 197 -36.55 -0.22 3.53
CA GLY E 197 -37.27 0.71 4.41
C GLY E 197 -38.76 0.41 4.48
N ASN E 198 -39.33 0.13 3.30
CA ASN E 198 -40.68 -0.43 3.14
C ASN E 198 -40.81 -1.74 3.89
N ASP E 199 -39.91 -2.67 3.62
CA ASP E 199 -39.91 -3.94 4.31
C ASP E 199 -39.90 -3.74 5.83
N LEU E 200 -39.08 -2.81 6.32
CA LEU E 200 -38.91 -2.62 7.75
C LEU E 200 -40.18 -2.09 8.40
N TYR E 201 -40.72 -1.03 7.79
CA TYR E 201 -42.01 -0.46 8.16
C TYR E 201 -43.03 -1.57 8.42
N HIS E 202 -43.24 -2.42 7.42
CA HIS E 202 -44.28 -3.44 7.47
C HIS E 202 -44.02 -4.55 8.45
N GLU E 203 -42.75 -4.88 8.67
CA GLU E 203 -42.37 -5.83 9.71
C GLU E 203 -42.71 -5.30 11.09
N MET E 204 -42.50 -4.00 11.27
CA MET E 204 -42.71 -3.33 12.56
C MET E 204 -44.20 -3.21 12.88
N ILE E 205 -44.99 -2.86 11.87
CA ILE E 205 -46.44 -2.87 11.98
C ILE E 205 -46.95 -4.26 12.36
N GLU E 206 -46.45 -5.28 11.66
CA GLU E 206 -46.90 -6.65 11.90
C GLU E 206 -46.48 -7.22 13.24
N SER E 207 -45.41 -6.66 13.84
CA SER E 207 -44.95 -7.11 15.15
C SER E 207 -45.58 -6.30 16.30
N GLY E 208 -46.25 -5.20 15.97
CA GLY E 208 -46.92 -4.36 16.96
C GLY E 208 -46.24 -3.06 17.34
N VAL E 209 -44.91 -3.02 17.27
CA VAL E 209 -44.15 -1.84 17.73
C VAL E 209 -44.52 -0.54 16.98
N ILE E 210 -45.10 -0.67 15.79
CA ILE E 210 -45.80 0.46 15.17
C ILE E 210 -47.28 0.06 15.10
N ASN E 211 -48.14 1.07 15.21
CA ASN E 211 -49.58 0.88 15.16
C ASN E 211 -50.22 2.06 14.44
N LEU E 212 -50.85 1.78 13.30
CA LEU E 212 -51.51 2.81 12.50
C LEU E 212 -52.89 3.11 13.04
N LYS E 213 -53.36 2.28 13.98
CA LYS E 213 -54.74 2.36 14.46
C LYS E 213 -54.89 3.37 15.59
N ASP E 214 -54.15 3.16 16.69
CA ASP E 214 -54.25 4.02 17.87
C ASP E 214 -53.07 5.00 18.00
N ALA E 215 -52.52 5.09 19.22
CA ALA E 215 -51.37 5.94 19.48
C ALA E 215 -50.35 5.20 20.36
N THR E 216 -50.35 3.88 20.25
CA THR E 216 -49.44 3.05 21.04
C THR E 216 -48.15 2.63 20.33
N SER E 217 -47.79 3.32 19.25
CA SER E 217 -46.48 3.08 18.58
C SER E 217 -45.31 3.32 19.53
N LYS E 218 -44.27 2.51 19.43
CA LYS E 218 -43.12 2.67 20.31
C LYS E 218 -41.86 3.24 19.62
N VAL E 219 -41.90 3.38 18.29
CA VAL E 219 -40.73 3.86 17.50
C VAL E 219 -41.08 4.94 16.50
N ALA E 220 -40.27 6.00 16.46
CA ALA E 220 -40.26 6.89 15.30
C ALA E 220 -39.22 6.41 14.30
N LEU E 221 -39.53 6.53 13.01
CA LEU E 221 -38.60 6.17 11.96
C LEU E 221 -38.16 7.41 11.21
N VAL E 222 -36.85 7.49 10.92
CA VAL E 222 -36.27 8.58 10.15
C VAL E 222 -35.37 7.97 9.06
N TYR E 223 -35.73 8.22 7.80
CA TYR E 223 -35.05 7.59 6.66
C TYR E 223 -34.31 8.61 5.84
N GLY E 224 -33.03 8.34 5.61
CA GLY E 224 -32.23 9.11 4.64
C GLY E 224 -31.72 8.16 3.59
N GLN E 225 -32.49 8.01 2.54
CA GLN E 225 -32.35 6.88 1.62
C GLN E 225 -31.17 7.01 0.65
N MET E 226 -30.62 5.88 0.24
CA MET E 226 -29.40 5.83 -0.56
C MET E 226 -29.40 6.73 -1.75
N ASN E 227 -30.56 6.89 -2.35
CA ASN E 227 -30.68 7.75 -3.52
C ASN E 227 -30.76 9.26 -3.26
N GLU E 228 -30.39 9.68 -2.05
CA GLU E 228 -30.39 11.11 -1.74
C GLU E 228 -28.97 11.67 -1.74
N PRO E 229 -28.80 12.97 -2.03
CA PRO E 229 -27.47 13.59 -2.01
C PRO E 229 -26.76 13.39 -0.67
N PRO E 230 -25.43 13.54 -0.66
CA PRO E 230 -24.63 13.27 0.55
C PRO E 230 -24.96 14.18 1.76
N GLY E 231 -25.33 15.44 1.54
CA GLY E 231 -25.75 16.31 2.64
C GLY E 231 -26.89 15.67 3.44
N ALA E 232 -27.83 15.07 2.72
CA ALA E 232 -29.02 14.48 3.31
C ALA E 232 -28.68 13.25 4.11
N ARG E 233 -27.94 12.33 3.50
CA ARG E 233 -27.45 11.13 4.22
C ARG E 233 -26.47 11.50 5.34
N ALA E 234 -25.75 12.60 5.20
CA ALA E 234 -24.84 13.04 6.27
C ALA E 234 -25.61 13.57 7.50
N ARG E 235 -26.75 14.22 7.27
CA ARG E 235 -27.55 14.82 8.36
C ARG E 235 -28.58 13.92 9.06
N VAL E 236 -29.06 12.85 8.42
CA VAL E 236 -30.15 12.07 8.99
C VAL E 236 -29.90 11.50 10.36
N ALA E 237 -28.67 11.09 10.66
CA ALA E 237 -28.39 10.57 12.01
C ALA E 237 -28.67 11.66 13.04
N LEU E 238 -28.52 12.92 12.63
CA LEU E 238 -28.75 14.07 13.51
C LEU E 238 -30.24 14.32 13.70
N THR E 239 -30.99 14.34 12.60
CA THR E 239 -32.46 14.33 12.62
C THR E 239 -33.00 13.26 13.60
N GLY E 240 -32.60 12.02 13.37
CA GLY E 240 -32.92 10.91 14.25
C GLY E 240 -32.58 11.20 15.69
N LEU E 241 -31.45 11.87 15.90
CA LEU E 241 -30.94 12.15 17.23
C LEU E 241 -31.77 13.21 17.95
N THR E 242 -32.13 14.27 17.21
CA THR E 242 -32.99 15.35 17.67
C THR E 242 -34.32 14.79 18.22
N VAL E 243 -35.01 14.02 17.39
CA VAL E 243 -36.20 13.27 17.80
C VAL E 243 -35.98 12.61 19.16
N ALA E 244 -34.92 11.81 19.27
CA ALA E 244 -34.59 11.13 20.52
C ALA E 244 -34.35 12.10 21.68
N GLU E 245 -33.76 13.26 21.39
CA GLU E 245 -33.39 14.17 22.45
C GLU E 245 -34.64 14.66 23.17
N TYR E 246 -35.69 14.96 22.42
CA TYR E 246 -36.97 15.32 23.00
C TYR E 246 -37.39 14.38 24.14
N PHE E 247 -37.42 13.08 23.88
CA PHE E 247 -37.87 12.11 24.89
C PHE E 247 -36.98 11.99 26.14
N ARG E 248 -35.70 12.35 26.00
CA ARG E 248 -34.79 12.35 27.14
C ARG E 248 -34.92 13.65 27.93
N ASP E 249 -34.92 14.77 27.21
CA ASP E 249 -34.87 16.08 27.85
C ASP E 249 -36.24 16.51 28.38
N GLN E 250 -37.23 16.52 27.47
CA GLN E 250 -38.59 17.01 27.74
C GLN E 250 -39.46 16.03 28.50
N GLU E 251 -39.23 14.72 28.28
CA GLU E 251 -40.06 13.68 28.91
C GLU E 251 -39.32 12.80 29.94
N GLY E 252 -38.01 13.01 30.11
CA GLY E 252 -37.23 12.31 31.15
C GLY E 252 -36.97 10.81 31.01
N GLN E 253 -37.15 10.29 29.79
CA GLN E 253 -37.08 8.84 29.54
C GLN E 253 -35.66 8.33 29.29
N ASP E 254 -35.47 7.04 29.55
CA ASP E 254 -34.31 6.33 29.06
C ASP E 254 -34.61 5.86 27.61
N VAL E 255 -34.15 6.64 26.63
CA VAL E 255 -34.48 6.40 25.21
C VAL E 255 -33.51 5.43 24.52
N LEU E 256 -34.00 4.80 23.45
CA LEU E 256 -33.22 3.94 22.56
C LEU E 256 -33.09 4.54 21.16
N LEU E 257 -31.86 4.75 20.69
CA LEU E 257 -31.62 5.22 19.32
C LEU E 257 -30.89 4.18 18.49
N PHE E 258 -31.51 3.79 17.36
CA PHE E 258 -30.89 2.86 16.43
C PHE E 258 -30.34 3.65 15.25
N ILE E 259 -29.06 3.43 14.96
CA ILE E 259 -28.46 4.00 13.74
C ILE E 259 -28.02 2.86 12.83
N ASP E 260 -28.70 2.76 11.68
CA ASP E 260 -28.38 1.78 10.67
C ASP E 260 -28.07 2.53 9.38
N ASN E 261 -26.81 2.58 8.96
CA ASN E 261 -25.69 2.16 9.78
C ASN E 261 -24.63 3.25 9.84
N ILE E 262 -23.78 3.18 10.85
CA ILE E 262 -22.85 4.24 11.14
C ILE E 262 -21.75 4.46 10.06
N PHE E 263 -21.27 3.39 9.41
CA PHE E 263 -20.33 3.59 8.31
C PHE E 263 -20.89 4.51 7.23
N ARG E 264 -22.19 4.42 6.96
CA ARG E 264 -22.80 5.25 5.92
C ARG E 264 -22.95 6.72 6.34
N PHE E 265 -22.85 6.97 7.63
CA PHE E 265 -22.78 8.32 8.20
C PHE E 265 -21.38 8.94 7.95
N THR E 266 -20.33 8.19 8.28
CA THR E 266 -18.96 8.55 7.93
C THR E 266 -18.78 8.80 6.43
N GLN E 267 -19.27 7.88 5.62
CA GLN E 267 -19.17 7.91 4.16
C GLN E 267 -19.83 9.15 3.57
N ALA E 268 -21.05 9.42 3.99
CA ALA E 268 -21.73 10.62 3.52
C ALA E 268 -20.92 11.86 3.90
N GLY E 269 -20.37 11.85 5.11
CA GLY E 269 -19.56 12.98 5.59
C GLY E 269 -18.30 13.13 4.76
N SER E 270 -17.70 12.00 4.39
CA SER E 270 -16.55 12.01 3.51
C SER E 270 -16.91 12.56 2.16
N GLU E 271 -18.10 12.21 1.67
CA GLU E 271 -18.60 12.73 0.41
C GLU E 271 -18.80 14.25 0.43
N VAL E 272 -19.52 14.74 1.45
CA VAL E 272 -19.71 16.19 1.62
C VAL E 272 -18.39 16.93 1.71
N SER E 273 -17.44 16.38 2.45
CA SER E 273 -16.12 16.99 2.57
C SER E 273 -15.43 17.11 1.22
N ALA E 274 -15.54 16.06 0.40
CA ALA E 274 -14.95 16.04 -0.95
C ALA E 274 -15.55 17.12 -1.79
N LEU E 275 -16.88 17.23 -1.76
CA LEU E 275 -17.62 18.21 -2.57
C LEU E 275 -17.33 19.62 -2.15
N LEU E 276 -17.06 19.84 -0.86
CA LEU E 276 -16.63 21.16 -0.41
C LEU E 276 -15.17 21.50 -0.75
N GLY E 277 -14.45 20.59 -1.41
CA GLY E 277 -13.08 20.87 -1.86
C GLY E 277 -12.04 20.72 -0.76
N ARG E 278 -12.41 20.13 0.36
CA ARG E 278 -11.43 19.86 1.37
C ARG E 278 -10.51 18.69 0.97
N ILE E 279 -9.25 18.83 1.34
CA ILE E 279 -8.24 17.82 1.12
C ILE E 279 -8.51 16.55 1.95
N PRO E 280 -8.63 15.41 1.27
CA PRO E 280 -8.81 14.14 1.98
C PRO E 280 -7.64 13.77 2.91
N SER E 281 -7.95 12.94 3.89
CA SER E 281 -7.01 12.56 4.88
C SER E 281 -6.64 11.10 4.59
N ALA E 282 -6.04 10.38 5.55
CA ALA E 282 -5.57 9.02 5.30
C ALA E 282 -6.73 8.14 4.80
N VAL E 283 -6.47 7.41 3.70
CA VAL E 283 -7.41 6.40 3.16
C VAL E 283 -8.60 7.06 2.47
N GLY E 284 -8.49 8.34 2.17
CA GLY E 284 -9.58 9.05 1.53
C GLY E 284 -10.64 9.69 2.44
N TYR E 285 -10.62 9.39 3.74
CA TYR E 285 -11.62 9.98 4.66
C TYR E 285 -11.48 11.48 4.85
N GLN E 286 -12.59 12.14 5.25
CA GLN E 286 -12.60 13.59 5.56
C GLN E 286 -11.53 13.91 6.62
N PRO E 287 -10.89 15.09 6.52
CA PRO E 287 -10.01 15.61 7.62
C PRO E 287 -10.73 15.72 8.97
N THR E 288 -12.02 16.04 8.92
CA THR E 288 -12.88 16.18 10.11
C THR E 288 -13.48 14.88 10.62
N LEU E 289 -12.90 13.74 10.25
CA LEU E 289 -13.46 12.43 10.55
C LEU E 289 -13.81 12.23 12.04
N ALA E 290 -12.84 12.53 12.91
CA ALA E 290 -12.98 12.31 14.36
C ALA E 290 -13.97 13.28 15.04
N THR E 291 -14.01 14.52 14.56
CA THR E 291 -14.94 15.52 15.12
C THR E 291 -16.34 15.37 14.54
N ASP E 292 -16.46 15.00 13.26
CA ASP E 292 -17.75 14.65 12.67
C ASP E 292 -18.43 13.61 13.53
N MET E 293 -17.64 12.62 13.94
CA MET E 293 -18.16 11.50 14.68
C MET E 293 -18.42 11.94 16.12
N GLY E 294 -17.52 12.76 16.65
CA GLY E 294 -17.55 13.21 18.04
C GLY E 294 -18.74 14.10 18.35
N THR E 295 -19.00 15.08 17.51
CA THR E 295 -20.09 16.01 17.73
C THR E 295 -21.45 15.35 17.58
N MET E 296 -21.53 14.23 16.87
CA MET E 296 -22.76 13.44 16.83
C MET E 296 -22.84 12.50 18.06
N GLN E 297 -21.82 11.68 18.26
CA GLN E 297 -21.84 10.66 19.32
C GLN E 297 -21.99 11.20 20.75
N GLU E 298 -21.47 12.39 21.00
CA GLU E 298 -21.40 12.90 22.37
C GLU E 298 -22.78 13.29 22.88
N ARG E 299 -23.67 13.62 21.93
CA ARG E 299 -25.09 13.88 22.21
C ARG E 299 -25.82 12.66 22.77
N ILE E 300 -25.32 11.45 22.51
CA ILE E 300 -25.87 10.22 23.06
C ILE E 300 -25.19 9.91 24.38
N THR E 301 -25.90 10.16 25.48
CA THR E 301 -25.38 9.98 26.81
C THR E 301 -26.51 10.03 27.86
N THR E 302 -26.16 9.69 29.11
CA THR E 302 -27.03 9.91 30.27
C THR E 302 -26.84 11.32 30.81
N THR E 303 -27.90 12.13 30.79
CA THR E 303 -27.90 13.38 31.53
C THR E 303 -28.60 13.19 32.88
N LYS E 304 -28.76 14.28 33.62
CA LYS E 304 -29.51 14.26 34.88
C LYS E 304 -31.00 13.96 34.66
N LYS E 305 -31.53 14.42 33.52
CA LYS E 305 -32.95 14.27 33.18
C LYS E 305 -33.30 12.87 32.67
N GLY E 306 -32.44 12.29 31.84
CA GLY E 306 -32.64 10.94 31.31
C GLY E 306 -31.42 10.41 30.57
N SER E 307 -31.64 9.53 29.60
CA SER E 307 -30.54 8.96 28.83
C SER E 307 -30.96 8.52 27.42
N ILE E 308 -30.08 8.74 26.44
CA ILE E 308 -30.17 8.04 25.15
C ILE E 308 -29.13 6.92 25.09
N THR E 309 -29.58 5.76 24.69
CA THR E 309 -28.72 4.61 24.49
C THR E 309 -28.79 4.27 22.99
N SER E 310 -27.63 4.09 22.36
CA SER E 310 -27.62 3.88 20.91
C SER E 310 -27.10 2.52 20.49
N VAL E 311 -27.87 1.84 19.65
CA VAL E 311 -27.42 0.61 18.98
C VAL E 311 -27.09 0.99 17.54
N GLN E 312 -25.81 0.78 17.17
CA GLN E 312 -25.28 1.18 15.85
C GLN E 312 -24.69 -0.02 15.07
N ALA E 313 -25.26 -0.29 13.91
CA ALA E 313 -24.73 -1.33 13.03
C ALA E 313 -23.45 -0.82 12.35
N ILE E 314 -22.36 -1.57 12.49
CA ILE E 314 -21.08 -1.19 11.90
C ILE E 314 -20.73 -2.05 10.71
N TYR E 315 -20.44 -1.38 9.60
CA TYR E 315 -19.78 -2.00 8.48
C TYR E 315 -18.26 -1.74 8.59
N VAL E 316 -17.47 -2.82 8.58
CA VAL E 316 -16.02 -2.77 8.64
C VAL E 316 -15.48 -2.89 7.22
N PRO E 317 -15.12 -1.77 6.59
CA PRO E 317 -14.51 -1.83 5.25
C PRO E 317 -13.28 -2.75 5.20
N ALA E 318 -13.31 -3.68 4.23
CA ALA E 318 -12.23 -4.67 3.97
C ALA E 318 -11.97 -5.65 5.12
N ASP E 319 -12.97 -5.88 5.96
CA ASP E 319 -12.79 -6.57 7.24
C ASP E 319 -11.54 -6.09 7.99
N ASP E 320 -11.23 -4.81 7.85
CA ASP E 320 -10.02 -4.19 8.41
C ASP E 320 -10.46 -3.34 9.60
N LEU E 321 -10.20 -3.83 10.80
CA LEU E 321 -10.66 -3.13 12.02
C LEU E 321 -9.81 -1.90 12.37
N THR E 322 -8.67 -1.74 11.67
CA THR E 322 -7.77 -0.60 11.85
C THR E 322 -8.05 0.48 10.82
N ASP E 323 -9.02 0.26 9.95
CA ASP E 323 -9.44 1.26 8.98
C ASP E 323 -9.95 2.49 9.78
N PRO E 324 -9.65 3.71 9.32
CA PRO E 324 -9.99 4.90 10.09
C PRO E 324 -11.46 4.94 10.54
N ALA E 325 -12.38 4.50 9.67
CA ALA E 325 -13.81 4.59 9.92
C ALA E 325 -14.27 3.73 11.11
N PRO E 326 -14.08 2.41 11.05
CA PRO E 326 -14.29 1.58 12.24
C PRO E 326 -13.45 1.99 13.45
N ALA E 327 -12.16 2.31 13.24
CA ALA E 327 -11.28 2.70 14.38
C ALA E 327 -11.79 3.96 15.10
N THR E 328 -12.27 4.93 14.34
CA THR E 328 -12.84 6.13 14.91
C THR E 328 -14.16 5.82 15.65
N THR E 329 -14.94 4.88 15.11
CA THR E 329 -16.18 4.49 15.75
C THR E 329 -15.96 3.78 17.08
N PHE E 330 -14.96 2.89 17.13
CA PHE E 330 -14.74 2.07 18.33
C PHE E 330 -14.38 2.84 19.60
N ALA E 331 -13.85 4.05 19.42
CA ALA E 331 -13.47 4.90 20.55
C ALA E 331 -14.72 5.33 21.34
N HIS E 332 -15.88 5.25 20.69
CA HIS E 332 -17.14 5.68 21.26
C HIS E 332 -17.99 4.54 21.79
N LEU E 333 -17.61 3.30 21.48
CA LEU E 333 -18.41 2.12 21.84
C LEU E 333 -18.16 1.60 23.24
N ASP E 334 -19.25 1.41 23.98
CA ASP E 334 -19.21 0.78 25.31
C ASP E 334 -19.47 -0.73 25.29
N ALA E 335 -20.06 -1.23 24.20
CA ALA E 335 -20.25 -2.67 24.02
C ALA E 335 -20.34 -3.04 22.56
N THR E 336 -20.18 -4.33 22.28
CA THR E 336 -20.51 -4.88 20.97
C THR E 336 -21.53 -6.01 21.17
N THR E 337 -22.49 -6.11 20.28
CA THR E 337 -23.31 -7.30 20.20
C THR E 337 -22.97 -7.96 18.88
N VAL E 338 -22.41 -9.15 18.93
CA VAL E 338 -22.02 -9.86 17.73
C VAL E 338 -23.04 -10.94 17.42
N LEU E 339 -23.87 -10.68 16.41
CA LEU E 339 -24.76 -11.70 15.85
C LEU E 339 -23.93 -12.59 14.91
N SER E 340 -24.10 -13.90 15.05
CA SER E 340 -23.26 -14.88 14.38
C SER E 340 -24.10 -15.90 13.59
N ARG E 341 -23.71 -16.16 12.35
CA ARG E 341 -24.36 -17.16 11.51
C ARG E 341 -24.17 -18.58 12.01
N ALA E 342 -23.00 -18.86 12.59
CA ALA E 342 -22.73 -20.16 13.17
C ALA E 342 -23.79 -20.48 14.23
N ILE E 343 -24.00 -19.55 15.15
CA ILE E 343 -24.99 -19.70 16.23
C ILE E 343 -26.41 -19.88 15.69
N ALA E 344 -26.78 -19.07 14.69
CA ALA E 344 -28.11 -19.13 14.06
C ALA E 344 -28.41 -20.51 13.49
N GLU E 345 -27.44 -21.08 12.79
CA GLU E 345 -27.57 -22.42 12.21
C GLU E 345 -27.65 -23.53 13.26
N LEU E 346 -27.16 -23.24 14.49
CA LEU E 346 -27.38 -24.14 15.63
C LEU E 346 -28.72 -23.90 16.35
N GLY E 347 -29.52 -22.97 15.83
CA GLY E 347 -30.88 -22.75 16.33
C GLY E 347 -31.01 -21.97 17.62
N ILE E 348 -29.91 -21.42 18.12
CA ILE E 348 -29.88 -20.58 19.32
C ILE E 348 -30.32 -19.15 18.97
N TYR E 349 -31.56 -18.78 19.30
CA TYR E 349 -32.01 -17.39 19.17
C TYR E 349 -32.08 -16.70 20.55
N PRO E 350 -31.61 -15.46 20.66
CA PRO E 350 -30.98 -14.73 19.56
C PRO E 350 -29.55 -15.21 19.32
N ALA E 351 -29.08 -15.07 18.08
CA ALA E 351 -27.81 -15.67 17.63
C ALA E 351 -26.58 -14.85 18.07
N VAL E 352 -26.60 -14.44 19.33
CA VAL E 352 -25.54 -13.63 19.90
C VAL E 352 -24.36 -14.52 20.20
N ASP E 353 -23.17 -14.11 19.73
CA ASP E 353 -21.97 -14.79 20.12
C ASP E 353 -21.59 -14.36 21.55
N PRO E 354 -21.68 -15.32 22.47
CA PRO E 354 -21.52 -15.02 23.90
C PRO E 354 -20.05 -14.82 24.31
N LEU E 355 -19.11 -15.25 23.48
CA LEU E 355 -17.69 -15.03 23.75
C LEU E 355 -17.12 -13.86 22.93
N ASP E 356 -17.77 -13.53 21.82
CA ASP E 356 -17.27 -12.49 20.93
C ASP E 356 -17.80 -11.10 21.28
N SER E 357 -19.04 -11.05 21.77
CA SER E 357 -19.63 -9.82 22.27
C SER E 357 -18.95 -9.43 23.59
N THR E 358 -18.74 -8.13 23.81
CA THR E 358 -18.05 -7.65 25.01
C THR E 358 -18.79 -6.48 25.63
N SER E 359 -18.54 -6.22 26.92
CA SER E 359 -18.96 -4.98 27.55
C SER E 359 -17.86 -4.29 28.37
N ARG E 360 -17.77 -2.97 28.21
CA ARG E 360 -16.81 -2.17 28.98
C ARG E 360 -17.19 -2.08 30.47
N ILE E 361 -18.49 -2.14 30.74
CA ILE E 361 -19.02 -2.05 32.10
C ILE E 361 -19.14 -3.42 32.77
N MET E 362 -18.65 -4.45 32.09
CA MET E 362 -18.53 -5.78 32.69
C MET E 362 -17.30 -5.77 33.62
N ASP E 363 -17.54 -5.22 34.79
CA ASP E 363 -16.52 -4.86 35.77
C ASP E 363 -17.19 -5.00 37.14
N PRO E 364 -16.54 -5.67 38.10
CA PRO E 364 -17.12 -5.81 39.44
C PRO E 364 -17.37 -4.47 40.12
N ASN E 365 -16.57 -3.45 39.79
CA ASN E 365 -16.76 -2.10 40.34
C ASN E 365 -17.95 -1.33 39.76
N ILE E 366 -18.55 -1.86 38.68
CA ILE E 366 -19.69 -1.22 38.00
C ILE E 366 -20.98 -2.05 38.13
N VAL E 367 -20.92 -3.33 37.78
CA VAL E 367 -22.03 -4.27 37.99
C VAL E 367 -21.77 -5.04 39.30
N GLY E 368 -22.60 -6.02 39.60
CA GLY E 368 -22.38 -6.80 40.80
C GLY E 368 -20.97 -7.39 40.86
N SER E 369 -20.50 -7.66 42.06
CA SER E 369 -19.36 -8.55 42.27
C SER E 369 -19.85 -9.98 42.01
N GLU E 370 -21.16 -10.16 42.13
CA GLU E 370 -21.83 -11.43 41.87
C GLU E 370 -22.21 -11.57 40.39
N HIS E 371 -22.70 -10.48 39.81
CA HIS E 371 -22.93 -10.39 38.36
C HIS E 371 -21.63 -10.68 37.60
N TYR E 372 -20.53 -10.06 38.03
CA TYR E 372 -19.24 -10.22 37.36
C TYR E 372 -18.69 -11.65 37.40
N ASP E 373 -18.78 -12.29 38.55
CA ASP E 373 -18.22 -13.63 38.70
C ASP E 373 -19.06 -14.73 38.01
N VAL E 374 -20.37 -14.49 37.90
CA VAL E 374 -21.27 -15.41 37.16
C VAL E 374 -20.96 -15.36 35.65
N ALA E 375 -20.86 -14.14 35.13
CA ALA E 375 -20.48 -13.89 33.73
C ALA E 375 -19.08 -14.40 33.42
N ARG E 376 -18.11 -14.12 34.29
CA ARG E 376 -16.75 -14.67 34.12
C ARG E 376 -16.73 -16.21 34.18
N GLY E 377 -17.56 -16.77 35.06
CA GLY E 377 -17.72 -18.22 35.23
C GLY E 377 -18.36 -18.88 34.02
N VAL E 378 -19.44 -18.24 33.51
CA VAL E 378 -20.06 -18.64 32.24
C VAL E 378 -19.05 -18.62 31.08
N GLN E 379 -18.29 -17.54 30.97
CA GLN E 379 -17.25 -17.39 29.97
C GLN E 379 -16.19 -18.48 30.01
N LYS E 380 -15.61 -18.69 31.20
CA LYS E 380 -14.56 -19.70 31.38
C LYS E 380 -15.01 -21.12 30.99
N ILE E 381 -16.25 -21.45 31.35
CA ILE E 381 -16.82 -22.78 31.06
C ILE E 381 -17.10 -22.95 29.56
N LEU E 382 -17.56 -21.87 28.91
CA LEU E 382 -17.83 -21.88 27.48
C LEU E 382 -16.54 -21.88 26.68
N GLN E 383 -15.52 -21.21 27.22
CA GLN E 383 -14.17 -21.24 26.65
C GLN E 383 -13.55 -22.62 26.86
N ASP E 384 -13.79 -23.22 28.04
CA ASP E 384 -13.26 -24.55 28.37
C ASP E 384 -13.95 -25.66 27.58
N TYR E 385 -15.25 -25.49 27.32
CA TYR E 385 -16.00 -26.40 26.46
C TYR E 385 -15.39 -26.46 25.06
N LYS E 386 -14.90 -25.31 24.58
CA LYS E 386 -14.31 -25.18 23.25
C LYS E 386 -12.98 -25.95 23.11
N SER E 387 -12.18 -25.97 24.19
CA SER E 387 -10.92 -26.71 24.23
C SER E 387 -11.15 -28.21 24.08
N LEU E 388 -12.15 -28.71 24.80
CA LEU E 388 -12.47 -30.13 24.82
C LEU E 388 -13.09 -30.64 23.51
N GLN E 389 -13.47 -29.73 22.61
CA GLN E 389 -14.16 -30.11 21.38
C GLN E 389 -13.29 -30.79 20.30
N ASP E 390 -11.98 -30.81 20.51
CA ASP E 390 -11.06 -31.57 19.65
C ASP E 390 -10.89 -32.99 20.19
N ILE E 391 -11.00 -33.11 21.50
CA ILE E 391 -10.85 -34.38 22.20
C ILE E 391 -12.14 -35.21 22.16
N ILE E 392 -13.17 -34.66 21.52
CA ILE E 392 -14.48 -35.32 21.37
C ILE E 392 -14.60 -36.07 20.04
N ALA E 393 -14.28 -35.39 18.93
CA ALA E 393 -14.31 -36.01 17.60
C ALA E 393 -13.07 -36.88 17.33
N ILE E 394 -12.43 -37.32 18.41
CA ILE E 394 -11.25 -38.20 18.36
C ILE E 394 -11.42 -39.39 19.32
N LEU E 395 -11.66 -39.10 20.59
CA LEU E 395 -11.75 -40.12 21.63
C LEU E 395 -13.18 -40.44 22.07
N GLY E 396 -14.14 -39.67 21.56
CA GLY E 396 -15.54 -39.82 21.97
C GLY E 396 -15.79 -39.19 23.33
N MET E 397 -17.03 -38.80 23.58
CA MET E 397 -17.38 -38.08 24.80
C MET E 397 -17.51 -39.00 26.02
N ASP E 398 -16.55 -39.91 26.17
CA ASP E 398 -16.53 -40.83 27.32
C ASP E 398 -15.14 -40.95 27.95
N GLU E 399 -14.10 -40.75 27.13
CA GLU E 399 -12.70 -40.83 27.59
C GLU E 399 -12.33 -39.66 28.51
N LEU E 400 -13.24 -38.68 28.60
CA LEU E 400 -13.09 -37.51 29.46
C LEU E 400 -13.16 -37.90 30.94
N SER E 401 -12.46 -37.14 31.79
CA SER E 401 -12.55 -37.33 33.24
C SER E 401 -13.89 -36.86 33.78
N GLU E 402 -14.18 -37.19 35.03
CA GLU E 402 -15.46 -36.79 35.65
C GLU E 402 -15.58 -35.27 35.78
N GLU E 403 -14.44 -34.59 35.94
CA GLU E 403 -14.36 -33.14 35.92
C GLU E 403 -14.68 -32.59 34.54
N ASP E 404 -14.16 -33.25 33.51
CA ASP E 404 -14.28 -32.83 32.11
C ASP E 404 -15.63 -33.17 31.47
N LYS E 405 -16.27 -34.23 31.96
CA LYS E 405 -17.62 -34.61 31.53
C LYS E 405 -18.66 -33.65 32.10
N LEU E 406 -18.35 -33.13 33.29
CA LEU E 406 -19.24 -32.26 34.04
C LEU E 406 -19.35 -30.89 33.38
N THR E 407 -18.22 -30.37 32.90
CA THR E 407 -18.18 -29.06 32.24
C THR E 407 -18.83 -29.07 30.86
N VAL E 408 -18.74 -30.20 30.16
CA VAL E 408 -19.46 -30.40 28.89
C VAL E 408 -20.98 -30.35 29.11
N SER E 409 -21.45 -31.16 30.06
CA SER E 409 -22.87 -31.24 30.42
C SER E 409 -23.44 -29.90 30.90
N ARG E 410 -22.66 -29.17 31.70
CA ARG E 410 -23.05 -27.85 32.20
C ARG E 410 -23.01 -26.74 31.13
N ALA E 411 -21.93 -26.76 30.32
CA ALA E 411 -21.73 -25.80 29.22
C ALA E 411 -22.84 -25.85 28.18
N ARG E 412 -23.22 -27.07 27.79
CA ARG E 412 -24.27 -27.27 26.80
C ARG E 412 -25.63 -26.81 27.32
N LYS E 413 -25.86 -26.99 28.63
CA LYS E 413 -27.07 -26.50 29.28
C LYS E 413 -27.09 -24.96 29.38
N ILE E 414 -25.90 -24.39 29.58
CA ILE E 414 -25.67 -22.94 29.55
C ILE E 414 -25.90 -22.32 28.15
N GLN E 415 -25.31 -22.94 27.12
CA GLN E 415 -25.51 -22.52 25.72
C GLN E 415 -26.99 -22.42 25.40
N ARG E 416 -27.71 -23.48 25.73
CA ARG E 416 -29.15 -23.56 25.49
C ARG E 416 -29.89 -22.58 26.40
N PHE E 417 -29.40 -22.41 27.63
CA PHE E 417 -30.02 -21.45 28.55
C PHE E 417 -29.85 -19.99 28.11
N LEU E 418 -28.85 -19.74 27.26
CA LEU E 418 -28.67 -18.40 26.69
C LEU E 418 -29.66 -18.05 25.58
N SER E 419 -30.38 -19.07 25.06
CA SER E 419 -31.45 -18.81 24.09
C SER E 419 -32.69 -18.20 24.76
N GLN E 420 -33.54 -17.54 23.97
CA GLN E 420 -34.71 -16.87 24.51
C GLN E 420 -35.79 -16.71 23.45
N PRO E 421 -37.02 -17.10 23.79
CA PRO E 421 -38.20 -16.76 22.99
C PRO E 421 -38.49 -15.27 23.11
N PHE E 422 -38.66 -14.60 21.98
CA PHE E 422 -38.91 -13.18 21.94
C PHE E 422 -40.40 -12.95 21.76
N GLN E 423 -40.94 -11.91 22.40
CA GLN E 423 -42.34 -11.51 22.16
C GLN E 423 -42.56 -11.03 20.73
N VAL E 424 -41.57 -10.35 20.18
CA VAL E 424 -41.68 -9.73 18.87
C VAL E 424 -41.77 -10.78 17.74
N ALA E 425 -41.35 -12.01 18.05
CA ALA E 425 -41.49 -13.14 17.12
C ALA E 425 -42.50 -14.20 17.60
N GLU E 426 -43.68 -13.75 18.02
CA GLU E 426 -44.78 -14.66 18.40
C GLU E 426 -45.55 -15.18 17.18
N VAL E 427 -45.64 -14.34 16.15
CA VAL E 427 -46.34 -14.67 14.90
C VAL E 427 -45.65 -15.79 14.12
N PHE E 428 -44.39 -15.57 13.75
CA PHE E 428 -43.60 -16.52 12.96
C PHE E 428 -43.34 -17.87 13.67
N THR E 429 -43.17 -17.84 14.99
CA THR E 429 -42.81 -19.06 15.75
C THR E 429 -44.03 -19.79 16.31
N GLY E 430 -44.74 -19.15 17.23
CA GLY E 430 -45.84 -19.77 17.95
C GLY E 430 -45.64 -19.78 19.47
N HIS E 431 -44.39 -19.77 19.90
CA HIS E 431 -44.03 -19.69 21.33
C HIS E 431 -44.38 -18.31 21.92
N LEU E 432 -44.63 -18.29 23.23
CA LEU E 432 -44.95 -17.04 23.94
C LEU E 432 -43.67 -16.32 24.37
N GLY E 433 -43.71 -14.99 24.25
CA GLY E 433 -42.53 -14.15 24.50
C GLY E 433 -42.10 -14.02 25.94
N LYS E 434 -40.78 -13.95 26.15
CA LYS E 434 -40.19 -13.83 27.49
C LYS E 434 -39.29 -12.62 27.66
N LEU E 435 -39.46 -11.93 28.78
CA LEU E 435 -38.63 -10.79 29.17
C LEU E 435 -38.11 -11.06 30.57
N VAL E 436 -36.87 -11.52 30.64
CA VAL E 436 -36.28 -12.03 31.87
C VAL E 436 -35.65 -10.90 32.70
N PRO E 437 -36.06 -10.76 33.97
CA PRO E 437 -35.44 -9.79 34.89
C PRO E 437 -33.97 -10.10 35.15
N LEU E 438 -33.19 -9.07 35.44
CA LEU E 438 -31.73 -9.17 35.57
C LEU E 438 -31.27 -10.10 36.70
N LYS E 439 -31.97 -10.04 37.83
CA LYS E 439 -31.64 -10.86 39.01
C LYS E 439 -31.93 -12.35 38.77
N GLU E 440 -32.98 -12.61 37.97
CA GLU E 440 -33.34 -13.98 37.57
C GLU E 440 -32.36 -14.59 36.56
N THR E 441 -31.89 -13.76 35.61
CA THR E 441 -30.84 -14.14 34.67
C THR E 441 -29.56 -14.53 35.41
N ILE E 442 -29.14 -13.67 36.33
CA ILE E 442 -27.95 -13.94 37.15
C ILE E 442 -28.14 -15.22 37.97
N LYS E 443 -29.34 -15.38 38.55
CA LYS E 443 -29.63 -16.56 39.39
C LYS E 443 -29.58 -17.83 38.56
N GLY E 444 -30.37 -17.88 37.49
CA GLY E 444 -30.40 -19.03 36.58
C GLY E 444 -29.02 -19.63 36.32
N PHE E 445 -28.12 -18.81 35.76
CA PHE E 445 -26.77 -19.23 35.37
C PHE E 445 -25.88 -19.63 36.52
N GLN E 446 -26.00 -18.92 37.65
CA GLN E 446 -25.25 -19.22 38.86
C GLN E 446 -25.48 -20.66 39.34
N GLN E 447 -26.71 -21.15 39.15
CA GLN E 447 -27.15 -22.48 39.60
C GLN E 447 -26.80 -23.64 38.65
N ILE E 448 -26.81 -23.38 37.33
CA ILE E 448 -26.34 -24.38 36.36
C ILE E 448 -24.84 -24.64 36.55
N LEU E 449 -24.12 -23.57 36.90
CA LEU E 449 -22.69 -23.65 37.25
C LEU E 449 -22.46 -24.42 38.55
N ALA E 450 -23.31 -24.15 39.55
CA ALA E 450 -23.27 -24.81 40.85
C ALA E 450 -23.54 -26.32 40.78
N GLY E 451 -24.36 -26.72 39.82
CA GLY E 451 -24.71 -28.13 39.63
C GLY E 451 -26.09 -28.44 40.17
N GLU E 452 -26.84 -27.38 40.46
CA GLU E 452 -28.18 -27.51 41.04
C GLU E 452 -29.22 -27.90 39.99
N TYR E 453 -28.74 -28.30 38.82
CA TYR E 453 -29.60 -28.75 37.72
C TYR E 453 -28.93 -29.81 36.84
N ASP E 454 -27.89 -30.47 37.38
CA ASP E 454 -27.18 -31.53 36.66
C ASP E 454 -28.04 -32.77 36.41
N HIS E 455 -29.04 -32.97 37.27
CA HIS E 455 -29.97 -34.09 37.15
C HIS E 455 -30.97 -33.89 36.02
N LEU E 456 -31.10 -32.65 35.55
CA LEU E 456 -32.05 -32.32 34.48
C LEU E 456 -31.49 -32.56 33.08
N PRO E 457 -32.37 -32.88 32.12
CA PRO E 457 -31.96 -33.10 30.73
C PRO E 457 -31.55 -31.82 30.03
N GLU E 458 -30.69 -31.97 29.03
CA GLU E 458 -30.05 -30.86 28.32
C GLU E 458 -31.03 -29.90 27.62
N GLN E 459 -32.03 -30.46 26.93
CA GLN E 459 -32.99 -29.67 26.15
C GLN E 459 -34.12 -29.06 26.99
N ALA E 460 -33.97 -29.10 28.32
CA ALA E 460 -34.89 -28.42 29.25
C ALA E 460 -34.62 -26.91 29.32
N PHE E 461 -33.39 -26.53 28.95
CA PHE E 461 -32.91 -25.16 29.07
C PHE E 461 -33.10 -24.33 27.79
N TYR E 462 -33.54 -24.99 26.72
CA TYR E 462 -33.65 -24.36 25.41
C TYR E 462 -34.99 -23.62 25.20
N MET E 463 -34.91 -22.42 24.63
CA MET E 463 -36.07 -21.56 24.39
C MET E 463 -37.01 -21.36 25.58
N VAL E 464 -36.41 -21.12 26.75
CA VAL E 464 -37.14 -20.75 27.95
C VAL E 464 -36.71 -19.35 28.41
N GLY E 465 -37.47 -18.77 29.33
CA GLY E 465 -37.12 -17.49 29.95
C GLY E 465 -36.30 -17.72 31.20
N PRO E 466 -36.91 -17.52 32.36
CA PRO E 466 -36.24 -17.75 33.65
C PRO E 466 -36.04 -19.23 33.94
N ILE E 467 -35.15 -19.53 34.89
CA ILE E 467 -34.83 -20.92 35.25
C ILE E 467 -36.06 -21.72 35.73
N GLU E 468 -37.09 -21.01 36.17
CA GLU E 468 -38.37 -21.61 36.61
C GLU E 468 -39.13 -22.33 35.51
N GLU E 469 -38.84 -21.95 34.26
CA GLU E 469 -39.43 -22.60 33.10
C GLU E 469 -38.56 -23.76 32.61
N ALA E 470 -37.33 -23.82 33.09
CA ALA E 470 -36.46 -24.96 32.84
C ALA E 470 -36.91 -26.15 33.68
N VAL E 471 -37.43 -25.85 34.88
CA VAL E 471 -38.05 -26.86 35.76
C VAL E 471 -39.39 -27.33 35.19
N ALA E 472 -40.25 -26.37 34.81
CA ALA E 472 -41.56 -26.65 34.22
C ALA E 472 -41.51 -27.43 32.90
N LYS E 473 -40.47 -27.18 32.11
CA LYS E 473 -40.28 -27.84 30.81
C LYS E 473 -39.61 -29.22 30.96
N ALA E 474 -38.84 -29.42 32.04
CA ALA E 474 -38.20 -30.69 32.31
C ALA E 474 -39.18 -31.70 32.92
N ASP E 475 -40.23 -31.18 33.55
CA ASP E 475 -41.30 -32.01 34.09
C ASP E 475 -42.26 -32.45 32.98
N LYS E 476 -42.57 -31.53 32.06
CA LYS E 476 -43.45 -31.80 30.93
C LYS E 476 -42.83 -32.74 29.89
N LEU E 477 -41.56 -33.09 30.10
CA LEU E 477 -40.89 -34.11 29.30
C LEU E 477 -40.73 -35.41 30.10
N ALA E 478 -40.79 -35.29 31.43
CA ALA E 478 -40.68 -36.42 32.36
C ALA E 478 -39.56 -37.40 32.02
N THR F 13 20.38 48.21 4.49
CA THR F 13 19.32 49.21 4.80
C THR F 13 18.32 48.62 5.79
N THR F 14 17.17 49.28 5.90
CA THR F 14 16.11 48.92 6.84
C THR F 14 14.84 48.46 6.10
N GLY F 15 14.41 47.24 6.38
CA GLY F 15 13.21 46.68 5.78
C GLY F 15 12.11 46.58 6.79
N ARG F 16 10.95 46.14 6.34
CA ARG F 16 9.82 45.94 7.23
C ARG F 16 9.12 44.62 6.94
N ILE F 17 8.65 43.96 7.99
CA ILE F 17 7.92 42.72 7.86
C ILE F 17 6.57 42.98 7.17
N VAL F 18 6.34 42.28 6.05
CA VAL F 18 5.02 42.31 5.36
C VAL F 18 4.15 41.07 5.60
N ALA F 19 4.75 39.93 5.97
CA ALA F 19 3.99 38.70 6.22
C ALA F 19 4.73 37.78 7.17
N VAL F 20 3.99 37.07 8.02
CA VAL F 20 4.57 36.12 8.96
C VAL F 20 3.72 34.85 9.00
N ILE F 21 4.34 33.71 8.68
CA ILE F 21 3.72 32.40 8.92
C ILE F 21 4.74 31.43 9.48
N GLY F 22 4.52 31.05 10.72
CA GLY F 22 5.53 30.34 11.49
C GLY F 22 6.94 30.84 11.24
N ALA F 23 7.80 29.95 10.75
CA ALA F 23 9.22 30.24 10.62
C ALA F 23 9.54 31.05 9.39
N VAL F 24 8.52 31.33 8.58
CA VAL F 24 8.74 32.01 7.33
C VAL F 24 8.26 33.47 7.40
N VAL F 25 9.16 34.38 7.02
CA VAL F 25 8.93 35.82 7.18
C VAL F 25 9.27 36.56 5.90
N ASP F 26 8.30 37.28 5.36
CA ASP F 26 8.50 38.14 4.20
C ASP F 26 8.79 39.57 4.68
N VAL F 27 9.79 40.18 4.06
CA VAL F 27 10.29 41.51 4.42
C VAL F 27 10.46 42.38 3.17
N GLN F 28 9.90 43.58 3.18
CA GLN F 28 10.08 44.52 2.08
C GLN F 28 11.16 45.58 2.34
N PHE F 29 12.00 45.80 1.34
CA PHE F 29 13.04 46.82 1.39
C PHE F 29 12.83 47.86 0.30
N ASP F 30 12.87 49.13 0.68
CA ASP F 30 12.75 50.24 -0.27
C ASP F 30 14.00 50.43 -1.13
N GLU F 31 15.16 50.48 -0.51
CA GLU F 31 16.42 50.50 -1.26
C GLU F 31 17.25 49.28 -0.94
N GLY F 32 17.88 48.72 -1.98
CA GLY F 32 18.86 47.63 -1.82
C GLY F 32 18.32 46.37 -1.15
N LEU F 33 18.08 45.35 -1.97
CA LEU F 33 17.67 44.06 -1.47
C LEU F 33 18.86 43.29 -0.92
N PRO F 34 18.69 42.71 0.25
CA PRO F 34 19.72 41.83 0.80
C PRO F 34 19.79 40.53 -0.04
N PRO F 35 20.98 40.10 -0.45
CA PRO F 35 21.11 38.88 -1.25
C PRO F 35 20.70 37.63 -0.49
N ILE F 36 20.49 36.56 -1.25
CA ILE F 36 20.08 35.28 -0.69
C ILE F 36 21.18 34.78 0.23
N LEU F 37 20.77 34.25 1.39
CA LEU F 37 21.66 33.73 2.47
C LEU F 37 22.09 34.78 3.52
N ASN F 38 21.88 36.06 3.21
CA ASN F 38 22.21 37.12 4.18
C ASN F 38 21.40 36.98 5.48
N ALA F 39 22.06 37.24 6.61
CA ALA F 39 21.40 37.32 7.91
C ALA F 39 20.82 38.71 8.11
N LEU F 40 19.54 38.78 8.44
CA LEU F 40 18.87 40.01 8.76
C LEU F 40 18.53 39.96 10.23
N GLU F 41 18.56 41.10 10.90
CA GLU F 41 18.19 41.18 12.30
C GLU F 41 16.90 41.95 12.48
N VAL F 42 15.98 41.33 13.22
CA VAL F 42 14.72 41.94 13.53
C VAL F 42 14.98 42.88 14.69
N GLN F 43 14.50 44.12 14.53
CA GLN F 43 14.54 45.16 15.55
C GLN F 43 13.35 45.03 16.48
N GLY F 44 13.46 45.57 17.69
CA GLY F 44 12.37 45.49 18.68
C GLY F 44 12.26 44.17 19.42
N ARG F 45 13.38 43.46 19.54
CA ARG F 45 13.41 42.17 20.21
C ARG F 45 14.33 42.16 21.41
N GLU F 46 13.91 41.44 22.46
CA GLU F 46 14.73 41.25 23.66
C GLU F 46 15.96 40.39 23.36
N THR F 47 15.75 39.22 22.73
CA THR F 47 16.89 38.39 22.28
C THR F 47 17.03 38.47 20.77
N ARG F 48 18.23 38.20 20.29
CA ARG F 48 18.57 38.35 18.87
C ARG F 48 17.75 37.39 18.01
N LEU F 49 16.99 37.93 17.06
CA LEU F 49 16.23 37.12 16.13
C LEU F 49 16.75 37.30 14.70
N VAL F 50 17.48 36.33 14.20
CA VAL F 50 18.04 36.37 12.85
C VAL F 50 17.03 35.77 11.83
N LEU F 51 16.92 36.42 10.67
CA LEU F 51 16.14 35.94 9.52
C LEU F 51 17.13 35.73 8.41
N GLU F 52 17.15 34.51 7.83
CA GLU F 52 18.05 34.23 6.73
C GLU F 52 17.31 34.35 5.37
N VAL F 53 17.82 35.18 4.47
CA VAL F 53 17.15 35.41 3.18
C VAL F 53 17.16 34.10 2.34
N ALA F 54 16.00 33.72 1.81
CA ALA F 54 15.86 32.47 1.04
C ALA F 54 15.59 32.73 -0.43
N GLN F 55 14.76 33.74 -0.70
CA GLN F 55 14.29 34.04 -2.06
C GLN F 55 14.04 35.52 -2.25
N HIS F 56 14.22 35.97 -3.47
CA HIS F 56 13.73 37.28 -3.85
C HIS F 56 12.40 37.04 -4.53
N LEU F 57 11.32 37.42 -3.85
CA LEU F 57 9.97 37.26 -4.38
C LEU F 57 9.60 38.20 -5.55
N GLY F 58 10.44 39.20 -5.81
CA GLY F 58 10.08 40.33 -6.69
C GLY F 58 9.32 41.41 -5.93
N GLU F 59 9.13 42.56 -6.57
CA GLU F 59 8.43 43.70 -5.97
C GLU F 59 9.10 44.11 -4.67
N SER F 60 10.44 44.03 -4.66
CA SER F 60 11.28 44.47 -3.54
C SER F 60 11.07 43.74 -2.23
N THR F 61 10.42 42.59 -2.28
CA THR F 61 10.17 41.75 -1.11
C THR F 61 11.11 40.53 -1.13
N VAL F 62 11.52 40.08 0.05
CA VAL F 62 12.31 38.85 0.15
C VAL F 62 11.61 37.89 1.09
N ARG F 63 11.84 36.60 0.87
CA ARG F 63 11.32 35.58 1.78
C ARG F 63 12.47 35.04 2.60
N THR F 64 12.25 34.91 3.90
CA THR F 64 13.32 34.52 4.83
C THR F 64 12.84 33.43 5.78
N ILE F 65 13.79 32.79 6.44
CA ILE F 65 13.53 31.79 7.46
C ILE F 65 14.07 32.26 8.81
N ALA F 66 13.22 32.29 9.83
CA ALA F 66 13.63 32.71 11.18
C ALA F 66 14.49 31.67 11.86
N MET F 67 15.50 32.14 12.60
CA MET F 67 16.34 31.23 13.37
C MET F 67 15.88 31.04 14.81
N ASP F 68 14.71 31.59 15.14
CA ASP F 68 14.13 31.42 16.47
C ASP F 68 12.64 31.72 16.34
N GLY F 69 11.88 31.64 17.43
CA GLY F 69 10.44 31.80 17.35
C GLY F 69 10.01 33.14 16.80
N THR F 70 8.90 33.15 16.09
CA THR F 70 8.37 34.40 15.53
C THR F 70 7.13 34.91 16.29
N GLU F 71 6.77 34.31 17.42
CA GLU F 71 5.70 34.88 18.21
C GLU F 71 6.04 36.33 18.55
N GLY F 72 5.04 37.21 18.47
CA GLY F 72 5.21 38.62 18.82
C GLY F 72 5.71 39.56 17.72
N LEU F 73 5.92 39.03 16.51
CA LEU F 73 6.27 39.89 15.37
C LEU F 73 5.02 40.56 14.84
N VAL F 74 5.20 41.75 14.26
CA VAL F 74 4.09 42.59 13.83
C VAL F 74 4.41 43.05 12.43
N ARG F 75 3.41 43.12 11.56
CA ARG F 75 3.64 43.69 10.22
C ARG F 75 4.07 45.14 10.38
N GLY F 76 5.09 45.55 9.63
CA GLY F 76 5.63 46.90 9.81
C GLY F 76 6.93 46.87 10.57
N GLN F 77 7.06 45.94 11.54
CA GLN F 77 8.29 45.80 12.36
C GLN F 77 9.55 45.82 11.51
N LYS F 78 10.55 46.53 12.02
CA LYS F 78 11.74 46.86 11.22
C LYS F 78 12.81 45.79 11.33
N VAL F 79 13.58 45.68 10.25
CA VAL F 79 14.53 44.62 10.08
C VAL F 79 15.75 45.23 9.39
N LEU F 80 16.94 44.90 9.87
CA LEU F 80 18.19 45.37 9.22
C LEU F 80 19.00 44.26 8.56
N ASP F 81 19.55 44.55 7.40
CA ASP F 81 20.53 43.71 6.76
C ASP F 81 21.86 43.84 7.50
N SER F 82 22.46 42.70 7.84
CA SER F 82 23.74 42.67 8.56
C SER F 82 24.91 42.71 7.57
N GLY F 83 24.58 42.52 6.29
CA GLY F 83 25.54 42.58 5.19
C GLY F 83 26.27 41.28 4.91
N ALA F 84 25.91 40.21 5.60
CA ALA F 84 26.54 38.90 5.38
C ALA F 84 25.67 37.71 5.86
N PRO F 85 26.01 36.46 5.49
CA PRO F 85 25.29 35.30 6.04
C PRO F 85 25.52 35.23 7.55
N ILE F 86 24.79 34.34 8.26
CA ILE F 86 25.14 34.04 9.65
C ILE F 86 26.63 33.75 9.81
N ARG F 87 27.26 34.45 10.76
CA ARG F 87 28.67 34.22 11.11
C ARG F 87 28.79 33.86 12.57
N ILE F 88 29.73 32.97 12.86
CA ILE F 88 29.79 32.37 14.17
C ILE F 88 31.26 32.31 14.59
N PRO F 89 31.53 32.23 15.90
CA PRO F 89 32.88 32.04 16.37
C PRO F 89 33.45 30.71 15.89
N VAL F 90 34.63 30.75 15.29
CA VAL F 90 35.42 29.55 15.04
C VAL F 90 36.81 29.68 15.68
N GLY F 91 37.38 28.55 16.05
CA GLY F 91 38.77 28.53 16.49
C GLY F 91 38.93 27.96 17.87
N PRO F 92 40.14 28.07 18.41
CA PRO F 92 40.50 27.48 19.70
C PRO F 92 39.56 27.83 20.85
N GLU F 93 38.92 28.99 20.83
CA GLU F 93 38.05 29.35 21.96
C GLU F 93 36.61 28.83 21.92
N THR F 94 36.29 28.00 20.92
CA THR F 94 35.01 27.30 20.88
C THR F 94 35.11 26.00 21.67
N LEU F 95 36.34 25.58 21.95
CA LEU F 95 36.56 24.31 22.60
C LEU F 95 36.15 24.38 24.06
N GLY F 96 35.27 23.46 24.45
CA GLY F 96 34.77 23.41 25.82
C GLY F 96 33.52 24.26 25.97
N ARG F 97 33.18 25.00 24.91
CA ARG F 97 31.96 25.82 24.88
C ARG F 97 30.76 25.09 24.25
N ILE F 98 29.56 25.55 24.60
CA ILE F 98 28.35 25.19 23.89
C ILE F 98 27.81 26.43 23.21
N MET F 99 27.59 26.33 21.90
CA MET F 99 26.95 27.40 21.13
C MET F 99 25.69 26.92 20.42
N ASN F 100 24.80 27.85 20.08
CA ASN F 100 23.58 27.55 19.34
C ASN F 100 23.77 27.80 17.81
N VAL F 101 22.67 27.73 17.03
CA VAL F 101 22.73 27.97 15.58
C VAL F 101 23.52 29.21 15.18
N ILE F 102 23.29 30.32 15.88
CA ILE F 102 23.87 31.61 15.44
C ILE F 102 25.17 31.98 16.17
N GLY F 103 25.75 31.00 16.88
CA GLY F 103 27.08 31.15 17.47
C GLY F 103 27.08 31.78 18.86
N GLU F 104 25.90 31.97 19.45
CA GLU F 104 25.80 32.51 20.78
C GLU F 104 26.15 31.44 21.80
N PRO F 105 26.91 31.77 22.86
CA PRO F 105 27.12 30.84 23.97
C PRO F 105 25.80 30.50 24.61
N ILE F 106 25.57 29.23 24.86
CA ILE F 106 24.36 28.82 25.59
C ILE F 106 24.79 27.99 26.79
N ASP F 107 26.02 28.19 27.25
CA ASP F 107 26.51 27.51 28.44
C ASP F 107 26.63 28.41 29.71
N GLU F 108 26.26 29.69 29.58
CA GLU F 108 26.25 30.64 30.69
C GLU F 108 27.65 31.00 31.17
N ARG F 109 28.63 30.89 30.28
CA ARG F 109 30.01 31.15 30.64
C ARG F 109 30.49 32.44 29.98
N GLY F 110 29.57 33.21 29.45
CA GLY F 110 29.90 34.49 28.84
C GLY F 110 30.42 34.41 27.42
N PRO F 111 30.91 35.54 26.91
CA PRO F 111 31.32 35.66 25.51
C PRO F 111 32.33 34.61 25.04
N ILE F 112 32.25 34.27 23.75
CA ILE F 112 33.25 33.43 23.12
C ILE F 112 34.12 34.43 22.36
N LYS F 113 35.25 34.78 22.95
CA LYS F 113 36.09 35.81 22.36
C LYS F 113 37.14 35.21 21.43
N THR F 114 36.72 34.99 20.18
CA THR F 114 37.63 34.59 19.10
C THR F 114 38.11 35.80 18.34
N LYS F 115 39.25 35.59 17.70
CA LYS F 115 39.83 36.51 16.74
C LYS F 115 39.19 36.32 15.35
N GLN F 116 38.66 35.13 15.08
CA GLN F 116 38.07 34.79 13.78
C GLN F 116 36.62 34.33 13.83
N PHE F 117 35.85 34.78 12.85
CA PHE F 117 34.50 34.33 12.62
C PHE F 117 34.42 33.70 11.25
N ALA F 118 33.34 32.97 11.01
CA ALA F 118 33.16 32.25 9.74
C ALA F 118 31.70 32.12 9.45
N ALA F 119 31.34 32.36 8.19
CA ALA F 119 29.96 32.21 7.74
C ALA F 119 29.63 30.72 7.69
N ILE F 120 28.40 30.38 8.06
CA ILE F 120 27.98 28.98 8.12
C ILE F 120 27.62 28.39 6.76
N HIS F 121 27.56 29.24 5.72
CA HIS F 121 27.42 28.76 4.34
C HIS F 121 28.75 28.94 3.67
N ALA F 122 29.13 27.96 2.87
CA ALA F 122 30.39 27.94 2.16
C ALA F 122 30.20 26.93 1.04
N GLU F 123 31.00 27.05 -0.01
CA GLU F 123 30.94 26.06 -1.07
C GLU F 123 31.70 24.82 -0.65
N ALA F 124 31.30 23.66 -1.15
CA ALA F 124 31.97 22.42 -0.82
C ALA F 124 33.39 22.46 -1.39
N PRO F 125 34.34 21.81 -0.73
CA PRO F 125 35.68 21.62 -1.30
C PRO F 125 35.64 21.09 -2.74
N GLU F 126 36.51 21.62 -3.59
CA GLU F 126 36.59 21.23 -4.99
C GLU F 126 37.07 19.81 -5.23
N PHE F 127 36.78 19.29 -6.42
CA PHE F 127 37.25 17.99 -6.85
C PHE F 127 38.76 17.80 -6.65
N VAL F 128 39.54 18.84 -6.94
CA VAL F 128 41.02 18.80 -6.81
C VAL F 128 41.51 18.67 -5.35
N GLU F 129 40.66 19.06 -4.40
CA GLU F 129 41.02 19.03 -2.99
C GLU F 129 40.79 17.67 -2.35
N MET F 130 40.26 16.71 -3.11
CA MET F 130 39.91 15.38 -2.57
C MET F 130 41.12 14.54 -2.22
N SER F 131 40.98 13.78 -1.14
CA SER F 131 41.94 12.78 -0.73
C SER F 131 41.42 11.39 -1.16
N VAL F 132 42.33 10.53 -1.60
CA VAL F 132 41.95 9.21 -2.06
C VAL F 132 42.52 8.13 -1.15
N GLU F 133 43.12 8.55 -0.05
CA GLU F 133 43.74 7.62 0.87
C GLU F 133 42.70 6.90 1.70
N GLN F 134 42.93 5.61 1.96
CA GLN F 134 41.98 4.77 2.68
C GLN F 134 42.65 3.86 3.67
N GLU F 135 42.24 4.00 4.92
CA GLU F 135 42.96 3.40 6.03
C GLU F 135 41.93 3.03 7.08
N ILE F 136 41.96 1.79 7.56
CA ILE F 136 40.98 1.32 8.53
C ILE F 136 41.03 2.12 9.84
N LEU F 137 39.85 2.42 10.39
CA LEU F 137 39.71 2.92 11.75
C LEU F 137 39.10 1.78 12.53
N VAL F 138 39.91 1.20 13.43
CA VAL F 138 39.46 0.09 14.25
C VAL F 138 38.69 0.67 15.43
N THR F 139 37.48 0.18 15.67
CA THR F 139 36.62 0.69 16.74
C THR F 139 36.59 -0.22 17.96
N GLY F 140 36.97 -1.49 17.77
CA GLY F 140 36.86 -2.49 18.81
C GLY F 140 35.46 -3.06 18.96
N ILE F 141 34.59 -2.76 17.99
CA ILE F 141 33.24 -3.32 17.95
C ILE F 141 33.21 -4.43 16.87
N LYS F 142 33.08 -5.67 17.32
CA LYS F 142 33.05 -6.87 16.47
C LYS F 142 32.35 -6.75 15.10
N VAL F 143 31.02 -6.52 15.05
CA VAL F 143 30.25 -6.39 13.79
C VAL F 143 30.84 -5.42 12.79
N VAL F 144 31.11 -4.20 13.26
CA VAL F 144 31.65 -3.12 12.42
C VAL F 144 33.01 -3.45 11.86
N ASP F 145 33.95 -3.74 12.75
CA ASP F 145 35.33 -3.98 12.39
C ASP F 145 35.43 -5.16 11.41
N LEU F 146 34.63 -6.20 11.63
CA LEU F 146 34.64 -7.36 10.75
C LEU F 146 33.95 -7.09 9.41
N LEU F 147 32.66 -6.75 9.46
CA LEU F 147 31.78 -6.81 8.29
C LEU F 147 31.68 -5.51 7.47
N ALA F 148 31.94 -4.36 8.11
CA ALA F 148 31.77 -3.05 7.46
C ALA F 148 32.64 -2.02 8.15
N PRO F 149 33.95 -2.21 8.04
CA PRO F 149 34.92 -1.39 8.76
C PRO F 149 34.89 0.10 8.41
N TYR F 150 35.14 0.94 9.41
CA TYR F 150 35.16 2.39 9.24
C TYR F 150 36.56 2.80 8.78
N ALA F 151 36.64 3.98 8.18
CA ALA F 151 37.91 4.50 7.66
C ALA F 151 38.34 5.80 8.35
N LYS F 152 39.65 5.96 8.54
CA LYS F 152 40.22 7.23 8.97
C LYS F 152 39.87 8.31 7.96
N GLY F 153 39.30 9.40 8.44
CA GLY F 153 38.88 10.48 7.55
C GLY F 153 37.66 10.19 6.70
N GLY F 154 36.97 9.08 6.99
CA GLY F 154 35.82 8.64 6.21
C GLY F 154 34.48 9.05 6.80
N LYS F 155 33.42 8.76 6.06
CA LYS F 155 32.07 9.15 6.43
C LYS F 155 31.31 7.92 6.85
N ILE F 156 30.91 7.92 8.12
CA ILE F 156 30.18 6.86 8.74
C ILE F 156 28.77 7.36 9.04
N GLY F 157 27.80 6.52 8.72
CA GLY F 157 26.39 6.76 8.99
C GLY F 157 25.82 5.60 9.78
N LEU F 158 25.06 5.92 10.82
CA LEU F 158 24.41 4.94 11.69
C LEU F 158 22.92 5.09 11.49
N PHE F 159 22.31 4.14 10.78
CA PHE F 159 20.88 4.25 10.44
C PHE F 159 20.06 3.51 11.48
N GLY F 160 18.99 4.11 11.98
CA GLY F 160 18.08 3.33 12.83
C GLY F 160 16.72 3.94 13.11
N GLY F 161 15.71 3.08 13.23
CA GLY F 161 14.39 3.50 13.71
C GLY F 161 14.43 4.03 15.14
N ALA F 162 13.32 4.59 15.61
CA ALA F 162 13.30 5.15 16.98
C ALA F 162 13.62 4.10 18.03
N GLY F 163 14.62 4.40 18.86
CA GLY F 163 14.93 3.57 20.02
C GLY F 163 15.73 2.30 19.79
N VAL F 164 16.40 2.17 18.64
CA VAL F 164 17.08 0.91 18.34
C VAL F 164 18.56 0.88 18.68
N GLY F 165 19.16 2.04 18.99
CA GLY F 165 20.57 2.08 19.38
C GLY F 165 21.50 3.11 18.74
N LYS F 166 20.96 4.08 18.00
CA LYS F 166 21.84 5.06 17.29
C LYS F 166 22.70 5.85 18.27
N THR F 167 22.06 6.43 19.29
CA THR F 167 22.77 7.31 20.24
C THR F 167 23.76 6.54 21.12
N VAL F 168 23.34 5.39 21.62
CA VAL F 168 24.25 4.54 22.41
C VAL F 168 25.50 4.18 21.59
N LEU F 169 25.30 3.86 20.32
CA LEU F 169 26.42 3.52 19.43
C LEU F 169 27.31 4.71 19.17
N ILE F 170 26.73 5.88 18.97
CA ILE F 170 27.54 7.08 18.83
C ILE F 170 28.32 7.43 20.15
N MET F 171 27.72 7.18 21.30
CA MET F 171 28.41 7.43 22.58
C MET F 171 29.51 6.41 22.84
N GLU F 172 29.30 5.18 22.39
CA GLU F 172 30.31 4.16 22.49
C GLU F 172 31.51 4.52 21.61
N LEU F 173 31.24 5.06 20.42
CA LEU F 173 32.31 5.43 19.51
C LEU F 173 33.09 6.65 20.01
N ILE F 174 32.41 7.58 20.67
CA ILE F 174 33.09 8.71 21.31
C ILE F 174 33.96 8.21 22.44
N ASN F 175 33.52 7.13 23.09
CA ASN F 175 34.30 6.43 24.09
C ASN F 175 35.56 5.78 23.49
N ASN F 176 35.37 4.95 22.48
CA ASN F 176 36.42 4.08 21.96
C ASN F 176 37.41 4.76 21.03
N VAL F 177 36.97 5.85 20.40
CA VAL F 177 37.75 6.51 19.37
C VAL F 177 38.13 7.93 19.77
N ALA F 178 37.18 8.69 20.31
CA ALA F 178 37.44 10.09 20.68
C ALA F 178 38.37 10.24 21.89
N LYS F 179 38.31 9.29 22.82
CA LYS F 179 39.22 9.28 23.99
C LYS F 179 40.64 8.83 23.62
N ALA F 180 40.77 8.10 22.52
CA ALA F 180 42.07 7.70 21.99
C ALA F 180 42.49 8.56 20.79
N HIS F 181 42.20 9.87 20.88
CA HIS F 181 42.36 10.79 19.75
C HIS F 181 43.23 12.01 20.08
N GLY F 182 44.32 12.16 19.36
CA GLY F 182 45.15 13.37 19.42
C GLY F 182 44.63 14.31 18.36
N GLY F 183 43.98 15.38 18.81
CA GLY F 183 43.27 16.29 17.91
C GLY F 183 41.92 16.68 18.49
N TYR F 184 41.20 17.51 17.74
CA TYR F 184 39.93 18.04 18.23
C TYR F 184 38.72 17.23 17.78
N SER F 185 37.58 17.48 18.43
CA SER F 185 36.30 16.88 18.08
C SER F 185 35.26 17.95 18.17
N VAL F 186 34.22 17.80 17.34
CA VAL F 186 33.02 18.62 17.38
C VAL F 186 31.84 17.67 17.53
N PHE F 187 30.94 17.97 18.46
CA PHE F 187 29.67 17.26 18.55
C PHE F 187 28.56 18.23 18.26
N ALA F 188 27.76 17.88 17.27
CA ALA F 188 26.63 18.69 16.89
C ALA F 188 25.34 17.94 17.22
N GLY F 189 24.58 18.47 18.17
CA GLY F 189 23.24 18.00 18.50
C GLY F 189 22.23 18.69 17.59
N VAL F 190 21.51 17.91 16.77
CA VAL F 190 20.56 18.42 15.76
C VAL F 190 19.22 17.71 15.97
N GLY F 191 18.22 18.49 16.38
CA GLY F 191 16.88 18.01 16.62
C GLY F 191 16.75 16.81 17.53
N GLU F 192 17.70 16.61 18.43
CA GLU F 192 17.60 15.51 19.39
C GLU F 192 17.18 15.98 20.80
N ARG F 193 17.41 15.18 21.82
CA ARG F 193 16.94 15.51 23.17
C ARG F 193 17.85 16.48 23.92
N THR F 194 17.28 17.56 24.46
CA THR F 194 18.05 18.53 25.26
C THR F 194 18.71 17.82 26.44
N ARG F 195 18.00 16.90 27.07
CA ARG F 195 18.58 16.18 28.21
C ARG F 195 19.81 15.31 27.85
N GLU F 196 19.86 14.78 26.63
CA GLU F 196 21.06 14.09 26.17
C GLU F 196 22.25 15.02 26.05
N GLY F 197 22.03 16.19 25.48
CA GLY F 197 23.01 17.26 25.56
C GLY F 197 23.47 17.59 26.98
N ASN F 198 22.55 17.65 27.94
CA ASN F 198 22.95 17.77 29.36
C ASN F 198 23.79 16.57 29.79
N ASP F 199 23.34 15.37 29.44
CA ASP F 199 24.05 14.14 29.78
C ASP F 199 25.50 14.23 29.25
N LEU F 200 25.63 14.57 27.96
CA LEU F 200 26.94 14.61 27.30
C LEU F 200 27.88 15.69 27.87
N TYR F 201 27.37 16.90 28.06
CA TYR F 201 28.16 17.98 28.63
C TYR F 201 28.80 17.58 29.96
N HIS F 202 27.99 17.07 30.87
CA HIS F 202 28.45 16.70 32.19
C HIS F 202 29.31 15.46 32.19
N GLU F 203 29.12 14.61 31.21
CA GLU F 203 29.95 13.43 31.05
C GLU F 203 31.34 13.88 30.62
N MET F 204 31.40 14.86 29.74
CA MET F 204 32.68 15.35 29.25
C MET F 204 33.47 16.16 30.27
N ILE F 205 32.76 16.80 31.19
CA ILE F 205 33.38 17.52 32.28
C ILE F 205 33.99 16.49 33.26
N GLU F 206 33.27 15.40 33.51
CA GLU F 206 33.75 14.39 34.42
C GLU F 206 34.96 13.62 33.89
N SER F 207 35.00 13.39 32.59
CA SER F 207 36.12 12.68 31.99
C SER F 207 37.33 13.60 31.72
N GLY F 208 37.10 14.92 31.76
CA GLY F 208 38.15 15.88 31.45
C GLY F 208 38.35 16.20 29.97
N VAL F 209 37.48 15.73 29.09
CA VAL F 209 37.63 16.16 27.69
C VAL F 209 37.16 17.61 27.51
N ILE F 210 36.30 18.04 28.43
CA ILE F 210 36.01 19.47 28.60
C ILE F 210 36.57 19.93 29.95
N ASN F 211 37.42 20.96 29.94
CA ASN F 211 37.91 21.57 31.16
C ASN F 211 37.42 23.01 31.32
N LEU F 212 36.64 23.24 32.37
CA LEU F 212 36.05 24.55 32.67
C LEU F 212 37.01 25.54 33.33
N LYS F 213 38.22 25.09 33.64
CA LYS F 213 39.18 25.86 34.43
C LYS F 213 40.44 26.12 33.63
N ASP F 214 40.65 25.25 32.65
CA ASP F 214 41.89 25.15 31.89
C ASP F 214 41.61 25.48 30.42
N ALA F 215 42.64 25.39 29.58
CA ALA F 215 42.49 25.54 28.13
C ALA F 215 42.69 24.20 27.39
N THR F 216 42.58 23.10 28.14
CA THR F 216 42.78 21.73 27.60
C THR F 216 41.54 21.02 27.05
N SER F 217 40.42 21.74 26.91
CA SER F 217 39.21 21.17 26.30
C SER F 217 39.50 20.64 24.90
N LYS F 218 39.04 19.42 24.59
CA LYS F 218 39.31 18.83 23.26
C LYS F 218 38.10 18.78 22.30
N VAL F 219 36.94 19.28 22.76
CA VAL F 219 35.65 19.16 22.07
C VAL F 219 34.89 20.48 22.06
N ALA F 220 34.37 20.89 20.90
CA ALA F 220 33.43 22.01 20.82
C ALA F 220 32.00 21.45 20.63
N LEU F 221 31.02 22.10 21.27
CA LEU F 221 29.66 21.61 21.22
C LEU F 221 28.74 22.63 20.60
N VAL F 222 27.86 22.15 19.72
CA VAL F 222 26.90 22.99 19.03
C VAL F 222 25.56 22.26 19.12
N TYR F 223 24.52 22.97 19.56
CA TYR F 223 23.22 22.36 19.79
C TYR F 223 22.05 23.18 19.26
N GLY F 224 21.15 22.48 18.60
CA GLY F 224 19.85 23.00 18.20
C GLY F 224 18.89 21.83 18.27
N GLN F 225 18.37 21.59 19.46
CA GLN F 225 17.60 20.36 19.74
C GLN F 225 16.13 20.39 19.34
N MET F 226 15.37 19.35 19.69
CA MET F 226 13.94 19.25 19.29
C MET F 226 12.95 20.23 19.94
N ASN F 227 13.47 21.08 20.83
CA ASN F 227 12.71 22.27 21.25
C ASN F 227 12.83 23.46 20.31
N GLU F 228 13.79 23.45 19.38
CA GLU F 228 13.97 24.61 18.49
C GLU F 228 12.95 24.62 17.32
N PRO F 229 12.61 25.80 16.83
CA PRO F 229 11.79 25.92 15.63
C PRO F 229 12.55 25.45 14.40
N PRO F 230 11.89 25.15 13.28
CA PRO F 230 12.52 24.40 12.17
C PRO F 230 13.67 25.11 11.49
N GLY F 231 13.67 26.44 11.48
CA GLY F 231 14.78 27.19 10.89
C GLY F 231 16.08 26.92 11.63
N ALA F 232 16.00 26.81 12.96
CA ALA F 232 17.20 26.55 13.76
C ALA F 232 17.70 25.14 13.54
N ARG F 233 16.80 24.15 13.58
CA ARG F 233 17.17 22.74 13.36
C ARG F 233 17.71 22.50 11.93
N ALA F 234 17.24 23.34 10.99
CA ALA F 234 17.69 23.26 9.62
C ALA F 234 19.08 23.86 9.43
N ARG F 235 19.53 24.68 10.39
CA ARG F 235 20.81 25.34 10.24
C ARG F 235 21.88 24.92 11.22
N VAL F 236 21.52 24.42 12.41
CA VAL F 236 22.58 23.99 13.33
C VAL F 236 23.62 23.06 12.75
N ALA F 237 23.22 22.23 11.79
CA ALA F 237 24.17 21.25 11.26
C ALA F 237 25.26 22.02 10.50
N LEU F 238 24.87 23.07 9.80
CA LEU F 238 25.84 23.94 9.14
C LEU F 238 26.83 24.57 10.12
N THR F 239 26.31 24.93 11.31
CA THR F 239 27.07 25.61 12.35
C THR F 239 28.13 24.71 12.91
N GLY F 240 27.75 23.46 13.26
CA GLY F 240 28.71 22.46 13.74
C GLY F 240 29.78 22.17 12.70
N LEU F 241 29.33 22.12 11.45
CA LEU F 241 30.16 21.83 10.28
C LEU F 241 31.23 22.88 10.10
N THR F 242 30.80 24.13 10.25
CA THR F 242 31.67 25.28 10.11
C THR F 242 32.76 25.24 11.19
N VAL F 243 32.37 24.92 12.42
CA VAL F 243 33.37 24.75 13.48
C VAL F 243 34.37 23.68 13.08
N ALA F 244 33.89 22.52 12.62
CA ALA F 244 34.78 21.44 12.20
C ALA F 244 35.66 21.84 11.03
N GLU F 245 35.13 22.63 10.10
CA GLU F 245 35.91 23.05 8.90
C GLU F 245 37.12 23.91 9.30
N TYR F 246 36.92 24.78 10.28
CA TYR F 246 38.02 25.59 10.76
C TYR F 246 39.16 24.71 11.22
N PHE F 247 38.86 23.71 12.03
CA PHE F 247 39.91 22.87 12.60
C PHE F 247 40.63 22.04 11.56
N ARG F 248 39.89 21.60 10.54
CA ARG F 248 40.44 20.79 9.45
C ARG F 248 41.45 21.62 8.65
N ASP F 249 41.08 22.86 8.33
CA ASP F 249 41.83 23.70 7.42
C ASP F 249 42.84 24.64 8.10
N GLN F 250 42.35 25.45 9.04
CA GLN F 250 43.14 26.54 9.64
C GLN F 250 43.97 26.08 10.82
N GLU F 251 43.97 24.77 11.06
CA GLU F 251 44.89 24.13 11.97
C GLU F 251 45.47 22.90 11.23
N GLY F 252 45.00 22.71 9.99
CA GLY F 252 45.41 21.60 9.12
C GLY F 252 45.14 20.20 9.67
N GLN F 253 44.37 20.13 10.77
CA GLN F 253 44.45 18.97 11.70
C GLN F 253 43.55 17.74 11.50
N ASP F 254 43.51 16.89 12.54
CA ASP F 254 42.72 15.66 12.57
C ASP F 254 41.45 15.90 13.38
N VAL F 255 40.34 16.12 12.71
CA VAL F 255 39.08 16.41 13.36
C VAL F 255 38.17 15.19 13.40
N LEU F 256 37.46 15.05 14.50
CA LEU F 256 36.27 14.20 14.54
C LEU F 256 35.03 15.09 14.58
N LEU F 257 34.02 14.68 13.83
CA LEU F 257 32.73 15.33 13.86
C LEU F 257 31.67 14.26 14.07
N PHE F 258 30.88 14.44 15.13
CA PHE F 258 29.76 13.60 15.48
C PHE F 258 28.49 14.43 15.40
N ILE F 259 27.49 13.90 14.70
CA ILE F 259 26.19 14.55 14.51
C ILE F 259 25.04 13.62 14.89
N ASP F 260 24.27 14.05 15.86
CA ASP F 260 23.06 13.31 16.22
C ASP F 260 21.97 14.38 16.30
N ASN F 261 21.05 14.43 15.34
CA ASN F 261 20.83 13.40 14.32
C ASN F 261 20.63 14.12 12.98
N ILE F 262 21.34 13.70 11.93
CA ILE F 262 21.28 14.46 10.68
C ILE F 262 19.94 14.38 9.93
N PHE F 263 19.14 13.36 10.19
CA PHE F 263 17.80 13.32 9.62
C PHE F 263 16.98 14.57 10.00
N ARG F 264 17.27 15.14 11.16
CA ARG F 264 16.48 16.27 11.67
C ARG F 264 16.70 17.53 10.85
N PHE F 265 17.85 17.64 10.17
CA PHE F 265 18.13 18.67 9.14
C PHE F 265 17.15 18.61 7.97
N THR F 266 16.96 17.40 7.46
CA THR F 266 16.04 17.18 6.35
C THR F 266 14.58 17.32 6.78
N GLN F 267 14.22 16.75 7.93
CA GLN F 267 12.87 16.95 8.46
C GLN F 267 12.54 18.43 8.72
N ALA F 268 13.46 19.19 9.31
CA ALA F 268 13.28 20.64 9.49
C ALA F 268 13.03 21.38 8.17
N GLY F 269 13.74 20.99 7.11
CA GLY F 269 13.54 21.61 5.79
C GLY F 269 12.16 21.29 5.26
N SER F 270 11.65 20.12 5.67
CA SER F 270 10.30 19.69 5.32
C SER F 270 9.24 20.65 5.90
N GLU F 271 9.36 21.00 7.17
CA GLU F 271 8.39 21.91 7.84
C GLU F 271 8.25 23.27 7.13
N VAL F 272 9.34 23.82 6.61
CA VAL F 272 9.29 25.17 6.03
C VAL F 272 9.01 25.20 4.53
N SER F 273 9.21 24.07 3.88
CA SER F 273 9.12 23.99 2.44
C SER F 273 7.78 24.42 1.86
N ALA F 274 6.66 24.02 2.44
CA ALA F 274 5.38 24.45 1.87
C ALA F 274 5.21 25.95 2.03
N LEU F 275 5.52 26.41 3.26
CA LEU F 275 5.52 27.84 3.63
C LEU F 275 6.40 28.65 2.70
N LEU F 276 7.32 27.98 2.02
CA LEU F 276 8.18 28.63 1.05
C LEU F 276 7.53 28.68 -0.33
N GLY F 277 6.33 28.11 -0.44
CA GLY F 277 5.61 28.02 -1.70
C GLY F 277 6.09 26.98 -2.71
N ARG F 278 6.64 25.86 -2.25
CA ARG F 278 7.03 24.75 -3.14
C ARG F 278 5.91 23.76 -3.34
N ILE F 279 5.80 23.23 -4.55
CA ILE F 279 5.00 22.01 -4.76
C ILE F 279 5.76 20.90 -4.04
N PRO F 280 5.09 20.14 -3.16
CA PRO F 280 5.75 19.05 -2.46
C PRO F 280 6.14 17.98 -3.45
N SER F 281 7.11 17.19 -3.04
CA SER F 281 7.58 16.03 -3.76
C SER F 281 7.04 14.80 -3.01
N ALA F 282 7.59 13.62 -3.29
CA ALA F 282 7.07 12.38 -2.72
C ALA F 282 7.16 12.34 -1.18
N VAL F 283 6.12 11.77 -0.55
CA VAL F 283 5.95 11.65 0.93
C VAL F 283 5.88 13.04 1.64
N GLY F 284 5.55 14.07 0.86
CA GLY F 284 5.40 15.45 1.36
C GLY F 284 6.70 16.22 1.58
N TYR F 285 7.82 15.64 1.19
CA TYR F 285 9.12 16.27 1.34
C TYR F 285 9.32 17.42 0.40
N GLN F 286 10.23 18.33 0.78
CA GLN F 286 10.77 19.35 -0.12
C GLN F 286 11.26 18.75 -1.44
N PRO F 287 10.91 19.38 -2.57
CA PRO F 287 11.43 18.94 -3.85
C PRO F 287 12.95 19.05 -3.95
N THR F 288 13.56 19.79 -3.01
CA THR F 288 15.01 20.09 -3.02
C THR F 288 15.77 19.23 -2.02
N LEU F 289 15.12 18.21 -1.47
CA LEU F 289 15.72 17.35 -0.46
C LEU F 289 17.17 16.93 -0.82
N ALA F 290 17.38 16.49 -2.05
CA ALA F 290 18.65 15.88 -2.38
C ALA F 290 19.74 16.92 -2.61
N THR F 291 19.43 18.03 -3.29
CA THR F 291 20.43 19.10 -3.39
C THR F 291 20.71 19.81 -2.06
N ASP F 292 19.66 20.04 -1.26
CA ASP F 292 19.83 20.60 0.08
C ASP F 292 20.78 19.70 0.84
N MET F 293 20.56 18.39 0.76
CA MET F 293 21.42 17.44 1.49
C MET F 293 22.85 17.47 0.97
N GLY F 294 22.99 17.51 -0.34
CA GLY F 294 24.29 17.51 -0.99
C GLY F 294 25.13 18.73 -0.67
N THR F 295 24.53 19.92 -0.72
CA THR F 295 25.31 21.13 -0.42
C THR F 295 25.82 21.10 1.03
N MET F 296 25.12 20.40 1.90
CA MET F 296 25.54 20.20 3.29
C MET F 296 26.53 19.04 3.45
N GLN F 297 26.17 17.86 2.94
CA GLN F 297 27.01 16.67 3.12
C GLN F 297 28.36 16.84 2.46
N GLU F 298 28.40 17.53 1.33
CA GLU F 298 29.66 17.64 0.60
C GLU F 298 30.72 18.51 1.28
N ARG F 299 30.31 19.25 2.30
CA ARG F 299 31.25 20.00 3.14
C ARG F 299 31.85 19.15 4.27
N ILE F 300 31.14 18.09 4.67
CA ILE F 300 31.59 17.09 5.65
C ILE F 300 32.53 16.10 4.95
N THR F 301 33.79 16.45 4.87
CA THR F 301 34.71 15.67 4.07
C THR F 301 36.16 15.97 4.46
N THR F 302 36.99 14.95 4.32
CA THR F 302 38.41 15.07 4.39
C THR F 302 38.85 15.78 3.10
N THR F 303 39.86 16.64 3.19
CA THR F 303 40.50 17.20 2.00
C THR F 303 41.98 16.97 2.13
N LYS F 304 42.73 17.38 1.12
CA LYS F 304 44.19 17.27 1.13
C LYS F 304 44.82 18.07 2.27
N LYS F 305 44.09 19.07 2.75
CA LYS F 305 44.52 19.98 3.81
C LYS F 305 44.26 19.42 5.23
N GLY F 306 43.35 18.48 5.36
CA GLY F 306 42.97 17.99 6.66
C GLY F 306 41.92 16.91 6.61
N SER F 307 41.99 16.02 7.58
CA SER F 307 41.08 14.89 7.71
C SER F 307 39.93 15.21 8.66
N ILE F 308 38.70 14.95 8.20
CA ILE F 308 37.54 14.88 9.10
C ILE F 308 37.06 13.44 9.08
N THR F 309 36.94 12.84 10.26
CA THR F 309 36.27 11.57 10.41
C THR F 309 34.92 11.88 11.01
N SER F 310 33.87 11.65 10.23
CA SER F 310 32.52 12.02 10.64
C SER F 310 31.63 10.83 10.90
N VAL F 311 30.85 10.92 11.98
CA VAL F 311 29.90 9.89 12.36
C VAL F 311 28.55 10.60 12.52
N GLN F 312 27.60 10.20 11.68
CA GLN F 312 26.28 10.82 11.65
C GLN F 312 25.24 9.76 11.99
N ALA F 313 24.47 9.99 13.07
CA ALA F 313 23.23 9.21 13.34
C ALA F 313 22.13 9.65 12.38
N ILE F 314 21.40 8.68 11.85
CA ILE F 314 20.40 8.92 10.80
C ILE F 314 19.12 8.19 11.19
N TYR F 315 18.12 8.97 11.56
CA TYR F 315 16.85 8.46 12.01
C TYR F 315 16.08 7.94 10.81
N VAL F 316 15.37 6.84 11.03
CA VAL F 316 14.60 6.19 9.98
C VAL F 316 13.13 6.27 10.35
N PRO F 317 12.40 7.18 9.70
CA PRO F 317 10.97 7.39 9.99
C PRO F 317 10.14 6.17 9.77
N ALA F 318 9.37 5.77 10.78
CA ALA F 318 8.47 4.62 10.69
C ALA F 318 9.22 3.34 10.18
N ASP F 319 10.50 3.22 10.51
CA ASP F 319 11.37 2.09 10.11
C ASP F 319 11.45 1.87 8.60
N ASP F 320 11.14 2.90 7.82
CA ASP F 320 11.11 2.72 6.38
C ASP F 320 12.43 3.17 5.74
N LEU F 321 13.34 2.22 5.49
CA LEU F 321 14.63 2.60 4.89
C LEU F 321 14.50 3.20 3.47
N THR F 322 13.33 3.08 2.85
CA THR F 322 13.12 3.65 1.52
C THR F 322 12.54 5.06 1.59
N ASP F 323 12.20 5.54 2.80
CA ASP F 323 11.81 6.92 2.94
C ASP F 323 12.85 7.81 2.22
N PRO F 324 12.41 8.81 1.47
CA PRO F 324 13.35 9.73 0.79
C PRO F 324 14.58 10.18 1.60
N ALA F 325 14.42 10.53 2.88
CA ALA F 325 15.54 11.03 3.69
C ALA F 325 16.70 10.03 3.87
N PRO F 326 16.45 8.86 4.48
CA PRO F 326 17.51 7.88 4.59
C PRO F 326 17.99 7.38 3.24
N ALA F 327 17.07 7.12 2.30
CA ALA F 327 17.46 6.61 0.99
C ALA F 327 18.46 7.52 0.29
N THR F 328 18.30 8.82 0.45
CA THR F 328 19.18 9.80 -0.21
C THR F 328 20.54 9.91 0.52
N THR F 329 20.54 9.57 1.79
CA THR F 329 21.74 9.70 2.61
C THR F 329 22.80 8.65 2.26
N PHE F 330 22.38 7.43 1.91
CA PHE F 330 23.31 6.31 1.60
C PHE F 330 24.46 6.68 0.69
N ALA F 331 24.20 7.44 -0.35
CA ALA F 331 25.25 7.80 -1.29
C ALA F 331 26.32 8.72 -0.70
N HIS F 332 26.06 9.30 0.46
CA HIS F 332 27.01 10.24 1.07
C HIS F 332 28.04 9.59 2.01
N LEU F 333 27.94 8.27 2.22
CA LEU F 333 28.73 7.58 3.22
C LEU F 333 29.77 6.62 2.62
N ASP F 334 30.92 6.50 3.30
CA ASP F 334 31.92 5.46 3.04
C ASP F 334 31.66 4.18 3.81
N ALA F 335 31.01 4.28 4.98
CA ALA F 335 30.53 3.13 5.74
C ALA F 335 29.14 3.43 6.28
N THR F 336 28.29 2.40 6.27
CA THR F 336 26.93 2.49 6.81
C THR F 336 26.73 1.39 7.84
N THR F 337 26.23 1.76 9.01
CA THR F 337 25.87 0.77 10.01
C THR F 337 24.37 0.86 10.11
N VAL F 338 23.68 -0.19 9.64
CA VAL F 338 22.24 -0.18 9.63
C VAL F 338 21.76 -1.02 10.81
N LEU F 339 21.05 -0.37 11.74
CA LEU F 339 20.51 -1.01 12.94
C LEU F 339 19.10 -1.47 12.68
N SER F 340 18.74 -2.62 13.24
CA SER F 340 17.45 -3.24 12.96
C SER F 340 16.64 -3.45 14.22
N ARG F 341 15.40 -2.98 14.20
CA ARG F 341 14.49 -3.22 15.31
C ARG F 341 14.25 -4.73 15.53
N ALA F 342 14.05 -5.48 14.44
CA ALA F 342 13.90 -6.94 14.52
C ALA F 342 15.04 -7.56 15.31
N ILE F 343 16.26 -7.12 15.04
CA ILE F 343 17.43 -7.67 15.73
C ILE F 343 17.50 -7.21 17.19
N ALA F 344 17.21 -5.92 17.42
CA ALA F 344 17.12 -5.39 18.76
C ALA F 344 16.14 -6.23 19.62
N GLU F 345 14.96 -6.51 19.08
CA GLU F 345 13.92 -7.19 19.84
C GLU F 345 14.30 -8.64 20.18
N LEU F 346 15.27 -9.19 19.48
CA LEU F 346 15.91 -10.46 19.82
C LEU F 346 17.03 -10.28 20.87
N GLY F 347 17.25 -9.07 21.35
CA GLY F 347 18.32 -8.80 22.30
C GLY F 347 19.72 -8.80 21.69
N ILE F 348 19.84 -8.72 20.37
CA ILE F 348 21.18 -8.59 19.82
C ILE F 348 21.58 -7.11 19.85
N TYR F 349 22.64 -6.81 20.59
CA TYR F 349 23.18 -5.48 20.66
C TYR F 349 24.68 -5.49 20.45
N PRO F 350 25.19 -4.57 19.66
CA PRO F 350 24.37 -3.54 19.01
C PRO F 350 23.57 -4.20 17.87
N ALA F 351 22.39 -3.67 17.58
CA ALA F 351 21.40 -4.26 16.66
C ALA F 351 21.73 -4.10 15.16
N VAL F 352 22.97 -4.37 14.80
CA VAL F 352 23.44 -4.15 13.44
C VAL F 352 22.97 -5.26 12.52
N ASP F 353 22.31 -4.90 11.43
CA ASP F 353 22.02 -5.82 10.35
C ASP F 353 23.31 -6.24 9.59
N PRO F 354 23.79 -7.49 9.79
CA PRO F 354 25.06 -7.92 9.18
C PRO F 354 25.05 -7.91 7.65
N LEU F 355 23.86 -7.91 7.08
CA LEU F 355 23.68 -8.03 5.64
C LEU F 355 23.25 -6.72 4.98
N ASP F 356 23.09 -5.65 5.77
CA ASP F 356 22.63 -4.38 5.21
C ASP F 356 23.67 -3.29 5.44
N SER F 357 24.70 -3.62 6.23
CA SER F 357 25.76 -2.68 6.52
C SER F 357 26.92 -3.00 5.61
N THR F 358 27.48 -1.97 5.00
CA THR F 358 28.53 -2.15 3.99
C THR F 358 29.61 -1.12 4.26
N SER F 359 30.76 -1.29 3.61
CA SER F 359 31.88 -0.38 3.75
C SER F 359 32.71 -0.33 2.47
N ARG F 360 33.00 0.88 1.99
CA ARG F 360 33.81 1.05 0.77
C ARG F 360 35.23 0.46 0.86
N ILE F 361 35.75 0.28 2.08
CA ILE F 361 37.08 -0.37 2.26
C ILE F 361 37.07 -1.90 2.52
N MET F 362 35.90 -2.53 2.50
CA MET F 362 35.84 -3.99 2.51
C MET F 362 36.35 -4.52 1.15
N ASP F 363 37.68 -4.49 1.01
CA ASP F 363 38.40 -4.83 -0.20
C ASP F 363 39.63 -5.60 0.29
N PRO F 364 39.95 -6.76 -0.29
CA PRO F 364 41.12 -7.55 0.16
C PRO F 364 42.43 -6.80 0.01
N ASN F 365 42.49 -5.84 -0.92
CA ASN F 365 43.68 -5.00 -1.05
C ASN F 365 43.83 -3.94 0.04
N ILE F 366 42.81 -3.73 0.87
CA ILE F 366 42.90 -2.74 1.91
C ILE F 366 42.91 -3.43 3.27
N VAL F 367 42.02 -4.40 3.47
CA VAL F 367 41.90 -5.07 4.76
C VAL F 367 42.74 -6.34 4.86
N GLY F 368 43.29 -6.78 3.74
CA GLY F 368 44.01 -8.04 3.67
C GLY F 368 43.04 -9.17 3.42
N SER F 369 43.53 -10.28 2.91
CA SER F 369 42.67 -11.33 2.42
C SER F 369 42.04 -12.20 3.50
N GLU F 370 42.71 -12.33 4.65
CA GLU F 370 42.13 -13.09 5.76
C GLU F 370 40.89 -12.38 6.34
N HIS F 371 41.01 -11.09 6.57
CA HIS F 371 39.87 -10.30 7.06
C HIS F 371 38.73 -10.34 6.03
N TYR F 372 39.06 -10.06 4.77
CA TYR F 372 38.10 -10.13 3.69
C TYR F 372 37.36 -11.47 3.57
N ASP F 373 38.11 -12.57 3.58
CA ASP F 373 37.55 -13.91 3.46
C ASP F 373 36.65 -14.33 4.61
N VAL F 374 37.04 -13.99 5.85
CA VAL F 374 36.22 -14.32 7.02
C VAL F 374 34.90 -13.53 6.99
N ALA F 375 35.00 -12.23 6.73
CA ALA F 375 33.84 -11.37 6.54
C ALA F 375 32.87 -11.92 5.49
N ARG F 376 33.37 -12.29 4.31
CA ARG F 376 32.53 -12.85 3.25
C ARG F 376 31.91 -14.20 3.64
N GLY F 377 32.67 -15.02 4.38
CA GLY F 377 32.18 -16.30 4.88
C GLY F 377 31.06 -16.16 5.89
N VAL F 378 31.21 -15.23 6.83
CA VAL F 378 30.13 -14.91 7.78
C VAL F 378 28.84 -14.49 7.05
N GLN F 379 28.97 -13.54 6.12
CA GLN F 379 27.81 -13.05 5.37
C GLN F 379 27.12 -14.15 4.54
N LYS F 380 27.90 -15.05 3.97
CA LYS F 380 27.34 -16.18 3.23
C LYS F 380 26.50 -17.10 4.14
N ILE F 381 27.06 -17.51 5.27
CA ILE F 381 26.33 -18.37 6.21
C ILE F 381 25.06 -17.68 6.72
N LEU F 382 25.16 -16.38 7.02
CA LEU F 382 24.00 -15.62 7.45
C LEU F 382 22.95 -15.49 6.35
N GLN F 383 23.38 -15.31 5.10
CA GLN F 383 22.42 -15.23 4.01
C GLN F 383 21.79 -16.60 3.77
N ASP F 384 22.61 -17.65 3.79
CA ASP F 384 22.14 -19.06 3.71
C ASP F 384 21.08 -19.37 4.78
N TYR F 385 21.37 -18.97 6.00
CA TYR F 385 20.44 -19.16 7.11
C TYR F 385 19.14 -18.41 6.86
N LYS F 386 19.24 -17.17 6.41
CA LYS F 386 18.08 -16.31 6.10
C LYS F 386 17.16 -16.96 5.08
N SER F 387 17.74 -17.65 4.10
CA SER F 387 16.93 -18.28 3.07
C SER F 387 16.23 -19.58 3.53
N LEU F 388 16.74 -20.19 4.61
CA LEU F 388 16.14 -21.38 5.21
C LEU F 388 15.02 -21.03 6.20
N GLN F 389 14.88 -19.74 6.51
CA GLN F 389 14.00 -19.32 7.60
C GLN F 389 12.50 -19.34 7.28
N ASP F 390 12.14 -19.38 5.99
CA ASP F 390 10.74 -19.63 5.62
C ASP F 390 10.28 -21.00 6.07
N ILE F 391 11.05 -22.03 5.74
CA ILE F 391 10.73 -23.39 6.16
C ILE F 391 10.76 -23.55 7.69
N ILE F 392 11.75 -22.95 8.35
CA ILE F 392 11.84 -23.01 9.82
C ILE F 392 10.55 -22.50 10.48
N ALA F 393 10.04 -21.38 9.97
CA ALA F 393 8.87 -20.75 10.59
C ALA F 393 7.61 -21.62 10.57
N ILE F 394 7.40 -22.40 9.50
CA ILE F 394 6.21 -23.25 9.38
C ILE F 394 6.45 -24.63 10.01
N LEU F 395 7.51 -25.29 9.56
CA LEU F 395 7.76 -26.69 9.89
C LEU F 395 8.74 -26.90 11.02
N GLY F 396 9.64 -25.94 11.24
CA GLY F 396 10.62 -26.03 12.30
C GLY F 396 11.90 -26.72 11.88
N MET F 397 12.82 -26.84 12.83
CA MET F 397 14.17 -27.41 12.64
C MET F 397 14.19 -28.86 12.12
N ASP F 398 13.21 -29.65 12.57
CA ASP F 398 13.18 -31.10 12.37
C ASP F 398 13.15 -31.55 10.92
N GLU F 399 12.56 -30.72 10.06
CA GLU F 399 12.41 -31.06 8.65
C GLU F 399 13.64 -30.74 7.79
N LEU F 400 14.67 -30.17 8.40
CA LEU F 400 15.90 -29.82 7.69
C LEU F 400 16.83 -31.01 7.55
N SER F 401 17.61 -30.99 6.47
CA SER F 401 18.69 -31.93 6.28
C SER F 401 19.80 -31.62 7.28
N GLU F 402 20.72 -32.57 7.45
CA GLU F 402 21.78 -32.47 8.44
C GLU F 402 22.81 -31.38 8.11
N GLU F 403 22.92 -31.04 6.83
CA GLU F 403 23.85 -30.02 6.37
C GLU F 403 23.28 -28.62 6.67
N ASP F 404 21.96 -28.51 6.51
CA ASP F 404 21.25 -27.27 6.77
C ASP F 404 21.10 -27.00 8.25
N LYS F 405 20.98 -28.06 9.06
CA LYS F 405 20.94 -27.93 10.52
C LYS F 405 22.27 -27.37 11.01
N LEU F 406 23.34 -27.69 10.28
CA LEU F 406 24.67 -27.24 10.64
C LEU F 406 24.87 -25.75 10.37
N THR F 407 24.51 -25.30 9.15
CA THR F 407 24.61 -23.87 8.84
C THR F 407 23.71 -23.06 9.77
N VAL F 408 22.51 -23.55 10.06
CA VAL F 408 21.64 -22.92 11.08
C VAL F 408 22.34 -22.74 12.44
N SER F 409 22.96 -23.80 12.93
CA SER F 409 23.57 -23.74 14.25
C SER F 409 24.86 -22.90 14.26
N ARG F 410 25.57 -22.87 13.13
CA ARG F 410 26.74 -22.02 13.05
C ARG F 410 26.35 -20.55 12.89
N ALA F 411 25.34 -20.32 12.05
CA ALA F 411 24.76 -19.00 11.81
C ALA F 411 24.24 -18.34 13.10
N ARG F 412 23.49 -19.10 13.89
CA ARG F 412 22.97 -18.63 15.19
C ARG F 412 24.07 -18.34 16.18
N LYS F 413 25.18 -19.07 16.08
CA LYS F 413 26.37 -18.79 16.89
C LYS F 413 27.07 -17.50 16.46
N ILE F 414 27.23 -17.35 15.15
CA ILE F 414 27.77 -16.13 14.57
C ILE F 414 26.92 -14.90 14.96
N GLN F 415 25.60 -15.01 14.86
CA GLN F 415 24.70 -13.90 15.23
C GLN F 415 24.97 -13.42 16.63
N ARG F 416 25.10 -14.37 17.55
CA ARG F 416 25.30 -14.03 18.94
C ARG F 416 26.70 -13.52 19.19
N PHE F 417 27.68 -14.08 18.48
CA PHE F 417 29.06 -13.60 18.61
C PHE F 417 29.23 -12.17 18.11
N LEU F 418 28.29 -11.69 17.29
CA LEU F 418 28.31 -10.30 16.80
C LEU F 418 27.72 -9.32 17.81
N SER F 419 26.95 -9.84 18.78
CA SER F 419 26.51 -9.01 19.91
C SER F 419 27.74 -8.64 20.73
N GLN F 420 27.64 -7.63 21.60
CA GLN F 420 28.80 -7.14 22.35
C GLN F 420 28.30 -6.23 23.44
N PRO F 421 28.84 -6.38 24.67
CA PRO F 421 28.56 -5.42 25.76
C PRO F 421 29.30 -4.11 25.55
N PHE F 422 28.56 -3.00 25.59
CA PHE F 422 29.11 -1.65 25.49
C PHE F 422 29.23 -1.06 26.90
N GLN F 423 30.36 -0.40 27.18
CA GLN F 423 30.57 0.36 28.42
C GLN F 423 29.41 1.31 28.70
N VAL F 424 28.91 1.90 27.63
CA VAL F 424 27.90 2.93 27.69
C VAL F 424 26.53 2.30 28.03
N ALA F 425 26.41 0.99 27.83
CA ALA F 425 25.13 0.30 28.00
C ALA F 425 25.12 -0.69 29.19
N GLU F 426 26.04 -0.52 30.13
CA GLU F 426 26.18 -1.48 31.23
C GLU F 426 24.90 -1.62 32.09
N VAL F 427 24.19 -0.50 32.24
CA VAL F 427 22.93 -0.46 32.97
C VAL F 427 21.89 -1.35 32.30
N PHE F 428 21.94 -1.46 30.98
CA PHE F 428 20.94 -2.25 30.26
C PHE F 428 21.30 -3.71 30.02
N THR F 429 22.59 -4.00 29.89
CA THR F 429 23.03 -5.39 29.68
C THR F 429 23.26 -6.17 30.99
N GLY F 430 23.72 -5.47 32.03
CA GLY F 430 24.16 -6.11 33.26
C GLY F 430 25.50 -6.82 33.07
N HIS F 431 26.24 -6.42 32.03
CA HIS F 431 27.56 -6.95 31.75
C HIS F 431 28.53 -5.78 31.59
N LEU F 432 29.79 -5.98 31.99
CA LEU F 432 30.87 -5.01 31.79
C LEU F 432 31.18 -4.85 30.29
N GLY F 433 31.52 -3.62 29.90
CA GLY F 433 31.82 -3.29 28.50
C GLY F 433 33.11 -3.94 28.01
N LYS F 434 33.11 -4.28 26.72
CA LYS F 434 34.24 -4.93 26.07
C LYS F 434 34.67 -4.21 24.80
N LEU F 435 35.98 -4.21 24.57
CA LEU F 435 36.56 -3.72 23.34
C LEU F 435 37.38 -4.88 22.80
N VAL F 436 37.18 -5.24 21.54
CA VAL F 436 37.86 -6.42 20.98
C VAL F 436 38.81 -5.99 19.88
N PRO F 437 40.10 -6.36 20.00
CA PRO F 437 41.08 -6.04 18.95
C PRO F 437 40.68 -6.72 17.67
N LEU F 438 40.93 -6.06 16.54
CA LEU F 438 40.55 -6.60 15.24
C LEU F 438 41.03 -8.04 15.00
N LYS F 439 42.27 -8.36 15.38
CA LYS F 439 42.82 -9.71 15.16
C LYS F 439 42.02 -10.79 15.88
N GLU F 440 41.55 -10.46 17.07
CA GLU F 440 40.79 -11.39 17.89
C GLU F 440 39.38 -11.55 17.32
N THR F 441 38.89 -10.48 16.70
CA THR F 441 37.62 -10.50 15.97
C THR F 441 37.71 -11.46 14.75
N ILE F 442 38.72 -11.29 13.91
CA ILE F 442 38.91 -12.20 12.77
C ILE F 442 39.03 -13.65 13.23
N LYS F 443 39.92 -13.90 14.20
CA LYS F 443 40.18 -15.24 14.70
C LYS F 443 38.90 -15.91 15.20
N GLY F 444 38.18 -15.24 16.10
CA GLY F 444 36.92 -15.73 16.65
C GLY F 444 35.95 -16.25 15.61
N PHE F 445 35.66 -15.43 14.60
CA PHE F 445 34.68 -15.83 13.57
C PHE F 445 35.23 -16.90 12.63
N GLN F 446 36.51 -16.78 12.28
CA GLN F 446 37.23 -17.80 11.52
C GLN F 446 37.10 -19.19 12.16
N GLN F 447 37.26 -19.24 13.49
CA GLN F 447 37.13 -20.49 14.25
C GLN F 447 35.71 -21.00 14.29
N ILE F 448 34.72 -20.12 14.46
CA ILE F 448 33.34 -20.58 14.47
C ILE F 448 32.97 -21.21 13.12
N LEU F 449 33.38 -20.55 12.03
CA LEU F 449 33.09 -20.98 10.66
C LEU F 449 33.70 -22.35 10.35
N ALA F 450 34.91 -22.56 10.86
CA ALA F 450 35.70 -23.77 10.67
C ALA F 450 35.16 -24.95 11.48
N GLY F 451 34.14 -24.72 12.31
CA GLY F 451 33.49 -25.81 13.02
C GLY F 451 34.12 -26.14 14.36
N GLU F 452 35.07 -25.32 14.78
CA GLU F 452 35.83 -25.54 16.02
C GLU F 452 35.01 -25.46 17.31
N TYR F 453 33.74 -25.06 17.22
CA TYR F 453 32.89 -24.84 18.40
C TYR F 453 31.46 -25.32 18.21
N ASP F 454 31.27 -26.28 17.32
CA ASP F 454 29.95 -26.89 17.11
C ASP F 454 29.43 -27.59 18.38
N HIS F 455 30.33 -27.92 19.30
CA HIS F 455 29.95 -28.62 20.55
C HIS F 455 29.39 -27.68 21.60
N LEU F 456 29.86 -26.44 21.62
CA LEU F 456 29.40 -25.41 22.57
C LEU F 456 27.98 -24.98 22.28
N PRO F 457 27.19 -24.63 23.30
CA PRO F 457 25.82 -24.12 23.06
C PRO F 457 25.80 -22.65 22.57
N GLU F 458 24.77 -22.32 21.79
CA GLU F 458 24.52 -20.95 21.28
C GLU F 458 24.76 -19.85 22.28
N GLN F 459 24.12 -20.00 23.45
CA GLN F 459 24.00 -18.92 24.42
C GLN F 459 25.35 -18.52 24.97
N ALA F 460 26.35 -19.38 24.80
CA ALA F 460 27.70 -19.06 25.24
C ALA F 460 28.34 -17.96 24.40
N PHE F 461 27.85 -17.70 23.20
CA PHE F 461 28.47 -16.69 22.32
C PHE F 461 27.85 -15.30 22.51
N TYR F 462 26.79 -15.25 23.31
CA TYR F 462 26.02 -14.03 23.56
C TYR F 462 26.71 -13.13 24.58
N MET F 463 26.86 -11.86 24.19
CA MET F 463 27.33 -10.78 25.07
C MET F 463 28.70 -11.05 25.66
N VAL F 464 29.68 -11.31 24.80
CA VAL F 464 31.07 -11.54 25.23
C VAL F 464 32.00 -10.65 24.41
N GLY F 465 33.26 -10.58 24.83
CA GLY F 465 34.30 -9.91 24.07
C GLY F 465 34.91 -10.94 23.13
N PRO F 466 36.13 -11.38 23.42
CA PRO F 466 36.83 -12.34 22.54
C PRO F 466 36.28 -13.77 22.66
N ILE F 467 36.66 -14.63 21.71
CA ILE F 467 36.12 -15.99 21.66
C ILE F 467 36.39 -16.77 22.97
N GLU F 468 37.52 -16.48 23.60
CA GLU F 468 37.92 -17.07 24.89
C GLU F 468 36.84 -16.92 25.96
N GLU F 469 36.16 -15.77 25.97
CA GLU F 469 35.11 -15.51 26.93
C GLU F 469 33.88 -16.38 26.71
N ALA F 470 33.56 -16.67 25.45
CA ALA F 470 32.45 -17.54 25.12
C ALA F 470 32.74 -19.00 25.51
N VAL F 471 34.03 -19.39 25.41
CA VAL F 471 34.50 -20.71 25.84
C VAL F 471 34.48 -20.83 27.37
N ALA F 472 35.04 -19.85 28.07
CA ALA F 472 34.91 -19.80 29.52
C ALA F 472 33.42 -19.84 29.91
N LYS F 473 32.60 -19.03 29.24
CA LYS F 473 31.16 -18.99 29.49
C LYS F 473 30.53 -20.37 29.27
N ALA F 474 31.04 -21.09 28.27
CA ALA F 474 30.56 -22.43 27.95
C ALA F 474 30.84 -23.40 29.10
N ASP F 475 32.06 -23.36 29.62
CA ASP F 475 32.47 -24.21 30.75
C ASP F 475 31.64 -23.88 32.00
N LYS F 476 31.44 -22.59 32.26
CA LYS F 476 30.62 -22.12 33.39
C LYS F 476 29.18 -22.65 33.34
N LEU F 477 28.60 -22.69 32.14
CA LEU F 477 27.26 -23.26 31.94
C LEU F 477 27.23 -24.78 32.24
N ALA F 478 28.37 -25.30 32.71
CA ALA F 478 28.53 -26.70 33.15
C ALA F 478 27.95 -27.71 32.16
N ALA G 1 5.94 -7.15 -0.41
CA ALA G 1 5.45 -5.79 -0.05
C ALA G 1 4.42 -5.24 -1.07
N THR G 2 3.87 -6.14 -1.89
CA THR G 2 2.83 -5.80 -2.85
C THR G 2 1.52 -6.46 -2.41
N LEU G 3 0.40 -5.79 -2.63
CA LEU G 3 -0.91 -6.37 -2.30
C LEU G 3 -1.07 -7.69 -3.05
N LYS G 4 -0.43 -7.75 -4.23
CA LYS G 4 -0.44 -8.93 -5.10
C LYS G 4 0.21 -10.14 -4.43
N ASP G 5 1.48 -9.96 -4.03
CA ASP G 5 2.20 -10.94 -3.22
C ASP G 5 1.34 -11.36 -2.03
N ILE G 6 1.22 -10.47 -1.06
CA ILE G 6 0.54 -10.74 0.21
C ILE G 6 -0.66 -11.66 0.03
N THR G 7 -1.47 -11.39 -0.99
CA THR G 7 -2.68 -12.20 -1.25
C THR G 7 -2.36 -13.66 -1.63
N ARG G 8 -1.28 -13.86 -2.39
CA ARG G 8 -0.86 -15.22 -2.73
C ARG G 8 -0.36 -15.93 -1.49
N ARG G 9 0.65 -15.36 -0.83
CA ARG G 9 1.16 -15.89 0.43
C ARG G 9 0.02 -16.23 1.38
N LEU G 10 -0.95 -15.33 1.54
CA LEU G 10 -2.09 -15.58 2.41
C LEU G 10 -2.93 -16.78 1.97
N LYS G 11 -3.10 -16.95 0.66
CA LYS G 11 -3.91 -18.06 0.14
C LYS G 11 -3.30 -19.42 0.48
N SER G 12 -2.01 -19.59 0.17
CA SER G 12 -1.29 -20.83 0.47
C SER G 12 -1.28 -21.19 1.97
N ILE G 13 -1.02 -20.20 2.82
CA ILE G 13 -0.83 -20.44 4.25
C ILE G 13 -2.14 -20.76 4.95
N LYS G 14 -3.25 -20.22 4.44
CA LYS G 14 -4.59 -20.57 4.94
C LYS G 14 -4.91 -22.04 4.67
N ASN G 15 -4.47 -22.55 3.52
CA ASN G 15 -4.68 -23.95 3.15
C ASN G 15 -3.73 -24.91 3.87
N ILE G 16 -2.45 -24.52 3.97
CA ILE G 16 -1.49 -25.23 4.81
C ILE G 16 -2.04 -25.38 6.22
N GLN G 17 -2.48 -24.28 6.81
CA GLN G 17 -3.11 -24.32 8.13
C GLN G 17 -4.25 -25.35 8.20
N LYS G 18 -5.08 -25.40 7.16
CA LYS G 18 -6.21 -26.34 7.08
C LYS G 18 -5.78 -27.81 6.90
N ILE G 19 -4.76 -28.03 6.08
CA ILE G 19 -4.14 -29.34 5.87
C ILE G 19 -3.52 -29.87 7.16
N THR G 20 -2.50 -29.16 7.65
CA THR G 20 -1.78 -29.56 8.88
C THR G 20 -2.72 -29.81 10.07
N LYS G 21 -3.87 -29.14 10.10
CA LYS G 21 -4.90 -29.35 11.13
C LYS G 21 -5.65 -30.66 10.92
N SER G 22 -5.91 -31.03 9.66
CA SER G 22 -6.56 -32.30 9.34
C SER G 22 -5.59 -33.47 9.55
N MET G 23 -4.34 -33.28 9.13
CA MET G 23 -3.26 -34.22 9.36
C MET G 23 -2.99 -34.43 10.85
N LYS G 24 -3.05 -33.34 11.61
CA LYS G 24 -2.96 -33.40 13.07
C LYS G 24 -4.00 -34.39 13.62
N MET G 25 -5.23 -34.30 13.13
CA MET G 25 -6.33 -35.11 13.65
C MET G 25 -6.35 -36.55 13.13
N VAL G 26 -5.89 -36.74 11.91
CA VAL G 26 -5.68 -38.09 11.35
C VAL G 26 -4.70 -38.85 12.23
N ALA G 27 -3.58 -38.19 12.56
CA ALA G 27 -2.57 -38.75 13.44
C ALA G 27 -3.09 -38.91 14.88
N ALA G 28 -3.93 -37.98 15.34
CA ALA G 28 -4.53 -38.06 16.68
C ALA G 28 -5.41 -39.31 16.86
N ALA G 29 -6.13 -39.66 15.80
CA ALA G 29 -6.97 -40.86 15.75
C ALA G 29 -6.13 -42.13 15.70
N LYS G 30 -5.04 -42.08 14.92
CA LYS G 30 -4.12 -43.21 14.78
C LYS G 30 -3.30 -43.45 16.03
N TYR G 31 -2.89 -42.37 16.70
CA TYR G 31 -2.22 -42.48 17.98
C TYR G 31 -3.18 -43.00 19.05
N ALA G 32 -4.47 -42.68 18.91
CA ALA G 32 -5.51 -43.18 19.83
C ALA G 32 -5.60 -44.71 19.79
N ARG G 33 -5.82 -45.26 18.60
CA ARG G 33 -5.85 -46.72 18.40
C ARG G 33 -4.52 -47.40 18.74
N ALA G 34 -3.41 -46.69 18.53
CA ALA G 34 -2.07 -47.23 18.76
C ALA G 34 -1.65 -47.29 20.22
N GLU G 35 -2.16 -46.37 21.04
CA GLU G 35 -1.80 -46.32 22.45
C GLU G 35 -2.56 -47.37 23.26
N ARG G 36 -3.79 -47.65 22.82
CA ARG G 36 -4.63 -48.68 23.41
C ARG G 36 -4.16 -50.07 23.00
N GLU G 37 -3.69 -50.18 21.76
CA GLU G 37 -3.14 -51.44 21.20
C GLU G 37 -1.75 -51.73 21.78
N LEU G 38 -1.15 -50.72 22.41
CA LEU G 38 0.18 -50.81 23.01
C LEU G 38 0.16 -51.57 24.35
N LYS G 39 -0.99 -51.54 25.03
CA LYS G 39 -1.16 -52.24 26.32
C LYS G 39 -0.91 -53.77 26.26
N PRO G 40 -1.66 -54.54 25.45
CA PRO G 40 -1.40 -55.98 25.31
C PRO G 40 -0.20 -56.31 24.41
N ALA G 41 0.76 -55.38 24.33
CA ALA G 41 1.94 -55.52 23.49
C ALA G 41 3.22 -55.05 24.20
N ARG G 42 3.09 -54.53 25.42
CA ARG G 42 4.23 -54.11 26.23
C ARG G 42 4.65 -55.18 27.24
N VAL G 43 3.67 -55.72 27.97
CA VAL G 43 3.89 -56.84 28.88
C VAL G 43 4.20 -58.11 28.05
N TYR G 44 3.53 -58.22 26.91
CA TYR G 44 3.80 -59.24 25.89
C TYR G 44 5.24 -59.13 25.39
N GLY G 45 5.77 -57.91 25.36
CA GLY G 45 7.13 -57.64 24.90
C GLY G 45 8.22 -58.00 25.89
N VAL G 46 7.88 -58.00 27.18
CA VAL G 46 8.81 -58.38 28.26
C VAL G 46 9.34 -59.81 28.09
N GLY G 47 8.49 -60.70 27.55
CA GLY G 47 8.89 -62.06 27.23
C GLY G 47 8.75 -62.36 25.75
N LEU G 67 24.68 -56.85 12.91
CA LEU G 67 23.40 -56.60 12.27
C LEU G 67 22.65 -55.46 12.94
N ILE G 68 22.19 -54.49 12.15
CA ILE G 68 21.40 -53.36 12.65
C ILE G 68 19.97 -53.43 12.09
N ILE G 69 18.98 -53.35 12.97
CA ILE G 69 17.58 -53.19 12.54
C ILE G 69 17.08 -51.77 12.84
N GLY G 70 16.73 -51.05 11.77
CA GLY G 70 16.24 -49.68 11.88
C GLY G 70 14.75 -49.59 11.65
N VAL G 71 14.02 -49.22 12.70
CA VAL G 71 12.56 -49.15 12.66
C VAL G 71 12.06 -47.69 12.63
N SER G 72 11.46 -47.30 11.51
CA SER G 72 10.77 -46.02 11.37
C SER G 72 9.43 -46.21 10.63
N SER G 73 9.34 -45.67 9.41
CA SER G 73 8.19 -45.88 8.51
C SER G 73 8.41 -45.22 7.15
N ASP G 74 7.33 -45.12 6.37
CA ASP G 74 7.35 -44.54 5.04
C ASP G 74 7.14 -43.02 5.04
N ARG G 75 6.31 -42.55 5.97
CA ARG G 75 5.81 -41.18 6.00
C ARG G 75 6.69 -40.25 6.83
N GLY G 76 6.93 -39.05 6.31
CA GLY G 76 7.65 -38.01 7.03
C GLY G 76 6.71 -37.09 7.82
N LEU G 77 7.16 -35.86 8.05
CA LEU G 77 6.39 -34.84 8.77
C LEU G 77 6.05 -35.27 10.21
N CYS G 78 7.01 -35.92 10.86
CA CYS G 78 6.84 -36.39 12.23
C CYS G 78 8.05 -35.95 13.03
N GLY G 79 8.65 -34.85 12.60
CA GLY G 79 9.84 -34.30 13.24
C GLY G 79 11.03 -35.23 13.07
N ALA G 80 11.75 -35.43 14.17
CA ALA G 80 12.97 -36.22 14.18
C ALA G 80 12.75 -37.69 14.61
N ILE G 81 11.76 -38.34 14.00
CA ILE G 81 11.55 -39.78 14.18
C ILE G 81 12.54 -40.53 13.30
N HIS G 82 12.54 -40.22 12.00
CA HIS G 82 13.33 -40.97 11.05
C HIS G 82 14.82 -40.66 11.18
N SER G 83 15.16 -39.40 11.43
CA SER G 83 16.57 -39.01 11.56
C SER G 83 17.16 -39.39 12.91
N SER G 84 16.29 -39.58 13.91
CA SER G 84 16.73 -39.93 15.25
C SER G 84 17.22 -41.38 15.38
N VAL G 85 16.68 -42.27 14.53
CA VAL G 85 17.17 -43.66 14.47
C VAL G 85 18.32 -43.81 13.47
N ALA G 86 18.29 -43.01 12.40
CA ALA G 86 19.32 -42.99 11.37
C ALA G 86 20.66 -42.49 11.91
N LYS G 87 20.61 -41.68 12.97
CA LYS G 87 21.81 -41.19 13.65
C LYS G 87 22.35 -42.28 14.58
N GLN G 88 21.44 -42.95 15.29
CA GLN G 88 21.79 -44.09 16.14
C GLN G 88 22.09 -45.34 15.30
N MET G 89 21.92 -45.23 13.99
CA MET G 89 22.23 -46.30 13.04
C MET G 89 23.73 -46.39 12.77
N LYS G 90 24.37 -45.23 12.59
CA LYS G 90 25.79 -45.15 12.18
C LYS G 90 26.72 -44.63 13.29
N ILE G 105 22.27 -55.64 7.90
CA ILE G 105 21.74 -54.32 8.22
C ILE G 105 20.34 -54.15 7.60
N ILE G 106 19.31 -54.33 8.43
CA ILE G 106 17.90 -54.26 8.03
C ILE G 106 17.31 -52.87 8.29
N GLY G 107 16.57 -52.36 7.32
CA GLY G 107 15.87 -51.08 7.48
C GLY G 107 14.38 -51.21 7.23
N VAL G 108 13.60 -51.33 8.30
CA VAL G 108 12.14 -51.44 8.17
C VAL G 108 11.46 -50.06 8.16
N GLY G 109 10.94 -49.70 6.99
CA GLY G 109 10.44 -48.36 6.74
C GLY G 109 11.11 -47.75 5.53
N ASP G 110 10.30 -47.24 4.61
CA ASP G 110 10.79 -46.63 3.37
C ASP G 110 11.82 -45.52 3.63
N LYS G 111 11.54 -44.70 4.65
CA LYS G 111 12.33 -43.51 4.98
C LYS G 111 13.75 -43.82 5.47
N ILE G 112 13.94 -44.99 6.08
CA ILE G 112 15.25 -45.41 6.58
C ILE G 112 16.24 -45.81 5.48
N ARG G 113 15.74 -46.42 4.40
CA ARG G 113 16.58 -46.81 3.26
C ARG G 113 17.08 -45.61 2.45
N SER G 114 16.21 -44.60 2.30
CA SER G 114 16.50 -43.42 1.50
C SER G 114 17.43 -42.40 2.18
N ILE G 115 17.35 -42.33 3.50
CA ILE G 115 18.22 -41.42 4.28
C ILE G 115 19.61 -42.01 4.51
N LEU G 116 19.73 -43.32 4.32
CA LEU G 116 20.99 -44.04 4.44
C LEU G 116 21.46 -44.55 3.07
N THR G 127 14.64 -54.27 4.70
CA THR G 127 14.31 -53.17 3.80
C THR G 127 12.88 -53.33 3.27
N PHE G 128 11.94 -52.66 3.95
CA PHE G 128 10.50 -52.86 3.68
C PHE G 128 9.71 -51.56 3.49
N LYS G 129 8.80 -51.58 2.51
CA LYS G 129 7.92 -50.46 2.18
C LYS G 129 6.51 -50.69 2.76
N GLU G 130 5.71 -49.63 2.80
CA GLU G 130 4.30 -49.66 3.22
C GLU G 130 4.11 -49.91 4.72
N VAL G 131 4.94 -49.27 5.54
CA VAL G 131 4.79 -49.34 7.00
C VAL G 131 4.43 -47.99 7.63
N GLY G 132 3.83 -48.05 8.81
CA GLY G 132 3.38 -46.86 9.53
C GLY G 132 1.95 -46.51 9.20
N ARG G 133 1.60 -46.66 7.92
CA ARG G 133 0.27 -46.33 7.39
C ARG G 133 -0.85 -47.16 8.05
N ARG G 134 -0.74 -48.49 7.97
CA ARG G 134 -1.67 -49.39 8.66
C ARG G 134 -0.97 -49.99 9.89
N PRO G 135 -1.67 -50.05 11.03
CA PRO G 135 -1.08 -50.53 12.29
C PRO G 135 -0.40 -51.91 12.15
N PRO G 136 0.79 -52.06 12.74
CA PRO G 136 1.59 -53.28 12.57
C PRO G 136 0.99 -54.50 13.29
N THR G 137 0.68 -55.53 12.51
CA THR G 137 0.19 -56.81 13.01
C THR G 137 1.37 -57.68 13.44
N PHE G 138 1.12 -58.67 14.30
CA PHE G 138 2.10 -59.71 14.58
C PHE G 138 2.47 -60.42 13.27
N GLY G 139 1.51 -60.47 12.34
CA GLY G 139 1.72 -61.00 11.00
C GLY G 139 2.74 -60.22 10.20
N ASP G 140 2.72 -58.90 10.31
CA ASP G 140 3.72 -58.03 9.67
C ASP G 140 5.11 -58.28 10.24
N ALA G 141 5.18 -58.46 11.56
CA ALA G 141 6.43 -58.77 12.27
C ALA G 141 7.02 -60.11 11.85
N SER G 142 6.16 -61.04 11.42
CA SER G 142 6.59 -62.35 10.94
C SER G 142 7.06 -62.29 9.48
N VAL G 143 6.40 -61.47 8.66
CA VAL G 143 6.80 -61.22 7.27
C VAL G 143 8.22 -60.64 7.23
N ILE G 144 8.51 -59.79 8.21
CA ILE G 144 9.82 -59.15 8.37
C ILE G 144 10.90 -60.14 8.84
N ALA G 145 10.58 -60.94 9.87
CA ALA G 145 11.53 -61.92 10.42
C ALA G 145 11.82 -63.10 9.48
N LEU G 146 10.85 -63.43 8.63
CA LEU G 146 10.98 -64.51 7.63
C LEU G 146 12.11 -64.21 6.65
N GLU G 147 12.23 -62.93 6.27
CA GLU G 147 13.27 -62.48 5.36
C GLU G 147 14.67 -62.54 5.99
N LEU G 148 14.73 -62.87 7.28
CA LEU G 148 15.99 -63.07 7.98
C LEU G 148 16.16 -64.55 8.36
N SER G 159 21.40 -56.00 17.18
CA SER G 159 20.76 -54.88 17.86
C SER G 159 19.55 -54.32 17.10
N ILE G 160 18.49 -54.00 17.83
CA ILE G 160 17.30 -53.39 17.23
C ILE G 160 17.09 -51.95 17.71
N ILE G 161 16.99 -51.04 16.75
CA ILE G 161 16.88 -49.60 16.98
C ILE G 161 15.51 -49.08 16.54
N PHE G 162 14.80 -48.49 17.50
CA PHE G 162 13.43 -48.05 17.31
C PHE G 162 13.14 -46.92 18.29
N ASN G 163 11.99 -46.24 18.10
CA ASN G 163 11.57 -45.17 19.00
C ASN G 163 10.61 -45.66 20.07
N ARG G 164 10.96 -45.43 21.33
CA ARG G 164 10.14 -45.91 22.44
C ARG G 164 9.27 -44.80 23.04
N PHE G 165 7.95 -44.99 22.91
CA PHE G 165 6.92 -44.03 23.35
C PHE G 165 6.93 -43.77 24.85
N ARG G 166 7.17 -42.52 25.22
CA ARG G 166 6.96 -42.06 26.59
C ARG G 166 5.56 -41.44 26.70
N SER G 167 5.42 -40.26 26.09
CA SER G 167 4.16 -39.51 26.04
C SER G 167 3.94 -38.97 24.61
N VAL G 168 2.82 -38.27 24.42
CA VAL G 168 2.55 -37.58 23.14
C VAL G 168 3.70 -36.65 22.71
N ILE G 169 4.39 -36.07 23.69
CA ILE G 169 5.44 -35.07 23.45
C ILE G 169 6.87 -35.66 23.53
N SER G 170 7.03 -36.82 24.15
CA SER G 170 8.35 -37.38 24.40
C SER G 170 8.57 -38.77 23.79
N TYR G 171 9.79 -39.03 23.35
CA TYR G 171 10.23 -40.34 22.88
C TYR G 171 11.76 -40.43 22.90
N LYS G 172 12.28 -41.64 23.11
CA LYS G 172 13.73 -41.90 23.07
C LYS G 172 14.05 -43.00 22.04
N THR G 173 15.19 -42.86 21.36
CA THR G 173 15.59 -43.82 20.33
C THR G 173 16.17 -45.11 20.92
N LEU G 201 14.91 -75.36 20.73
CA LEU G 201 15.70 -74.13 20.69
C LEU G 201 15.60 -73.40 19.35
N ARG G 202 15.91 -74.10 18.26
CA ARG G 202 15.92 -73.51 16.91
C ARG G 202 14.51 -73.26 16.37
N ASN G 203 13.52 -73.79 17.08
CA ASN G 203 12.11 -73.48 16.83
C ASN G 203 11.60 -72.39 17.78
N TYR G 204 12.30 -72.25 18.92
CA TYR G 204 12.00 -71.25 19.94
C TYR G 204 12.60 -69.87 19.60
N GLN G 205 13.77 -69.88 18.95
CA GLN G 205 14.49 -68.66 18.59
C GLN G 205 13.71 -67.82 17.55
N GLU G 206 12.99 -68.50 16.67
CA GLU G 206 12.21 -67.85 15.62
C GLU G 206 10.99 -67.10 16.17
N TYR G 207 10.40 -67.62 17.25
CA TYR G 207 9.25 -66.98 17.89
C TYR G 207 9.67 -65.82 18.79
N SER G 208 10.83 -65.95 19.43
CA SER G 208 11.37 -64.88 20.28
C SER G 208 11.98 -63.74 19.45
N LEU G 209 12.45 -64.06 18.24
CA LEU G 209 12.94 -63.06 17.27
C LEU G 209 11.79 -62.18 16.76
N ALA G 210 10.68 -62.83 16.37
CA ALA G 210 9.49 -62.14 15.88
C ALA G 210 8.79 -61.38 17.00
N ASN G 211 9.05 -61.80 18.23
CA ASN G 211 8.52 -61.14 19.43
C ASN G 211 9.19 -59.78 19.68
N ILE G 212 10.42 -59.63 19.19
CA ILE G 212 11.16 -58.37 19.25
C ILE G 212 10.79 -57.45 18.08
N ILE G 213 10.75 -58.00 16.86
CA ILE G 213 10.31 -57.28 15.67
C ILE G 213 8.94 -56.63 15.91
N TYR G 214 7.98 -57.42 16.39
CA TYR G 214 6.65 -56.92 16.74
C TYR G 214 6.70 -55.83 17.81
N TYR G 215 7.45 -56.07 18.89
CA TYR G 215 7.57 -55.12 19.99
C TYR G 215 8.12 -53.76 19.54
N SER G 216 9.24 -53.78 18.82
CA SER G 216 9.83 -52.54 18.31
C SER G 216 8.84 -51.81 17.40
N LEU G 217 8.08 -52.59 16.63
CA LEU G 217 7.14 -52.09 15.64
C LEU G 217 5.92 -51.39 16.25
N LYS G 218 5.35 -52.01 17.29
CA LYS G 218 4.22 -51.43 18.00
C LYS G 218 4.63 -50.17 18.76
N GLU G 219 5.82 -50.19 19.36
CA GLU G 219 6.38 -49.02 20.04
C GLU G 219 6.62 -47.85 19.09
N SER G 220 6.99 -48.18 17.86
CA SER G 220 7.40 -47.23 16.84
C SER G 220 6.25 -46.33 16.34
N THR G 221 5.15 -46.92 15.87
CA THR G 221 4.04 -46.12 15.35
C THR G 221 3.38 -45.28 16.44
N THR G 222 3.37 -45.79 17.67
CA THR G 222 2.90 -44.98 18.79
C THR G 222 3.74 -43.70 18.84
N SER G 223 5.06 -43.87 18.75
CA SER G 223 5.98 -42.73 18.76
C SER G 223 5.91 -41.85 17.51
N GLU G 224 5.71 -42.46 16.34
CA GLU G 224 5.57 -41.73 15.08
C GLU G 224 4.29 -40.90 15.01
N GLN G 225 3.14 -41.53 15.32
CA GLN G 225 1.85 -40.86 15.20
C GLN G 225 1.61 -39.84 16.31
N SER G 226 2.36 -39.96 17.40
CA SER G 226 2.35 -38.98 18.47
C SER G 226 3.07 -37.75 17.98
N ALA G 227 4.28 -37.99 17.49
CA ALA G 227 5.18 -36.96 16.97
C ALA G 227 4.58 -36.18 15.80
N ARG G 228 4.06 -36.89 14.80
CA ARG G 228 3.36 -36.29 13.68
C ARG G 228 2.16 -35.45 14.12
N MET G 229 1.35 -35.97 15.03
CA MET G 229 0.26 -35.21 15.66
C MET G 229 0.79 -33.90 16.26
N THR G 230 1.83 -34.01 17.09
CA THR G 230 2.47 -32.86 17.69
C THR G 230 3.06 -31.89 16.65
N ALA G 231 3.90 -32.39 15.75
CA ALA G 231 4.52 -31.54 14.72
C ALA G 231 3.49 -30.82 13.83
N MET G 232 2.41 -31.52 13.51
CA MET G 232 1.33 -30.96 12.70
C MET G 232 0.47 -29.98 13.48
N ASP G 233 0.39 -30.18 14.79
CA ASP G 233 -0.19 -29.20 15.69
C ASP G 233 0.61 -27.89 15.61
N ASN G 234 1.93 -28.00 15.73
CA ASN G 234 2.83 -26.84 15.71
C ASN G 234 2.83 -26.06 14.40
N ALA G 235 2.82 -26.80 13.28
CA ALA G 235 2.82 -26.19 11.96
C ALA G 235 1.52 -25.45 11.71
N SER G 236 0.43 -25.98 12.25
CA SER G 236 -0.88 -25.39 12.11
C SER G 236 -0.95 -24.07 12.88
N LYS G 237 -0.47 -24.09 14.12
CA LYS G 237 -0.36 -22.90 14.96
C LYS G 237 0.62 -21.86 14.39
N ASN G 238 1.72 -22.33 13.78
CA ASN G 238 2.71 -21.43 13.14
C ASN G 238 2.17 -20.74 11.89
N ALA G 239 1.42 -21.50 11.09
CA ALA G 239 0.73 -20.99 9.93
C ALA G 239 -0.32 -19.97 10.35
N SER G 240 -1.05 -20.29 11.43
CA SER G 240 -2.08 -19.40 11.95
C SER G 240 -1.54 -18.04 12.40
N GLU G 241 -0.40 -18.04 13.09
CA GLU G 241 0.26 -16.80 13.50
C GLU G 241 0.75 -15.99 12.30
N MET G 242 1.31 -16.68 11.31
CA MET G 242 1.81 -16.05 10.08
C MET G 242 0.67 -15.41 9.29
N ILE G 243 -0.50 -16.05 9.32
CA ILE G 243 -1.73 -15.54 8.71
C ILE G 243 -2.15 -14.22 9.35
N ASP G 244 -2.17 -14.21 10.69
CA ASP G 244 -2.47 -13.01 11.45
C ASP G 244 -1.54 -11.86 11.06
N LYS G 245 -0.23 -12.16 10.99
CA LYS G 245 0.80 -11.16 10.75
C LYS G 245 0.80 -10.62 9.34
N LEU G 246 0.50 -11.50 8.37
CA LEU G 246 0.40 -11.11 6.98
C LEU G 246 -0.88 -10.32 6.71
N THR G 247 -1.97 -10.65 7.41
CA THR G 247 -3.22 -9.89 7.27
C THR G 247 -3.01 -8.43 7.74
N LEU G 248 -2.31 -8.28 8.85
CA LEU G 248 -1.98 -6.96 9.37
C LEU G 248 -1.16 -6.17 8.34
N THR G 249 -0.14 -6.80 7.79
CA THR G 249 0.72 -6.18 6.77
C THR G 249 -0.10 -5.81 5.56
N PHE G 250 -1.01 -6.72 5.18
CA PHE G 250 -1.90 -6.48 4.06
C PHE G 250 -2.68 -5.18 4.22
N ASN G 251 -3.29 -5.00 5.37
CA ASN G 251 -4.13 -3.82 5.61
C ASN G 251 -3.38 -2.49 5.73
N ARG G 252 -2.19 -2.56 6.31
CA ARG G 252 -1.28 -1.43 6.35
C ARG G 252 -0.85 -0.96 4.96
N THR G 253 -0.50 -1.90 4.09
CA THR G 253 -0.21 -1.66 2.70
C THR G 253 -1.43 -1.18 1.94
N ARG G 254 -2.56 -1.84 2.16
CA ARG G 254 -3.84 -1.45 1.57
C ARG G 254 -4.21 0.04 1.86
N GLN G 255 -4.07 0.47 3.12
CA GLN G 255 -4.39 1.83 3.51
C GLN G 255 -3.40 2.82 2.87
N ALA G 256 -2.11 2.52 2.96
CA ALA G 256 -1.07 3.37 2.34
C ALA G 256 -1.19 3.52 0.82
N VAL G 257 -1.66 2.49 0.11
CA VAL G 257 -1.84 2.62 -1.33
C VAL G 257 -2.94 3.62 -1.64
N ILE G 258 -4.04 3.52 -0.89
CA ILE G 258 -5.11 4.48 -1.09
C ILE G 258 -4.61 5.92 -0.82
N THR G 259 -3.96 6.10 0.31
CA THR G 259 -3.47 7.43 0.72
C THR G 259 -2.46 7.97 -0.31
N LYS G 260 -1.48 7.16 -0.67
CA LYS G 260 -0.45 7.60 -1.63
C LYS G 260 -1.08 7.99 -2.98
N GLU G 261 -2.00 7.17 -3.47
CA GLU G 261 -2.68 7.44 -4.74
C GLU G 261 -3.46 8.75 -4.67
N LEU G 262 -4.14 9.00 -3.56
CA LEU G 262 -4.87 10.24 -3.36
C LEU G 262 -3.96 11.48 -3.28
N ILE G 263 -2.87 11.36 -2.53
CA ILE G 263 -1.95 12.49 -2.38
C ILE G 263 -1.36 12.90 -3.73
N GLU G 264 -1.07 11.92 -4.58
CA GLU G 264 -0.68 12.21 -5.97
C GLU G 264 -1.70 13.01 -6.76
N ILE G 265 -2.96 12.66 -6.62
CA ILE G 265 -4.02 13.33 -7.34
C ILE G 265 -4.15 14.78 -6.84
N ILE G 266 -4.15 14.94 -5.52
CA ILE G 266 -4.22 16.25 -4.86
C ILE G 266 -3.08 17.17 -5.25
N SER G 267 -1.85 16.67 -5.22
CA SER G 267 -0.68 17.47 -5.54
C SER G 267 -0.76 17.96 -6.95
N GLY G 268 -1.22 17.10 -7.86
CA GLY G 268 -1.37 17.48 -9.27
C GLY G 268 -2.43 18.54 -9.44
N ALA G 269 -3.56 18.36 -8.76
CA ALA G 269 -4.70 19.27 -8.85
C ALA G 269 -4.29 20.63 -8.32
N ALA G 270 -3.51 20.61 -7.23
CA ALA G 270 -3.12 21.81 -6.50
C ALA G 270 -2.12 22.65 -7.29
N ALA G 271 -1.26 21.97 -8.03
CA ALA G 271 -0.15 22.61 -8.75
C ALA G 271 -0.61 23.43 -9.94
N LEU G 272 -1.82 23.16 -10.42
CA LEU G 272 -2.45 23.94 -11.48
C LEU G 272 -2.82 25.34 -10.97
#